data_7PFA
#
_entry.id   7PFA
#
_cell.length_a   1.00
_cell.length_b   1.00
_cell.length_c   1.00
_cell.angle_alpha   90.00
_cell.angle_beta   90.00
_cell.angle_gamma   90.00
#
_symmetry.space_group_name_H-M   'P 1'
#
loop_
_entity.id
_entity.type
_entity.pdbx_description
1 polymer 'Histone H3.2'
2 polymer 'Histone H4'
3 polymer 'Histone H2A type 1-B/E'
4 polymer 'Histone H2B type 1-K'
5 polymer 'Histone H1.4'
6 polymer 'DNA (561-MER)'
7 polymer 'DNA (561-MER)'
#
loop_
_entity_poly.entity_id
_entity_poly.type
_entity_poly.pdbx_seq_one_letter_code
_entity_poly.pdbx_strand_id
1 'polypeptide(L)'
;MARTKQTARKSTGGKAPRKQLATKAARKSAPATGGVKKPHRYRPGTVALREIRRYQKSTELLIRKLPFQRLVREIAQDFK
TDLRFQSSAVMALQEASEAYLVGLFEDTNLAAIHAKRVTIMPKDIQLARRIRGERA
;
K,O,A,E,a,e
2 'polypeptide(L)'
;MSGRGKGGKGLGKGGAKRHRKVLRDNIQGITKPAIRRLARRGGVKRISGLIYEETRGVLKVFLENVIRDAVTYTEHAKRK
TVTAMDVVYALKRQGRTLYGFGG
;
L,P,B,F,b,f
3 'polypeptide(L)'
;HHHHHHENLYFQSNAPWMSGRGKQGGKARAKAKTRSSRAGLQFPVGRVHRLLRKGNYSERVGAGAPVYLAAVLEYLTAEI
LELAGNAARDNKKTRIIPRHLQLAIRNDEELNKLLGRVTIAQGGVLPNIQAVLLPKKTESHHKAKGK
;
M,Q,C,G,c,g
4 'polypeptide(L)'
;MPEPAKSAPAPKKGSKKAVTKAQKKDGKKRKRSRKESYSVYVYKVLKQVHPDTGISSKAMGIMNSFVNDIFERIAGEASR
LAHYNKRSTITSREIQTAVRLLLPGELAKHAVSEGTKAVTKYTSAK
;
N,R,D,H,d,h
5 'polypeptide(L)'
;SETAPAAPAAPAPAEKTPVKKKARKSAGAAKRKASGPPVSELITKAVAASKERSGVSLAALKKALAAAGYDVEKNNSRIK
LGLKSLVSKGTLVQTKGTGASGSFKLNKKAASGEAKPKAKKAGAAKAKKPAGAAKKPKKATGAATPKKSAKKTPKKAKKP
AAAAGAKKAKSPKKAKAAKPKKAPKSPAKAKAVKPKAAKPKTAKPKAAKPKKAAAKKK
;
U,u
6 'polydeoxyribonucleotide'
;(DA)(DT)(DC)(DG)(DT)(DC)(DT)(DC)(DG)(DC)(DG)(DC)(DA)(DC)(DT)(DG)(DG)(DC)(DC)(DG)
(DC)(DC)(DA)(DT)(DA)(DC)(DT)(DG)(DG)(DA)(DG)(DA)(DA)(DT)(DC)(DC)(DC)(DG)(DG)(DT)
(DG)(DC)(DC)(DG)(DA)(DG)(DG)(DC)(DC)(DG)(DC)(DT)(DC)(DA)(DA)(DT)(DT)(DG)(DG)(DT)
(DC)(DG)(DT)(DA)(DG)(DA)(DC)(DA)(DG)(DC)(DT)(DC)(DT)(DA)(DG)(DC)(DA)(DC)(DC)(DG)
(DC)(DT)(DT)(DA)(DA)(DA)(DC)(DG)(DC)(DA)(DC)(DG)(DT)(DA)(DC)(DG)(DC)(DG)(DC)(DT)
(DG)(DT)(DC)(DC)(DC)(DC)(DC)(DG)(DC)(DG)(DT)(DT)(DT)(DT)(DA)(DA)(DC)(DC)(DG)(DC)
(DC)(DA)(DA)(DG)(DG)(DG)(DG)(DA)(DT)(DT)(DA)(DC)(DT)(DC)(DC)(DC)(DT)(DA)(DG)(DT)
(DC)(DT)(DC)(DC)(DA)(DG)(DG)(DC)(DA)(DC)(DG)(DT)(DG)(DT)(DC)(DA)(DG)(DA)(DT)(DA)
(DT)(DA)(DT)(DA)(DC)(DA)(DT)(DC)(DC)(DT)(DG)(DT)(DC)(DA)(DT)(DG)(DT)(DA)(DA)(DG)
(DT)(DA)(DT)(DT)(DA)(DA)(DG)(DG)(DT)(DA)(DA)(DC)(DC)(DC)(DA)(DG)(DT)(DA)(DC)(DT)
(DG)(DT)(DC)(DT)(DC)(DG)(DC)(DG)(DC)(DA)(DC)(DT)(DG)(DG)(DC)(DC)(DG)(DC)(DC)(DA)
(DT)(DA)(DC)(DT)(DG)(DG)(DA)(DG)(DA)(DA)(DT)(DC)(DC)(DC)(DG)(DG)(DT)(DG)(DC)(DC)
(DG)(DA)(DG)(DG)(DC)(DC)(DG)(DC)(DT)(DC)(DA)(DA)(DT)(DT)(DG)(DG)(DT)(DC)(DG)(DT)
(DA)(DG)(DA)(DC)(DA)(DG)(DC)(DT)(DC)(DT)(DA)(DG)(DC)(DA)(DC)(DC)(DG)(DC)(DT)(DT)
(DA)(DA)(DA)(DC)(DG)(DC)(DA)(DC)(DG)(DT)(DA)(DC)(DG)(DC)(DG)(DC)(DT)(DG)(DT)(DC)
(DC)(DC)(DC)(DC)(DG)(DC)(DG)(DT)(DT)(DT)(DT)(DA)(DA)(DC)(DC)(DG)(DC)(DC)(DA)(DA)
(DG)(DG)(DG)(DG)(DA)(DT)(DT)(DA)(DC)(DT)(DC)(DC)(DC)(DT)(DA)(DG)(DT)(DC)(DT)(DC)
(DC)(DA)(DG)(DG)(DC)(DA)(DC)(DG)(DT)(DG)(DT)(DC)(DA)(DG)(DA)(DT)(DA)(DT)(DA)(DT)
(DA)(DC)(DA)(DT)(DC)(DC)(DT)(DG)(DT)(DC)(DA)(DT)(DG)(DT)(DA)(DA)(DG)(DT)(DA)(DT)
(DT)(DA)(DA)(DG)(DG)(DT)(DA)(DA)(DC)(DC)(DC)(DA)(DG)(DT)(DA)(DC)(DT)(DG)(DT)(DC)
(DT)(DC)(DG)(DC)(DG)(DC)(DA)(DC)(DT)(DG)(DG)(DC)(DC)(DG)(DC)(DC)(DA)(DT)(DA)(DC)
(DT)(DG)(DG)(DA)(DG)(DA)(DA)(DT)(DC)(DC)(DC)(DG)(DG)(DT)(DG)(DC)(DC)(DG)(DA)(DG)
(DG)(DC)(DC)(DG)(DC)(DT)(DC)(DA)(DA)(DT)(DT)(DG)(DG)(DT)(DC)(DG)(DT)(DA)(DG)(DA)
(DC)(DA)(DG)(DC)(DT)(DC)(DT)(DA)(DG)(DC)(DA)(DC)(DC)(DG)(DC)(DT)(DT)(DA)(DA)(DA)
(DC)(DG)(DC)(DA)(DC)(DG)(DT)(DA)(DC)(DG)(DC)(DG)(DC)(DT)(DG)(DT)(DC)(DC)(DC)(DC)
(DC)(DG)(DC)(DG)(DT)(DT)(DT)(DT)(DA)(DA)(DC)(DC)(DG)(DC)(DC)(DA)(DA)(DG)(DG)(DG)
(DG)(DA)(DT)(DT)(DA)(DC)(DT)(DC)(DC)(DC)(DT)(DA)(DG)(DT)(DC)(DT)(DC)(DC)(DA)(DG)
(DG)(DC)(DA)(DC)(DG)(DT)(DG)(DT)(DC)(DA)(DG)(DA)(DT)(DA)(DT)(DA)(DT)(DA)(DC)(DA)
(DT)(DC)(DC)(DT)(DG)(DT)(DC)(DA)(DT)(DG)(DT)(DA)(DA)(DG)(DT)(DA)(DT)(DT)(DA)(DA)
(DG)(DG)(DT)(DA)(DA)(DC)(DC)(DC)(DA)(DG)(DT)(DA)(DC)(DT)(DG)(DT)(DC)(DT)(DC)(DG)
(DC)(DG)(DC)(DA)(DC)(DT)(DG)(DG)(DC)(DC)(DG)(DC)(DC)(DA)(DT)(DA)(DC)(DT)(DG)(DG)
(DA)(DG)(DA)(DA)(DT)(DC)(DC)(DC)(DG)(DG)(DT)(DG)(DC)(DC)(DG)(DA)(DG)(DG)(DC)(DC)
(DG)(DC)(DT)(DC)(DA)(DA)(DT)(DT)(DG)(DG)(DT)(DC)(DG)(DT)(DA)(DG)(DA)(DC)(DA)(DG)
(DC)(DT)(DC)(DT)(DA)(DG)(DC)(DA)(DC)(DC)(DG)(DC)(DT)(DT)(DA)(DA)(DA)(DC)(DG)(DC)
(DA)(DC)(DG)(DT)(DA)(DC)(DG)(DC)(DG)(DC)(DT)(DG)(DT)(DC)(DC)(DC)(DC)(DC)(DG)(DC)
(DG)(DT)(DT)(DT)(DT)(DA)(DA)(DC)(DC)(DG)(DC)(DC)(DA)(DA)(DG)(DG)(DG)(DG)(DA)(DT)
(DT)(DA)(DC)(DT)(DC)(DC)(DC)(DT)(DA)(DG)(DT)(DC)(DT)(DC)(DC)(DA)(DG)(DG)(DC)(DA)
(DC)(DG)(DT)(DG)(DT)(DC)(DA)(DG)(DA)(DT)(DA)(DT)(DA)(DT)(DA)(DC)(DA)(DT)(DC)(DC)
(DT)(DG)(DT)(DC)(DA)(DT)(DG)(DT)(DA)(DA)(DG)(DT)(DA)(DT)(DT)(DA)(DA)(DG)(DG)(DT)
(DA)(DA)(DC)(DC)(DC)(DG)(DA)(DT)
;
I
7 'polydeoxyribonucleotide'
;(DA)(DT)(DC)(DG)(DG)(DG)(DT)(DT)(DA)(DC)(DC)(DT)(DT)(DA)(DA)(DT)(DA)(DC)(DT)(DT)
(DA)(DC)(DA)(DT)(DG)(DA)(DC)(DA)(DG)(DG)(DA)(DT)(DG)(DT)(DA)(DT)(DA)(DT)(DA)(DT)
(DC)(DT)(DG)(DA)(DC)(DA)(DC)(DG)(DT)(DG)(DC)(DC)(DT)(DG)(DG)(DA)(DG)(DA)(DC)(DT)
(DA)(DG)(DG)(DG)(DA)(DG)(DT)(DA)(DA)(DT)(DC)(DC)(DC)(DC)(DT)(DT)(DG)(DG)(DC)(DG)
(DG)(DT)(DT)(DA)(DA)(DA)(DA)(DC)(DG)(DC)(DG)(DG)(DG)(DG)(DG)(DA)(DC)(DA)(DG)(DC)
(DG)(DC)(DG)(DT)(DA)(DC)(DG)(DT)(DG)(DC)(DG)(DT)(DT)(DT)(DA)(DA)(DG)(DC)(DG)(DG)
(DT)(DG)(DC)(DT)(DA)(DG)(DA)(DG)(DC)(DT)(DG)(DT)(DC)(DT)(DA)(DC)(DG)(DA)(DC)(DC)
(DA)(DA)(DT)(DT)(DG)(DA)(DG)(DC)(DG)(DG)(DC)(DC)(DT)(DC)(DG)(DG)(DC)(DA)(DC)(DC)
(DG)(DG)(DG)(DA)(DT)(DT)(DC)(DT)(DC)(DC)(DA)(DG)(DT)(DA)(DT)(DG)(DG)(DC)(DG)(DG)
(DC)(DC)(DA)(DG)(DT)(DG)(DC)(DG)(DC)(DG)(DA)(DG)(DA)(DC)(DA)(DG)(DT)(DA)(DC)(DT)
(DG)(DG)(DG)(DT)(DT)(DA)(DC)(DC)(DT)(DT)(DA)(DA)(DT)(DA)(DC)(DT)(DT)(DA)(DC)(DA)
(DT)(DG)(DA)(DC)(DA)(DG)(DG)(DA)(DT)(DG)(DT)(DA)(DT)(DA)(DT)(DA)(DT)(DC)(DT)(DG)
(DA)(DC)(DA)(DC)(DG)(DT)(DG)(DC)(DC)(DT)(DG)(DG)(DA)(DG)(DA)(DC)(DT)(DA)(DG)(DG)
(DG)(DA)(DG)(DT)(DA)(DA)(DT)(DC)(DC)(DC)(DC)(DT)(DT)(DG)(DG)(DC)(DG)(DG)(DT)(DT)
(DA)(DA)(DA)(DA)(DC)(DG)(DC)(DG)(DG)(DG)(DG)(DG)(DA)(DC)(DA)(DG)(DC)(DG)(DC)(DG)
(DT)(DA)(DC)(DG)(DT)(DG)(DC)(DG)(DT)(DT)(DT)(DA)(DA)(DG)(DC)(DG)(DG)(DT)(DG)(DC)
(DT)(DA)(DG)(DA)(DG)(DC)(DT)(DG)(DT)(DC)(DT)(DA)(DC)(DG)(DA)(DC)(DC)(DA)(DA)(DT)
(DT)(DG)(DA)(DG)(DC)(DG)(DG)(DC)(DC)(DT)(DC)(DG)(DG)(DC)(DA)(DC)(DC)(DG)(DG)(DG)
(DA)(DT)(DT)(DC)(DT)(DC)(DC)(DA)(DG)(DT)(DA)(DT)(DG)(DG)(DC)(DG)(DG)(DC)(DC)(DA)
(DG)(DT)(DG)(DC)(DG)(DC)(DG)(DA)(DG)(DA)(DC)(DA)(DG)(DT)(DA)(DC)(DT)(DG)(DG)(DG)
(DT)(DT)(DA)(DC)(DC)(DT)(DT)(DA)(DA)(DT)(DA)(DC)(DT)(DT)(DA)(DC)(DA)(DT)(DG)(DA)
(DC)(DA)(DG)(DG)(DA)(DT)(DG)(DT)(DA)(DT)(DA)(DT)(DA)(DT)(DC)(DT)(DG)(DA)(DC)(DA)
(DC)(DG)(DT)(DG)(DC)(DC)(DT)(DG)(DG)(DA)(DG)(DA)(DC)(DT)(DA)(DG)(DG)(DG)(DA)(DG)
(DT)(DA)(DA)(DT)(DC)(DC)(DC)(DC)(DT)(DT)(DG)(DG)(DC)(DG)(DG)(DT)(DT)(DA)(DA)(DA)
(DA)(DC)(DG)(DC)(DG)(DG)(DG)(DG)(DG)(DA)(DC)(DA)(DG)(DC)(DG)(DC)(DG)(DT)(DA)(DC)
(DG)(DT)(DG)(DC)(DG)(DT)(DT)(DT)(DA)(DA)(DG)(DC)(DG)(DG)(DT)(DG)(DC)(DT)(DA)(DG)
(DA)(DG)(DC)(DT)(DG)(DT)(DC)(DT)(DA)(DC)(DG)(DA)(DC)(DC)(DA)(DA)(DT)(DT)(DG)(DA)
(DG)(DC)(DG)(DG)(DC)(DC)(DT)(DC)(DG)(DG)(DC)(DA)(DC)(DC)(DG)(DG)(DG)(DA)(DT)(DT)
(DC)(DT)(DC)(DC)(DA)(DG)(DT)(DA)(DT)(DG)(DG)(DC)(DG)(DG)(DC)(DC)(DA)(DG)(DT)(DG)
(DC)(DG)(DC)(DG)(DA)(DG)(DA)(DC)(DA)(DG)(DT)(DA)(DC)(DT)(DG)(DG)(DG)(DT)(DT)(DA)
(DC)(DC)(DT)(DT)(DA)(DA)(DT)(DA)(DC)(DT)(DT)(DA)(DC)(DA)(DT)(DG)(DA)(DC)(DA)(DG)
(DG)(DA)(DT)(DG)(DT)(DA)(DT)(DA)(DT)(DA)(DT)(DC)(DT)(DG)(DA)(DC)(DA)(DC)(DG)(DT)
(DG)(DC)(DC)(DT)(DG)(DG)(DA)(DG)(DA)(DC)(DT)(DA)(DG)(DG)(DG)(DA)(DG)(DT)(DA)(DA)
(DT)(DC)(DC)(DC)(DC)(DT)(DT)(DG)(DG)(DC)(DG)(DG)(DT)(DT)(DA)(DA)(DA)(DA)(DC)(DG)
(DC)(DG)(DG)(DG)(DG)(DG)(DA)(DC)(DA)(DG)(DC)(DG)(DC)(DG)(DT)(DA)(DC)(DG)(DT)(DG)
(DC)(DG)(DT)(DT)(DT)(DA)(DA)(DG)(DC)(DG)(DG)(DT)(DG)(DC)(DT)(DA)(DG)(DA)(DG)(DC)
(DT)(DG)(DT)(DC)(DT)(DA)(DC)(DG)(DA)(DC)(DC)(DA)(DA)(DT)(DT)(DG)(DA)(DG)(DC)(DG)
(DG)(DC)(DC)(DT)(DC)(DG)(DG)(DC)(DA)(DC)(DC)(DG)(DG)(DG)(DA)(DT)(DT)(DC)(DT)(DC)
(DC)(DA)(DG)(DT)(DA)(DT)(DG)(DG)(DC)(DG)(DG)(DC)(DC)(DA)(DG)(DT)(DG)(DC)(DG)(DC)
(DG)(DA)(DG)(DA)(DC)(DG)(DA)(DT)
;
J
#
# COMPACT_ATOMS: atom_id res chain seq x y z
N LYS A 38 -49.92 -12.39 36.79
CA LYS A 38 -50.75 -11.18 36.52
C LYS A 38 -52.09 -11.61 35.91
N PRO A 39 -53.26 -10.93 36.09
CA PRO A 39 -54.47 -11.38 35.38
C PRO A 39 -54.36 -11.12 33.89
N HIS A 40 -55.01 -11.97 33.12
CA HIS A 40 -54.90 -11.86 31.66
C HIS A 40 -55.74 -10.70 31.15
N ARG A 41 -55.13 -9.92 30.25
CA ARG A 41 -55.78 -8.72 29.70
C ARG A 41 -55.53 -8.70 28.20
N TYR A 42 -56.59 -8.70 27.42
CA TYR A 42 -56.46 -8.57 25.98
C TYR A 42 -56.29 -7.09 25.61
N ARG A 43 -55.62 -6.85 24.48
CA ARG A 43 -55.43 -5.48 24.03
C ARG A 43 -56.76 -4.88 23.56
N PRO A 44 -56.92 -3.57 23.65
CA PRO A 44 -58.19 -2.93 23.27
C PRO A 44 -58.53 -3.16 21.81
N GLY A 45 -59.71 -3.74 21.57
CA GLY A 45 -60.15 -4.14 20.26
C GLY A 45 -60.20 -5.64 20.06
N THR A 46 -59.44 -6.42 20.83
CA THR A 46 -59.44 -7.87 20.70
C THR A 46 -60.79 -8.45 21.10
N VAL A 47 -61.26 -8.08 22.28
CA VAL A 47 -62.58 -8.49 22.74
C VAL A 47 -63.66 -7.85 21.88
N ALA A 48 -63.41 -6.65 21.37
CA ALA A 48 -64.32 -6.03 20.43
C ALA A 48 -64.49 -6.89 19.18
N LEU A 49 -63.37 -7.35 18.59
CA LEU A 49 -63.45 -8.18 17.40
C LEU A 49 -64.05 -9.55 17.72
N ARG A 50 -63.80 -10.06 18.92
CA ARG A 50 -64.43 -11.31 19.33
C ARG A 50 -65.94 -11.14 19.42
N GLU A 51 -66.38 -9.98 19.90
CA GLU A 51 -67.80 -9.66 19.88
C GLU A 51 -68.31 -9.51 18.45
N ILE A 52 -67.49 -8.95 17.55
CA ILE A 52 -67.87 -8.83 16.14
C ILE A 52 -68.19 -10.20 15.57
N ARG A 53 -67.26 -11.15 15.71
CA ARG A 53 -67.46 -12.48 15.14
C ARG A 53 -68.57 -13.21 15.87
N ARG A 54 -68.67 -13.01 17.18
CA ARG A 54 -69.63 -13.75 17.99
C ARG A 54 -71.06 -13.30 17.70
N TYR A 55 -71.25 -12.02 17.40
CA TYR A 55 -72.59 -11.57 17.09
C TYR A 55 -72.91 -11.58 15.61
N GLN A 56 -71.90 -11.67 14.72
CA GLN A 56 -72.30 -11.99 13.35
C GLN A 56 -72.68 -13.45 13.20
N LYS A 57 -72.04 -14.36 13.95
CA LYS A 57 -72.46 -15.75 13.85
C LYS A 57 -73.78 -15.97 14.57
N SER A 58 -74.12 -15.09 15.50
CA SER A 58 -75.36 -15.21 16.25
C SER A 58 -76.55 -14.88 15.36
N THR A 59 -77.70 -15.42 15.73
CA THR A 59 -78.96 -15.09 15.09
C THR A 59 -79.99 -14.55 16.07
N GLU A 60 -79.73 -14.63 17.37
CA GLU A 60 -80.72 -14.28 18.38
C GLU A 60 -80.89 -12.76 18.49
N LEU A 61 -82.02 -12.37 19.07
CA LEU A 61 -82.29 -10.95 19.30
C LEU A 61 -81.39 -10.42 20.41
N LEU A 62 -80.92 -9.18 20.22
CA LEU A 62 -79.98 -8.57 21.13
C LEU A 62 -80.62 -7.64 22.14
N ILE A 63 -81.93 -7.61 22.20
CA ILE A 63 -82.67 -6.74 23.11
C ILE A 63 -83.39 -7.61 24.13
N ARG A 64 -83.38 -7.18 25.39
CA ARG A 64 -84.24 -7.78 26.39
C ARG A 64 -85.70 -7.58 26.01
N LYS A 65 -86.49 -8.64 26.13
CA LYS A 65 -87.83 -8.66 25.57
C LYS A 65 -88.78 -7.77 26.35
N LEU A 66 -88.75 -7.88 27.68
CA LEU A 66 -89.70 -7.17 28.53
C LEU A 66 -89.56 -5.65 28.48
N PRO A 67 -88.36 -5.04 28.60
CA PRO A 67 -88.32 -3.57 28.48
C PRO A 67 -88.62 -3.06 27.08
N PHE A 68 -88.32 -3.83 26.05
CA PHE A 68 -88.73 -3.43 24.70
C PHE A 68 -90.25 -3.43 24.57
N GLN A 69 -90.90 -4.47 25.13
CA GLN A 69 -92.36 -4.49 25.13
C GLN A 69 -92.93 -3.33 25.95
N ARG A 70 -92.29 -3.02 27.06
CA ARG A 70 -92.71 -1.89 27.88
C ARG A 70 -92.54 -0.58 27.11
N LEU A 71 -91.46 -0.46 26.34
CA LEU A 71 -91.23 0.77 25.58
C LEU A 71 -92.24 0.93 24.45
N VAL A 72 -92.57 -0.15 23.76
CA VAL A 72 -93.54 -0.02 22.67
C VAL A 72 -94.93 0.29 23.22
N ARG A 73 -95.28 -0.30 24.37
CA ARG A 73 -96.51 0.08 25.05
C ARG A 73 -96.47 1.55 25.48
N GLU A 74 -95.31 2.00 25.96
CA GLU A 74 -95.13 3.37 26.42
C GLU A 74 -95.34 4.37 25.30
N ILE A 75 -94.69 4.15 24.16
CA ILE A 75 -94.78 5.09 23.06
C ILE A 75 -96.16 5.02 22.42
N ALA A 76 -96.71 3.81 22.29
CA ALA A 76 -98.01 3.67 21.64
C ALA A 76 -99.15 4.18 22.49
N GLN A 77 -98.97 4.24 23.82
CA GLN A 77 -99.98 4.82 24.68
C GLN A 77 -100.18 6.30 24.41
N ASP A 78 -99.12 6.99 23.98
CA ASP A 78 -99.21 8.39 23.61
C ASP A 78 -100.11 8.61 22.41
N PHE A 79 -100.12 7.68 21.46
CA PHE A 79 -100.89 7.84 20.24
C PHE A 79 -102.30 7.30 20.39
N LYS A 80 -102.48 6.25 21.17
CA LYS A 80 -103.80 5.68 21.41
C LYS A 80 -103.77 4.99 22.77
N THR A 81 -104.83 5.20 23.56
CA THR A 81 -104.83 4.73 24.93
C THR A 81 -105.18 3.24 25.00
N ASP A 82 -104.70 2.59 26.06
CA ASP A 82 -105.01 1.22 26.46
C ASP A 82 -104.68 0.21 25.36
N LEU A 83 -103.62 0.44 24.60
CA LEU A 83 -103.29 -0.44 23.49
C LEU A 83 -102.72 -1.76 23.98
N ARG A 84 -103.16 -2.84 23.34
CA ARG A 84 -102.68 -4.18 23.64
C ARG A 84 -101.83 -4.68 22.48
N PHE A 85 -100.83 -5.48 22.83
CA PHE A 85 -99.82 -5.93 21.88
C PHE A 85 -99.78 -7.44 21.84
N GLN A 86 -99.93 -8.01 20.65
CA GLN A 86 -99.51 -9.38 20.42
C GLN A 86 -98.01 -9.45 20.67
N SER A 87 -97.59 -10.44 21.46
CA SER A 87 -96.17 -10.57 21.80
C SER A 87 -95.35 -10.86 20.56
N SER A 88 -95.91 -11.65 19.63
CA SER A 88 -95.26 -11.88 18.35
C SER A 88 -95.06 -10.58 17.57
N ALA A 89 -96.02 -9.66 17.66
CA ALA A 89 -95.83 -8.34 17.06
C ALA A 89 -94.71 -7.59 17.74
N VAL A 90 -94.56 -7.77 19.06
CA VAL A 90 -93.46 -7.12 19.77
C VAL A 90 -92.12 -7.66 19.30
N MET A 91 -91.99 -8.98 19.16
CA MET A 91 -90.73 -9.50 18.64
C MET A 91 -90.55 -9.16 17.16
N ALA A 92 -91.64 -8.96 16.43
CA ALA A 92 -91.52 -8.53 15.04
C ALA A 92 -90.95 -7.13 14.95
N LEU A 93 -91.51 -6.20 15.74
CA LEU A 93 -90.93 -4.88 15.88
C LEU A 93 -89.49 -4.94 16.34
N GLN A 94 -89.21 -5.86 17.26
CA GLN A 94 -87.86 -6.03 17.78
C GLN A 94 -86.88 -6.40 16.67
N GLU A 95 -87.17 -7.46 15.91
CA GLU A 95 -86.24 -7.92 14.90
C GLU A 95 -86.12 -6.94 13.75
N ALA A 96 -87.24 -6.33 13.35
CA ALA A 96 -87.20 -5.34 12.28
C ALA A 96 -86.39 -4.13 12.70
N SER A 97 -86.56 -3.68 13.93
CA SER A 97 -85.81 -2.52 14.42
C SER A 97 -84.33 -2.87 14.54
N GLU A 98 -84.02 -4.09 15.00
CA GLU A 98 -82.64 -4.52 15.12
C GLU A 98 -81.96 -4.53 13.75
N ALA A 99 -82.63 -5.09 12.74
CA ALA A 99 -82.02 -5.16 11.42
C ALA A 99 -81.96 -3.78 10.76
N TYR A 100 -82.95 -2.93 11.03
CA TYR A 100 -82.89 -1.55 10.55
C TYR A 100 -81.70 -0.82 11.16
N LEU A 101 -81.48 -1.02 12.46
CA LEU A 101 -80.32 -0.40 13.10
C LEU A 101 -79.02 -0.98 12.55
N VAL A 102 -78.98 -2.29 12.29
CA VAL A 102 -77.77 -2.92 11.74
C VAL A 102 -77.45 -2.35 10.36
N GLY A 103 -78.46 -2.22 9.51
CA GLY A 103 -78.26 -1.55 8.24
C GLY A 103 -77.80 -0.12 8.40
N LEU A 104 -78.33 0.56 9.41
CA LEU A 104 -77.89 1.91 9.71
C LEU A 104 -76.42 1.94 10.12
N PHE A 105 -75.97 0.99 10.95
CA PHE A 105 -74.57 1.02 11.34
C PHE A 105 -73.66 0.53 10.22
N GLU A 106 -74.19 -0.30 9.32
CA GLU A 106 -73.43 -0.64 8.13
C GLU A 106 -73.17 0.60 7.28
N ASP A 107 -74.20 1.41 7.08
CA ASP A 107 -74.03 2.67 6.37
C ASP A 107 -73.07 3.58 7.14
N THR A 108 -73.20 3.55 8.46
CA THR A 108 -72.38 4.38 9.35
C THR A 108 -70.91 4.02 9.25
N ASN A 109 -70.56 2.73 9.32
CA ASN A 109 -69.15 2.40 9.36
C ASN A 109 -68.56 2.41 7.96
N LEU A 110 -69.39 2.25 6.93
CA LEU A 110 -68.94 2.62 5.59
C LEU A 110 -68.56 4.09 5.53
N ALA A 111 -69.36 4.96 6.15
CA ALA A 111 -68.99 6.36 6.22
C ALA A 111 -67.74 6.57 7.08
N ALA A 112 -67.57 5.72 8.10
CA ALA A 112 -66.45 5.88 9.02
C ALA A 112 -65.13 5.48 8.38
N ILE A 113 -65.11 4.35 7.67
CA ILE A 113 -63.94 3.98 6.89
C ILE A 113 -63.77 4.93 5.72
N HIS A 114 -64.86 5.51 5.24
CA HIS A 114 -64.76 6.65 4.34
C HIS A 114 -64.13 7.85 5.06
N ALA A 115 -64.48 8.06 6.32
CA ALA A 115 -63.92 9.16 7.08
C ALA A 115 -62.62 8.81 7.78
N LYS A 116 -62.02 7.66 7.44
CA LYS A 116 -60.74 7.18 7.97
C LYS A 116 -60.78 6.98 9.48
N ARG A 117 -61.96 6.73 10.04
CA ARG A 117 -62.13 6.53 11.47
C ARG A 117 -62.74 5.17 11.76
N VAL A 118 -62.59 4.72 13.01
CA VAL A 118 -63.27 3.55 13.52
C VAL A 118 -64.17 3.90 14.70
N THR A 119 -63.86 4.97 15.44
CA THR A 119 -64.75 5.47 16.47
C THR A 119 -65.86 6.23 15.78
N ILE A 120 -66.98 5.55 15.55
CA ILE A 120 -68.11 6.18 14.89
C ILE A 120 -68.73 7.20 15.83
N MET A 121 -69.24 8.29 15.25
CA MET A 121 -69.83 9.39 15.98
C MET A 121 -71.16 9.75 15.32
N PRO A 122 -72.09 10.37 16.08
CA PRO A 122 -73.48 10.50 15.56
C PRO A 122 -73.63 11.31 14.29
N LYS A 123 -72.63 12.13 13.93
CA LYS A 123 -72.68 12.79 12.63
C LYS A 123 -72.59 11.77 11.49
N ASP A 124 -71.93 10.62 11.73
CA ASP A 124 -71.90 9.56 10.72
C ASP A 124 -73.30 9.00 10.48
N ILE A 125 -74.03 8.75 11.57
CA ILE A 125 -75.40 8.28 11.48
C ILE A 125 -76.30 9.31 10.81
N GLN A 126 -76.09 10.59 11.14
CA GLN A 126 -76.88 11.64 10.51
C GLN A 126 -76.55 11.76 9.02
N LEU A 127 -75.28 11.56 8.66
CA LEU A 127 -74.89 11.51 7.25
C LEU A 127 -75.59 10.36 6.53
N ALA A 128 -75.60 9.19 7.15
CA ALA A 128 -76.24 8.02 6.55
C ALA A 128 -77.74 8.25 6.37
N ARG A 129 -78.37 8.84 7.38
CA ARG A 129 -79.79 9.13 7.32
C ARG A 129 -80.10 10.14 6.23
N ARG A 130 -79.31 11.23 6.17
CA ARG A 130 -79.65 12.33 5.29
C ARG A 130 -79.30 12.02 3.84
N ILE A 131 -78.23 11.25 3.61
CA ILE A 131 -77.97 10.74 2.28
C ILE A 131 -79.01 9.71 1.89
N ARG A 132 -79.43 8.88 2.85
CA ARG A 132 -80.58 8.01 2.61
C ARG A 132 -81.86 8.82 2.45
N GLY A 133 -81.92 10.03 3.01
CA GLY A 133 -83.08 10.86 2.84
C GLY A 133 -83.93 11.01 4.08
N GLU A 134 -83.31 11.12 5.25
CA GLU A 134 -84.07 11.25 6.49
C GLU A 134 -83.85 12.63 7.12
N LYS B 21 -99.69 2.30 35.93
CA LYS B 21 -99.72 1.57 34.66
C LYS B 21 -99.06 2.39 33.55
N VAL B 22 -98.93 3.70 33.78
CA VAL B 22 -98.28 4.58 32.82
C VAL B 22 -96.78 4.31 32.84
N LEU B 23 -96.14 4.45 31.69
CA LEU B 23 -94.72 4.20 31.54
C LEU B 23 -94.05 5.49 31.06
N ARG B 24 -92.85 5.76 31.59
CA ARG B 24 -92.24 7.08 31.42
C ARG B 24 -90.87 7.04 30.77
N ASP B 25 -90.02 6.08 31.13
CA ASP B 25 -88.61 6.11 30.76
C ASP B 25 -88.13 4.76 30.27
N ASN B 26 -88.91 4.12 29.39
CA ASN B 26 -88.53 2.81 28.88
C ASN B 26 -87.70 2.89 27.61
N ILE B 27 -87.40 4.09 27.12
CA ILE B 27 -86.38 4.21 26.08
C ILE B 27 -85.01 3.86 26.65
N GLN B 28 -84.81 4.11 27.94
CA GLN B 28 -83.64 3.61 28.62
C GLN B 28 -83.74 2.12 28.91
N GLY B 29 -84.92 1.52 28.73
CA GLY B 29 -85.05 0.08 28.78
C GLY B 29 -84.33 -0.65 27.68
N ILE B 30 -84.05 0.03 26.56
CA ILE B 30 -83.16 -0.50 25.54
C ILE B 30 -81.76 -0.15 26.02
N THR B 31 -81.08 -1.13 26.58
CA THR B 31 -79.91 -0.86 27.39
C THR B 31 -78.70 -0.51 26.54
N LYS B 32 -77.77 0.21 27.16
CA LYS B 32 -76.45 0.47 26.59
C LYS B 32 -75.72 -0.78 26.10
N PRO B 33 -75.62 -1.90 26.86
CA PRO B 33 -74.99 -3.09 26.28
C PRO B 33 -75.79 -3.69 25.13
N ALA B 34 -77.11 -3.52 25.10
CA ALA B 34 -77.89 -3.96 23.96
C ALA B 34 -77.52 -3.17 22.70
N ILE B 35 -77.26 -1.87 22.87
CA ILE B 35 -76.75 -1.04 21.77
C ILE B 35 -75.40 -1.55 21.31
N ARG B 36 -74.53 -1.89 22.27
CA ARG B 36 -73.23 -2.44 21.90
C ARG B 36 -73.37 -3.76 21.15
N ARG B 37 -74.28 -4.63 21.60
CA ARG B 37 -74.53 -5.90 20.92
C ARG B 37 -75.00 -5.69 19.49
N LEU B 38 -75.93 -4.75 19.30
CA LEU B 38 -76.44 -4.47 17.96
C LEU B 38 -75.34 -3.96 17.05
N ALA B 39 -74.48 -3.10 17.56
CA ALA B 39 -73.39 -2.60 16.73
C ALA B 39 -72.35 -3.69 16.45
N ARG B 40 -72.24 -4.69 17.35
CA ARG B 40 -71.42 -5.84 17.03
C ARG B 40 -72.04 -6.66 15.91
N ARG B 41 -73.36 -6.80 15.91
CA ARG B 41 -74.05 -7.38 14.76
C ARG B 41 -73.91 -6.49 13.54
N GLY B 42 -73.84 -5.18 13.75
CA GLY B 42 -73.50 -4.29 12.67
C GLY B 42 -72.03 -4.24 12.32
N GLY B 43 -71.18 -4.92 13.10
CA GLY B 43 -69.77 -4.93 12.80
C GLY B 43 -69.04 -3.68 13.20
N VAL B 44 -69.51 -2.98 14.23
CA VAL B 44 -68.87 -1.76 14.67
C VAL B 44 -67.89 -2.09 15.79
N LYS B 45 -66.63 -1.68 15.61
CA LYS B 45 -65.62 -1.99 16.62
C LYS B 45 -65.64 -0.99 17.77
N ARG B 46 -65.52 0.31 17.47
CA ARG B 46 -65.35 1.31 18.52
C ARG B 46 -66.50 2.30 18.45
N ILE B 47 -67.12 2.55 19.60
CA ILE B 47 -68.39 3.25 19.70
C ILE B 47 -68.19 4.44 20.63
N SER B 48 -68.46 5.64 20.16
CA SER B 48 -68.27 6.82 20.98
C SER B 48 -69.37 6.94 22.05
N GLY B 49 -69.13 7.82 23.02
CA GLY B 49 -70.09 8.05 24.08
C GLY B 49 -71.34 8.77 23.64
N LEU B 50 -71.24 9.56 22.57
CA LEU B 50 -72.38 10.30 22.06
C LEU B 50 -73.34 9.43 21.28
N ILE B 51 -72.97 8.18 21.01
CA ILE B 51 -73.70 7.34 20.08
C ILE B 51 -75.05 6.94 20.64
N TYR B 52 -75.10 6.52 21.90
CA TYR B 52 -76.21 5.72 22.42
C TYR B 52 -77.51 6.50 22.47
N GLU B 53 -77.46 7.75 22.92
CA GLU B 53 -78.67 8.55 22.98
C GLU B 53 -79.17 8.90 21.59
N GLU B 54 -78.25 9.12 20.64
CA GLU B 54 -78.66 9.38 19.27
C GLU B 54 -79.32 8.16 18.65
N THR B 55 -78.77 6.97 18.92
CA THR B 55 -79.41 5.74 18.48
C THR B 55 -80.78 5.57 19.10
N ARG B 56 -80.90 5.89 20.40
CA ARG B 56 -82.19 5.83 21.06
C ARG B 56 -83.20 6.76 20.40
N GLY B 57 -82.77 7.98 20.08
CA GLY B 57 -83.67 8.93 19.44
C GLY B 57 -84.10 8.50 18.05
N VAL B 58 -83.16 8.00 17.24
CA VAL B 58 -83.52 7.65 15.88
C VAL B 58 -84.37 6.38 15.85
N LEU B 59 -84.10 5.44 16.75
CA LEU B 59 -84.97 4.27 16.83
C LEU B 59 -86.33 4.67 17.36
N LYS B 60 -86.38 5.65 18.26
CA LYS B 60 -87.65 6.17 18.74
C LYS B 60 -88.45 6.76 17.60
N VAL B 61 -87.80 7.54 16.73
CA VAL B 61 -88.49 8.13 15.59
C VAL B 61 -88.99 7.05 14.64
N PHE B 62 -88.14 6.05 14.37
CA PHE B 62 -88.52 4.97 13.46
C PHE B 62 -89.70 4.19 14.02
N LEU B 63 -89.63 3.83 15.30
CA LEU B 63 -90.74 3.14 15.94
C LEU B 63 -92.00 3.98 15.95
N GLU B 64 -91.87 5.28 16.20
CA GLU B 64 -93.03 6.17 16.21
C GLU B 64 -93.71 6.19 14.86
N ASN B 65 -92.94 6.25 13.79
CA ASN B 65 -93.50 6.22 12.45
C ASN B 65 -94.21 4.89 12.18
N VAL B 66 -93.55 3.78 12.52
CA VAL B 66 -94.10 2.46 12.22
C VAL B 66 -95.38 2.22 13.02
N ILE B 67 -95.37 2.54 14.31
CA ILE B 67 -96.55 2.22 15.09
C ILE B 67 -97.62 3.27 14.87
N ARG B 68 -97.24 4.46 14.38
CA ARG B 68 -98.26 5.41 13.94
C ARG B 68 -99.06 4.83 12.80
N ASP B 69 -98.35 4.24 11.83
CA ASP B 69 -99.02 3.54 10.75
C ASP B 69 -99.83 2.36 11.28
N ALA B 70 -99.26 1.62 12.23
CA ALA B 70 -99.92 0.42 12.75
C ALA B 70 -101.17 0.77 13.56
N VAL B 71 -101.09 1.83 14.37
CA VAL B 71 -102.24 2.31 15.14
C VAL B 71 -103.30 2.83 14.20
N THR B 72 -102.89 3.51 13.12
CA THR B 72 -103.84 3.94 12.09
C THR B 72 -104.55 2.74 11.48
N TYR B 73 -103.79 1.67 11.21
CA TYR B 73 -104.36 0.43 10.71
C TYR B 73 -105.36 -0.14 11.70
N THR B 74 -104.98 -0.14 12.98
CA THR B 74 -105.77 -0.82 14.00
C THR B 74 -107.07 -0.09 14.27
N GLU B 75 -107.03 1.23 14.35
CA GLU B 75 -108.25 1.99 14.50
C GLU B 75 -109.08 1.94 13.24
N HIS B 76 -108.43 1.82 12.08
CA HIS B 76 -109.17 1.62 10.86
C HIS B 76 -109.73 0.21 10.80
N ALA B 77 -109.06 -0.74 11.47
CA ALA B 77 -109.60 -2.08 11.60
C ALA B 77 -110.60 -2.21 12.74
N LYS B 78 -110.85 -1.12 13.49
CA LYS B 78 -111.73 -1.09 14.65
C LYS B 78 -111.30 -2.09 15.72
N ARG B 79 -110.00 -2.32 15.84
CA ARG B 79 -109.48 -3.25 16.82
C ARG B 79 -108.75 -2.51 17.94
N LYS B 80 -108.44 -3.26 18.99
CA LYS B 80 -107.68 -2.72 20.12
C LYS B 80 -106.32 -3.40 20.26
N THR B 81 -106.19 -4.62 19.77
CA THR B 81 -104.96 -5.39 19.88
C THR B 81 -104.09 -5.12 18.66
N VAL B 82 -102.84 -4.72 18.90
CA VAL B 82 -101.90 -4.54 17.81
C VAL B 82 -101.46 -5.90 17.29
N THR B 83 -101.61 -6.12 15.99
CA THR B 83 -101.25 -7.39 15.36
C THR B 83 -99.99 -7.23 14.52
N ALA B 84 -99.32 -8.36 14.29
CA ALA B 84 -98.06 -8.35 13.57
C ALA B 84 -98.24 -8.11 12.08
N MET B 85 -99.43 -8.40 11.56
CA MET B 85 -99.70 -8.09 10.16
C MET B 85 -99.69 -6.59 9.92
N ASP B 86 -100.22 -5.83 10.89
CA ASP B 86 -100.16 -4.37 10.81
C ASP B 86 -98.71 -3.88 10.86
N VAL B 87 -97.88 -4.53 11.67
CA VAL B 87 -96.45 -4.26 11.69
C VAL B 87 -95.85 -4.50 10.31
N VAL B 88 -96.24 -5.61 9.67
CA VAL B 88 -95.73 -5.98 8.36
C VAL B 88 -96.11 -4.92 7.32
N TYR B 89 -97.36 -4.49 7.33
CA TYR B 89 -97.82 -3.53 6.33
C TYR B 89 -97.19 -2.16 6.57
N ALA B 90 -97.01 -1.78 7.84
CA ALA B 90 -96.35 -0.52 8.17
C ALA B 90 -94.91 -0.53 7.71
N LEU B 91 -94.22 -1.66 7.87
CA LEU B 91 -92.85 -1.75 7.41
C LEU B 91 -92.78 -1.78 5.89
N LYS B 92 -93.80 -2.34 5.25
CA LYS B 92 -93.88 -2.32 3.78
C LYS B 92 -94.00 -0.89 3.27
N ARG B 93 -94.82 -0.08 3.94
CA ARG B 93 -95.04 1.29 3.47
C ARG B 93 -93.83 2.17 3.69
N GLN B 94 -92.92 1.79 4.58
CA GLN B 94 -91.67 2.50 4.75
C GLN B 94 -90.53 1.88 3.96
N GLY B 95 -90.83 0.89 3.12
CA GLY B 95 -89.80 0.23 2.36
C GLY B 95 -88.85 -0.60 3.18
N ARG B 96 -89.33 -1.23 4.24
CA ARG B 96 -88.53 -2.07 5.12
C ARG B 96 -89.20 -3.41 5.34
N THR B 97 -89.58 -4.05 4.22
CA THR B 97 -90.40 -5.25 4.24
C THR B 97 -89.70 -6.39 4.97
N LEU B 98 -90.44 -7.03 5.87
CA LEU B 98 -89.92 -8.05 6.78
C LEU B 98 -90.51 -9.41 6.42
N TYR B 99 -89.64 -10.41 6.34
CA TYR B 99 -90.08 -11.78 6.15
C TYR B 99 -90.08 -12.51 7.49
N GLY B 100 -91.01 -13.43 7.65
CA GLY B 100 -91.01 -14.32 8.79
C GLY B 100 -92.04 -14.07 9.86
N PHE B 101 -93.08 -13.28 9.60
CA PHE B 101 -94.11 -13.05 10.60
C PHE B 101 -95.50 -13.15 9.98
N GLY B 102 -95.73 -14.22 9.23
CA GLY B 102 -97.06 -14.48 8.71
C GLY B 102 -97.45 -13.66 7.50
N GLY B 103 -96.52 -12.92 6.91
CA GLY B 103 -96.81 -12.15 5.72
C GLY B 103 -97.05 -13.02 4.50
N ALA C 28 -139.31 14.53 -17.31
CA ALA C 28 -139.75 15.30 -16.15
C ALA C 28 -138.64 15.40 -15.12
N ARG C 29 -137.42 15.08 -15.54
CA ARG C 29 -136.28 15.14 -14.64
C ARG C 29 -135.96 16.59 -14.30
N ALA C 30 -135.49 16.81 -13.07
CA ALA C 30 -135.04 18.13 -12.66
C ALA C 30 -133.71 18.49 -13.33
N LYS C 31 -133.18 19.65 -12.92
CA LYS C 31 -131.91 20.12 -13.45
C LYS C 31 -130.76 19.19 -13.11
N ALA C 32 -129.99 18.83 -14.13
CA ALA C 32 -128.77 18.04 -13.92
C ALA C 32 -127.73 18.92 -13.25
N LYS C 33 -127.55 18.74 -11.95
CA LYS C 33 -126.61 19.52 -11.18
C LYS C 33 -125.28 18.76 -11.18
N THR C 34 -124.18 19.42 -10.80
CA THR C 34 -122.88 18.80 -10.82
C THR C 34 -122.44 18.48 -9.40
N ARG C 35 -121.81 17.31 -9.24
CA ARG C 35 -121.45 16.85 -7.92
C ARG C 35 -120.29 17.64 -7.32
N SER C 36 -119.44 18.22 -8.16
CA SER C 36 -118.40 19.10 -7.66
C SER C 36 -119.01 20.34 -7.00
N SER C 37 -120.02 20.93 -7.63
CA SER C 37 -120.71 22.05 -7.03
C SER C 37 -121.60 21.60 -5.88
N ARG C 38 -122.06 20.34 -5.92
CA ARG C 38 -122.77 19.77 -4.77
C ARG C 38 -121.86 19.70 -3.55
N ALA C 39 -120.59 19.37 -3.77
CA ALA C 39 -119.59 19.51 -2.72
C ALA C 39 -119.08 20.93 -2.61
N GLY C 40 -119.56 21.85 -3.45
CA GLY C 40 -119.05 23.20 -3.46
C GLY C 40 -117.63 23.31 -3.96
N LEU C 41 -117.18 22.33 -4.73
CA LEU C 41 -115.78 22.18 -5.07
C LEU C 41 -115.59 22.26 -6.58
N GLN C 42 -114.32 22.31 -6.98
CA GLN C 42 -113.96 22.51 -8.38
C GLN C 42 -113.55 21.22 -9.08
N PHE C 43 -113.00 20.27 -8.34
CA PHE C 43 -112.46 19.06 -8.95
C PHE C 43 -113.59 18.14 -9.39
N PRO C 44 -113.45 17.49 -10.55
CA PRO C 44 -114.54 16.66 -11.09
C PRO C 44 -114.75 15.41 -10.28
N VAL C 45 -115.87 15.35 -9.55
CA VAL C 45 -116.23 14.17 -8.78
C VAL C 45 -116.49 12.99 -9.70
N GLY C 46 -117.19 13.26 -10.81
CA GLY C 46 -117.52 12.19 -11.75
C GLY C 46 -116.29 11.57 -12.39
N ARG C 47 -115.31 12.40 -12.75
CA ARG C 47 -114.06 11.88 -13.32
C ARG C 47 -113.32 10.98 -12.34
N VAL C 48 -113.19 11.42 -11.09
CA VAL C 48 -112.45 10.65 -10.09
C VAL C 48 -113.17 9.33 -9.79
N HIS C 49 -114.49 9.39 -9.66
CA HIS C 49 -115.26 8.17 -9.40
C HIS C 49 -115.17 7.19 -10.57
N ARG C 50 -115.23 7.70 -11.80
CA ARG C 50 -115.11 6.84 -12.96
C ARG C 50 -113.71 6.25 -13.08
N LEU C 51 -112.67 7.04 -12.76
CA LEU C 51 -111.30 6.53 -12.79
C LEU C 51 -111.09 5.44 -11.75
N LEU C 52 -111.65 5.61 -10.56
CA LEU C 52 -111.52 4.56 -9.56
C LEU C 52 -112.34 3.32 -9.92
N ARG C 53 -113.47 3.50 -10.62
CA ARG C 53 -114.18 2.35 -11.13
C ARG C 53 -113.39 1.65 -12.23
N LYS C 54 -112.59 2.40 -12.99
CA LYS C 54 -111.77 1.83 -14.05
C LYS C 54 -110.32 1.64 -13.64
N GLY C 55 -109.94 1.98 -12.41
CA GLY C 55 -108.56 1.85 -11.99
C GLY C 55 -108.18 0.55 -11.33
N ASN C 56 -109.14 -0.36 -11.14
CA ASN C 56 -108.93 -1.66 -10.49
C ASN C 56 -108.39 -1.50 -9.06
N TYR C 57 -109.21 -0.92 -8.19
CA TYR C 57 -108.87 -0.82 -6.78
C TYR C 57 -109.96 -1.39 -5.88
N SER C 58 -111.22 -1.17 -6.24
CA SER C 58 -112.36 -1.89 -5.68
C SER C 58 -113.50 -1.76 -6.68
N GLU C 59 -114.29 -2.83 -6.80
CA GLU C 59 -115.37 -2.82 -7.79
C GLU C 59 -116.49 -1.88 -7.38
N ARG C 60 -116.74 -1.75 -6.09
CA ARG C 60 -117.60 -0.70 -5.57
C ARG C 60 -116.73 0.32 -4.86
N VAL C 61 -117.11 1.59 -5.00
CA VAL C 61 -116.43 2.68 -4.30
C VAL C 61 -117.47 3.37 -3.43
N GLY C 62 -117.11 3.61 -2.16
CA GLY C 62 -118.00 4.30 -1.26
C GLY C 62 -118.34 5.69 -1.77
N ALA C 63 -119.55 6.13 -1.44
CA ALA C 63 -120.10 7.34 -2.05
C ALA C 63 -119.29 8.57 -1.68
N GLY C 64 -118.90 8.68 -0.42
CA GLY C 64 -118.10 9.81 -0.01
C GLY C 64 -116.63 9.69 -0.32
N ALA C 65 -116.19 8.52 -0.80
CA ALA C 65 -114.76 8.33 -1.10
C ALA C 65 -114.25 9.25 -2.22
N PRO C 66 -114.87 9.37 -3.40
CA PRO C 66 -114.29 10.28 -4.39
C PRO C 66 -114.49 11.74 -4.03
N VAL C 67 -115.55 12.05 -3.28
CA VAL C 67 -115.76 13.42 -2.83
C VAL C 67 -114.65 13.81 -1.86
N TYR C 68 -114.34 12.92 -0.92
CA TYR C 68 -113.25 13.15 0.01
C TYR C 68 -111.91 13.23 -0.71
N LEU C 69 -111.70 12.34 -1.69
CA LEU C 69 -110.48 12.34 -2.46
C LEU C 69 -110.30 13.64 -3.23
N ALA C 70 -111.37 14.10 -3.89
CA ALA C 70 -111.30 15.33 -4.66
C ALA C 70 -111.12 16.53 -3.74
N ALA C 71 -111.70 16.48 -2.55
CA ALA C 71 -111.49 17.54 -1.58
C ALA C 71 -110.04 17.61 -1.13
N VAL C 72 -109.43 16.45 -0.89
CA VAL C 72 -108.02 16.40 -0.53
C VAL C 72 -107.16 16.91 -1.67
N LEU C 73 -107.46 16.47 -2.89
CA LEU C 73 -106.69 16.88 -4.06
C LEU C 73 -106.79 18.37 -4.29
N GLU C 74 -108.00 18.93 -4.15
CA GLU C 74 -108.18 20.36 -4.31
C GLU C 74 -107.50 21.14 -3.20
N TYR C 75 -107.49 20.60 -1.97
CA TYR C 75 -106.83 21.30 -0.87
C TYR C 75 -105.33 21.38 -1.11
N LEU C 76 -104.71 20.25 -1.48
CA LEU C 76 -103.29 20.25 -1.80
C LEU C 76 -102.99 21.13 -3.01
N THR C 77 -103.82 21.03 -4.05
CA THR C 77 -103.61 21.82 -5.25
C THR C 77 -103.76 23.30 -4.97
N ALA C 78 -104.71 23.66 -4.11
CA ALA C 78 -104.97 25.06 -3.79
C ALA C 78 -103.82 25.66 -2.99
N GLU C 79 -103.34 24.92 -1.98
CA GLU C 79 -102.20 25.43 -1.22
C GLU C 79 -100.94 25.50 -2.08
N ILE C 80 -100.74 24.53 -2.98
CA ILE C 80 -99.57 24.59 -3.85
C ILE C 80 -99.67 25.77 -4.82
N LEU C 81 -100.86 26.01 -5.39
CA LEU C 81 -101.01 27.13 -6.32
C LEU C 81 -100.89 28.46 -5.60
N GLU C 82 -101.34 28.51 -4.34
CA GLU C 82 -101.12 29.72 -3.53
C GLU C 82 -99.64 29.98 -3.31
N LEU C 83 -98.90 28.93 -2.95
CA LEU C 83 -97.45 29.07 -2.78
C LEU C 83 -96.77 29.45 -4.08
N ALA C 84 -97.24 28.90 -5.19
CA ALA C 84 -96.67 29.20 -6.50
C ALA C 84 -96.92 30.66 -6.88
N GLY C 85 -98.13 31.15 -6.64
CA GLY C 85 -98.41 32.55 -6.91
C GLY C 85 -97.63 33.50 -6.02
N ASN C 86 -97.46 33.12 -4.75
CA ASN C 86 -96.66 33.94 -3.85
C ASN C 86 -95.19 33.95 -4.24
N ALA C 87 -94.68 32.80 -4.71
CA ALA C 87 -93.30 32.74 -5.17
C ALA C 87 -93.12 33.51 -6.46
N ALA C 88 -94.13 33.50 -7.33
CA ALA C 88 -94.09 34.29 -8.55
C ALA C 88 -94.08 35.78 -8.23
N ARG C 89 -94.90 36.18 -7.26
CA ARG C 89 -94.92 37.57 -6.81
C ARG C 89 -93.59 37.94 -6.15
N ASP C 90 -92.93 36.96 -5.52
CA ASP C 90 -91.66 37.20 -4.86
C ASP C 90 -90.57 37.57 -5.87
N ASN C 91 -90.52 36.87 -7.00
CA ASN C 91 -89.57 37.21 -8.05
C ASN C 91 -90.19 38.13 -9.10
N LYS C 92 -91.23 38.88 -8.72
CA LYS C 92 -91.94 39.88 -9.54
C LYS C 92 -92.37 39.35 -10.91
N LYS C 93 -92.89 38.12 -10.95
CA LYS C 93 -93.51 37.57 -12.16
C LYS C 93 -94.99 37.28 -11.91
N THR C 94 -95.78 37.39 -12.97
CA THR C 94 -97.22 37.22 -12.88
C THR C 94 -97.70 35.87 -13.42
N ARG C 95 -96.81 34.95 -13.75
CA ARG C 95 -97.19 33.71 -14.40
C ARG C 95 -96.56 32.55 -13.64
N ILE C 96 -97.30 31.44 -13.53
CA ILE C 96 -96.78 30.27 -12.82
C ILE C 96 -95.71 29.59 -13.64
N ILE C 97 -94.56 29.36 -13.01
CA ILE C 97 -93.38 28.81 -13.68
C ILE C 97 -92.98 27.54 -12.93
N PRO C 98 -92.47 26.51 -13.61
CA PRO C 98 -91.97 25.33 -12.89
C PRO C 98 -90.85 25.62 -11.91
N ARG C 99 -90.03 26.63 -12.17
CA ARG C 99 -89.06 27.09 -11.17
C ARG C 99 -89.76 27.53 -9.89
N HIS C 100 -90.90 28.23 -10.03
CA HIS C 100 -91.68 28.60 -8.86
C HIS C 100 -92.22 27.37 -8.15
N LEU C 101 -92.61 26.34 -8.90
CA LEU C 101 -93.09 25.10 -8.31
C LEU C 101 -92.01 24.41 -7.49
N GLN C 102 -90.78 24.37 -8.03
CA GLN C 102 -89.65 23.81 -7.30
C GLN C 102 -89.38 24.60 -6.02
N LEU C 103 -89.32 25.93 -6.14
CA LEU C 103 -88.95 26.77 -5.00
C LEU C 103 -90.06 26.78 -3.95
N ALA C 104 -91.28 26.45 -4.35
CA ALA C 104 -92.37 26.39 -3.37
C ALA C 104 -92.46 25.03 -2.69
N ILE C 105 -92.58 23.97 -3.50
CA ILE C 105 -92.83 22.63 -2.94
C ILE C 105 -91.59 22.13 -2.19
N ARG C 106 -90.40 22.34 -2.76
CA ARG C 106 -89.18 21.91 -2.09
C ARG C 106 -88.87 22.74 -0.84
N ASN C 107 -89.52 23.89 -0.67
CA ASN C 107 -89.36 24.65 0.56
C ASN C 107 -90.48 24.42 1.56
N ASP C 108 -91.44 23.54 1.27
CA ASP C 108 -92.39 23.08 2.26
C ASP C 108 -92.00 21.66 2.65
N GLU C 109 -91.58 21.50 3.91
CA GLU C 109 -90.94 20.26 4.35
C GLU C 109 -91.92 19.08 4.33
N GLU C 110 -93.19 19.32 4.62
CA GLU C 110 -94.16 18.23 4.56
C GLU C 110 -94.52 17.89 3.12
N LEU C 111 -94.63 18.90 2.26
CA LEU C 111 -94.69 18.62 0.82
C LEU C 111 -93.38 18.03 0.32
N ASN C 112 -92.26 18.40 0.95
CA ASN C 112 -90.97 17.87 0.54
C ASN C 112 -90.89 16.36 0.76
N LYS C 113 -91.19 15.89 1.97
CA LYS C 113 -91.10 14.46 2.21
C LYS C 113 -92.35 13.75 1.72
N LEU C 114 -93.40 14.51 1.37
CA LEU C 114 -94.47 13.94 0.58
C LEU C 114 -94.01 13.61 -0.84
N LEU C 115 -93.12 14.44 -1.38
CA LEU C 115 -92.67 14.35 -2.77
C LEU C 115 -91.16 14.28 -2.89
N GLY C 116 -90.51 13.46 -2.07
CA GLY C 116 -89.04 13.48 -2.03
C GLY C 116 -88.40 12.93 -3.28
N ARG C 117 -88.97 11.88 -3.86
CA ARG C 117 -88.37 11.19 -5.00
C ARG C 117 -88.99 11.62 -6.33
N VAL C 118 -89.58 12.80 -6.38
CA VAL C 118 -90.33 13.26 -7.55
C VAL C 118 -89.55 14.37 -8.23
N THR C 119 -89.40 14.25 -9.55
CA THR C 119 -88.60 15.17 -10.34
C THR C 119 -89.51 16.14 -11.08
N ILE C 120 -89.15 17.42 -11.05
CA ILE C 120 -89.85 18.48 -11.75
C ILE C 120 -89.06 18.84 -13.00
N ALA C 121 -89.71 18.78 -14.16
CA ALA C 121 -89.03 19.10 -15.41
C ALA C 121 -88.75 20.59 -15.51
N GLN C 122 -87.49 20.93 -15.76
CA GLN C 122 -86.97 22.30 -15.83
C GLN C 122 -87.24 23.11 -14.57
N GLY C 123 -87.33 22.44 -13.42
CA GLY C 123 -87.55 23.15 -12.17
C GLY C 123 -86.28 23.72 -11.58
N GLY C 124 -85.12 23.25 -12.03
CA GLY C 124 -83.89 23.67 -11.40
C GLY C 124 -83.72 22.99 -10.04
N VAL C 125 -82.91 23.61 -9.19
CA VAL C 125 -82.64 23.10 -7.86
C VAL C 125 -82.88 24.23 -6.87
N LEU C 126 -83.01 23.85 -5.60
CA LEU C 126 -83.03 24.83 -4.54
C LEU C 126 -81.67 25.52 -4.44
N PRO C 127 -81.64 26.82 -4.17
CA PRO C 127 -80.37 27.48 -3.85
C PRO C 127 -79.83 26.95 -2.53
N ASN C 128 -78.79 26.12 -2.63
CA ASN C 128 -78.25 25.46 -1.45
C ASN C 128 -76.74 25.49 -1.53
N ILE C 129 -76.12 26.37 -0.76
CA ILE C 129 -74.69 26.38 -0.57
C ILE C 129 -74.40 25.89 0.84
N GLN C 130 -73.47 24.96 0.97
CA GLN C 130 -73.09 24.51 2.30
C GLN C 130 -72.26 25.61 2.95
N ALA C 131 -72.44 25.75 4.27
CA ALA C 131 -71.75 26.80 5.00
C ALA C 131 -70.24 26.59 5.00
N VAL C 132 -69.80 25.34 4.94
CA VAL C 132 -68.38 25.05 4.78
C VAL C 132 -67.86 25.47 3.42
N LEU C 133 -68.72 25.56 2.41
CA LEU C 133 -68.29 26.02 1.10
C LEU C 133 -68.16 27.53 1.01
N LEU C 134 -68.85 28.26 1.87
CA LEU C 134 -68.75 29.71 1.85
C LEU C 134 -67.45 30.17 2.50
N PRO C 135 -66.82 31.23 1.97
CA PRO C 135 -65.54 31.67 2.50
C PRO C 135 -65.69 32.41 3.83
N LYS C 136 -64.55 32.67 4.45
CA LYS C 136 -64.51 33.40 5.72
C LYS C 136 -64.90 34.86 5.52
N LYS D 31 -110.68 16.75 -36.46
CA LYS D 31 -110.23 16.85 -35.07
C LYS D 31 -109.46 15.60 -34.65
N ARG D 32 -109.16 15.52 -33.37
CA ARG D 32 -108.50 14.36 -32.77
C ARG D 32 -109.35 13.84 -31.63
N SER D 33 -108.88 12.76 -31.01
CA SER D 33 -109.56 12.20 -29.85
C SER D 33 -109.41 13.13 -28.65
N ARG D 34 -110.50 13.34 -27.93
CA ARG D 34 -110.43 14.12 -26.70
C ARG D 34 -109.65 13.36 -25.64
N LYS D 35 -108.63 14.01 -25.09
CA LYS D 35 -107.84 13.46 -23.99
C LYS D 35 -108.20 14.25 -22.75
N GLU D 36 -108.54 13.55 -21.67
CA GLU D 36 -108.89 14.26 -20.45
C GLU D 36 -107.65 14.82 -19.78
N SER D 37 -107.76 16.05 -19.30
CA SER D 37 -106.70 16.71 -18.56
C SER D 37 -107.35 17.52 -17.45
N TYR D 38 -106.51 18.04 -16.57
CA TYR D 38 -106.99 18.82 -15.44
C TYR D 38 -106.77 20.32 -15.61
N SER D 39 -106.90 20.83 -16.84
CA SER D 39 -106.63 22.24 -17.10
C SER D 39 -107.62 23.15 -16.38
N VAL D 40 -108.91 22.89 -16.57
CA VAL D 40 -109.91 23.88 -16.16
C VAL D 40 -110.09 23.87 -14.64
N TYR D 41 -109.93 22.71 -13.99
CA TYR D 41 -110.19 22.64 -12.56
C TYR D 41 -109.06 23.30 -11.79
N VAL D 42 -107.83 23.06 -12.24
CA VAL D 42 -106.67 23.76 -11.69
C VAL D 42 -106.79 25.26 -11.95
N TYR D 43 -107.32 25.63 -13.12
CA TYR D 43 -107.46 27.06 -13.40
C TYR D 43 -108.53 27.71 -12.53
N LYS D 44 -109.64 27.02 -12.28
CA LYS D 44 -110.66 27.52 -11.37
C LYS D 44 -110.11 27.67 -9.97
N VAL D 45 -109.36 26.68 -9.49
CA VAL D 45 -108.78 26.73 -8.16
C VAL D 45 -107.73 27.83 -8.08
N LEU D 46 -106.98 28.04 -9.16
CA LEU D 46 -106.00 29.10 -9.22
C LEU D 46 -106.67 30.47 -9.12
N LYS D 47 -107.78 30.66 -9.85
CA LYS D 47 -108.51 31.92 -9.74
C LYS D 47 -109.18 32.06 -8.39
N GLN D 48 -109.46 30.95 -7.70
CA GLN D 48 -109.87 31.04 -6.30
C GLN D 48 -108.74 31.58 -5.42
N VAL D 49 -107.51 31.09 -5.63
CA VAL D 49 -106.44 31.48 -4.72
C VAL D 49 -105.67 32.69 -5.24
N HIS D 50 -105.65 32.90 -6.56
CA HIS D 50 -104.90 33.99 -7.17
C HIS D 50 -105.63 34.42 -8.43
N PRO D 51 -106.58 35.35 -8.32
CA PRO D 51 -107.30 35.80 -9.52
C PRO D 51 -106.42 36.52 -10.53
N ASP D 52 -105.30 37.07 -10.09
CA ASP D 52 -104.53 38.01 -10.89
C ASP D 52 -103.48 37.36 -11.79
N THR D 53 -103.11 36.11 -11.56
CA THR D 53 -101.90 35.56 -12.18
C THR D 53 -102.21 34.68 -13.38
N GLY D 54 -101.17 34.42 -14.17
CA GLY D 54 -101.20 33.47 -15.24
C GLY D 54 -100.45 32.20 -14.91
N ILE D 55 -100.38 31.30 -15.89
CA ILE D 55 -99.77 29.99 -15.69
C ILE D 55 -99.12 29.54 -17.01
N SER D 56 -97.95 28.90 -16.90
CA SER D 56 -97.32 28.31 -18.07
C SER D 56 -97.86 26.91 -18.32
N SER D 57 -97.84 26.50 -19.59
CA SER D 57 -98.34 25.18 -19.95
C SER D 57 -97.42 24.07 -19.45
N LYS D 58 -96.12 24.36 -19.33
CA LYS D 58 -95.20 23.36 -18.79
C LYS D 58 -95.51 23.08 -17.32
N ALA D 59 -95.72 24.15 -16.55
CA ALA D 59 -96.15 24.00 -15.17
C ALA D 59 -97.52 23.34 -15.11
N MET D 60 -98.38 23.62 -16.10
CA MET D 60 -99.70 23.00 -16.15
C MET D 60 -99.62 21.49 -16.32
N GLY D 61 -98.74 21.03 -17.21
CA GLY D 61 -98.51 19.60 -17.34
C GLY D 61 -97.92 19.00 -16.08
N ILE D 62 -97.08 19.78 -15.38
CA ILE D 62 -96.52 19.31 -14.11
C ILE D 62 -97.63 19.09 -13.08
N MET D 63 -98.58 20.02 -12.97
CA MET D 63 -99.67 19.79 -12.03
C MET D 63 -100.63 18.71 -12.49
N ASN D 64 -100.74 18.49 -13.81
CA ASN D 64 -101.49 17.32 -14.27
C ASN D 64 -100.82 16.03 -13.81
N SER D 65 -99.49 15.96 -13.95
CA SER D 65 -98.73 14.81 -13.47
C SER D 65 -98.85 14.68 -11.95
N PHE D 66 -98.87 15.81 -11.24
CA PHE D 66 -99.02 15.81 -9.79
C PHE D 66 -100.35 15.21 -9.37
N VAL D 67 -101.45 15.71 -9.93
CA VAL D 67 -102.75 15.23 -9.51
C VAL D 67 -102.94 13.77 -9.91
N ASN D 68 -102.41 13.37 -11.06
CA ASN D 68 -102.50 11.97 -11.46
C ASN D 68 -101.67 11.08 -10.54
N ASP D 69 -100.47 11.56 -10.16
CA ASP D 69 -99.55 10.77 -9.34
C ASP D 69 -100.09 10.60 -7.93
N ILE D 70 -100.55 11.68 -7.32
CA ILE D 70 -101.09 11.58 -5.97
C ILE D 70 -102.41 10.81 -5.96
N PHE D 71 -103.22 10.97 -7.02
CA PHE D 71 -104.41 10.15 -7.17
C PHE D 71 -104.06 8.67 -7.23
N GLU D 72 -102.98 8.34 -7.94
CA GLU D 72 -102.55 6.95 -8.02
C GLU D 72 -102.02 6.44 -6.69
N ARG D 73 -101.27 7.27 -5.96
CA ARG D 73 -100.76 6.87 -4.64
C ARG D 73 -101.90 6.57 -3.69
N ILE D 74 -102.86 7.50 -3.59
CA ILE D 74 -103.97 7.33 -2.66
C ILE D 74 -104.86 6.16 -3.09
N ALA D 75 -105.05 6.00 -4.41
CA ALA D 75 -105.88 4.90 -4.92
C ALA D 75 -105.26 3.55 -4.61
N GLY D 76 -103.94 3.41 -4.84
CA GLY D 76 -103.28 2.16 -4.52
C GLY D 76 -103.25 1.89 -3.03
N GLU D 77 -103.07 2.93 -2.21
CA GLU D 77 -103.07 2.74 -0.77
C GLU D 77 -104.44 2.31 -0.27
N ALA D 78 -105.50 2.92 -0.81
CA ALA D 78 -106.86 2.53 -0.45
C ALA D 78 -107.16 1.11 -0.87
N SER D 79 -106.64 0.70 -2.03
CA SER D 79 -106.78 -0.69 -2.44
C SER D 79 -106.05 -1.63 -1.48
N ARG D 80 -104.86 -1.22 -1.02
CA ARG D 80 -104.12 -2.02 -0.04
C ARG D 80 -104.90 -2.20 1.25
N LEU D 81 -105.47 -1.11 1.76
CA LEU D 81 -106.19 -1.19 3.03
C LEU D 81 -107.52 -1.92 2.88
N ALA D 82 -108.17 -1.78 1.73
CA ALA D 82 -109.38 -2.57 1.48
C ALA D 82 -109.05 -4.05 1.39
N HIS D 83 -107.87 -4.38 0.87
CA HIS D 83 -107.38 -5.75 0.92
C HIS D 83 -107.13 -6.20 2.35
N TYR D 84 -106.54 -5.33 3.18
CA TYR D 84 -106.14 -5.74 4.53
C TYR D 84 -107.36 -5.95 5.41
N ASN D 85 -108.38 -5.14 5.23
CA ASN D 85 -109.62 -5.27 5.97
C ASN D 85 -110.63 -6.15 5.26
N LYS D 86 -110.23 -6.72 4.12
CA LYS D 86 -111.06 -7.62 3.31
C LYS D 86 -112.35 -6.92 2.89
N ARG D 87 -112.23 -5.65 2.53
CA ARG D 87 -113.37 -4.83 2.17
C ARG D 87 -113.47 -4.74 0.66
N SER D 88 -114.63 -5.12 0.13
CA SER D 88 -114.91 -5.07 -1.29
C SER D 88 -115.19 -3.66 -1.78
N THR D 89 -115.34 -2.69 -0.87
CA THR D 89 -115.69 -1.32 -1.23
C THR D 89 -114.76 -0.36 -0.49
N ILE D 90 -114.19 0.58 -1.22
CA ILE D 90 -113.36 1.62 -0.63
C ILE D 90 -114.24 2.83 -0.34
N THR D 91 -114.32 3.20 0.94
CA THR D 91 -115.14 4.33 1.37
C THR D 91 -114.25 5.48 1.78
N SER D 92 -114.89 6.59 2.17
CA SER D 92 -114.14 7.76 2.63
C SER D 92 -113.43 7.50 3.94
N ARG D 93 -113.88 6.49 4.70
CA ARG D 93 -113.10 6.01 5.82
C ARG D 93 -111.75 5.48 5.37
N GLU D 94 -111.74 4.66 4.31
CA GLU D 94 -110.49 4.13 3.77
C GLU D 94 -109.62 5.23 3.20
N ILE D 95 -110.24 6.18 2.49
CA ILE D 95 -109.51 7.29 1.90
C ILE D 95 -108.90 8.15 3.00
N GLN D 96 -109.67 8.38 4.08
CA GLN D 96 -109.17 9.15 5.21
C GLN D 96 -108.01 8.45 5.90
N THR D 97 -108.10 7.12 6.00
CA THR D 97 -106.99 6.34 6.54
C THR D 97 -105.75 6.50 5.68
N ALA D 98 -105.92 6.44 4.35
CA ALA D 98 -104.80 6.58 3.44
C ALA D 98 -104.20 7.99 3.52
N VAL D 99 -105.05 9.00 3.69
CA VAL D 99 -104.57 10.36 3.87
C VAL D 99 -103.76 10.47 5.15
N ARG D 100 -104.26 9.90 6.24
CA ARG D 100 -103.55 9.94 7.51
C ARG D 100 -102.24 9.16 7.43
N LEU D 101 -102.18 8.17 6.55
CA LEU D 101 -100.91 7.50 6.30
C LEU D 101 -99.95 8.39 5.52
N LEU D 102 -100.35 8.83 4.32
CA LEU D 102 -99.41 9.47 3.42
C LEU D 102 -99.16 10.92 3.80
N LEU D 103 -100.20 11.65 4.08
CA LEU D 103 -100.04 13.08 4.27
C LEU D 103 -99.43 13.36 5.64
N PRO D 104 -98.48 14.29 5.70
CA PRO D 104 -97.80 14.58 6.97
C PRO D 104 -98.53 15.60 7.81
N GLY D 105 -98.84 15.21 9.06
CA GLY D 105 -99.25 16.12 10.11
C GLY D 105 -100.40 17.06 9.85
N GLU D 106 -100.08 18.36 9.80
CA GLU D 106 -101.12 19.37 9.59
C GLU D 106 -101.72 19.28 8.20
N LEU D 107 -100.95 18.84 7.20
CA LEU D 107 -101.53 18.57 5.89
C LEU D 107 -102.61 17.51 6.00
N ALA D 108 -102.32 16.45 6.76
CA ALA D 108 -103.29 15.38 6.95
C ALA D 108 -104.53 15.86 7.69
N LYS D 109 -104.37 16.63 8.76
CA LYS D 109 -105.54 16.99 9.56
C LYS D 109 -106.37 18.08 8.88
N HIS D 110 -105.74 19.01 8.17
CA HIS D 110 -106.55 19.97 7.44
C HIS D 110 -107.16 19.34 6.20
N ALA D 111 -106.53 18.32 5.63
CA ALA D 111 -107.18 17.55 4.59
C ALA D 111 -108.40 16.82 5.15
N VAL D 112 -108.28 16.30 6.36
CA VAL D 112 -109.40 15.67 7.04
C VAL D 112 -110.53 16.68 7.24
N SER D 113 -110.18 17.88 7.67
CA SER D 113 -111.17 18.94 7.89
C SER D 113 -111.85 19.34 6.59
N GLU D 114 -111.07 19.51 5.52
CA GLU D 114 -111.62 19.93 4.24
C GLU D 114 -112.53 18.85 3.66
N GLY D 115 -112.07 17.60 3.68
CA GLY D 115 -112.89 16.51 3.18
C GLY D 115 -114.12 16.27 4.02
N THR D 116 -114.01 16.48 5.33
CA THR D 116 -115.16 16.33 6.21
C THR D 116 -116.20 17.41 5.93
N LYS D 117 -115.75 18.65 5.77
CA LYS D 117 -116.66 19.73 5.41
C LYS D 117 -117.31 19.48 4.07
N ALA D 118 -116.53 18.99 3.10
CA ALA D 118 -117.06 18.71 1.78
C ALA D 118 -118.06 17.57 1.80
N VAL D 119 -117.80 16.52 2.59
CA VAL D 119 -118.69 15.38 2.59
C VAL D 119 -119.94 15.70 3.40
N THR D 120 -119.85 16.64 4.34
CA THR D 120 -121.06 17.09 5.00
C THR D 120 -121.91 17.94 4.07
N LYS D 121 -121.28 18.78 3.26
CA LYS D 121 -122.03 19.59 2.31
C LYS D 121 -122.67 18.71 1.23
N TYR D 122 -121.93 17.71 0.74
CA TYR D 122 -122.49 16.83 -0.28
C TYR D 122 -123.53 15.90 0.32
N THR D 123 -123.34 15.50 1.58
CA THR D 123 -124.36 14.72 2.28
C THR D 123 -125.62 15.55 2.47
N SER D 124 -125.45 16.84 2.75
CA SER D 124 -126.57 17.78 2.78
C SER D 124 -126.88 18.36 1.40
N ALA D 125 -126.30 17.77 0.34
CA ALA D 125 -126.50 18.17 -1.05
C ALA D 125 -126.18 19.64 -1.31
N LYS E 38 -52.30 44.59 -16.05
CA LYS E 38 -52.50 43.18 -15.72
C LYS E 38 -53.94 42.75 -15.97
N PRO E 39 -54.11 41.72 -16.80
CA PRO E 39 -55.46 41.19 -17.05
C PRO E 39 -56.07 40.60 -15.79
N HIS E 40 -57.40 40.68 -15.70
CA HIS E 40 -58.07 40.28 -14.49
C HIS E 40 -58.19 38.76 -14.41
N ARG E 41 -58.04 38.23 -13.19
CA ARG E 41 -58.07 36.80 -12.95
C ARG E 41 -58.64 36.57 -11.55
N TYR E 42 -59.51 35.58 -11.42
CA TYR E 42 -60.18 35.32 -10.15
C TYR E 42 -59.45 34.24 -9.37
N ARG E 43 -59.57 34.28 -8.04
CA ARG E 43 -59.01 33.23 -7.20
C ARG E 43 -59.80 31.93 -7.35
N PRO E 44 -59.16 30.78 -7.10
CA PRO E 44 -59.85 29.49 -7.32
C PRO E 44 -61.06 29.32 -6.42
N GLY E 45 -62.10 28.73 -6.98
CA GLY E 45 -63.37 28.57 -6.32
C GLY E 45 -64.35 29.69 -6.59
N THR E 46 -63.85 30.90 -6.88
CA THR E 46 -64.74 32.05 -7.07
C THR E 46 -65.62 31.88 -8.29
N VAL E 47 -65.01 31.53 -9.43
CA VAL E 47 -65.82 31.23 -10.62
C VAL E 47 -66.58 29.94 -10.42
N ALA E 48 -66.00 28.99 -9.67
CA ALA E 48 -66.73 27.79 -9.30
C ALA E 48 -67.97 28.15 -8.48
N LEU E 49 -67.83 29.06 -7.52
CA LEU E 49 -68.97 29.45 -6.71
C LEU E 49 -69.97 30.27 -7.51
N ARG E 50 -69.50 31.12 -8.40
CA ARG E 50 -70.40 31.89 -9.25
C ARG E 50 -71.19 30.98 -10.17
N GLU E 51 -70.54 29.98 -10.74
CA GLU E 51 -71.23 28.96 -11.51
C GLU E 51 -72.23 28.21 -10.64
N ILE E 52 -71.84 27.89 -9.40
CA ILE E 52 -72.74 27.21 -8.47
C ILE E 52 -73.99 28.03 -8.26
N ARG E 53 -73.82 29.32 -7.97
CA ARG E 53 -74.96 30.21 -7.76
C ARG E 53 -75.80 30.35 -9.01
N ARG E 54 -75.17 30.45 -10.18
CA ARG E 54 -75.91 30.72 -11.40
C ARG E 54 -76.73 29.51 -11.82
N TYR E 55 -76.14 28.31 -11.79
CA TYR E 55 -76.94 27.15 -12.15
C TYR E 55 -77.83 26.64 -11.02
N GLN E 56 -77.60 27.05 -9.78
CA GLN E 56 -78.68 26.89 -8.81
C GLN E 56 -79.81 27.86 -9.09
N LYS E 57 -79.50 29.08 -9.52
CA LYS E 57 -80.53 29.98 -9.97
C LYS E 57 -81.14 29.54 -11.28
N SER E 58 -80.32 29.18 -12.26
CA SER E 58 -80.85 28.84 -13.57
C SER E 58 -81.41 27.42 -13.55
N THR E 59 -82.27 27.13 -14.53
CA THR E 59 -82.95 25.85 -14.58
C THR E 59 -82.68 25.04 -15.84
N GLU E 60 -81.89 25.56 -16.78
CA GLU E 60 -81.75 24.93 -18.09
C GLU E 60 -80.86 23.69 -18.03
N LEU E 61 -80.92 22.90 -19.11
CA LEU E 61 -80.05 21.76 -19.28
C LEU E 61 -78.61 22.21 -19.51
N LEU E 62 -77.67 21.48 -18.90
CA LEU E 62 -76.26 21.82 -18.99
C LEU E 62 -75.49 20.94 -19.97
N ILE E 63 -76.15 19.94 -20.55
CA ILE E 63 -75.51 19.05 -21.52
C ILE E 63 -76.09 19.36 -22.90
N ARG E 64 -75.25 19.29 -23.93
CA ARG E 64 -75.70 19.41 -25.31
C ARG E 64 -76.69 18.30 -25.64
N LYS E 65 -77.80 18.66 -26.29
CA LYS E 65 -78.90 17.73 -26.46
C LYS E 65 -78.61 16.69 -27.54
N LEU E 66 -77.89 17.08 -28.59
CA LEU E 66 -77.70 16.20 -29.74
C LEU E 66 -76.68 15.08 -29.50
N PRO E 67 -75.51 15.30 -28.86
CA PRO E 67 -74.69 14.13 -28.46
C PRO E 67 -75.40 13.22 -27.48
N PHE E 68 -76.21 13.80 -26.60
CA PHE E 68 -77.04 13.00 -25.72
C PHE E 68 -78.00 12.13 -26.51
N GLN E 69 -78.61 12.71 -27.56
CA GLN E 69 -79.51 11.97 -28.41
C GLN E 69 -78.80 10.83 -29.13
N ARG E 70 -77.59 11.10 -29.63
CA ARG E 70 -76.82 10.06 -30.30
C ARG E 70 -76.41 8.95 -29.33
N LEU E 71 -76.08 9.32 -28.09
CA LEU E 71 -75.79 8.32 -27.06
C LEU E 71 -77.01 7.46 -26.76
N VAL E 72 -78.19 8.10 -26.68
CA VAL E 72 -79.44 7.37 -26.48
C VAL E 72 -79.66 6.37 -27.60
N ARG E 73 -79.42 6.79 -28.85
CA ARG E 73 -79.64 5.89 -29.97
C ARG E 73 -78.61 4.76 -30.02
N GLU E 74 -77.35 5.04 -29.68
CA GLU E 74 -76.34 4.00 -29.78
C GLU E 74 -76.49 2.98 -28.65
N ILE E 75 -77.07 3.40 -27.52
CA ILE E 75 -77.34 2.41 -26.49
C ILE E 75 -78.67 1.73 -26.76
N ALA E 76 -79.54 2.37 -27.52
CA ALA E 76 -80.76 1.71 -27.98
C ALA E 76 -80.45 0.55 -28.90
N GLN E 77 -79.57 0.77 -29.89
CA GLN E 77 -79.20 -0.31 -30.79
C GLN E 77 -78.37 -1.39 -30.09
N ASP E 78 -77.82 -1.08 -28.91
CA ASP E 78 -77.24 -2.12 -28.06
C ASP E 78 -78.30 -3.05 -27.48
N PHE E 79 -79.56 -2.62 -27.42
CA PHE E 79 -80.66 -3.49 -27.03
C PHE E 79 -81.54 -3.86 -28.21
N LYS E 80 -81.91 -2.88 -29.03
CA LYS E 80 -82.69 -3.14 -30.23
C LYS E 80 -82.27 -2.16 -31.32
N THR E 81 -81.85 -2.69 -32.46
CA THR E 81 -81.36 -1.85 -33.53
C THR E 81 -82.50 -1.09 -34.21
N ASP E 82 -82.13 0.03 -34.83
CA ASP E 82 -83.02 0.86 -35.66
C ASP E 82 -84.23 1.37 -34.90
N LEU E 83 -84.06 1.69 -33.62
CA LEU E 83 -85.14 2.33 -32.88
C LEU E 83 -85.23 3.81 -33.23
N ARG E 84 -86.43 4.35 -33.13
CA ARG E 84 -86.68 5.77 -33.33
C ARG E 84 -87.15 6.38 -32.01
N PHE E 85 -86.80 7.64 -31.80
CA PHE E 85 -87.05 8.30 -30.53
C PHE E 85 -87.77 9.62 -30.77
N GLN E 86 -88.88 9.79 -30.06
CA GLN E 86 -89.51 11.10 -29.97
C GLN E 86 -88.56 12.06 -29.28
N SER E 87 -88.51 13.29 -29.76
CA SER E 87 -87.62 14.29 -29.17
C SER E 87 -87.99 14.55 -27.71
N SER E 88 -89.30 14.55 -27.42
CA SER E 88 -89.77 14.68 -26.06
C SER E 88 -89.25 13.56 -25.17
N ALA E 89 -89.15 12.34 -25.71
CA ALA E 89 -88.54 11.24 -24.96
C ALA E 89 -87.07 11.51 -24.69
N VAL E 90 -86.38 12.11 -25.66
CA VAL E 90 -84.95 12.41 -25.50
C VAL E 90 -84.75 13.44 -24.39
N MET E 91 -85.52 14.54 -24.41
CA MET E 91 -85.36 15.52 -23.35
C MET E 91 -85.90 15.01 -22.01
N ALA E 92 -86.93 14.14 -22.02
CA ALA E 92 -87.44 13.60 -20.78
C ALA E 92 -86.38 12.73 -20.10
N LEU E 93 -85.76 11.83 -20.89
CA LEU E 93 -84.59 11.10 -20.44
C LEU E 93 -83.49 12.03 -19.99
N GLN E 94 -83.37 13.20 -20.64
CA GLN E 94 -82.34 14.14 -20.24
C GLN E 94 -82.60 14.68 -18.84
N GLU E 95 -83.72 15.39 -18.62
CA GLU E 95 -83.97 16.01 -17.31
C GLU E 95 -84.00 14.96 -16.20
N ALA E 96 -84.44 13.74 -16.52
CA ALA E 96 -84.27 12.64 -15.58
C ALA E 96 -82.80 12.36 -15.29
N SER E 97 -81.95 12.39 -16.33
CA SER E 97 -80.54 12.08 -16.14
C SER E 97 -79.86 13.14 -15.28
N GLU E 98 -80.04 14.43 -15.62
CA GLU E 98 -79.36 15.45 -14.80
C GLU E 98 -79.94 15.53 -13.39
N ALA E 99 -81.23 15.22 -13.19
CA ALA E 99 -81.76 15.20 -11.84
C ALA E 99 -81.15 14.08 -11.01
N TYR E 100 -81.04 12.89 -11.60
CA TYR E 100 -80.37 11.78 -10.94
C TYR E 100 -78.94 12.15 -10.61
N LEU E 101 -78.24 12.77 -11.57
CA LEU E 101 -76.85 13.15 -11.38
C LEU E 101 -76.70 14.16 -10.24
N VAL E 102 -77.53 15.21 -10.21
CA VAL E 102 -77.41 16.24 -9.18
C VAL E 102 -77.75 15.66 -7.81
N GLY E 103 -78.69 14.72 -7.75
CA GLY E 103 -78.91 14.02 -6.48
C GLY E 103 -77.68 13.27 -6.00
N LEU E 104 -77.02 12.56 -6.92
CA LEU E 104 -75.78 11.88 -6.56
C LEU E 104 -74.70 12.87 -6.14
N PHE E 105 -74.62 14.04 -6.79
CA PHE E 105 -73.56 14.97 -6.41
C PHE E 105 -73.85 15.68 -5.11
N GLU E 106 -75.12 15.91 -4.78
CA GLU E 106 -75.44 16.43 -3.45
C GLU E 106 -75.01 15.42 -2.39
N ASP E 107 -75.29 14.14 -2.62
CA ASP E 107 -74.80 13.11 -1.70
C ASP E 107 -73.28 13.07 -1.67
N THR E 108 -72.66 13.34 -2.83
CA THR E 108 -71.20 13.36 -2.91
C THR E 108 -70.61 14.48 -2.07
N ASN E 109 -71.21 15.67 -2.14
CA ASN E 109 -70.76 16.78 -1.30
C ASN E 109 -70.99 16.49 0.18
N LEU E 110 -72.10 15.82 0.51
CA LEU E 110 -72.34 15.43 1.89
C LEU E 110 -71.25 14.50 2.40
N ALA E 111 -70.87 13.51 1.58
CA ALA E 111 -69.79 12.62 1.97
C ALA E 111 -68.46 13.35 2.06
N ALA E 112 -68.21 14.29 1.13
CA ALA E 112 -66.92 14.97 1.08
C ALA E 112 -66.74 15.91 2.26
N ILE E 113 -67.80 16.61 2.65
CA ILE E 113 -67.69 17.42 3.86
C ILE E 113 -67.67 16.50 5.07
N HIS E 114 -68.27 15.31 4.94
CA HIS E 114 -68.11 14.32 5.99
C HIS E 114 -66.72 13.70 5.94
N ALA E 115 -66.11 13.68 4.76
CA ALA E 115 -64.69 13.37 4.64
C ALA E 115 -63.82 14.58 4.89
N LYS E 116 -64.39 15.66 5.43
CA LYS E 116 -63.70 16.89 5.80
C LYS E 116 -63.04 17.57 4.61
N ARG E 117 -63.54 17.36 3.40
CA ARG E 117 -62.85 17.80 2.20
C ARG E 117 -63.67 18.83 1.42
N VAL E 118 -62.95 19.55 0.55
CA VAL E 118 -63.60 20.40 -0.44
C VAL E 118 -63.51 19.84 -1.85
N THR E 119 -62.54 18.98 -2.14
CA THR E 119 -62.47 18.31 -3.42
C THR E 119 -63.02 16.90 -3.29
N ILE E 120 -63.93 16.56 -4.17
CA ILE E 120 -64.50 15.21 -4.18
C ILE E 120 -63.59 14.28 -4.96
N MET E 121 -63.58 13.02 -4.54
CA MET E 121 -62.92 11.93 -5.23
C MET E 121 -63.96 10.84 -5.49
N PRO E 122 -63.75 9.97 -6.48
CA PRO E 122 -64.81 9.00 -6.86
C PRO E 122 -65.28 8.07 -5.76
N LYS E 123 -64.45 7.80 -4.76
CA LYS E 123 -64.86 6.94 -3.64
C LYS E 123 -66.01 7.54 -2.87
N ASP E 124 -66.17 8.87 -2.89
CA ASP E 124 -67.36 9.51 -2.35
C ASP E 124 -68.61 9.04 -3.08
N ILE E 125 -68.54 9.03 -4.42
CA ILE E 125 -69.68 8.64 -5.23
C ILE E 125 -69.98 7.15 -5.06
N GLN E 126 -68.92 6.33 -5.01
CA GLN E 126 -69.12 4.89 -4.81
C GLN E 126 -69.74 4.64 -3.44
N LEU E 127 -69.28 5.36 -2.42
CA LEU E 127 -69.87 5.27 -1.09
C LEU E 127 -71.34 5.64 -1.11
N ALA E 128 -71.68 6.77 -1.75
CA ALA E 128 -73.06 7.23 -1.78
C ALA E 128 -73.94 6.26 -2.56
N ARG E 129 -73.40 5.68 -3.62
CA ARG E 129 -74.10 4.68 -4.39
C ARG E 129 -74.39 3.44 -3.56
N ARG E 130 -73.45 3.05 -2.68
CA ARG E 130 -73.74 1.95 -1.77
C ARG E 130 -74.76 2.35 -0.71
N ILE E 131 -74.71 3.61 -0.26
CA ILE E 131 -75.66 4.08 0.78
C ILE E 131 -77.08 4.06 0.24
N ARG E 132 -77.27 4.47 -1.02
CA ARG E 132 -78.60 4.44 -1.62
C ARG E 132 -79.10 3.03 -1.88
N GLY E 133 -78.24 2.02 -1.70
CA GLY E 133 -78.65 0.65 -1.91
C GLY E 133 -78.51 0.18 -3.32
N GLU E 134 -77.42 0.53 -3.99
CA GLU E 134 -77.30 0.27 -5.42
C GLU E 134 -76.12 -0.63 -5.74
N LYS F 21 -73.57 3.32 -40.10
CA LYS F 21 -74.87 3.01 -39.52
C LYS F 21 -74.81 3.01 -38.00
N VAL F 22 -73.93 2.20 -37.44
CA VAL F 22 -73.79 2.11 -36.00
C VAL F 22 -72.90 3.24 -35.48
N LEU F 23 -73.02 3.50 -34.18
CA LEU F 23 -72.19 4.51 -33.50
C LEU F 23 -71.41 3.81 -32.40
N ARG F 24 -70.18 4.26 -32.19
CA ARG F 24 -69.32 3.57 -31.25
C ARG F 24 -69.03 4.37 -29.98
N ASP F 25 -68.96 5.69 -30.07
CA ASP F 25 -68.59 6.51 -28.91
C ASP F 25 -69.38 7.81 -28.92
N ASN F 26 -70.46 7.84 -28.15
CA ASN F 26 -71.16 9.08 -27.84
C ASN F 26 -71.32 9.31 -26.35
N ILE F 27 -70.82 8.39 -25.52
CA ILE F 27 -70.71 8.66 -24.09
C ILE F 27 -69.70 9.77 -23.82
N GLN F 28 -68.73 9.95 -24.73
CA GLN F 28 -67.92 11.14 -24.78
C GLN F 28 -68.72 12.41 -25.01
N GLY F 29 -69.88 12.31 -25.65
CA GLY F 29 -70.70 13.47 -25.93
C GLY F 29 -71.31 14.11 -24.70
N ILE F 30 -71.38 13.39 -23.58
CA ILE F 30 -71.66 13.98 -22.28
C ILE F 30 -70.33 14.56 -21.83
N THR F 31 -70.09 15.82 -22.21
CA THR F 31 -68.75 16.37 -22.15
C THR F 31 -68.34 16.71 -20.72
N LYS F 32 -67.03 16.84 -20.54
CA LYS F 32 -66.45 17.20 -19.25
C LYS F 32 -66.92 18.55 -18.71
N PRO F 33 -66.98 19.65 -19.48
CA PRO F 33 -67.57 20.88 -18.92
C PRO F 33 -69.05 20.75 -18.57
N ALA F 34 -69.80 19.90 -19.28
CA ALA F 34 -71.19 19.66 -18.89
C ALA F 34 -71.28 19.01 -17.51
N ILE F 35 -70.40 18.04 -17.27
CA ILE F 35 -70.27 17.42 -15.95
C ILE F 35 -69.88 18.47 -14.91
N ARG F 36 -68.97 19.37 -15.29
CA ARG F 36 -68.53 20.43 -14.40
C ARG F 36 -69.67 21.35 -14.02
N ARG F 37 -70.47 21.75 -15.02
CA ARG F 37 -71.61 22.64 -14.77
C ARG F 37 -72.66 21.96 -13.91
N LEU F 38 -72.89 20.66 -14.13
CA LEU F 38 -73.83 19.93 -13.27
C LEU F 38 -73.34 19.87 -11.84
N ALA F 39 -72.04 19.64 -11.65
CA ALA F 39 -71.51 19.60 -10.30
C ALA F 39 -71.54 20.98 -9.66
N ARG F 40 -71.52 22.04 -10.47
CA ARG F 40 -71.83 23.37 -9.94
C ARG F 40 -73.29 23.44 -9.53
N ARG F 41 -74.20 22.89 -10.34
CA ARG F 41 -75.60 22.79 -9.94
C ARG F 41 -75.76 21.81 -8.79
N GLY F 42 -74.94 20.77 -8.77
CA GLY F 42 -74.90 19.87 -7.63
C GLY F 42 -74.13 20.39 -6.45
N GLY F 43 -73.47 21.53 -6.57
CA GLY F 43 -72.81 22.14 -5.44
C GLY F 43 -71.38 21.73 -5.21
N VAL F 44 -70.72 21.12 -6.19
CA VAL F 44 -69.32 20.73 -6.03
C VAL F 44 -68.45 21.91 -6.39
N LYS F 45 -67.54 22.27 -5.47
CA LYS F 45 -66.65 23.39 -5.73
C LYS F 45 -65.36 22.95 -6.40
N ARG F 46 -64.88 21.73 -6.16
CA ARG F 46 -63.65 21.26 -6.76
C ARG F 46 -63.82 19.83 -7.22
N ILE F 47 -63.51 19.58 -8.49
CA ILE F 47 -63.85 18.34 -9.16
C ILE F 47 -62.55 17.69 -9.58
N SER F 48 -62.28 16.49 -9.09
CA SER F 48 -61.07 15.81 -9.53
C SER F 48 -61.17 15.42 -11.00
N GLY F 49 -60.01 15.27 -11.64
CA GLY F 49 -59.98 14.73 -12.98
C GLY F 49 -60.39 13.28 -13.05
N LEU F 50 -60.32 12.58 -11.92
CA LEU F 50 -60.82 11.21 -11.83
C LEU F 50 -62.33 11.13 -11.77
N ILE F 51 -63.00 12.27 -11.53
CA ILE F 51 -64.45 12.28 -11.35
C ILE F 51 -65.18 11.99 -12.65
N TYR F 52 -64.73 12.60 -13.76
CA TYR F 52 -65.55 12.68 -14.97
C TYR F 52 -65.82 11.30 -15.58
N GLU F 53 -64.81 10.43 -15.63
CA GLU F 53 -64.97 9.16 -16.32
C GLU F 53 -65.87 8.21 -15.51
N GLU F 54 -65.73 8.23 -14.18
CA GLU F 54 -66.56 7.35 -13.36
C GLU F 54 -67.98 7.91 -13.23
N THR F 55 -68.16 9.23 -13.26
CA THR F 55 -69.50 9.77 -13.38
C THR F 55 -70.15 9.38 -14.69
N ARG F 56 -69.37 9.39 -15.78
CA ARG F 56 -69.85 8.85 -17.05
C ARG F 56 -70.23 7.39 -16.91
N GLY F 57 -69.44 6.62 -16.16
CA GLY F 57 -69.75 5.22 -15.98
C GLY F 57 -71.04 4.97 -15.21
N VAL F 58 -71.26 5.75 -14.15
CA VAL F 58 -72.42 5.50 -13.32
C VAL F 58 -73.69 6.06 -13.98
N LEU F 59 -73.58 7.17 -14.72
CA LEU F 59 -74.73 7.62 -15.49
C LEU F 59 -75.00 6.64 -16.61
N LYS F 60 -73.94 6.06 -17.17
CA LYS F 60 -74.07 5.03 -18.19
C LYS F 60 -74.86 3.84 -17.65
N VAL F 61 -74.52 3.40 -16.45
CA VAL F 61 -75.24 2.29 -15.82
C VAL F 61 -76.70 2.67 -15.60
N PHE F 62 -76.94 3.88 -15.08
CA PHE F 62 -78.31 4.31 -14.81
C PHE F 62 -79.13 4.41 -16.08
N LEU F 63 -78.54 4.96 -17.14
CA LEU F 63 -79.30 5.11 -18.38
C LEU F 63 -79.57 3.77 -19.01
N GLU F 64 -78.62 2.82 -18.90
CA GLU F 64 -78.87 1.45 -19.33
C GLU F 64 -80.03 0.83 -18.56
N ASN F 65 -80.05 1.04 -17.25
CA ASN F 65 -81.13 0.49 -16.43
C ASN F 65 -82.48 1.09 -16.83
N VAL F 66 -82.49 2.38 -17.13
CA VAL F 66 -83.73 3.03 -17.54
C VAL F 66 -84.15 2.54 -18.92
N ILE F 67 -83.22 2.54 -19.88
CA ILE F 67 -83.58 2.35 -21.26
C ILE F 67 -83.88 0.88 -21.54
N ARG F 68 -83.30 -0.03 -20.74
CA ARG F 68 -83.64 -1.43 -20.87
C ARG F 68 -85.10 -1.66 -20.55
N ASP F 69 -85.56 -1.04 -19.47
CA ASP F 69 -86.97 -1.06 -19.12
C ASP F 69 -87.82 -0.36 -20.18
N ALA F 70 -87.31 0.75 -20.72
CA ALA F 70 -88.07 1.52 -21.70
C ALA F 70 -88.24 0.73 -22.99
N VAL F 71 -87.19 0.06 -23.43
CA VAL F 71 -87.27 -0.84 -24.57
C VAL F 71 -88.21 -2.00 -24.27
N THR F 72 -88.17 -2.54 -23.06
CA THR F 72 -89.07 -3.62 -22.70
C THR F 72 -90.53 -3.18 -22.78
N TYR F 73 -90.80 -1.96 -22.32
CA TYR F 73 -92.09 -1.31 -22.55
C TYR F 73 -92.41 -1.22 -24.03
N THR F 74 -91.40 -0.87 -24.84
CA THR F 74 -91.64 -0.56 -26.25
C THR F 74 -92.04 -1.79 -27.05
N GLU F 75 -91.28 -2.89 -26.96
CA GLU F 75 -91.79 -4.09 -27.61
C GLU F 75 -92.96 -4.71 -26.84
N HIS F 76 -93.17 -4.31 -25.59
CA HIS F 76 -94.45 -4.68 -25.00
C HIS F 76 -95.58 -3.85 -25.61
N ALA F 77 -95.25 -2.66 -26.13
CA ALA F 77 -96.23 -1.82 -26.80
C ALA F 77 -96.37 -2.14 -28.28
N LYS F 78 -95.60 -3.08 -28.81
CA LYS F 78 -95.54 -3.42 -30.23
C LYS F 78 -95.19 -2.22 -31.10
N ARG F 79 -94.40 -1.29 -30.58
CA ARG F 79 -94.03 -0.10 -31.34
C ARG F 79 -92.56 -0.17 -31.74
N LYS F 80 -92.19 0.72 -32.66
CA LYS F 80 -90.81 0.86 -33.09
C LYS F 80 -90.26 2.26 -32.82
N THR F 81 -91.11 3.20 -32.43
CA THR F 81 -90.70 4.54 -32.05
C THR F 81 -90.89 4.71 -30.56
N VAL F 82 -89.83 5.09 -29.86
CA VAL F 82 -89.87 5.21 -28.41
C VAL F 82 -90.59 6.51 -28.04
N THR F 83 -91.56 6.40 -27.13
CA THR F 83 -92.30 7.56 -26.65
C THR F 83 -91.81 7.97 -25.27
N ALA F 84 -92.17 9.20 -24.89
CA ALA F 84 -91.76 9.73 -23.60
C ALA F 84 -92.56 9.08 -22.46
N MET F 85 -93.76 8.59 -22.75
CA MET F 85 -94.65 8.17 -21.69
C MET F 85 -94.16 6.87 -21.06
N ASP F 86 -93.55 6.00 -21.86
CA ASP F 86 -92.92 4.80 -21.33
C ASP F 86 -91.66 5.14 -20.55
N VAL F 87 -90.94 6.20 -20.95
CA VAL F 87 -89.83 6.69 -20.15
C VAL F 87 -90.32 7.12 -18.77
N VAL F 88 -91.49 7.78 -18.73
CA VAL F 88 -92.11 8.14 -17.46
C VAL F 88 -92.45 6.90 -16.65
N TYR F 89 -93.00 5.87 -17.30
CA TYR F 89 -93.32 4.63 -16.61
C TYR F 89 -92.08 3.97 -16.01
N ALA F 90 -90.99 3.92 -16.77
CA ALA F 90 -89.77 3.30 -16.29
C ALA F 90 -89.16 4.09 -15.15
N LEU F 91 -89.20 5.42 -15.23
CA LEU F 91 -88.66 6.24 -14.15
C LEU F 91 -89.50 6.11 -12.89
N LYS F 92 -90.82 6.02 -13.04
CA LYS F 92 -91.70 5.86 -11.88
C LYS F 92 -91.51 4.47 -11.26
N ARG F 93 -91.20 3.47 -12.08
CA ARG F 93 -90.84 2.16 -11.55
C ARG F 93 -89.57 2.24 -10.70
N GLN F 94 -88.55 2.95 -11.19
CA GLN F 94 -87.28 3.01 -10.49
C GLN F 94 -87.23 4.06 -9.39
N GLY F 95 -88.39 4.56 -8.96
CA GLY F 95 -88.41 5.50 -7.85
C GLY F 95 -87.88 6.88 -8.16
N ARG F 96 -87.77 7.23 -9.44
CA ARG F 96 -87.29 8.53 -9.88
C ARG F 96 -88.33 9.19 -10.77
N THR F 97 -89.55 9.26 -10.24
CA THR F 97 -90.71 9.81 -10.95
C THR F 97 -90.48 11.25 -11.38
N LEU F 98 -90.79 11.52 -12.64
CA LEU F 98 -90.57 12.82 -13.28
C LEU F 98 -91.92 13.46 -13.59
N TYR F 99 -92.09 14.71 -13.19
CA TYR F 99 -93.28 15.47 -13.51
C TYR F 99 -93.01 16.32 -14.75
N GLY F 100 -94.01 16.43 -15.61
CA GLY F 100 -93.91 17.28 -16.78
C GLY F 100 -93.97 16.53 -18.11
N PHE F 101 -94.20 15.23 -18.13
CA PHE F 101 -94.27 14.50 -19.38
C PHE F 101 -95.40 13.48 -19.41
N GLY F 102 -96.15 13.32 -18.32
CA GLY F 102 -97.24 12.36 -18.30
C GLY F 102 -98.42 12.83 -19.12
N GLY F 103 -98.99 11.90 -19.87
CA GLY F 103 -100.13 12.20 -20.71
C GLY F 103 -99.77 13.02 -21.94
N ALA G 28 -119.47 -40.07 -18.20
CA ALA G 28 -120.44 -39.01 -17.96
C ALA G 28 -119.75 -37.68 -17.66
N ARG G 29 -118.50 -37.77 -17.21
CA ARG G 29 -117.73 -36.58 -16.87
C ARG G 29 -116.27 -36.83 -17.21
N ALA G 30 -115.57 -35.75 -17.55
CA ALA G 30 -114.12 -35.83 -17.76
C ALA G 30 -113.42 -36.08 -16.43
N LYS G 31 -112.30 -36.81 -16.49
CA LYS G 31 -111.55 -37.13 -15.28
C LYS G 31 -110.89 -35.87 -14.74
N ALA G 32 -110.90 -35.73 -13.42
CA ALA G 32 -110.28 -34.58 -12.80
C ALA G 32 -108.76 -34.71 -12.85
N LYS G 33 -108.14 -33.88 -13.69
CA LYS G 33 -106.69 -33.83 -13.84
C LYS G 33 -106.30 -32.36 -13.86
N THR G 34 -105.63 -31.92 -12.80
CA THR G 34 -105.50 -30.49 -12.58
C THR G 34 -104.55 -29.83 -13.57
N ARG G 35 -104.74 -28.53 -13.74
CA ARG G 35 -103.88 -27.73 -14.61
C ARG G 35 -102.47 -27.61 -14.07
N SER G 36 -102.29 -27.78 -12.75
CA SER G 36 -100.95 -27.83 -12.19
C SER G 36 -100.22 -29.09 -12.65
N SER G 37 -100.95 -30.19 -12.76
CA SER G 37 -100.39 -31.39 -13.38
C SER G 37 -100.23 -31.20 -14.88
N ARG G 38 -101.09 -30.38 -15.50
CA ARG G 38 -100.90 -30.06 -16.91
C ARG G 38 -99.60 -29.32 -17.13
N ALA G 39 -99.27 -28.40 -16.22
CA ALA G 39 -97.95 -27.79 -16.22
C ALA G 39 -96.89 -28.74 -15.73
N GLY G 40 -97.30 -29.81 -15.05
CA GLY G 40 -96.35 -30.67 -14.40
C GLY G 40 -95.64 -30.01 -13.25
N LEU G 41 -96.21 -28.94 -12.71
CA LEU G 41 -95.58 -28.12 -11.70
C LEU G 41 -96.41 -28.15 -10.44
N GLN G 42 -95.74 -28.07 -9.29
CA GLN G 42 -96.36 -28.26 -7.98
C GLN G 42 -97.14 -27.04 -7.50
N PHE G 43 -96.73 -25.85 -7.94
CA PHE G 43 -97.46 -24.63 -7.62
C PHE G 43 -98.85 -24.65 -8.25
N PRO G 44 -99.87 -24.24 -7.50
CA PRO G 44 -101.26 -24.32 -7.98
C PRO G 44 -101.51 -23.30 -9.06
N VAL G 45 -101.89 -23.79 -10.25
CA VAL G 45 -102.46 -22.93 -11.27
C VAL G 45 -103.74 -22.28 -10.74
N GLY G 46 -104.59 -23.08 -10.09
CA GLY G 46 -105.88 -22.58 -9.65
C GLY G 46 -105.78 -21.53 -8.56
N ARG G 47 -104.94 -21.77 -7.55
CA ARG G 47 -104.85 -20.83 -6.43
C ARG G 47 -104.18 -19.52 -6.85
N VAL G 48 -103.11 -19.61 -7.63
CA VAL G 48 -102.45 -18.39 -8.12
C VAL G 48 -103.38 -17.63 -9.05
N HIS G 49 -104.16 -18.35 -9.87
CA HIS G 49 -105.11 -17.71 -10.75
C HIS G 49 -106.20 -16.97 -9.97
N ARG G 50 -106.73 -17.61 -8.92
CA ARG G 50 -107.78 -16.95 -8.14
C ARG G 50 -107.23 -15.81 -7.29
N LEU G 51 -105.96 -15.89 -6.88
CA LEU G 51 -105.37 -14.76 -6.16
C LEU G 51 -105.09 -13.58 -7.10
N LEU G 52 -104.72 -13.86 -8.35
CA LEU G 52 -104.59 -12.77 -9.32
C LEU G 52 -105.93 -12.15 -9.66
N ARG G 53 -106.97 -12.99 -9.82
CA ARG G 53 -108.29 -12.46 -10.15
C ARG G 53 -108.88 -11.70 -8.97
N LYS G 54 -108.69 -12.19 -7.75
CA LYS G 54 -109.18 -11.53 -6.56
C LYS G 54 -108.36 -10.31 -6.20
N GLY G 55 -107.09 -10.26 -6.63
CA GLY G 55 -106.19 -9.19 -6.27
C GLY G 55 -106.43 -7.86 -6.93
N ASN G 56 -107.44 -7.77 -7.80
CA ASN G 56 -107.90 -6.52 -8.42
C ASN G 56 -106.80 -5.87 -9.26
N TYR G 57 -106.21 -6.63 -10.16
CA TYR G 57 -105.22 -6.12 -11.11
C TYR G 57 -105.80 -5.97 -12.51
N SER G 58 -106.66 -6.90 -12.90
CA SER G 58 -107.59 -6.71 -14.00
C SER G 58 -108.74 -7.69 -13.79
N GLU G 59 -109.90 -7.37 -14.35
CA GLU G 59 -111.05 -8.26 -14.21
C GLU G 59 -110.89 -9.50 -15.07
N ARG G 60 -110.01 -9.45 -16.06
CA ARG G 60 -109.81 -10.53 -17.01
C ARG G 60 -108.31 -10.78 -17.12
N VAL G 61 -107.93 -12.06 -17.19
CA VAL G 61 -106.53 -12.47 -17.13
C VAL G 61 -106.30 -13.48 -18.24
N GLY G 62 -105.22 -13.29 -19.01
CA GLY G 62 -104.86 -14.26 -20.03
C GLY G 62 -104.46 -15.60 -19.43
N ALA G 63 -104.67 -16.65 -20.23
CA ALA G 63 -104.48 -18.01 -19.73
C ALA G 63 -103.02 -18.33 -19.45
N GLY G 64 -102.13 -17.80 -20.26
CA GLY G 64 -100.72 -18.05 -20.05
C GLY G 64 -100.12 -17.29 -18.90
N ALA G 65 -100.81 -16.26 -18.41
CA ALA G 65 -100.28 -15.45 -17.32
C ALA G 65 -100.08 -16.24 -16.03
N PRO G 66 -101.06 -16.99 -15.49
CA PRO G 66 -100.77 -17.67 -14.21
C PRO G 66 -99.85 -18.87 -14.37
N VAL G 67 -99.87 -19.58 -15.50
CA VAL G 67 -98.95 -20.70 -15.68
C VAL G 67 -97.52 -20.18 -15.83
N TYR G 68 -97.35 -19.07 -16.54
CA TYR G 68 -96.03 -18.45 -16.65
C TYR G 68 -95.55 -17.95 -15.29
N LEU G 69 -96.46 -17.32 -14.54
CA LEU G 69 -96.13 -16.84 -13.20
C LEU G 69 -95.75 -18.00 -12.27
N ALA G 70 -96.53 -19.08 -12.29
CA ALA G 70 -96.27 -20.20 -11.41
C ALA G 70 -94.95 -20.89 -11.76
N ALA G 71 -94.65 -20.97 -13.06
CA ALA G 71 -93.36 -21.50 -13.49
C ALA G 71 -92.23 -20.62 -12.96
N VAL G 72 -92.39 -19.29 -13.03
CA VAL G 72 -91.38 -18.37 -12.52
C VAL G 72 -91.19 -18.57 -11.02
N LEU G 73 -92.30 -18.63 -10.28
CA LEU G 73 -92.24 -18.73 -8.82
C LEU G 73 -91.61 -20.05 -8.38
N GLU G 74 -92.02 -21.15 -9.00
CA GLU G 74 -91.47 -22.45 -8.63
C GLU G 74 -89.99 -22.54 -8.98
N TYR G 75 -89.59 -21.97 -10.12
CA TYR G 75 -88.17 -21.93 -10.45
C TYR G 75 -87.38 -21.08 -9.46
N LEU G 76 -87.89 -19.89 -9.13
CA LEU G 76 -87.23 -19.01 -8.18
C LEU G 76 -87.04 -19.70 -6.84
N THR G 77 -88.11 -20.31 -6.33
CA THR G 77 -88.02 -21.08 -5.09
C THR G 77 -87.10 -22.27 -5.26
N ALA G 78 -86.93 -22.77 -6.50
CA ALA G 78 -86.00 -23.87 -6.70
C ALA G 78 -84.56 -23.43 -6.45
N GLU G 79 -84.13 -22.27 -6.96
CA GLU G 79 -82.73 -21.91 -6.64
C GLU G 79 -82.60 -21.48 -5.19
N ILE G 80 -83.68 -20.93 -4.62
CA ILE G 80 -83.67 -20.65 -3.18
C ILE G 80 -83.44 -21.94 -2.39
N LEU G 81 -84.12 -23.01 -2.77
CA LEU G 81 -83.95 -24.28 -2.07
C LEU G 81 -82.58 -24.90 -2.37
N GLU G 82 -82.03 -24.68 -3.56
CA GLU G 82 -80.67 -25.18 -3.83
C GLU G 82 -79.67 -24.51 -2.91
N LEU G 83 -79.70 -23.18 -2.86
CA LEU G 83 -78.74 -22.44 -2.04
C LEU G 83 -78.94 -22.74 -0.57
N ALA G 84 -80.20 -22.88 -0.14
CA ALA G 84 -80.49 -23.29 1.22
C ALA G 84 -79.94 -24.69 1.50
N GLY G 85 -80.06 -25.60 0.54
CA GLY G 85 -79.55 -26.95 0.73
C GLY G 85 -78.04 -26.99 0.86
N ASN G 86 -77.33 -26.24 0.01
CA ASN G 86 -75.88 -26.20 0.12
C ASN G 86 -75.44 -25.45 1.37
N ALA G 87 -76.21 -24.45 1.79
CA ALA G 87 -75.90 -23.76 3.04
C ALA G 87 -76.05 -24.69 4.24
N ALA G 88 -77.11 -25.51 4.23
CA ALA G 88 -77.33 -26.47 5.31
C ALA G 88 -76.26 -27.55 5.30
N ARG G 89 -75.89 -28.02 4.11
CA ARG G 89 -74.87 -29.05 4.00
C ARG G 89 -73.51 -28.53 4.46
N ASP G 90 -73.24 -27.24 4.21
CA ASP G 90 -72.01 -26.63 4.72
C ASP G 90 -71.98 -26.59 6.24
N ASN G 91 -73.10 -26.24 6.87
CA ASN G 91 -73.14 -26.19 8.33
C ASN G 91 -73.60 -27.50 8.95
N LYS G 92 -73.43 -28.61 8.24
CA LYS G 92 -73.61 -30.01 8.70
C LYS G 92 -74.94 -30.25 9.40
N LYS G 93 -75.98 -29.52 9.03
CA LYS G 93 -77.34 -29.79 9.46
C LYS G 93 -78.17 -30.18 8.25
N THR G 94 -79.08 -31.13 8.44
CA THR G 94 -79.92 -31.54 7.32
C THR G 94 -81.14 -30.66 7.16
N ARG G 95 -81.42 -29.77 8.11
CA ARG G 95 -82.64 -28.98 8.10
C ARG G 95 -82.34 -27.52 7.83
N ILE G 96 -83.24 -26.86 7.10
CA ILE G 96 -83.06 -25.47 6.73
C ILE G 96 -83.39 -24.59 7.93
N ILE G 97 -82.49 -23.67 8.23
CA ILE G 97 -82.71 -22.70 9.30
C ILE G 97 -82.70 -21.36 8.58
N PRO G 98 -83.36 -20.31 9.08
CA PRO G 98 -83.24 -18.99 8.44
C PRO G 98 -81.83 -18.39 8.41
N ARG G 99 -80.90 -18.87 9.23
CA ARG G 99 -79.52 -18.46 9.03
C ARG G 99 -79.01 -18.94 7.67
N HIS G 100 -79.37 -20.17 7.29
CA HIS G 100 -79.09 -20.67 5.95
C HIS G 100 -79.75 -19.79 4.90
N LEU G 101 -80.95 -19.29 5.19
CA LEU G 101 -81.64 -18.40 4.27
C LEU G 101 -80.90 -17.09 4.10
N GLN G 102 -80.37 -16.55 5.20
CA GLN G 102 -79.54 -15.34 5.15
C GLN G 102 -78.31 -15.56 4.27
N LEU G 103 -77.62 -16.68 4.49
CA LEU G 103 -76.42 -16.97 3.71
C LEU G 103 -76.76 -17.24 2.25
N ALA G 104 -77.95 -17.80 2.02
CA ALA G 104 -78.39 -18.10 0.66
C ALA G 104 -78.75 -16.85 -0.11
N ILE G 105 -79.48 -15.94 0.52
CA ILE G 105 -79.95 -14.75 -0.18
C ILE G 105 -78.80 -13.77 -0.39
N ARG G 106 -78.06 -13.46 0.68
CA ARG G 106 -77.13 -12.35 0.62
C ARG G 106 -75.87 -12.69 -0.16
N ASN G 107 -75.64 -13.96 -0.49
CA ASN G 107 -74.46 -14.32 -1.25
C ASN G 107 -74.73 -14.44 -2.75
N ASP G 108 -75.93 -14.08 -3.21
CA ASP G 108 -76.27 -14.12 -4.62
C ASP G 108 -76.61 -12.70 -5.07
N GLU G 109 -75.91 -12.23 -6.11
CA GLU G 109 -76.02 -10.83 -6.51
C GLU G 109 -77.39 -10.52 -7.13
N GLU G 110 -77.94 -11.45 -7.91
CA GLU G 110 -79.28 -11.20 -8.47
C GLU G 110 -80.36 -11.35 -7.42
N LEU G 111 -80.19 -12.28 -6.49
CA LEU G 111 -81.13 -12.37 -5.37
C LEU G 111 -81.01 -11.15 -4.47
N ASN G 112 -79.79 -10.63 -4.30
CA ASN G 112 -79.59 -9.41 -3.53
C ASN G 112 -80.27 -8.23 -4.20
N LYS G 113 -80.16 -8.13 -5.53
CA LYS G 113 -80.87 -7.08 -6.25
C LYS G 113 -82.38 -7.27 -6.16
N LEU G 114 -82.82 -8.52 -6.06
CA LEU G 114 -84.24 -8.77 -5.84
C LEU G 114 -84.66 -8.37 -4.42
N LEU G 115 -83.81 -8.64 -3.44
CA LEU G 115 -84.16 -8.49 -2.03
C LEU G 115 -83.21 -7.55 -1.29
N GLY G 116 -82.93 -6.38 -1.87
CA GLY G 116 -82.09 -5.41 -1.19
C GLY G 116 -82.75 -4.82 0.04
N ARG G 117 -84.06 -4.59 -0.02
CA ARG G 117 -84.80 -3.90 1.02
C ARG G 117 -85.61 -4.87 1.90
N VAL G 118 -85.37 -6.16 1.78
CA VAL G 118 -86.18 -7.19 2.43
C VAL G 118 -85.50 -7.63 3.70
N THR G 119 -86.26 -7.69 4.80
CA THR G 119 -85.74 -8.03 6.11
C THR G 119 -86.13 -9.48 6.44
N ILE G 120 -85.20 -10.21 7.05
CA ILE G 120 -85.36 -11.63 7.35
C ILE G 120 -85.38 -11.83 8.86
N ALA G 121 -86.36 -12.56 9.35
CA ALA G 121 -86.47 -12.83 10.78
C ALA G 121 -85.38 -13.80 11.25
N GLN G 122 -84.65 -13.38 12.28
CA GLN G 122 -83.62 -14.19 12.96
C GLN G 122 -82.55 -14.68 11.99
N GLY G 123 -82.23 -13.87 10.98
CA GLY G 123 -81.27 -14.27 9.99
C GLY G 123 -79.87 -13.78 10.29
N GLY G 124 -79.78 -12.69 11.04
CA GLY G 124 -78.49 -12.09 11.26
C GLY G 124 -78.03 -11.38 10.01
N VAL G 125 -76.71 -11.37 9.81
CA VAL G 125 -76.09 -10.74 8.66
C VAL G 125 -75.10 -11.72 8.05
N LEU G 126 -74.49 -11.27 6.95
CA LEU G 126 -73.35 -11.99 6.42
C LEU G 126 -72.18 -11.90 7.39
N PRO G 127 -71.33 -12.93 7.44
CA PRO G 127 -70.02 -12.76 8.06
C PRO G 127 -69.24 -11.73 7.26
N ASN G 128 -69.13 -10.53 7.81
CA ASN G 128 -68.63 -9.40 7.03
C ASN G 128 -67.83 -8.50 7.96
N ILE G 129 -66.52 -8.46 7.77
CA ILE G 129 -65.64 -7.56 8.49
C ILE G 129 -64.86 -6.75 7.46
N GLN G 130 -64.70 -5.46 7.74
CA GLN G 130 -63.85 -4.64 6.88
C GLN G 130 -62.39 -4.92 7.18
N ALA G 131 -61.54 -4.74 6.16
CA ALA G 131 -60.13 -5.09 6.28
C ALA G 131 -59.40 -4.19 7.27
N VAL G 132 -59.91 -2.98 7.50
CA VAL G 132 -59.28 -2.08 8.46
C VAL G 132 -59.45 -2.55 9.89
N LEU G 133 -60.45 -3.40 10.15
CA LEU G 133 -60.69 -3.88 11.52
C LEU G 133 -59.72 -4.98 11.94
N LEU G 134 -59.07 -5.64 10.99
CA LEU G 134 -58.15 -6.71 11.33
C LEU G 134 -56.83 -6.14 11.83
N PRO G 135 -56.12 -6.88 12.69
CA PRO G 135 -54.81 -6.43 13.15
C PRO G 135 -53.77 -6.44 12.04
N LYS G 136 -52.74 -5.62 12.25
CA LYS G 136 -51.64 -5.40 11.29
C LYS G 136 -52.12 -5.00 9.90
N LYS H 31 -113.87 -25.67 17.15
CA LYS H 31 -114.11 -25.16 15.81
C LYS H 31 -113.05 -24.14 15.40
N ARG H 32 -112.45 -24.34 14.23
CA ARG H 32 -111.43 -23.45 13.70
C ARG H 32 -111.68 -23.19 12.22
N SER H 33 -111.05 -22.12 11.72
CA SER H 33 -111.16 -21.73 10.32
C SER H 33 -109.82 -21.95 9.63
N ARG H 34 -109.88 -22.50 8.41
CA ARG H 34 -108.66 -22.84 7.68
C ARG H 34 -107.91 -21.59 7.23
N LYS H 35 -106.59 -21.61 7.39
CA LYS H 35 -105.71 -20.56 6.90
C LYS H 35 -104.80 -21.17 5.84
N GLU H 36 -104.85 -20.63 4.63
CA GLU H 36 -104.13 -21.22 3.52
C GLU H 36 -102.67 -20.76 3.51
N SER H 37 -101.77 -21.69 3.22
CA SER H 37 -100.35 -21.39 3.14
C SER H 37 -99.70 -22.33 2.13
N TYR H 38 -98.52 -21.96 1.68
CA TYR H 38 -97.86 -22.65 0.59
C TYR H 38 -96.95 -23.78 1.05
N SER H 39 -97.27 -24.42 2.17
CA SER H 39 -96.34 -25.33 2.84
C SER H 39 -96.02 -26.54 1.98
N VAL H 40 -97.05 -27.22 1.47
CA VAL H 40 -96.85 -28.51 0.85
C VAL H 40 -96.12 -28.39 -0.48
N TYR H 41 -96.29 -27.26 -1.18
CA TYR H 41 -95.65 -27.13 -2.49
C TYR H 41 -94.14 -26.91 -2.35
N VAL H 42 -93.75 -26.03 -1.44
CA VAL H 42 -92.34 -25.81 -1.18
C VAL H 42 -91.70 -27.07 -0.61
N TYR H 43 -92.46 -27.80 0.23
CA TYR H 43 -92.00 -29.10 0.69
C TYR H 43 -91.80 -30.07 -0.48
N LYS H 44 -92.73 -30.08 -1.43
CA LYS H 44 -92.62 -30.95 -2.61
C LYS H 44 -91.37 -30.64 -3.41
N VAL H 45 -91.14 -29.37 -3.73
CA VAL H 45 -90.03 -29.04 -4.62
C VAL H 45 -88.71 -29.15 -3.88
N LEU H 46 -88.70 -28.93 -2.57
CA LEU H 46 -87.51 -29.19 -1.77
C LEU H 46 -87.14 -30.66 -1.81
N LYS H 47 -88.11 -31.56 -1.62
CA LYS H 47 -87.77 -32.97 -1.67
C LYS H 47 -87.50 -33.44 -3.09
N GLN H 48 -88.03 -32.74 -4.09
CA GLN H 48 -87.66 -33.01 -5.48
C GLN H 48 -86.19 -32.71 -5.71
N VAL H 49 -85.69 -31.60 -5.16
CA VAL H 49 -84.34 -31.18 -5.48
C VAL H 49 -83.36 -31.59 -4.39
N HIS H 50 -83.86 -31.84 -3.20
CA HIS H 50 -83.02 -32.31 -2.09
C HIS H 50 -83.87 -33.28 -1.29
N PRO H 51 -83.84 -34.57 -1.62
CA PRO H 51 -84.67 -35.54 -0.89
C PRO H 51 -84.28 -35.71 0.56
N ASP H 52 -83.02 -35.44 0.89
CA ASP H 52 -82.46 -35.69 2.21
C ASP H 52 -82.49 -34.46 3.11
N THR H 53 -83.07 -33.35 2.67
CA THR H 53 -82.94 -32.09 3.38
C THR H 53 -84.21 -31.77 4.17
N GLY H 54 -84.02 -31.42 5.45
CA GLY H 54 -85.11 -31.04 6.31
C GLY H 54 -85.48 -29.57 6.21
N ILE H 55 -86.32 -29.14 7.14
CA ILE H 55 -86.90 -27.81 7.08
C ILE H 55 -87.28 -27.37 8.50
N SER H 56 -87.22 -26.06 8.75
CA SER H 56 -87.83 -25.47 9.94
C SER H 56 -89.03 -24.62 9.54
N SER H 57 -89.95 -24.46 10.48
CA SER H 57 -91.25 -23.85 10.17
C SER H 57 -91.13 -22.36 9.95
N LYS H 58 -90.24 -21.69 10.67
CA LYS H 58 -90.10 -20.25 10.50
C LYS H 58 -89.35 -19.93 9.21
N ALA H 59 -88.51 -20.87 8.76
CA ALA H 59 -88.01 -20.80 7.39
C ALA H 59 -89.16 -20.86 6.39
N MET H 60 -90.16 -21.69 6.67
CA MET H 60 -91.35 -21.72 5.83
C MET H 60 -92.16 -20.44 5.93
N GLY H 61 -92.16 -19.79 7.09
CA GLY H 61 -92.78 -18.47 7.18
C GLY H 61 -92.08 -17.46 6.29
N ILE H 62 -90.76 -17.51 6.25
CA ILE H 62 -90.00 -16.61 5.36
C ILE H 62 -90.30 -16.95 3.91
N MET H 63 -90.45 -18.24 3.58
CA MET H 63 -90.87 -18.63 2.23
C MET H 63 -92.28 -18.16 1.87
N ASN H 64 -93.22 -18.22 2.81
CA ASN H 64 -94.56 -17.72 2.53
C ASN H 64 -94.52 -16.21 2.30
N SER H 65 -93.73 -15.50 3.11
CA SER H 65 -93.56 -14.07 2.93
C SER H 65 -92.92 -13.76 1.57
N PHE H 66 -91.95 -14.59 1.17
CA PHE H 66 -91.32 -14.45 -0.14
C PHE H 66 -92.32 -14.65 -1.28
N VAL H 67 -93.10 -15.72 -1.22
CA VAL H 67 -93.96 -16.02 -2.36
C VAL H 67 -95.07 -14.97 -2.47
N ASN H 68 -95.64 -14.53 -1.34
CA ASN H 68 -96.62 -13.44 -1.41
C ASN H 68 -95.99 -12.14 -1.86
N ASP H 69 -94.76 -11.84 -1.41
CA ASP H 69 -94.10 -10.59 -1.76
C ASP H 69 -93.81 -10.52 -3.26
N ILE H 70 -93.18 -11.56 -3.79
CA ILE H 70 -92.84 -11.53 -5.21
C ILE H 70 -94.10 -11.65 -6.07
N PHE H 71 -95.10 -12.37 -5.57
CA PHE H 71 -96.38 -12.48 -6.27
C PHE H 71 -97.04 -11.12 -6.39
N GLU H 72 -97.02 -10.32 -5.32
CA GLU H 72 -97.67 -9.02 -5.40
C GLU H 72 -96.85 -8.03 -6.22
N ARG H 73 -95.51 -8.17 -6.19
CA ARG H 73 -94.67 -7.35 -7.06
C ARG H 73 -95.01 -7.58 -8.53
N ILE H 74 -95.03 -8.86 -8.93
CA ILE H 74 -95.28 -9.20 -10.32
C ILE H 74 -96.71 -8.83 -10.71
N ALA H 75 -97.66 -9.04 -9.80
CA ALA H 75 -99.06 -8.74 -10.07
C ALA H 75 -99.31 -7.24 -10.23
N GLY H 76 -98.68 -6.43 -9.37
CA GLY H 76 -98.81 -4.99 -9.51
C GLY H 76 -98.17 -4.46 -10.77
N GLU H 77 -96.99 -5.02 -11.13
CA GLU H 77 -96.36 -4.61 -12.37
C GLU H 77 -97.20 -5.01 -13.58
N ALA H 78 -97.80 -6.20 -13.53
CA ALA H 78 -98.67 -6.64 -14.62
C ALA H 78 -99.91 -5.77 -14.75
N SER H 79 -100.46 -5.34 -13.61
CA SER H 79 -101.59 -4.41 -13.64
C SER H 79 -101.15 -3.07 -14.25
N ARG H 80 -99.95 -2.61 -13.90
CA ARG H 80 -99.43 -1.37 -14.48
C ARG H 80 -99.28 -1.48 -16.00
N LEU H 81 -98.72 -2.59 -16.49
CA LEU H 81 -98.58 -2.79 -17.93
C LEU H 81 -99.92 -2.93 -18.63
N ALA H 82 -100.90 -3.55 -17.96
CA ALA H 82 -102.23 -3.62 -18.55
C ALA H 82 -102.86 -2.24 -18.66
N HIS H 83 -102.61 -1.38 -17.67
CA HIS H 83 -103.12 -0.01 -17.72
C HIS H 83 -102.42 0.82 -18.78
N TYR H 84 -101.11 0.66 -18.92
CA TYR H 84 -100.33 1.56 -19.79
C TYR H 84 -100.68 1.35 -21.26
N ASN H 85 -100.81 0.10 -21.66
CA ASN H 85 -101.14 -0.26 -23.03
C ASN H 85 -102.62 -0.49 -23.22
N LYS H 86 -103.45 0.01 -22.29
CA LYS H 86 -104.92 0.02 -22.41
C LYS H 86 -105.48 -1.38 -22.53
N ARG H 87 -104.79 -2.35 -21.93
CA ARG H 87 -105.18 -3.73 -21.98
C ARG H 87 -106.04 -4.07 -20.78
N SER H 88 -107.23 -4.59 -21.03
CA SER H 88 -108.11 -5.02 -19.95
C SER H 88 -107.80 -6.44 -19.49
N THR H 89 -106.88 -7.13 -20.17
CA THR H 89 -106.56 -8.51 -19.88
C THR H 89 -105.06 -8.65 -19.67
N ILE H 90 -104.66 -9.29 -18.58
CA ILE H 90 -103.26 -9.53 -18.29
C ILE H 90 -102.92 -10.94 -18.77
N THR H 91 -102.06 -11.02 -19.77
CA THR H 91 -101.65 -12.29 -20.36
C THR H 91 -100.21 -12.59 -19.99
N SER H 92 -99.71 -13.70 -20.56
CA SER H 92 -98.33 -14.13 -20.34
C SER H 92 -97.32 -13.13 -20.86
N ARG H 93 -97.67 -12.37 -21.89
CA ARG H 93 -96.78 -11.32 -22.38
C ARG H 93 -96.59 -10.24 -21.33
N GLU H 94 -97.67 -9.87 -20.64
CA GLU H 94 -97.57 -8.92 -19.53
C GLU H 94 -96.68 -9.46 -18.42
N ILE H 95 -96.84 -10.74 -18.09
CA ILE H 95 -96.07 -11.31 -16.99
C ILE H 95 -94.61 -11.39 -17.38
N GLN H 96 -94.31 -11.77 -18.62
CA GLN H 96 -92.94 -11.84 -19.10
C GLN H 96 -92.31 -10.47 -19.13
N THR H 97 -93.07 -9.46 -19.54
CA THR H 97 -92.61 -8.09 -19.49
C THR H 97 -92.26 -7.68 -18.06
N ALA H 98 -93.11 -8.04 -17.11
CA ALA H 98 -92.85 -7.74 -15.71
C ALA H 98 -91.63 -8.49 -15.20
N VAL H 99 -91.39 -9.70 -15.72
CA VAL H 99 -90.19 -10.45 -15.36
C VAL H 99 -88.94 -9.74 -15.85
N ARG H 100 -88.95 -9.27 -17.10
CA ARG H 100 -87.79 -8.53 -17.60
C ARG H 100 -87.60 -7.22 -16.85
N LEU H 101 -88.70 -6.61 -16.40
CA LEU H 101 -88.55 -5.38 -15.61
C LEU H 101 -87.96 -5.68 -14.25
N LEU H 102 -88.67 -6.44 -13.42
CA LEU H 102 -88.31 -6.55 -12.02
C LEU H 102 -87.21 -7.57 -11.80
N LEU H 103 -87.34 -8.75 -12.39
CA LEU H 103 -86.36 -9.80 -12.15
C LEU H 103 -85.10 -9.52 -12.95
N PRO H 104 -83.96 -9.35 -12.30
CA PRO H 104 -82.77 -8.86 -13.03
C PRO H 104 -82.00 -9.99 -13.71
N GLY H 105 -81.69 -9.78 -14.99
CA GLY H 105 -80.64 -10.48 -15.69
C GLY H 105 -80.77 -11.97 -15.96
N GLU H 106 -79.87 -12.74 -15.36
CA GLU H 106 -79.78 -14.17 -15.65
C GLU H 106 -81.01 -14.94 -15.22
N LEU H 107 -81.54 -14.62 -14.04
CA LEU H 107 -82.75 -15.25 -13.55
C LEU H 107 -83.92 -14.98 -14.48
N ALA H 108 -83.95 -13.77 -15.05
CA ALA H 108 -85.00 -13.44 -16.01
C ALA H 108 -84.93 -14.32 -17.24
N LYS H 109 -83.72 -14.56 -17.76
CA LYS H 109 -83.58 -15.37 -18.96
C LYS H 109 -83.91 -16.84 -18.69
N HIS H 110 -83.47 -17.36 -17.54
CA HIS H 110 -83.91 -18.71 -17.18
C HIS H 110 -85.41 -18.80 -17.04
N ALA H 111 -86.03 -17.85 -16.34
CA ALA H 111 -87.47 -17.88 -16.11
C ALA H 111 -88.23 -17.80 -17.41
N VAL H 112 -87.76 -16.95 -18.34
CA VAL H 112 -88.31 -16.90 -19.68
C VAL H 112 -88.23 -18.27 -20.34
N SER H 113 -87.09 -18.94 -20.17
CA SER H 113 -86.88 -20.23 -20.83
C SER H 113 -87.86 -21.28 -20.32
N GLU H 114 -87.93 -21.47 -18.99
CA GLU H 114 -88.81 -22.52 -18.48
C GLU H 114 -90.28 -22.10 -18.59
N GLY H 115 -90.57 -20.80 -18.59
CA GLY H 115 -91.93 -20.38 -18.83
C GLY H 115 -92.38 -20.62 -20.25
N THR H 116 -91.48 -20.44 -21.21
CA THR H 116 -91.83 -20.72 -22.59
C THR H 116 -92.05 -22.21 -22.78
N LYS H 117 -91.16 -23.02 -22.19
CA LYS H 117 -91.41 -24.46 -22.09
C LYS H 117 -92.73 -24.77 -21.41
N ALA H 118 -93.08 -23.99 -20.39
CA ALA H 118 -94.23 -24.32 -19.56
C ALA H 118 -95.54 -24.02 -20.28
N VAL H 119 -95.61 -22.86 -20.95
CA VAL H 119 -96.78 -22.54 -21.76
C VAL H 119 -96.85 -23.47 -22.97
N THR H 120 -95.70 -23.88 -23.51
CA THR H 120 -95.69 -24.79 -24.65
C THR H 120 -96.29 -26.15 -24.30
N LYS H 121 -95.78 -26.77 -23.23
CA LYS H 121 -96.33 -28.03 -22.81
C LYS H 121 -97.76 -27.87 -22.32
N TYR H 122 -98.10 -26.69 -21.79
CA TYR H 122 -99.47 -26.44 -21.38
C TYR H 122 -100.43 -26.37 -22.57
N THR H 123 -100.00 -25.73 -23.66
CA THR H 123 -100.83 -25.71 -24.87
C THR H 123 -100.89 -27.09 -25.49
N SER H 124 -99.85 -27.88 -25.32
CA SER H 124 -99.95 -29.27 -25.79
C SER H 124 -100.76 -30.14 -24.85
N ALA H 125 -101.05 -29.66 -23.64
CA ALA H 125 -101.88 -30.44 -22.72
C ALA H 125 -103.30 -29.89 -22.66
N LYS I 38 -34.22 -3.16 -49.47
CA LYS I 38 -34.24 -4.62 -49.43
C LYS I 38 -35.67 -5.16 -49.47
N PRO I 39 -35.86 -6.34 -50.04
CA PRO I 39 -37.14 -7.03 -49.89
C PRO I 39 -37.32 -7.46 -48.44
N HIS I 40 -38.57 -7.44 -48.00
CA HIS I 40 -38.87 -7.75 -46.61
C HIS I 40 -38.78 -9.24 -46.37
N ARG I 41 -38.25 -9.61 -45.20
CA ARG I 41 -38.05 -11.02 -44.87
C ARG I 41 -38.25 -11.22 -43.39
N TYR I 42 -39.12 -12.15 -43.02
CA TYR I 42 -39.39 -12.43 -41.62
C TYR I 42 -38.36 -13.41 -41.07
N ARG I 43 -38.12 -13.32 -39.76
CA ARG I 43 -37.18 -14.20 -39.08
C ARG I 43 -37.75 -15.61 -38.96
N PRO I 44 -36.88 -16.62 -38.82
CA PRO I 44 -37.37 -17.99 -38.59
C PRO I 44 -38.20 -18.09 -37.32
N GLY I 45 -39.42 -18.59 -37.48
CA GLY I 45 -40.39 -18.65 -36.41
C GLY I 45 -41.56 -17.71 -36.57
N THR I 46 -41.34 -16.53 -37.17
CA THR I 46 -42.43 -15.57 -37.35
C THR I 46 -43.50 -16.12 -38.29
N VAL I 47 -43.07 -16.56 -39.48
CA VAL I 47 -44.00 -17.19 -40.42
C VAL I 47 -44.46 -18.53 -39.86
N ALA I 48 -43.60 -19.21 -39.11
CA ALA I 48 -43.98 -20.48 -38.49
C ALA I 48 -45.11 -20.27 -37.49
N LEU I 49 -44.97 -19.27 -36.61
CA LEU I 49 -46.01 -19.01 -35.62
C LEU I 49 -47.28 -18.48 -36.29
N ARG I 50 -47.11 -17.70 -37.36
CA ARG I 50 -48.28 -17.21 -38.10
C ARG I 50 -49.05 -18.36 -38.74
N GLU I 51 -48.33 -19.33 -39.32
CA GLU I 51 -48.96 -20.52 -39.83
C GLU I 51 -49.60 -21.32 -38.71
N ILE I 52 -48.97 -21.36 -37.54
CA ILE I 52 -49.51 -22.11 -36.41
C ILE I 52 -50.85 -21.54 -35.98
N ARG I 53 -50.91 -20.22 -35.76
CA ARG I 53 -52.16 -19.60 -35.34
C ARG I 53 -53.21 -19.67 -36.44
N ARG I 54 -52.76 -19.61 -37.70
CA ARG I 54 -53.69 -19.64 -38.81
C ARG I 54 -54.33 -21.01 -38.96
N TYR I 55 -53.51 -22.06 -38.87
CA TYR I 55 -54.05 -23.41 -39.03
C TYR I 55 -54.73 -23.92 -37.78
N GLN I 56 -54.40 -23.39 -36.61
CA GLN I 56 -55.25 -23.59 -35.45
C GLN I 56 -56.58 -22.88 -35.62
N LYS I 57 -56.57 -21.71 -36.26
CA LYS I 57 -57.81 -21.02 -36.59
C LYS I 57 -58.58 -21.74 -37.68
N SER I 58 -57.86 -22.33 -38.63
CA SER I 58 -58.52 -22.92 -39.79
C SER I 58 -59.12 -24.28 -39.43
N THR I 59 -60.08 -24.71 -40.24
CA THR I 59 -60.74 -26.00 -40.07
C THR I 59 -60.66 -26.88 -41.31
N GLU I 60 -60.10 -26.40 -42.41
CA GLU I 60 -60.08 -27.17 -43.65
C GLU I 60 -59.01 -28.27 -43.59
N LEU I 61 -59.10 -29.18 -44.56
CA LEU I 61 -58.13 -30.26 -44.67
C LEU I 61 -56.79 -29.72 -45.16
N LEU I 62 -55.71 -30.28 -44.64
CA LEU I 62 -54.36 -29.85 -44.99
C LEU I 62 -53.67 -30.77 -45.97
N ILE I 63 -54.40 -31.75 -46.51
CA ILE I 63 -53.83 -32.76 -47.40
C ILE I 63 -54.41 -32.56 -48.80
N ARG I 64 -53.54 -32.63 -49.80
CA ARG I 64 -54.01 -32.76 -51.18
C ARG I 64 -54.83 -34.03 -51.31
N LYS I 65 -56.08 -33.86 -51.74
CA LYS I 65 -57.08 -34.93 -51.64
C LYS I 65 -56.77 -36.07 -52.61
N LEU I 66 -56.41 -35.73 -53.85
CA LEU I 66 -56.21 -36.75 -54.87
C LEU I 66 -55.06 -37.72 -54.57
N PRO I 67 -53.85 -37.28 -54.18
CA PRO I 67 -52.84 -38.29 -53.83
C PRO I 67 -53.15 -39.06 -52.57
N PHE I 68 -53.91 -38.48 -51.62
CA PHE I 68 -54.38 -39.26 -50.48
C PHE I 68 -55.30 -40.38 -50.91
N GLN I 69 -56.25 -40.07 -51.81
CA GLN I 69 -57.15 -41.10 -52.33
C GLN I 69 -56.37 -42.16 -53.09
N ARG I 70 -55.38 -41.73 -53.87
CA ARG I 70 -54.53 -42.67 -54.59
C ARG I 70 -53.75 -43.56 -53.62
N LEU I 71 -53.30 -42.99 -52.50
CA LEU I 71 -52.52 -43.76 -51.53
C LEU I 71 -53.39 -44.77 -50.78
N VAL I 72 -54.60 -44.39 -50.40
CA VAL I 72 -55.47 -45.34 -49.71
C VAL I 72 -55.90 -46.46 -50.66
N ARG I 73 -56.11 -46.13 -51.94
CA ARG I 73 -56.35 -47.17 -52.93
C ARG I 73 -55.13 -48.06 -53.11
N GLU I 74 -53.94 -47.46 -53.07
CA GLU I 74 -52.69 -48.21 -53.19
C GLU I 74 -52.51 -49.20 -52.06
N ILE I 75 -52.71 -48.75 -50.83
CA ILE I 75 -52.51 -49.60 -49.66
C ILE I 75 -53.58 -50.68 -49.60
N ALA I 76 -54.83 -50.32 -49.92
CA ALA I 76 -55.91 -51.31 -49.86
C ALA I 76 -55.82 -52.31 -51.01
N GLN I 77 -55.18 -51.93 -52.12
CA GLN I 77 -54.93 -52.88 -53.19
C GLN I 77 -53.96 -53.96 -52.75
N ASP I 78 -53.03 -53.63 -51.86
CA ASP I 78 -52.08 -54.60 -51.33
C ASP I 78 -52.75 -55.68 -50.48
N PHE I 79 -53.97 -55.44 -50.01
CA PHE I 79 -54.71 -56.47 -49.27
C PHE I 79 -55.63 -57.28 -50.18
N LYS I 80 -56.60 -56.63 -50.81
CA LYS I 80 -57.44 -57.26 -51.82
C LYS I 80 -57.47 -56.37 -53.05
N THR I 81 -57.70 -56.99 -54.21
CA THR I 81 -57.57 -56.32 -55.49
C THR I 81 -58.72 -55.36 -55.74
N ASP I 82 -58.53 -54.50 -56.75
CA ASP I 82 -59.46 -53.55 -57.37
C ASP I 82 -60.49 -52.97 -56.41
N LEU I 83 -60.04 -52.54 -55.24
CA LEU I 83 -60.96 -52.13 -54.19
C LEU I 83 -61.46 -50.71 -54.45
N ARG I 84 -62.75 -50.52 -54.20
CA ARG I 84 -63.39 -49.25 -54.48
C ARG I 84 -63.72 -48.54 -53.18
N PHE I 85 -63.77 -47.22 -53.25
CA PHE I 85 -63.93 -46.36 -52.09
C PHE I 85 -65.08 -45.40 -52.32
N GLN I 86 -65.95 -45.28 -51.32
CA GLN I 86 -66.80 -44.11 -51.26
C GLN I 86 -65.91 -42.89 -51.01
N SER I 87 -66.10 -41.85 -51.82
CA SER I 87 -65.22 -40.69 -51.73
C SER I 87 -65.37 -39.99 -50.39
N SER I 88 -66.60 -39.95 -49.87
CA SER I 88 -66.82 -39.40 -48.53
C SER I 88 -66.07 -40.19 -47.46
N ALA I 89 -65.96 -41.51 -47.64
CA ALA I 89 -65.13 -42.30 -46.74
C ALA I 89 -63.67 -41.93 -46.88
N VAL I 90 -63.24 -41.54 -48.08
CA VAL I 90 -61.85 -41.12 -48.28
C VAL I 90 -61.58 -39.81 -47.56
N MET I 91 -62.48 -38.83 -47.68
CA MET I 91 -62.30 -37.60 -46.91
C MET I 91 -62.42 -37.85 -45.41
N ALA I 92 -63.25 -38.81 -45.00
CA ALA I 92 -63.35 -39.14 -43.59
C ALA I 92 -62.03 -39.71 -43.07
N LEU I 93 -61.43 -40.63 -43.84
CA LEU I 93 -60.08 -41.09 -43.54
C LEU I 93 -59.09 -39.94 -43.54
N GLN I 94 -59.30 -38.95 -44.41
CA GLN I 94 -58.42 -37.80 -44.46
C GLN I 94 -58.43 -37.02 -43.15
N GLU I 95 -59.60 -36.62 -42.65
CA GLU I 95 -59.57 -35.82 -41.43
C GLU I 95 -59.27 -36.68 -40.22
N ALA I 96 -59.59 -37.98 -40.28
CA ALA I 96 -59.21 -38.87 -39.20
C ALA I 96 -57.71 -39.00 -39.09
N SER I 97 -57.04 -39.15 -40.24
CA SER I 97 -55.59 -39.19 -40.28
C SER I 97 -55.01 -37.86 -39.81
N GLU I 98 -55.61 -36.76 -40.27
CA GLU I 98 -55.12 -35.44 -39.90
C GLU I 98 -55.21 -35.22 -38.39
N ALA I 99 -56.35 -35.55 -37.78
CA ALA I 99 -56.51 -35.32 -36.35
C ALA I 99 -55.70 -36.30 -35.52
N TYR I 100 -55.54 -37.54 -36.00
CA TYR I 100 -54.67 -38.49 -35.33
C TYR I 100 -53.23 -38.00 -35.31
N LEU I 101 -52.76 -37.48 -36.45
CA LEU I 101 -51.43 -36.88 -36.47
C LEU I 101 -51.38 -35.60 -35.66
N VAL I 102 -52.49 -34.87 -35.56
CA VAL I 102 -52.52 -33.69 -34.70
C VAL I 102 -52.30 -34.08 -33.25
N GLY I 103 -52.99 -35.13 -32.80
CA GLY I 103 -52.77 -35.62 -31.45
C GLY I 103 -51.36 -36.13 -31.24
N LEU I 104 -50.84 -36.86 -32.22
CA LEU I 104 -49.47 -37.36 -32.14
C LEU I 104 -48.47 -36.21 -32.11
N PHE I 105 -48.74 -35.15 -32.87
CA PHE I 105 -47.80 -34.03 -32.94
C PHE I 105 -47.86 -33.15 -31.70
N GLU I 106 -49.04 -32.98 -31.09
CA GLU I 106 -49.06 -32.22 -29.85
C GLU I 106 -48.42 -33.01 -28.73
N ASP I 107 -48.59 -34.33 -28.72
CA ASP I 107 -47.85 -35.17 -27.78
C ASP I 107 -46.35 -35.09 -28.04
N THR I 108 -45.97 -35.06 -29.33
CA THR I 108 -44.59 -34.91 -29.73
C THR I 108 -44.01 -33.59 -29.25
N ASN I 109 -44.78 -32.51 -29.36
CA ASN I 109 -44.31 -31.20 -28.93
C ASN I 109 -44.23 -31.14 -27.41
N LEU I 110 -45.14 -31.83 -26.72
CA LEU I 110 -45.04 -31.95 -25.27
C LEU I 110 -43.76 -32.66 -24.86
N ALA I 111 -43.40 -33.71 -25.58
CA ALA I 111 -42.13 -34.39 -25.33
C ALA I 111 -40.95 -33.48 -25.64
N ALA I 112 -41.04 -32.71 -26.72
CA ALA I 112 -39.93 -31.87 -27.15
C ALA I 112 -39.70 -30.71 -26.18
N ILE I 113 -40.77 -30.07 -25.72
CA ILE I 113 -40.62 -29.04 -24.71
C ILE I 113 -40.27 -29.66 -23.37
N HIS I 114 -40.65 -30.91 -23.15
CA HIS I 114 -40.19 -31.61 -21.96
C HIS I 114 -38.70 -31.94 -22.10
N ALA I 115 -38.25 -32.18 -23.32
CA ALA I 115 -36.83 -32.25 -23.64
C ALA I 115 -36.21 -30.88 -23.89
N LYS I 116 -36.93 -29.81 -23.52
CA LYS I 116 -36.45 -28.42 -23.57
C LYS I 116 -36.12 -27.98 -24.99
N ARG I 117 -36.87 -28.44 -25.98
CA ARG I 117 -36.56 -28.18 -27.38
C ARG I 117 -37.76 -27.56 -28.11
N VAL I 118 -37.46 -26.91 -29.23
CA VAL I 118 -38.47 -26.47 -30.18
C VAL I 118 -38.43 -27.26 -31.47
N THR I 119 -37.36 -28.00 -31.72
CA THR I 119 -37.23 -28.80 -32.93
C THR I 119 -37.55 -30.25 -32.58
N ILE I 120 -38.65 -30.75 -33.12
CA ILE I 120 -39.05 -32.12 -32.85
C ILE I 120 -38.21 -33.07 -33.68
N MET I 121 -37.92 -34.24 -33.12
CA MET I 121 -37.06 -35.26 -33.69
C MET I 121 -37.72 -36.62 -33.49
N PRO I 122 -37.34 -37.64 -34.27
CA PRO I 122 -38.09 -38.91 -34.26
C PRO I 122 -38.21 -39.61 -32.91
N LYS I 123 -37.24 -39.42 -32.00
CA LYS I 123 -37.35 -40.01 -30.68
C LYS I 123 -38.55 -39.47 -29.90
N ASP I 124 -38.97 -38.23 -30.17
CA ASP I 124 -40.20 -37.70 -29.60
C ASP I 124 -41.41 -38.54 -29.99
N ILE I 125 -41.55 -38.83 -31.29
CA ILE I 125 -42.70 -39.58 -31.79
C ILE I 125 -42.63 -41.01 -31.30
N GLN I 126 -41.43 -41.60 -31.29
CA GLN I 126 -41.27 -42.96 -30.78
C GLN I 126 -41.64 -43.06 -29.31
N LEU I 127 -41.25 -42.04 -28.52
CA LEU I 127 -41.63 -42.00 -27.12
C LEU I 127 -43.14 -41.88 -26.97
N ALA I 128 -43.76 -41.02 -27.79
CA ALA I 128 -45.22 -40.83 -27.71
C ALA I 128 -45.96 -42.11 -28.07
N ARG I 129 -45.51 -42.80 -29.13
CA ARG I 129 -46.12 -44.04 -29.55
C ARG I 129 -45.98 -45.12 -28.48
N ARG I 130 -44.77 -45.27 -27.93
CA ARG I 130 -44.52 -46.38 -27.03
C ARG I 130 -45.15 -46.15 -25.66
N ILE I 131 -45.17 -44.90 -25.19
CA ILE I 131 -45.86 -44.59 -23.94
C ILE I 131 -47.37 -44.70 -24.13
N ARG I 132 -47.88 -44.20 -25.26
CA ARG I 132 -49.30 -44.34 -25.55
C ARG I 132 -49.70 -45.79 -25.77
N GLY I 133 -48.76 -46.63 -26.21
CA GLY I 133 -49.04 -48.03 -26.39
C GLY I 133 -49.07 -48.50 -27.82
N GLU I 134 -48.18 -47.99 -28.66
CA GLU I 134 -48.14 -48.41 -30.06
C GLU I 134 -46.93 -49.30 -30.31
N LYS J 21 -53.34 -48.72 -63.52
CA LYS J 21 -54.23 -49.18 -62.47
C LYS J 21 -53.44 -49.50 -61.20
N VAL J 22 -52.27 -50.10 -61.37
CA VAL J 22 -51.41 -50.41 -60.24
C VAL J 22 -50.79 -49.12 -59.71
N LEU J 23 -50.74 -48.99 -58.38
CA LEU J 23 -50.28 -47.79 -57.72
C LEU J 23 -49.05 -48.12 -56.89
N ARG J 24 -48.01 -47.30 -57.01
CA ARG J 24 -46.66 -47.72 -56.65
C ARG J 24 -46.05 -46.92 -55.51
N ASP J 25 -46.03 -45.59 -55.59
CA ASP J 25 -45.25 -44.78 -54.67
C ASP J 25 -46.06 -43.58 -54.17
N ASN J 26 -47.30 -43.82 -53.76
CA ASN J 26 -48.19 -42.76 -53.35
C ASN J 26 -48.04 -42.37 -51.89
N ILE J 27 -47.14 -43.03 -51.15
CA ILE J 27 -46.81 -42.57 -49.80
C ILE J 27 -46.12 -41.21 -49.87
N GLN J 28 -45.38 -40.96 -50.93
CA GLN J 28 -44.83 -39.62 -51.17
C GLN J 28 -45.88 -38.66 -51.71
N GLY J 29 -47.07 -39.15 -52.06
CA GLY J 29 -48.17 -38.29 -52.44
C GLY J 29 -48.67 -37.39 -51.32
N ILE J 30 -48.51 -37.81 -50.07
CA ILE J 30 -48.73 -36.94 -48.93
C ILE J 30 -47.44 -36.13 -48.79
N THR J 31 -47.50 -34.88 -49.25
CA THR J 31 -46.29 -34.11 -49.44
C THR J 31 -45.71 -33.67 -48.10
N LYS J 32 -44.39 -33.41 -48.13
CA LYS J 32 -43.71 -32.82 -46.98
C LYS J 32 -44.29 -31.48 -46.54
N PRO J 33 -44.62 -30.51 -47.43
CA PRO J 33 -45.31 -29.30 -46.94
C PRO J 33 -46.68 -29.57 -46.33
N ALA J 34 -47.39 -30.62 -46.76
CA ALA J 34 -48.63 -30.99 -46.09
C ALA J 34 -48.37 -31.44 -44.67
N ILE J 35 -47.27 -32.16 -44.45
CA ILE J 35 -46.85 -32.54 -43.10
C ILE J 35 -46.53 -31.30 -42.28
N ARG J 36 -45.87 -30.32 -42.92
CA ARG J 36 -45.59 -29.07 -42.22
C ARG J 36 -46.87 -28.32 -41.85
N ARG J 37 -47.86 -28.33 -42.74
CA ARG J 37 -49.16 -27.72 -42.43
C ARG J 37 -49.83 -28.40 -41.25
N LEU J 38 -49.78 -29.74 -41.21
CA LEU J 38 -50.36 -30.47 -40.09
C LEU J 38 -49.63 -30.15 -38.79
N ALA J 39 -48.30 -30.03 -38.86
CA ALA J 39 -47.52 -29.69 -37.67
C ALA J 39 -47.81 -28.27 -37.20
N ARG J 40 -48.12 -27.37 -38.13
CA ARG J 40 -48.63 -26.05 -37.74
C ARG J 40 -49.97 -26.18 -37.04
N ARG J 41 -50.86 -27.05 -37.55
CA ARG J 41 -52.10 -27.32 -36.83
C ARG J 41 -51.82 -28.02 -35.51
N GLY J 42 -50.79 -28.86 -35.47
CA GLY J 42 -50.32 -29.40 -34.22
C GLY J 42 -49.53 -28.44 -33.37
N GLY J 43 -49.21 -27.27 -33.90
CA GLY J 43 -48.49 -26.26 -33.15
C GLY J 43 -47.00 -26.47 -33.08
N VAL J 44 -46.43 -27.23 -33.99
CA VAL J 44 -45.00 -27.49 -33.98
C VAL J 44 -44.27 -26.29 -34.57
N LYS J 45 -43.28 -25.78 -33.85
CA LYS J 45 -42.48 -24.66 -34.32
C LYS J 45 -41.44 -25.07 -35.35
N ARG J 46 -40.65 -26.10 -35.07
CA ARG J 46 -39.56 -26.49 -35.93
C ARG J 46 -39.64 -27.99 -36.21
N ILE J 47 -39.57 -28.35 -37.49
CA ILE J 47 -39.84 -29.70 -37.95
C ILE J 47 -38.57 -30.22 -38.61
N SER J 48 -37.99 -31.27 -38.04
CA SER J 48 -36.76 -31.81 -38.60
C SER J 48 -37.04 -32.54 -39.90
N GLY J 49 -35.97 -32.76 -40.68
CA GLY J 49 -36.11 -33.45 -41.95
C GLY J 49 -36.44 -34.91 -41.82
N LEU J 50 -36.06 -35.54 -40.70
CA LEU J 50 -36.38 -36.93 -40.46
C LEU J 50 -37.82 -37.14 -40.01
N ILE J 51 -38.52 -36.05 -39.69
CA ILE J 51 -39.87 -36.15 -39.19
C ILE J 51 -40.81 -36.67 -40.26
N TYR J 52 -40.60 -36.25 -41.51
CA TYR J 52 -41.57 -36.48 -42.56
C TYR J 52 -41.68 -37.95 -42.94
N GLU J 53 -40.54 -38.63 -43.13
CA GLU J 53 -40.60 -40.02 -43.55
C GLU J 53 -41.04 -40.94 -42.41
N GLU J 54 -40.61 -40.63 -41.18
CA GLU J 54 -41.11 -41.33 -40.01
C GLU J 54 -42.61 -41.18 -39.88
N THR J 55 -43.09 -39.96 -40.11
CA THR J 55 -44.52 -39.66 -40.09
C THR J 55 -45.24 -40.47 -41.16
N ARG J 56 -44.65 -40.56 -42.35
CA ARG J 56 -45.22 -41.36 -43.42
C ARG J 56 -45.34 -42.82 -43.02
N GLY J 57 -44.30 -43.36 -42.39
CA GLY J 57 -44.36 -44.74 -41.93
C GLY J 57 -45.37 -44.96 -40.83
N VAL J 58 -45.47 -44.01 -39.89
CA VAL J 58 -46.40 -44.13 -38.78
C VAL J 58 -47.84 -44.08 -39.27
N LEU J 59 -48.14 -43.12 -40.16
CA LEU J 59 -49.49 -43.07 -40.73
C LEU J 59 -49.73 -44.27 -41.62
N LYS J 60 -48.68 -44.79 -42.27
CA LYS J 60 -48.85 -45.99 -43.06
C LYS J 60 -49.31 -47.15 -42.20
N VAL J 61 -48.64 -47.36 -41.06
CA VAL J 61 -49.01 -48.47 -40.18
C VAL J 61 -50.40 -48.25 -39.60
N PHE J 62 -50.70 -47.01 -39.19
CA PHE J 62 -52.00 -46.69 -38.61
C PHE J 62 -53.14 -46.92 -39.60
N LEU J 63 -53.03 -46.32 -40.79
CA LEU J 63 -54.07 -46.49 -41.78
C LEU J 63 -54.11 -47.91 -42.34
N GLU J 64 -52.99 -48.63 -42.31
CA GLU J 64 -53.05 -50.06 -42.65
C GLU J 64 -53.92 -50.83 -41.67
N ASN J 65 -53.76 -50.55 -40.38
CA ASN J 65 -54.62 -51.19 -39.37
C ASN J 65 -56.07 -50.82 -39.59
N VAL J 66 -56.33 -49.53 -39.84
CA VAL J 66 -57.69 -49.03 -40.02
C VAL J 66 -58.33 -49.65 -41.26
N ILE J 67 -57.58 -49.73 -42.36
CA ILE J 67 -58.14 -50.26 -43.59
C ILE J 67 -58.28 -51.78 -43.49
N ARG J 68 -57.42 -52.44 -42.72
CA ARG J 68 -57.60 -53.86 -42.48
C ARG J 68 -58.92 -54.13 -41.78
N ASP J 69 -59.20 -53.36 -40.74
CA ASP J 69 -60.45 -53.51 -40.02
C ASP J 69 -61.65 -53.17 -40.92
N ALA J 70 -61.55 -52.06 -41.66
CA ALA J 70 -62.71 -51.59 -42.44
C ALA J 70 -62.97 -52.48 -43.64
N VAL J 71 -61.92 -53.00 -44.26
CA VAL J 71 -62.14 -53.96 -45.32
C VAL J 71 -62.78 -55.21 -44.74
N THR J 72 -62.26 -55.72 -43.62
CA THR J 72 -62.82 -56.91 -42.98
C THR J 72 -64.31 -56.73 -42.69
N TYR J 73 -64.70 -55.52 -42.28
CA TYR J 73 -66.10 -55.14 -42.26
C TYR J 73 -66.75 -55.30 -43.64
N THR J 74 -66.05 -54.88 -44.70
CA THR J 74 -66.68 -54.87 -46.01
C THR J 74 -66.91 -56.28 -46.56
N GLU J 75 -65.91 -57.17 -46.50
CA GLU J 75 -66.18 -58.51 -47.01
C GLU J 75 -67.06 -59.30 -46.04
N HIS J 76 -67.07 -58.94 -44.75
CA HIS J 76 -68.04 -59.59 -43.88
C HIS J 76 -69.46 -59.20 -44.25
N ALA J 77 -69.64 -57.99 -44.78
CA ALA J 77 -70.94 -57.56 -45.28
C ALA J 77 -71.22 -58.06 -46.69
N LYS J 78 -70.29 -58.81 -47.29
CA LYS J 78 -70.36 -59.26 -48.68
C LYS J 78 -70.50 -58.09 -49.64
N ARG J 79 -69.81 -56.99 -49.34
CA ARG J 79 -69.76 -55.81 -50.18
C ARG J 79 -68.38 -55.66 -50.79
N LYS J 80 -68.28 -54.73 -51.75
CA LYS J 80 -67.03 -54.47 -52.44
C LYS J 80 -66.57 -53.03 -52.30
N THR J 81 -67.48 -52.09 -52.08
CA THR J 81 -67.15 -50.68 -51.95
C THR J 81 -66.99 -50.34 -50.48
N VAL J 82 -65.89 -49.67 -50.15
CA VAL J 82 -65.64 -49.27 -48.76
C VAL J 82 -66.55 -48.12 -48.39
N THR J 83 -67.37 -48.32 -47.36
CA THR J 83 -68.32 -47.31 -46.91
C THR J 83 -67.80 -46.59 -45.68
N ALA J 84 -68.37 -45.41 -45.44
CA ALA J 84 -67.89 -44.57 -44.34
C ALA J 84 -68.31 -45.11 -42.98
N MET J 85 -69.41 -45.85 -42.92
CA MET J 85 -69.84 -46.44 -41.65
C MET J 85 -68.81 -47.44 -41.15
N ASP J 86 -68.26 -48.23 -42.07
CA ASP J 86 -67.19 -49.17 -41.72
C ASP J 86 -65.95 -48.42 -41.25
N VAL J 87 -65.68 -47.26 -41.86
CA VAL J 87 -64.59 -46.40 -41.41
C VAL J 87 -64.81 -45.95 -39.98
N VAL J 88 -66.04 -45.55 -39.65
CA VAL J 88 -66.37 -45.13 -38.30
C VAL J 88 -66.20 -46.27 -37.30
N TYR J 89 -66.68 -47.46 -37.66
CA TYR J 89 -66.55 -48.62 -36.77
C TYR J 89 -65.10 -48.98 -36.55
N ALA J 90 -64.29 -48.96 -37.61
CA ALA J 90 -62.88 -49.29 -37.51
C ALA J 90 -62.12 -48.27 -36.67
N LEU J 91 -62.47 -46.99 -36.82
CA LEU J 91 -61.82 -45.96 -36.02
C LEU J 91 -62.20 -46.06 -34.56
N LYS J 92 -63.47 -46.32 -34.28
CA LYS J 92 -63.93 -46.33 -32.90
C LYS J 92 -63.50 -47.61 -32.18
N ARG J 93 -63.24 -48.68 -32.93
CA ARG J 93 -62.71 -49.87 -32.29
C ARG J 93 -61.24 -49.73 -31.95
N GLN J 94 -60.56 -48.74 -32.51
CA GLN J 94 -59.22 -48.37 -32.09
C GLN J 94 -59.23 -47.22 -31.10
N GLY J 95 -60.40 -46.85 -30.57
CA GLY J 95 -60.49 -45.76 -29.63
C GLY J 95 -60.31 -44.39 -30.23
N ARG J 96 -60.70 -44.22 -31.49
CA ARG J 96 -60.53 -42.97 -32.24
C ARG J 96 -61.84 -42.57 -32.90
N THR J 97 -62.91 -42.58 -32.10
CA THR J 97 -64.28 -42.41 -32.60
C THR J 97 -64.48 -41.09 -33.32
N LEU J 98 -65.10 -41.16 -34.50
CA LEU J 98 -65.34 -40.02 -35.36
C LEU J 98 -66.84 -39.77 -35.48
N TYR J 99 -67.24 -38.51 -35.43
CA TYR J 99 -68.63 -38.13 -35.54
C TYR J 99 -68.94 -37.59 -36.93
N GLY J 100 -70.23 -37.62 -37.28
CA GLY J 100 -70.72 -36.95 -38.46
C GLY J 100 -70.88 -37.81 -39.69
N PHE J 101 -70.83 -39.14 -39.56
CA PHE J 101 -70.82 -40.01 -40.72
C PHE J 101 -71.79 -41.16 -40.55
N GLY J 102 -72.98 -40.85 -40.03
CA GLY J 102 -74.02 -41.85 -39.91
C GLY J 102 -73.85 -42.83 -38.78
N GLY J 103 -72.91 -42.59 -37.88
CA GLY J 103 -72.69 -43.48 -36.75
C GLY J 103 -73.83 -43.41 -35.75
N ALA K 28 -86.65 -94.98 -26.56
CA ALA K 28 -85.70 -95.40 -27.59
C ALA K 28 -84.71 -94.28 -27.88
N ARG K 29 -84.39 -93.49 -26.85
CA ARG K 29 -83.45 -92.39 -27.02
C ARG K 29 -82.03 -92.91 -27.21
N ALA K 30 -81.33 -92.33 -28.17
CA ALA K 30 -79.95 -92.74 -28.46
C ALA K 30 -79.01 -92.22 -27.38
N LYS K 31 -77.77 -92.72 -27.42
CA LYS K 31 -76.75 -92.28 -26.48
C LYS K 31 -76.36 -90.84 -26.73
N ALA K 32 -76.49 -90.00 -25.71
CA ALA K 32 -76.19 -88.59 -25.81
C ALA K 32 -74.70 -88.36 -25.60
N LYS K 33 -74.00 -88.00 -26.68
CA LYS K 33 -72.59 -87.65 -26.57
C LYS K 33 -72.45 -86.16 -26.28
N THR K 34 -71.24 -85.63 -26.37
CA THR K 34 -71.01 -84.22 -26.10
C THR K 34 -70.43 -83.55 -27.33
N ARG K 35 -70.80 -82.28 -27.51
CA ARG K 35 -70.39 -81.53 -28.70
C ARG K 35 -68.90 -81.24 -28.69
N SER K 36 -68.29 -81.12 -27.51
CA SER K 36 -66.84 -80.97 -27.44
C SER K 36 -66.13 -82.23 -27.94
N SER K 37 -66.64 -83.40 -27.57
CA SER K 37 -66.10 -84.64 -28.10
C SER K 37 -66.43 -84.80 -29.58
N ARG K 38 -67.59 -84.28 -30.00
CA ARG K 38 -67.95 -84.34 -31.42
C ARG K 38 -67.00 -83.47 -32.25
N ALA K 39 -66.57 -82.35 -31.70
CA ALA K 39 -65.47 -81.60 -32.29
C ALA K 39 -64.11 -82.10 -31.85
N GLY K 40 -64.07 -83.13 -31.00
CA GLY K 40 -62.80 -83.63 -30.50
C GLY K 40 -62.07 -82.66 -29.61
N LEU K 41 -62.79 -81.78 -28.93
CA LEU K 41 -62.18 -80.69 -28.20
C LEU K 41 -62.50 -80.79 -26.72
N GLN K 42 -61.87 -79.91 -25.93
CA GLN K 42 -61.96 -80.00 -24.49
C GLN K 42 -62.83 -78.92 -23.85
N PHE K 43 -62.93 -77.74 -24.45
CA PHE K 43 -63.79 -76.71 -23.90
C PHE K 43 -65.25 -77.06 -24.13
N PRO K 44 -66.12 -76.80 -23.14
CA PRO K 44 -67.53 -77.17 -23.25
C PRO K 44 -68.25 -76.30 -24.28
N VAL K 45 -68.60 -76.92 -25.41
CA VAL K 45 -69.37 -76.24 -26.44
C VAL K 45 -70.75 -75.86 -25.92
N GLY K 46 -71.35 -76.75 -25.13
CA GLY K 46 -72.66 -76.47 -24.56
C GLY K 46 -72.65 -75.29 -23.61
N ARG K 47 -71.63 -75.21 -22.75
CA ARG K 47 -71.52 -74.09 -21.82
C ARG K 47 -71.32 -72.77 -22.56
N VAL K 48 -70.47 -72.76 -23.59
CA VAL K 48 -70.21 -71.53 -24.32
C VAL K 48 -71.45 -71.08 -25.09
N HIS K 49 -72.16 -72.01 -25.72
CA HIS K 49 -73.39 -71.66 -26.42
C HIS K 49 -74.46 -71.18 -25.45
N ARG K 50 -74.54 -71.81 -24.27
CA ARG K 50 -75.45 -71.34 -23.23
C ARG K 50 -75.12 -69.93 -22.77
N LEU K 51 -73.83 -69.64 -22.55
CA LEU K 51 -73.45 -68.33 -22.05
C LEU K 51 -73.63 -67.25 -23.12
N LEU K 52 -73.50 -67.62 -24.39
CA LEU K 52 -73.80 -66.65 -25.45
C LEU K 52 -75.30 -66.42 -25.59
N ARG K 53 -76.12 -67.46 -25.43
CA ARG K 53 -77.56 -67.27 -25.52
C ARG K 53 -78.08 -66.43 -24.35
N LYS K 54 -77.48 -66.59 -23.18
CA LYS K 54 -77.90 -65.79 -22.02
C LYS K 54 -77.00 -64.59 -21.77
N GLY K 55 -75.95 -64.39 -22.57
CA GLY K 55 -75.17 -63.17 -22.48
C GLY K 55 -75.71 -62.00 -23.28
N ASN K 56 -76.75 -62.26 -24.08
CA ASN K 56 -77.49 -61.24 -24.83
C ASN K 56 -76.57 -60.48 -25.80
N TYR K 57 -76.06 -61.20 -26.79
CA TYR K 57 -75.29 -60.60 -27.87
C TYR K 57 -75.94 -60.76 -29.23
N SER K 58 -76.84 -61.74 -29.36
CA SER K 58 -77.66 -61.90 -30.55
C SER K 58 -78.92 -62.63 -30.15
N GLU K 59 -79.92 -62.59 -31.03
CA GLU K 59 -81.16 -63.32 -30.77
C GLU K 59 -80.98 -64.81 -31.00
N ARG K 60 -80.25 -65.20 -32.03
CA ARG K 60 -79.91 -66.58 -32.30
C ARG K 60 -78.40 -66.68 -32.38
N VAL K 61 -77.89 -67.91 -32.24
CA VAL K 61 -76.47 -68.17 -32.38
C VAL K 61 -76.30 -69.19 -33.48
N GLY K 62 -75.40 -68.92 -34.42
CA GLY K 62 -75.19 -69.83 -35.52
C GLY K 62 -74.63 -71.16 -35.08
N ALA K 63 -74.80 -72.16 -35.93
CA ALA K 63 -74.47 -73.53 -35.56
C ALA K 63 -72.96 -73.71 -35.35
N GLY K 64 -72.15 -73.15 -36.22
CA GLY K 64 -70.71 -73.26 -36.07
C GLY K 64 -70.09 -72.23 -35.16
N ALA K 65 -70.87 -71.25 -34.71
CA ALA K 65 -70.30 -70.16 -33.91
C ALA K 65 -69.73 -70.62 -32.56
N PRO K 66 -70.43 -71.38 -31.71
CA PRO K 66 -69.79 -71.75 -30.44
C PRO K 66 -68.68 -72.76 -30.60
N VAL K 67 -68.79 -73.65 -31.59
CA VAL K 67 -67.71 -74.61 -31.86
C VAL K 67 -66.46 -73.88 -32.29
N TYR K 68 -66.63 -72.91 -33.19
CA TYR K 68 -65.49 -72.12 -33.68
C TYR K 68 -64.90 -71.27 -32.57
N LEU K 69 -65.75 -70.65 -31.74
CA LEU K 69 -65.27 -69.85 -30.63
C LEU K 69 -64.51 -70.70 -29.63
N ALA K 70 -65.03 -71.88 -29.30
CA ALA K 70 -64.37 -72.77 -28.36
C ALA K 70 -63.06 -73.28 -28.92
N ALA K 71 -63.01 -73.51 -30.24
CA ALA K 71 -61.77 -73.93 -30.86
C ALA K 71 -60.71 -72.84 -30.78
N VAL K 72 -61.11 -71.59 -31.02
CA VAL K 72 -60.18 -70.47 -30.91
C VAL K 72 -59.69 -70.33 -29.47
N LEU K 73 -60.61 -70.40 -28.51
CA LEU K 73 -60.25 -70.24 -27.11
C LEU K 73 -59.33 -71.37 -26.65
N GLU K 74 -59.60 -72.59 -27.10
CA GLU K 74 -58.76 -73.72 -26.72
C GLU K 74 -57.39 -73.63 -27.35
N TYR K 75 -57.31 -73.17 -28.60
CA TYR K 75 -56.02 -73.03 -29.25
C TYR K 75 -55.17 -71.99 -28.54
N LEU K 76 -55.78 -70.85 -28.20
CA LEU K 76 -55.07 -69.82 -27.44
C LEU K 76 -54.64 -70.33 -26.06
N THR K 77 -55.54 -71.06 -25.40
CA THR K 77 -55.23 -71.63 -24.10
C THR K 77 -54.11 -72.66 -24.22
N ALA K 78 -54.08 -73.39 -25.33
CA ALA K 78 -53.06 -74.39 -25.57
C ALA K 78 -51.69 -73.76 -25.72
N GLU K 79 -51.60 -72.68 -26.53
CA GLU K 79 -50.32 -71.98 -26.63
C GLU K 79 -49.88 -71.39 -25.31
N ILE K 80 -50.80 -70.77 -24.56
CA ILE K 80 -50.36 -70.08 -23.36
C ILE K 80 -50.01 -71.10 -22.27
N LEU K 81 -50.67 -72.26 -22.25
CA LEU K 81 -50.32 -73.28 -21.28
C LEU K 81 -49.01 -73.96 -21.66
N GLU K 82 -48.75 -74.13 -22.95
CA GLU K 82 -47.46 -74.65 -23.38
C GLU K 82 -46.34 -73.70 -23.02
N LEU K 83 -46.56 -72.41 -23.22
CA LEU K 83 -45.56 -71.40 -22.83
C LEU K 83 -45.37 -71.38 -21.32
N ALA K 84 -46.45 -71.53 -20.56
CA ALA K 84 -46.35 -71.57 -19.11
C ALA K 84 -45.55 -72.78 -18.64
N GLY K 85 -45.82 -73.95 -19.21
CA GLY K 85 -45.08 -75.14 -18.83
C GLY K 85 -43.62 -75.06 -19.22
N ASN K 86 -43.33 -74.50 -20.40
CA ASN K 86 -41.95 -74.30 -20.81
C ASN K 86 -41.22 -73.32 -19.91
N ALA K 87 -41.89 -72.24 -19.52
CA ALA K 87 -41.26 -71.25 -18.64
C ALA K 87 -41.04 -71.84 -17.24
N ALA K 88 -41.99 -72.65 -16.76
CA ALA K 88 -41.82 -73.31 -15.47
C ALA K 88 -40.68 -74.30 -15.50
N ARG K 89 -40.56 -75.06 -16.59
CA ARG K 89 -39.46 -76.00 -16.74
C ARG K 89 -38.12 -75.28 -16.84
N ASP K 90 -38.10 -74.14 -17.54
CA ASP K 90 -36.90 -73.31 -17.59
C ASP K 90 -36.56 -72.75 -16.22
N ASN K 91 -37.57 -72.48 -15.40
CA ASN K 91 -37.38 -72.04 -14.03
C ASN K 91 -37.27 -73.22 -13.07
N LYS K 92 -37.05 -74.44 -13.60
CA LYS K 92 -36.91 -75.71 -12.87
C LYS K 92 -38.02 -75.94 -11.83
N LYS K 93 -39.22 -75.47 -12.13
CA LYS K 93 -40.39 -75.72 -11.28
C LYS K 93 -41.42 -76.53 -12.04
N THR K 94 -42.05 -77.47 -11.35
CA THR K 94 -43.00 -78.38 -11.97
C THR K 94 -44.45 -77.95 -11.81
N ARG K 95 -44.70 -76.77 -11.26
CA ARG K 95 -46.06 -76.27 -11.05
C ARG K 95 -46.11 -74.83 -11.54
N ILE K 96 -47.21 -74.48 -12.20
CA ILE K 96 -47.32 -73.14 -12.79
C ILE K 96 -47.58 -72.11 -11.70
N ILE K 97 -46.78 -71.04 -11.71
CA ILE K 97 -47.00 -69.91 -10.82
C ILE K 97 -47.27 -68.69 -11.70
N PRO K 98 -47.94 -67.66 -11.18
CA PRO K 98 -48.27 -66.49 -12.03
C PRO K 98 -47.07 -65.74 -12.57
N ARG K 99 -45.90 -65.87 -11.92
CA ARG K 99 -44.67 -65.34 -12.47
C ARG K 99 -44.38 -65.94 -13.85
N HIS K 100 -44.56 -67.25 -13.97
CA HIS K 100 -44.39 -67.93 -15.25
C HIS K 100 -45.40 -67.42 -16.28
N LEU K 101 -46.63 -67.17 -15.85
CA LEU K 101 -47.66 -66.69 -16.77
C LEU K 101 -47.32 -65.29 -17.30
N GLN K 102 -46.85 -64.40 -16.43
CA GLN K 102 -46.48 -63.06 -16.88
C GLN K 102 -45.28 -63.11 -17.82
N LEU K 103 -44.29 -63.95 -17.48
CA LEU K 103 -43.10 -64.06 -18.33
C LEU K 103 -43.45 -64.68 -19.67
N ALA K 104 -44.47 -65.56 -19.70
CA ALA K 104 -44.89 -66.16 -20.96
C ALA K 104 -45.68 -65.18 -21.82
N ILE K 105 -46.61 -64.45 -21.19
CA ILE K 105 -47.48 -63.54 -21.94
C ILE K 105 -46.69 -62.36 -22.49
N ARG K 106 -45.90 -61.71 -21.63
CA ARG K 106 -45.23 -60.49 -22.02
C ARG K 106 -44.09 -60.73 -23.01
N ASN K 107 -43.61 -61.96 -23.12
CA ASN K 107 -42.54 -62.25 -24.06
C ASN K 107 -43.05 -62.71 -25.42
N ASP K 108 -44.36 -62.84 -25.59
CA ASP K 108 -44.94 -63.06 -26.91
C ASP K 108 -45.53 -61.74 -27.38
N GLU K 109 -45.09 -61.28 -28.56
CA GLU K 109 -45.49 -59.96 -29.06
C GLU K 109 -46.98 -59.88 -29.35
N GLU K 110 -47.55 -60.90 -29.97
CA GLU K 110 -48.96 -60.83 -30.31
C GLU K 110 -49.86 -60.96 -29.08
N LEU K 111 -49.44 -61.76 -28.10
CA LEU K 111 -50.20 -61.83 -26.86
C LEU K 111 -50.01 -60.58 -26.03
N ASN K 112 -48.84 -59.95 -26.14
CA ASN K 112 -48.63 -58.65 -25.50
C ASN K 112 -49.56 -57.60 -26.09
N LYS K 113 -49.72 -57.62 -27.41
CA LYS K 113 -50.68 -56.73 -28.05
C LYS K 113 -52.11 -57.12 -27.71
N LEU K 114 -52.34 -58.39 -27.40
CA LEU K 114 -53.65 -58.81 -26.90
C LEU K 114 -53.89 -58.31 -25.49
N LEU K 115 -52.88 -58.43 -24.63
CA LEU K 115 -53.04 -58.20 -23.19
C LEU K 115 -52.13 -57.09 -22.67
N GLY K 116 -52.05 -55.98 -23.41
CA GLY K 116 -51.22 -54.87 -22.95
C GLY K 116 -51.75 -54.19 -21.72
N ARG K 117 -53.06 -53.96 -21.67
CA ARG K 117 -53.71 -53.25 -20.57
C ARG K 117 -54.28 -54.21 -19.53
N VAL K 118 -53.73 -55.42 -19.45
CA VAL K 118 -54.28 -56.45 -18.58
C VAL K 118 -53.39 -56.64 -17.37
N THR K 119 -54.01 -56.63 -16.19
CA THR K 119 -53.29 -56.71 -14.92
C THR K 119 -53.26 -58.16 -14.45
N ILE K 120 -52.08 -58.64 -14.09
CA ILE K 120 -51.90 -60.01 -13.62
C ILE K 120 -51.67 -59.95 -12.11
N ALA K 121 -52.41 -60.75 -11.35
CA ALA K 121 -52.22 -60.78 -9.92
C ALA K 121 -51.00 -61.63 -9.55
N GLN K 122 -50.08 -61.04 -8.80
CA GLN K 122 -48.85 -61.66 -8.30
C GLN K 122 -47.97 -62.22 -9.41
N GLY K 123 -48.06 -61.66 -10.61
CA GLY K 123 -47.25 -62.15 -11.71
C GLY K 123 -45.88 -61.52 -11.77
N GLY K 124 -45.68 -60.40 -11.09
CA GLY K 124 -44.43 -59.69 -11.24
C GLY K 124 -44.35 -58.97 -12.56
N VAL K 125 -43.14 -58.54 -12.92
CA VAL K 125 -42.89 -57.79 -14.14
C VAL K 125 -41.79 -58.48 -14.93
N LEU K 126 -41.64 -58.06 -16.18
CA LEU K 126 -40.49 -58.50 -16.95
C LEU K 126 -39.21 -57.96 -16.35
N PRO K 127 -38.12 -58.72 -16.41
CA PRO K 127 -36.81 -58.12 -16.14
C PRO K 127 -36.48 -57.15 -17.25
N ASN K 128 -36.58 -55.86 -16.95
CA ASN K 128 -36.52 -54.84 -17.99
C ASN K 128 -35.72 -53.67 -17.47
N ILE K 129 -34.47 -53.56 -17.93
CA ILE K 129 -33.60 -52.47 -17.53
C ILE K 129 -33.14 -51.77 -18.80
N GLN K 130 -33.06 -50.45 -18.77
CA GLN K 130 -32.60 -49.72 -19.94
C GLN K 130 -31.08 -49.70 -19.98
N ALA K 131 -30.55 -49.52 -21.18
CA ALA K 131 -29.10 -49.57 -21.36
C ALA K 131 -28.40 -48.39 -20.69
N VAL K 132 -29.07 -47.24 -20.62
CA VAL K 132 -28.52 -46.12 -19.87
C VAL K 132 -28.54 -46.41 -18.37
N LEU K 133 -29.45 -47.27 -17.92
CA LEU K 133 -29.52 -47.63 -16.51
C LEU K 133 -28.42 -48.62 -16.11
N LEU K 134 -27.86 -49.35 -17.06
CA LEU K 134 -26.76 -50.25 -16.74
C LEU K 134 -25.43 -49.51 -16.79
N PRO K 135 -24.51 -49.83 -15.89
CA PRO K 135 -23.23 -49.12 -15.87
C PRO K 135 -22.31 -49.57 -17.00
N LYS K 136 -21.18 -48.88 -17.12
CA LYS K 136 -20.19 -49.19 -18.13
C LYS K 136 -19.45 -50.48 -17.78
N LYS L 31 -74.40 -78.68 1.78
CA LYS L 31 -73.59 -78.22 0.66
C LYS L 31 -74.00 -76.82 0.22
N ARG L 32 -73.50 -76.41 -0.94
CA ARG L 32 -73.83 -75.13 -1.55
C ARG L 32 -74.20 -75.36 -3.01
N SER L 33 -74.67 -74.30 -3.66
CA SER L 33 -74.96 -74.36 -5.08
C SER L 33 -73.67 -74.47 -5.88
N ARG L 34 -73.75 -75.13 -7.03
CA ARG L 34 -72.54 -75.32 -7.84
C ARG L 34 -72.19 -74.03 -8.58
N LYS L 35 -70.94 -73.61 -8.47
CA LYS L 35 -70.44 -72.42 -9.14
C LYS L 35 -69.55 -72.89 -10.28
N GLU L 36 -70.03 -72.74 -11.51
CA GLU L 36 -69.29 -73.22 -12.67
C GLU L 36 -68.06 -72.37 -12.93
N SER L 37 -66.97 -73.04 -13.30
CA SER L 37 -65.73 -72.38 -13.67
C SER L 37 -65.05 -73.22 -14.74
N TYR L 38 -63.87 -72.81 -15.14
CA TYR L 38 -63.15 -73.47 -16.20
C TYR L 38 -61.94 -74.25 -15.73
N SER L 39 -62.03 -74.91 -14.57
CA SER L 39 -60.88 -75.62 -14.03
C SER L 39 -60.54 -76.85 -14.86
N VAL L 40 -61.51 -77.77 -15.01
CA VAL L 40 -61.19 -79.10 -15.53
C VAL L 40 -60.75 -79.04 -17.00
N TYR L 41 -61.30 -78.11 -17.76
CA TYR L 41 -60.96 -78.03 -19.17
C TYR L 41 -59.56 -77.50 -19.37
N VAL L 42 -59.19 -76.48 -18.59
CA VAL L 42 -57.81 -75.98 -18.56
C VAL L 42 -56.86 -77.07 -18.08
N TYR L 43 -57.32 -77.89 -17.13
CA TYR L 43 -56.49 -78.99 -16.63
C TYR L 43 -56.22 -80.01 -17.72
N LYS L 44 -57.26 -80.37 -18.47
CA LYS L 44 -57.11 -81.32 -19.57
C LYS L 44 -56.21 -80.77 -20.67
N VAL L 45 -56.40 -79.51 -21.05
CA VAL L 45 -55.57 -78.91 -22.10
C VAL L 45 -54.12 -78.79 -21.64
N LEU L 46 -53.91 -78.53 -20.34
CA LEU L 46 -52.56 -78.52 -19.79
C LEU L 46 -51.92 -79.89 -19.89
N LYS L 47 -52.66 -80.94 -19.55
CA LYS L 47 -52.12 -82.29 -19.69
C LYS L 47 -51.92 -82.68 -21.15
N GLN L 48 -52.70 -82.11 -22.06
CA GLN L 48 -52.41 -82.29 -23.49
C GLN L 48 -51.09 -81.66 -23.87
N VAL L 49 -50.81 -80.45 -23.38
CA VAL L 49 -49.60 -79.78 -23.80
C VAL L 49 -48.42 -80.14 -22.90
N HIS L 50 -48.71 -80.52 -21.65
CA HIS L 50 -47.66 -80.85 -20.69
C HIS L 50 -48.21 -81.89 -19.72
N PRO L 51 -48.02 -83.17 -20.00
CA PRO L 51 -48.44 -84.20 -19.03
C PRO L 51 -47.64 -84.17 -17.74
N ASP L 52 -46.44 -83.61 -17.75
CA ASP L 52 -45.49 -83.72 -16.65
C ASP L 52 -45.68 -82.70 -15.54
N THR L 53 -46.26 -81.54 -15.83
CA THR L 53 -46.22 -80.43 -14.89
C THR L 53 -47.54 -80.30 -14.13
N GLY L 54 -47.48 -79.50 -13.06
CA GLY L 54 -48.66 -79.13 -12.30
C GLY L 54 -49.03 -77.66 -12.51
N ILE L 55 -50.08 -77.26 -11.81
CA ILE L 55 -50.64 -75.92 -11.90
C ILE L 55 -51.13 -75.48 -10.54
N SER L 56 -50.98 -74.19 -10.23
CA SER L 56 -51.51 -73.64 -9.00
C SER L 56 -52.92 -73.07 -9.21
N SER L 57 -53.67 -72.98 -8.11
CA SER L 57 -55.04 -72.50 -8.18
C SER L 57 -55.10 -71.01 -8.53
N LYS L 58 -54.06 -70.27 -8.17
CA LYS L 58 -53.99 -68.86 -8.54
C LYS L 58 -53.80 -68.70 -10.05
N ALA L 59 -52.92 -69.50 -10.63
CA ALA L 59 -52.79 -69.56 -12.08
C ALA L 59 -54.10 -70.04 -12.72
N MET L 60 -54.80 -70.96 -12.06
CA MET L 60 -56.12 -71.39 -12.52
C MET L 60 -57.10 -70.23 -12.59
N GLY L 61 -57.14 -69.41 -11.55
CA GLY L 61 -58.03 -68.26 -11.56
C GLY L 61 -57.64 -67.23 -12.60
N ILE L 62 -56.32 -67.05 -12.81
CA ILE L 62 -55.85 -66.15 -13.85
C ILE L 62 -56.29 -66.64 -15.22
N MET L 63 -56.20 -67.95 -15.46
CA MET L 63 -56.67 -68.51 -16.73
C MET L 63 -58.17 -68.41 -16.88
N ASN L 64 -58.91 -68.52 -15.78
CA ASN L 64 -60.36 -68.31 -15.85
C ASN L 64 -60.67 -66.86 -16.21
N SER L 65 -59.91 -65.92 -15.65
CA SER L 65 -60.05 -64.51 -16.02
C SER L 65 -59.70 -64.29 -17.49
N PHE L 66 -58.64 -64.93 -17.97
CA PHE L 66 -58.28 -64.88 -19.39
C PHE L 66 -59.40 -65.40 -20.29
N VAL L 67 -59.91 -66.60 -20.02
CA VAL L 67 -60.90 -67.18 -20.91
C VAL L 67 -62.21 -66.39 -20.85
N ASN L 68 -62.59 -65.90 -19.68
CA ASN L 68 -63.80 -65.08 -19.57
C ASN L 68 -63.61 -63.74 -20.26
N ASP L 69 -62.43 -63.13 -20.13
CA ASP L 69 -62.14 -61.83 -20.74
C ASP L 69 -62.18 -61.92 -22.25
N ILE L 70 -61.47 -62.90 -22.82
CA ILE L 70 -61.46 -63.02 -24.28
C ILE L 70 -62.82 -63.47 -24.79
N PHE L 71 -63.54 -64.29 -24.00
CA PHE L 71 -64.89 -64.69 -24.34
C PHE L 71 -65.81 -63.47 -24.46
N GLU L 72 -65.72 -62.55 -23.50
CA GLU L 72 -66.59 -61.37 -23.53
C GLU L 72 -66.15 -60.38 -24.60
N ARG L 73 -64.84 -60.27 -24.86
CA ARG L 73 -64.36 -59.42 -25.96
C ARG L 73 -64.91 -59.90 -27.30
N ILE L 74 -64.77 -61.20 -27.58
CA ILE L 74 -65.23 -61.74 -28.85
C ILE L 74 -66.76 -61.68 -28.93
N ALA L 75 -67.44 -61.89 -27.79
CA ALA L 75 -68.90 -61.80 -27.76
C ALA L 75 -69.37 -60.39 -28.08
N GLY L 76 -68.74 -59.37 -27.49
CA GLY L 76 -69.12 -58.00 -27.78
C GLY L 76 -68.82 -57.60 -29.21
N GLU L 77 -67.66 -58.04 -29.73
CA GLU L 77 -67.32 -57.75 -31.13
C GLU L 77 -68.29 -58.41 -32.09
N ALA L 78 -68.65 -59.68 -31.84
CA ALA L 78 -69.58 -60.37 -32.71
C ALA L 78 -70.97 -59.75 -32.62
N SER L 79 -71.34 -59.26 -31.43
CA SER L 79 -72.59 -58.52 -31.30
C SER L 79 -72.57 -57.24 -32.11
N ARG L 80 -71.42 -56.54 -32.12
CA ARG L 80 -71.28 -55.34 -32.93
C ARG L 80 -71.40 -55.64 -34.41
N LEU L 81 -70.78 -56.73 -34.86
CA LEU L 81 -70.90 -57.11 -36.28
C LEU L 81 -72.31 -57.56 -36.64
N ALA L 82 -73.00 -58.24 -35.72
CA ALA L 82 -74.40 -58.56 -35.96
C ALA L 82 -75.24 -57.30 -36.04
N HIS L 83 -74.87 -56.28 -35.26
CA HIS L 83 -75.51 -54.97 -35.37
C HIS L 83 -75.26 -54.33 -36.73
N TYR L 84 -74.02 -54.39 -37.22
CA TYR L 84 -73.69 -53.63 -38.42
C TYR L 84 -74.25 -54.31 -39.66
N ASN L 85 -74.37 -55.62 -39.61
CA ASN L 85 -74.93 -56.40 -40.69
C ASN L 85 -76.43 -56.63 -40.51
N LYS L 86 -76.99 -56.10 -39.43
CA LYS L 86 -78.42 -56.20 -39.10
C LYS L 86 -78.87 -57.65 -39.02
N ARG L 87 -78.02 -58.48 -38.42
CA ARG L 87 -78.24 -59.92 -38.38
C ARG L 87 -78.81 -60.32 -37.04
N SER L 88 -79.90 -61.09 -37.07
CA SER L 88 -80.49 -61.63 -35.86
C SER L 88 -79.67 -62.78 -35.27
N THR L 89 -78.67 -63.26 -35.99
CA THR L 89 -77.90 -64.44 -35.60
C THR L 89 -76.41 -64.16 -35.73
N ILE L 90 -75.66 -64.53 -34.70
CA ILE L 90 -74.20 -64.55 -34.78
C ILE L 90 -73.79 -65.96 -35.16
N THR L 91 -73.14 -66.11 -36.31
CA THR L 91 -72.68 -67.39 -36.80
C THR L 91 -71.15 -67.44 -36.78
N SER L 92 -70.60 -68.54 -37.29
CA SER L 92 -69.16 -68.73 -37.29
C SER L 92 -68.47 -67.76 -38.24
N ARG L 93 -69.19 -67.24 -39.24
CA ARG L 93 -68.67 -66.15 -40.04
C ARG L 93 -68.43 -64.92 -39.18
N GLU L 94 -69.39 -64.59 -38.32
CA GLU L 94 -69.24 -63.46 -37.40
C GLU L 94 -68.09 -63.69 -36.43
N ILE L 95 -67.97 -64.91 -35.92
CA ILE L 95 -66.91 -65.19 -34.96
C ILE L 95 -65.55 -65.14 -35.63
N GLN L 96 -65.46 -65.63 -36.88
CA GLN L 96 -64.22 -65.57 -37.62
C GLN L 96 -63.83 -64.13 -37.91
N THR L 97 -64.83 -63.31 -38.25
CA THR L 97 -64.60 -61.90 -38.47
C THR L 97 -64.10 -61.23 -37.20
N ALA L 98 -64.70 -61.56 -36.06
CA ALA L 98 -64.27 -60.95 -34.80
C ALA L 98 -62.88 -61.41 -34.41
N VAL L 99 -62.52 -62.66 -34.71
CA VAL L 99 -61.16 -63.12 -34.46
C VAL L 99 -60.17 -62.33 -35.30
N ARG L 100 -60.42 -62.23 -36.60
CA ARG L 100 -59.44 -61.59 -37.46
C ARG L 100 -59.38 -60.08 -37.23
N LEU L 101 -60.47 -59.49 -36.72
CA LEU L 101 -60.35 -58.12 -36.22
C LEU L 101 -59.52 -58.06 -34.95
N LEU L 102 -59.84 -58.89 -33.96
CA LEU L 102 -59.26 -58.72 -32.64
C LEU L 102 -57.88 -59.37 -32.54
N LEU L 103 -57.79 -60.60 -32.92
CA LEU L 103 -56.56 -61.35 -32.70
C LEU L 103 -55.51 -60.96 -33.76
N PRO L 104 -54.28 -60.70 -33.35
CA PRO L 104 -53.28 -60.23 -34.31
C PRO L 104 -52.59 -61.33 -35.10
N GLY L 105 -52.68 -61.21 -36.42
CA GLY L 105 -51.86 -61.89 -37.39
C GLY L 105 -51.79 -63.40 -37.45
N GLU L 106 -50.58 -63.96 -37.24
CA GLU L 106 -50.38 -65.38 -37.49
C GLU L 106 -51.05 -66.27 -36.47
N LEU L 107 -51.14 -65.88 -35.20
CA LEU L 107 -51.93 -66.67 -34.27
C LEU L 107 -53.41 -66.65 -34.65
N ALA L 108 -53.86 -65.51 -35.19
CA ALA L 108 -55.25 -65.40 -35.62
C ALA L 108 -55.54 -66.30 -36.82
N LYS L 109 -54.65 -66.31 -37.81
CA LYS L 109 -54.89 -67.18 -38.96
C LYS L 109 -54.75 -68.65 -38.56
N HIS L 110 -53.87 -68.95 -37.61
CA HIS L 110 -53.85 -70.31 -37.07
C HIS L 110 -55.17 -70.67 -36.40
N ALA L 111 -55.65 -69.81 -35.50
CA ALA L 111 -56.93 -70.03 -34.81
C ALA L 111 -58.06 -70.22 -35.81
N VAL L 112 -57.99 -69.51 -36.93
CA VAL L 112 -58.87 -69.78 -38.07
C VAL L 112 -58.69 -71.22 -38.55
N SER L 113 -57.44 -71.67 -38.69
CA SER L 113 -57.20 -73.00 -39.26
C SER L 113 -57.71 -74.11 -38.35
N GLU L 114 -57.37 -74.09 -37.05
CA GLU L 114 -57.92 -75.11 -36.15
C GLU L 114 -59.41 -74.94 -35.93
N GLY L 115 -59.92 -73.72 -35.93
CA GLY L 115 -61.36 -73.54 -35.80
C GLY L 115 -62.10 -74.07 -37.02
N THR L 116 -61.52 -73.87 -38.20
CA THR L 116 -62.10 -74.39 -39.42
C THR L 116 -62.05 -75.91 -39.44
N LYS L 117 -60.91 -76.48 -39.06
CA LYS L 117 -60.79 -77.93 -38.97
C LYS L 117 -61.78 -78.49 -37.95
N ALA L 118 -61.96 -77.79 -36.83
CA ALA L 118 -62.87 -78.22 -35.79
C ALA L 118 -64.32 -78.17 -36.27
N VAL L 119 -64.72 -77.11 -36.97
CA VAL L 119 -66.11 -77.04 -37.40
C VAL L 119 -66.36 -77.99 -38.57
N THR L 120 -65.32 -78.33 -39.34
CA THR L 120 -65.50 -79.37 -40.34
C THR L 120 -65.67 -80.75 -39.70
N LYS L 121 -64.82 -81.11 -38.74
CA LYS L 121 -64.94 -82.45 -38.18
C LYS L 121 -66.10 -82.54 -37.18
N TYR L 122 -66.57 -81.39 -36.68
CA TYR L 122 -67.85 -81.38 -35.97
C TYR L 122 -69.00 -81.47 -36.95
N THR L 123 -68.85 -80.87 -38.13
CA THR L 123 -69.88 -80.95 -39.15
C THR L 123 -70.05 -82.39 -39.63
N SER L 124 -68.94 -83.13 -39.73
CA SER L 124 -68.97 -84.55 -40.03
C SER L 124 -69.20 -85.42 -38.79
N ALA L 125 -69.68 -84.81 -37.69
CA ALA L 125 -69.99 -85.49 -36.43
C ALA L 125 -68.80 -86.26 -35.87
N LYS M 38 -12.17 -49.97 7.19
CA LYS M 38 -13.21 -49.32 6.40
C LYS M 38 -14.27 -50.33 5.97
N PRO M 39 -15.53 -50.06 6.31
CA PRO M 39 -16.62 -50.93 5.86
C PRO M 39 -16.77 -50.90 4.35
N HIS M 40 -17.15 -52.04 3.80
CA HIS M 40 -17.37 -52.14 2.36
C HIS M 40 -18.69 -51.47 2.00
N ARG M 41 -18.63 -50.48 1.13
CA ARG M 41 -19.76 -49.60 0.86
C ARG M 41 -19.95 -49.52 -0.64
N TYR M 42 -21.17 -49.75 -1.10
CA TYR M 42 -21.44 -49.80 -2.53
C TYR M 42 -21.61 -48.40 -3.11
N ARG M 43 -21.24 -48.26 -4.37
CA ARG M 43 -21.39 -46.99 -5.06
C ARG M 43 -22.87 -46.68 -5.27
N PRO M 44 -23.24 -45.39 -5.40
CA PRO M 44 -24.67 -45.05 -5.49
C PRO M 44 -25.32 -45.62 -6.73
N GLY M 45 -26.46 -46.27 -6.52
CA GLY M 45 -27.16 -46.99 -7.55
C GLY M 45 -26.90 -48.48 -7.57
N THR M 46 -25.76 -48.94 -7.02
CA THR M 46 -25.44 -50.36 -7.04
C THR M 46 -26.46 -51.15 -6.23
N VAL M 47 -26.75 -50.70 -5.01
CA VAL M 47 -27.83 -51.29 -4.23
C VAL M 47 -29.17 -50.97 -4.87
N ALA M 48 -29.31 -49.81 -5.50
CA ALA M 48 -30.56 -49.46 -6.16
C ALA M 48 -30.84 -50.37 -7.35
N LEU M 49 -29.83 -50.58 -8.20
CA LEU M 49 -30.01 -51.51 -9.32
C LEU M 49 -30.14 -52.95 -8.85
N ARG M 50 -29.47 -53.31 -7.75
CA ARG M 50 -29.68 -54.66 -7.19
C ARG M 50 -31.10 -54.83 -6.71
N GLU M 51 -31.66 -53.79 -6.08
CA GLU M 51 -33.06 -53.79 -5.70
C GLU M 51 -33.95 -53.86 -6.93
N ILE M 52 -33.54 -53.18 -8.01
CA ILE M 52 -34.31 -53.22 -9.25
C ILE M 52 -34.40 -54.63 -9.79
N ARG M 53 -33.25 -55.32 -9.84
CA ARG M 53 -33.22 -56.71 -10.29
C ARG M 53 -34.01 -57.61 -9.36
N ARG M 54 -33.92 -57.37 -8.06
CA ARG M 54 -34.61 -58.18 -7.07
C ARG M 54 -36.12 -58.04 -7.19
N TYR M 55 -36.61 -56.80 -7.25
CA TYR M 55 -38.04 -56.58 -7.25
C TYR M 55 -38.66 -56.84 -8.62
N GLN M 56 -37.89 -56.71 -9.70
CA GLN M 56 -38.36 -57.25 -10.96
C GLN M 56 -38.38 -58.77 -10.94
N LYS M 57 -37.44 -59.40 -10.25
CA LYS M 57 -37.52 -60.84 -10.04
C LYS M 57 -38.67 -61.20 -9.12
N SER M 58 -38.91 -60.40 -8.10
CA SER M 58 -39.92 -60.71 -7.10
C SER M 58 -41.32 -60.49 -7.66
N THR M 59 -42.29 -61.16 -7.05
CA THR M 59 -43.69 -61.02 -7.43
C THR M 59 -44.58 -60.50 -6.31
N GLU M 60 -44.05 -60.38 -5.09
CA GLU M 60 -44.88 -60.07 -3.93
C GLU M 60 -45.24 -58.58 -3.89
N LEU M 61 -46.17 -58.26 -3.00
CA LEU M 61 -46.62 -56.89 -2.83
C LEU M 61 -45.62 -56.09 -2.00
N LEU M 62 -45.49 -54.80 -2.32
CA LEU M 62 -44.56 -53.92 -1.64
C LEU M 62 -45.22 -52.98 -0.64
N ILE M 63 -46.54 -52.97 -0.58
CA ILE M 63 -47.28 -52.11 0.33
C ILE M 63 -47.70 -52.92 1.54
N ARG M 64 -47.59 -52.32 2.72
CA ARG M 64 -48.15 -52.93 3.93
C ARG M 64 -49.66 -53.01 3.81
N LYS M 65 -50.22 -54.17 4.17
CA LYS M 65 -51.62 -54.42 3.86
C LYS M 65 -52.56 -53.66 4.79
N LEU M 66 -52.21 -53.53 6.06
CA LEU M 66 -53.15 -52.96 7.02
C LEU M 66 -53.20 -51.43 7.00
N PRO M 67 -52.07 -50.68 6.92
CA PRO M 67 -52.22 -49.23 6.67
C PRO M 67 -52.88 -48.90 5.35
N PHE M 68 -52.65 -49.73 4.32
CA PHE M 68 -53.37 -49.57 3.06
C PHE M 68 -54.86 -49.78 3.27
N GLN M 69 -55.22 -50.79 4.06
CA GLN M 69 -56.61 -51.04 4.39
C GLN M 69 -57.21 -49.88 5.15
N ARG M 70 -56.43 -49.27 6.06
CA ARG M 70 -56.87 -48.09 6.77
C ARG M 70 -57.14 -46.93 5.82
N LEU M 71 -56.27 -46.74 4.83
CA LEU M 71 -56.48 -45.68 3.85
C LEU M 71 -57.72 -45.94 2.99
N VAL M 72 -57.93 -47.21 2.61
CA VAL M 72 -59.10 -47.58 1.84
C VAL M 72 -60.38 -47.30 2.62
N ARG M 73 -60.41 -47.71 3.89
CA ARG M 73 -61.58 -47.43 4.72
C ARG M 73 -61.75 -45.94 4.97
N GLU M 74 -60.64 -45.21 5.09
CA GLU M 74 -60.68 -43.77 5.30
C GLU M 74 -61.34 -43.05 4.13
N ILE M 75 -60.90 -43.37 2.92
CA ILE M 75 -61.48 -42.70 1.76
C ILE M 75 -62.87 -43.24 1.45
N ALA M 76 -63.14 -44.47 1.89
CA ALA M 76 -64.49 -45.01 1.74
C ALA M 76 -65.49 -44.24 2.59
N GLN M 77 -65.15 -44.01 3.86
CA GLN M 77 -66.05 -43.24 4.72
C GLN M 77 -66.07 -41.77 4.34
N ASP M 78 -65.08 -41.31 3.57
CA ASP M 78 -65.19 -40.00 2.94
C ASP M 78 -66.24 -39.94 1.84
N PHE M 79 -66.65 -41.08 1.29
CA PHE M 79 -67.74 -41.12 0.33
C PHE M 79 -69.02 -41.65 0.97
N LYS M 80 -68.97 -42.79 1.64
CA LYS M 80 -70.11 -43.29 2.39
C LYS M 80 -69.58 -43.91 3.68
N THR M 81 -70.11 -43.45 4.81
CA THR M 81 -69.56 -43.76 6.11
C THR M 81 -69.85 -45.21 6.50
N ASP M 82 -68.85 -45.85 7.12
CA ASP M 82 -68.94 -47.20 7.69
C ASP M 82 -69.20 -48.28 6.65
N LEU M 83 -68.40 -48.29 5.58
CA LEU M 83 -68.38 -49.43 4.68
C LEU M 83 -67.59 -50.59 5.25
N ARG M 84 -67.95 -51.80 4.82
CA ARG M 84 -67.23 -53.01 5.15
C ARG M 84 -66.52 -53.52 3.92
N PHE M 85 -65.31 -54.06 4.12
CA PHE M 85 -64.43 -54.42 3.02
C PHE M 85 -63.92 -55.84 3.19
N GLN M 86 -64.05 -56.64 2.15
CA GLN M 86 -63.36 -57.92 2.10
C GLN M 86 -61.87 -57.67 2.00
N SER M 87 -61.09 -58.52 2.70
CA SER M 87 -59.65 -58.37 2.70
C SER M 87 -59.08 -58.59 1.30
N SER M 88 -59.63 -59.57 0.57
CA SER M 88 -59.19 -59.83 -0.80
C SER M 88 -59.40 -58.62 -1.70
N ALA M 89 -60.47 -57.85 -1.47
CA ALA M 89 -60.66 -56.60 -2.19
C ALA M 89 -59.54 -55.61 -1.87
N VAL M 90 -59.09 -55.60 -0.62
CA VAL M 90 -58.01 -54.69 -0.23
C VAL M 90 -56.70 -55.08 -0.91
N MET M 91 -56.38 -56.38 -0.93
CA MET M 91 -55.17 -56.78 -1.66
C MET M 91 -55.32 -56.58 -3.16
N ALA M 92 -56.55 -56.67 -3.68
CA ALA M 92 -56.76 -56.41 -5.10
C ALA M 92 -56.51 -54.95 -5.44
N LEU M 93 -57.00 -54.04 -4.59
CA LEU M 93 -56.69 -52.63 -4.73
C LEU M 93 -55.19 -52.38 -4.61
N GLN M 94 -54.54 -53.09 -3.69
CA GLN M 94 -53.10 -53.00 -3.52
C GLN M 94 -52.37 -53.36 -4.80
N GLU M 95 -52.68 -54.52 -5.37
CA GLU M 95 -51.93 -55.00 -6.54
C GLU M 95 -52.28 -54.19 -7.78
N ALA M 96 -53.50 -53.68 -7.87
CA ALA M 96 -53.86 -52.79 -8.97
C ALA M 96 -53.07 -51.49 -8.89
N SER M 97 -52.96 -50.92 -7.69
CA SER M 97 -52.18 -49.71 -7.52
C SER M 97 -50.71 -49.96 -7.83
N GLU M 98 -50.19 -51.11 -7.42
CA GLU M 98 -48.80 -51.47 -7.68
C GLU M 98 -48.56 -51.64 -9.19
N ALA M 99 -49.51 -52.24 -9.90
CA ALA M 99 -49.41 -52.35 -11.35
C ALA M 99 -49.44 -50.99 -12.02
N TYR M 100 -50.31 -50.09 -11.52
CA TYR M 100 -50.34 -48.73 -12.06
C TYR M 100 -49.00 -48.04 -11.82
N LEU M 101 -48.43 -48.21 -10.64
CA LEU M 101 -47.14 -47.62 -10.32
C LEU M 101 -46.03 -48.18 -11.21
N VAL M 102 -46.10 -49.47 -11.51
CA VAL M 102 -45.15 -50.08 -12.47
C VAL M 102 -45.26 -49.38 -13.80
N GLY M 103 -46.49 -49.24 -14.30
CA GLY M 103 -46.69 -48.60 -15.60
C GLY M 103 -46.25 -47.15 -15.62
N LEU M 104 -46.56 -46.41 -14.57
CA LEU M 104 -46.35 -44.97 -14.62
C LEU M 104 -44.89 -44.62 -14.33
N PHE M 105 -44.19 -45.42 -13.51
CA PHE M 105 -42.74 -45.24 -13.50
C PHE M 105 -42.04 -45.75 -14.74
N GLU M 106 -42.57 -46.76 -15.44
CA GLU M 106 -41.95 -47.10 -16.72
C GLU M 106 -42.10 -45.98 -17.73
N ASP M 107 -43.30 -45.41 -17.83
CA ASP M 107 -43.51 -44.25 -18.70
C ASP M 107 -42.68 -43.05 -18.23
N THR M 108 -42.60 -42.84 -16.92
CA THR M 108 -41.85 -41.74 -16.35
C THR M 108 -40.36 -41.90 -16.60
N ASN M 109 -39.84 -43.12 -16.49
CA ASN M 109 -38.44 -43.40 -16.78
C ASN M 109 -38.15 -43.17 -18.24
N LEU M 110 -39.08 -43.57 -19.12
CA LEU M 110 -38.94 -43.30 -20.54
C LEU M 110 -38.92 -41.81 -20.82
N ALA M 111 -39.77 -41.05 -20.12
CA ALA M 111 -39.80 -39.61 -20.29
C ALA M 111 -38.52 -38.96 -19.79
N ALA M 112 -38.03 -39.40 -18.63
CA ALA M 112 -36.84 -38.80 -18.03
C ALA M 112 -35.59 -39.11 -18.83
N ILE M 113 -35.48 -40.33 -19.36
CA ILE M 113 -34.46 -40.63 -20.36
C ILE M 113 -34.62 -39.71 -21.56
N HIS M 114 -35.86 -39.53 -22.01
CA HIS M 114 -36.11 -38.60 -23.10
C HIS M 114 -35.88 -37.16 -22.65
N ALA M 115 -36.09 -36.89 -21.36
CA ALA M 115 -35.73 -35.61 -20.77
C ALA M 115 -34.25 -35.51 -20.41
N LYS M 116 -33.43 -36.43 -20.92
CA LYS M 116 -31.97 -36.44 -20.76
C LYS M 116 -31.56 -36.51 -19.30
N ARG M 117 -32.40 -37.15 -18.48
CA ARG M 117 -32.17 -37.30 -17.05
C ARG M 117 -32.27 -38.77 -16.67
N VAL M 118 -31.79 -39.06 -15.47
CA VAL M 118 -31.97 -40.38 -14.88
C VAL M 118 -32.65 -40.30 -13.51
N THR M 119 -32.55 -39.18 -12.81
CA THR M 119 -33.43 -38.88 -11.69
C THR M 119 -34.74 -38.39 -12.28
N ILE M 120 -35.82 -39.10 -11.97
CA ILE M 120 -37.14 -38.74 -12.47
C ILE M 120 -37.69 -37.60 -11.64
N MET M 121 -38.62 -36.84 -12.22
CA MET M 121 -39.20 -35.68 -11.57
C MET M 121 -40.73 -35.72 -11.74
N PRO M 122 -41.46 -35.02 -10.87
CA PRO M 122 -42.93 -34.97 -11.03
C PRO M 122 -43.40 -34.36 -12.33
N LYS M 123 -42.57 -33.53 -12.96
CA LYS M 123 -42.87 -33.05 -14.31
C LYS M 123 -42.96 -34.20 -15.31
N ASP M 124 -42.10 -35.22 -15.16
CA ASP M 124 -42.21 -36.40 -16.00
C ASP M 124 -43.51 -37.14 -15.75
N ILE M 125 -43.91 -37.23 -14.48
CA ILE M 125 -45.14 -37.94 -14.11
C ILE M 125 -46.35 -37.21 -14.66
N GLN M 126 -46.36 -35.88 -14.55
CA GLN M 126 -47.42 -35.07 -15.12
C GLN M 126 -47.47 -35.19 -16.62
N LEU M 127 -46.31 -35.23 -17.27
CA LEU M 127 -46.26 -35.39 -18.72
C LEU M 127 -46.83 -36.74 -19.14
N ALA M 128 -46.44 -37.81 -18.45
CA ALA M 128 -46.94 -39.14 -18.78
C ALA M 128 -48.43 -39.24 -18.51
N ARG M 129 -48.88 -38.59 -17.43
CA ARG M 129 -50.30 -38.53 -17.10
C ARG M 129 -51.09 -37.80 -18.18
N ARG M 130 -50.52 -36.72 -18.73
CA ARG M 130 -51.18 -35.99 -19.81
C ARG M 130 -51.19 -36.78 -21.10
N ILE M 131 -50.08 -37.46 -21.42
CA ILE M 131 -50.00 -38.24 -22.67
C ILE M 131 -50.96 -39.42 -22.62
N ARG M 132 -51.10 -40.05 -21.46
CA ARG M 132 -52.02 -41.19 -21.34
C ARG M 132 -53.47 -40.77 -21.45
N GLY M 133 -53.76 -39.48 -21.37
CA GLY M 133 -55.11 -39.02 -21.62
C GLY M 133 -55.95 -38.80 -20.38
N GLU M 134 -55.37 -38.24 -19.32
CA GLU M 134 -56.15 -37.89 -18.14
C GLU M 134 -55.58 -36.67 -17.44
N LYS N 21 -62.67 -43.93 15.41
CA LYS N 21 -63.75 -43.85 14.44
C LYS N 21 -63.26 -43.27 13.12
N VAL N 22 -62.89 -42.00 13.13
CA VAL N 22 -62.46 -41.34 11.91
C VAL N 22 -60.98 -41.61 11.65
N LEU N 23 -60.58 -41.42 10.39
CA LEU N 23 -59.19 -41.51 9.99
C LEU N 23 -58.86 -40.28 9.16
N ARG N 24 -57.69 -39.72 9.39
CA ARG N 24 -57.38 -38.45 8.77
C ARG N 24 -56.14 -38.48 7.89
N ASP N 25 -55.16 -39.32 8.22
CA ASP N 25 -53.92 -39.38 7.41
C ASP N 25 -53.44 -40.83 7.38
N ASN N 26 -53.81 -41.55 6.32
CA ASN N 26 -53.25 -42.85 6.04
C ASN N 26 -52.63 -42.93 4.64
N ILE N 27 -52.70 -41.84 3.87
CA ILE N 27 -51.96 -41.77 2.62
C ILE N 27 -50.47 -41.77 2.90
N GLN N 28 -50.05 -41.19 4.02
CA GLN N 28 -48.66 -41.30 4.44
C GLN N 28 -48.33 -42.68 4.98
N GLY N 29 -49.34 -43.50 5.27
CA GLY N 29 -49.11 -44.90 5.58
C GLY N 29 -48.58 -45.70 4.41
N ILE N 30 -48.78 -45.22 3.19
CA ILE N 30 -48.11 -45.76 2.01
C ILE N 30 -46.71 -45.15 2.03
N THR N 31 -45.79 -45.89 2.62
CA THR N 31 -44.53 -45.30 3.07
C THR N 31 -43.59 -45.01 1.90
N LYS N 32 -42.67 -44.08 2.15
CA LYS N 32 -41.62 -43.76 1.20
C LYS N 32 -40.74 -44.94 0.80
N PRO N 33 -40.28 -45.82 1.71
CA PRO N 33 -39.53 -47.01 1.22
C PRO N 33 -40.36 -47.92 0.34
N ALA N 34 -41.67 -47.99 0.55
CA ALA N 34 -42.53 -48.76 -0.34
C ALA N 34 -42.53 -48.18 -1.75
N ILE N 35 -42.61 -46.85 -1.85
CA ILE N 35 -42.51 -46.16 -3.14
C ILE N 35 -41.16 -46.41 -3.79
N ARG N 36 -40.11 -46.42 -2.96
CA ARG N 36 -38.77 -46.72 -3.44
C ARG N 36 -38.71 -48.10 -4.06
N ARG N 37 -39.26 -49.10 -3.36
CA ARG N 37 -39.28 -50.47 -3.86
C ARG N 37 -40.11 -50.61 -5.12
N LEU N 38 -41.24 -49.90 -5.20
CA LEU N 38 -42.08 -49.95 -6.38
C LEU N 38 -41.34 -49.39 -7.59
N ALA N 39 -40.61 -48.30 -7.42
CA ALA N 39 -39.84 -47.77 -8.54
C ALA N 39 -38.66 -48.66 -8.86
N ARG N 40 -38.15 -49.42 -7.88
CA ARG N 40 -37.20 -50.48 -8.21
C ARG N 40 -37.85 -51.53 -9.10
N ARG N 41 -39.09 -51.91 -8.79
CA ARG N 41 -39.85 -52.74 -9.72
C ARG N 41 -40.17 -51.97 -10.99
N GLY N 42 -40.42 -50.67 -10.87
CA GLY N 42 -40.62 -49.83 -12.04
C GLY N 42 -39.36 -49.46 -12.78
N GLY N 43 -38.20 -49.86 -12.28
CA GLY N 43 -36.95 -49.61 -12.98
C GLY N 43 -36.33 -48.25 -12.75
N VAL N 44 -36.85 -47.47 -11.82
CA VAL N 44 -36.30 -46.15 -11.55
C VAL N 44 -35.26 -46.29 -10.45
N LYS N 45 -34.03 -45.85 -10.73
CA LYS N 45 -32.97 -45.99 -9.75
C LYS N 45 -32.86 -44.78 -8.83
N ARG N 46 -33.07 -43.57 -9.35
CA ARG N 46 -32.97 -42.36 -8.55
C ARG N 46 -34.31 -41.65 -8.53
N ILE N 47 -34.80 -41.39 -7.32
CA ILE N 47 -36.16 -40.95 -7.08
C ILE N 47 -36.06 -39.62 -6.35
N SER N 48 -36.49 -38.54 -7.01
CA SER N 48 -36.33 -37.21 -6.45
C SER N 48 -37.15 -37.04 -5.18
N GLY N 49 -36.77 -36.03 -4.39
CA GLY N 49 -37.50 -35.74 -3.16
C GLY N 49 -38.93 -35.29 -3.38
N LEU N 50 -39.22 -34.71 -4.54
CA LEU N 50 -40.55 -34.26 -4.87
C LEU N 50 -41.43 -35.37 -5.42
N ILE N 51 -40.84 -36.53 -5.73
CA ILE N 51 -41.57 -37.64 -6.33
C ILE N 51 -42.63 -38.18 -5.38
N TYR N 52 -42.29 -38.32 -4.10
CA TYR N 52 -43.09 -39.11 -3.17
C TYR N 52 -44.48 -38.49 -2.97
N GLU N 53 -44.55 -37.17 -2.83
CA GLU N 53 -45.85 -36.53 -2.66
C GLU N 53 -46.62 -36.50 -3.97
N GLU N 54 -45.92 -36.41 -5.11
CA GLU N 54 -46.58 -36.53 -6.40
C GLU N 54 -47.23 -37.89 -6.57
N THR N 55 -46.51 -38.94 -6.19
CA THR N 55 -47.05 -40.30 -6.24
C THR N 55 -48.22 -40.44 -5.27
N ARG N 56 -48.11 -39.86 -4.08
CA ARG N 56 -49.22 -39.91 -3.14
C ARG N 56 -50.45 -39.21 -3.70
N GLY N 57 -50.25 -38.07 -4.36
CA GLY N 57 -51.37 -37.36 -4.95
C GLY N 57 -52.03 -38.13 -6.07
N VAL N 58 -51.23 -38.75 -6.95
CA VAL N 58 -51.83 -39.42 -8.10
C VAL N 58 -52.47 -40.74 -7.69
N LEU N 59 -51.84 -41.47 -6.75
CA LEU N 59 -52.49 -42.64 -6.17
C LEU N 59 -53.75 -42.24 -5.43
N LYS N 60 -53.72 -41.08 -4.78
CA LYS N 60 -54.88 -40.56 -4.09
C LYS N 60 -56.05 -40.39 -5.05
N VAL N 61 -55.87 -39.54 -6.07
CA VAL N 61 -56.95 -39.24 -7.00
C VAL N 61 -57.40 -40.51 -7.74
N PHE N 62 -56.47 -41.37 -8.15
CA PHE N 62 -56.84 -42.61 -8.82
C PHE N 62 -57.62 -43.52 -7.89
N LEU N 63 -57.32 -43.48 -6.59
CA LEU N 63 -58.07 -44.35 -5.70
C LEU N 63 -59.48 -43.82 -5.48
N GLU N 64 -59.70 -42.49 -5.53
CA GLU N 64 -61.12 -42.10 -5.51
C GLU N 64 -61.79 -42.46 -6.82
N ASN N 65 -61.06 -42.35 -7.95
CA ASN N 65 -61.63 -42.76 -9.23
C ASN N 65 -62.02 -44.23 -9.23
N VAL N 66 -61.29 -45.05 -8.48
CA VAL N 66 -61.65 -46.46 -8.37
C VAL N 66 -62.79 -46.65 -7.38
N ILE N 67 -62.64 -46.12 -6.17
CA ILE N 67 -63.57 -46.48 -5.09
C ILE N 67 -64.92 -45.82 -5.30
N ARG N 68 -64.98 -44.70 -6.02
CA ARG N 68 -66.27 -44.11 -6.36
C ARG N 68 -67.07 -45.06 -7.24
N ASP N 69 -66.42 -45.60 -8.25
CA ASP N 69 -67.05 -46.59 -9.12
C ASP N 69 -67.40 -47.85 -8.34
N ALA N 70 -66.50 -48.30 -7.46
CA ALA N 70 -66.72 -49.54 -6.73
C ALA N 70 -67.89 -49.42 -5.76
N VAL N 71 -67.95 -48.31 -5.02
CA VAL N 71 -69.07 -48.12 -4.11
C VAL N 71 -70.35 -47.93 -4.90
N THR N 72 -70.32 -47.14 -5.99
CA THR N 72 -71.51 -46.93 -6.82
C THR N 72 -72.07 -48.26 -7.33
N TYR N 73 -71.17 -49.19 -7.69
CA TYR N 73 -71.56 -50.59 -7.88
C TYR N 73 -72.22 -51.16 -6.62
N THR N 74 -71.64 -50.88 -5.45
CA THR N 74 -72.05 -51.60 -4.24
C THR N 74 -73.44 -51.18 -3.75
N GLU N 75 -73.72 -49.88 -3.68
CA GLU N 75 -75.12 -49.54 -3.36
C GLU N 75 -76.02 -49.70 -4.59
N HIS N 76 -75.46 -49.84 -5.78
CA HIS N 76 -76.31 -50.37 -6.84
C HIS N 76 -76.59 -51.84 -6.62
N ALA N 77 -75.69 -52.55 -5.95
CA ALA N 77 -75.94 -53.92 -5.53
C ALA N 77 -76.72 -53.99 -4.22
N LYS N 78 -77.02 -52.83 -3.61
CA LYS N 78 -77.70 -52.72 -2.31
C LYS N 78 -76.95 -53.45 -1.20
N ARG N 79 -75.62 -53.53 -1.31
CA ARG N 79 -74.81 -54.19 -0.30
C ARG N 79 -74.13 -53.18 0.59
N LYS N 80 -73.63 -53.66 1.72
CA LYS N 80 -72.84 -52.87 2.65
C LYS N 80 -71.42 -53.39 2.78
N THR N 81 -71.13 -54.55 2.20
CA THR N 81 -69.81 -55.15 2.21
C THR N 81 -69.21 -55.05 0.82
N VAL N 82 -68.03 -54.47 0.71
CA VAL N 82 -67.39 -54.26 -0.58
C VAL N 82 -66.71 -55.55 -1.01
N THR N 83 -66.99 -56.01 -2.22
CA THR N 83 -66.40 -57.22 -2.77
C THR N 83 -65.29 -56.87 -3.75
N ALA N 84 -64.42 -57.86 -4.00
CA ALA N 84 -63.31 -57.64 -4.91
C ALA N 84 -63.79 -57.62 -6.36
N MET N 85 -64.88 -58.32 -6.65
CA MET N 85 -65.43 -58.33 -8.00
C MET N 85 -65.98 -56.96 -8.41
N ASP N 86 -66.39 -56.17 -7.42
CA ASP N 86 -66.68 -54.75 -7.66
C ASP N 86 -65.43 -54.00 -8.11
N VAL N 87 -64.29 -54.26 -7.45
CA VAL N 87 -63.02 -53.65 -7.82
C VAL N 87 -62.64 -54.06 -9.24
N VAL N 88 -62.90 -55.32 -9.59
CA VAL N 88 -62.60 -55.81 -10.94
C VAL N 88 -63.41 -55.05 -11.99
N TYR N 89 -64.71 -54.86 -11.72
CA TYR N 89 -65.53 -54.09 -12.66
C TYR N 89 -65.08 -52.64 -12.77
N ALA N 90 -64.74 -52.02 -11.64
CA ALA N 90 -64.32 -50.63 -11.66
C ALA N 90 -63.01 -50.46 -12.41
N LEU N 91 -62.12 -51.45 -12.31
CA LEU N 91 -60.85 -51.36 -13.01
C LEU N 91 -61.02 -51.61 -14.51
N LYS N 92 -61.82 -52.61 -14.89
CA LYS N 92 -62.00 -52.88 -16.32
C LYS N 92 -62.79 -51.77 -16.99
N ARG N 93 -63.60 -51.03 -16.24
CA ARG N 93 -64.19 -49.81 -16.77
C ARG N 93 -63.10 -48.80 -17.13
N GLN N 94 -62.09 -48.67 -16.27
CA GLN N 94 -61.00 -47.74 -16.52
C GLN N 94 -59.88 -48.37 -17.35
N GLY N 95 -60.15 -49.44 -18.09
CA GLY N 95 -59.12 -50.07 -18.89
C GLY N 95 -58.01 -50.71 -18.10
N ARG N 96 -58.30 -51.19 -16.90
CA ARG N 96 -57.33 -51.78 -16.00
C ARG N 96 -57.71 -53.22 -15.69
N THR N 97 -58.03 -53.97 -16.74
CA THR N 97 -58.56 -55.32 -16.67
C THR N 97 -57.68 -56.24 -15.84
N LEU N 98 -58.28 -56.89 -14.86
CA LEU N 98 -57.57 -57.59 -13.80
C LEU N 98 -57.61 -59.08 -14.06
N TYR N 99 -56.48 -59.76 -13.94
CA TYR N 99 -56.45 -61.21 -13.92
C TYR N 99 -56.01 -61.67 -12.55
N GLY N 100 -56.82 -62.54 -11.93
CA GLY N 100 -56.47 -63.12 -10.64
C GLY N 100 -57.53 -63.01 -9.57
N PHE N 101 -58.68 -62.37 -9.82
CA PHE N 101 -59.75 -62.31 -8.85
C PHE N 101 -61.14 -62.40 -9.46
N GLY N 102 -61.25 -62.80 -10.74
CA GLY N 102 -62.56 -62.89 -11.36
C GLY N 102 -63.38 -64.04 -10.84
N GLY N 103 -64.69 -63.79 -10.71
CA GLY N 103 -65.61 -64.81 -10.23
C GLY N 103 -65.69 -64.92 -8.72
N ALA O 28 -114.63 -44.87 -28.35
CA ALA O 28 -113.96 -46.05 -28.88
C ALA O 28 -112.56 -46.19 -28.30
N ARG O 29 -111.77 -45.12 -28.38
CA ARG O 29 -110.39 -45.14 -27.93
C ARG O 29 -110.02 -43.82 -27.30
N ALA O 30 -109.20 -43.89 -26.26
CA ALA O 30 -108.65 -42.67 -25.67
C ALA O 30 -107.65 -42.04 -26.61
N LYS O 31 -107.66 -40.71 -26.67
CA LYS O 31 -106.77 -40.00 -27.56
C LYS O 31 -105.37 -39.96 -26.97
N ALA O 32 -104.39 -40.37 -27.78
CA ALA O 32 -103.06 -40.68 -27.26
C ALA O 32 -102.14 -39.47 -27.30
N LYS O 33 -101.30 -39.35 -26.28
CA LYS O 33 -100.18 -38.42 -26.23
C LYS O 33 -98.91 -39.25 -26.28
N THR O 34 -97.85 -38.70 -26.86
CA THR O 34 -96.57 -39.38 -26.81
C THR O 34 -96.05 -39.40 -25.38
N ARG O 35 -95.29 -40.44 -25.05
CA ARG O 35 -94.69 -40.51 -23.73
C ARG O 35 -93.61 -39.45 -23.55
N SER O 36 -93.06 -38.95 -24.66
CA SER O 36 -92.23 -37.75 -24.60
C SER O 36 -93.05 -36.55 -24.15
N SER O 37 -94.28 -36.44 -24.66
CA SER O 37 -95.17 -35.37 -24.21
C SER O 37 -95.63 -35.60 -22.77
N ARG O 38 -95.78 -36.87 -22.37
CA ARG O 38 -96.12 -37.18 -20.99
C ARG O 38 -94.99 -36.77 -20.06
N ALA O 39 -93.75 -37.01 -20.47
CA ALA O 39 -92.61 -36.43 -19.77
C ALA O 39 -92.49 -34.94 -20.01
N GLY O 40 -93.05 -34.43 -21.10
CA GLY O 40 -92.78 -33.07 -21.50
C GLY O 40 -91.35 -32.86 -21.94
N LEU O 41 -90.75 -33.87 -22.55
CA LEU O 41 -89.39 -33.78 -23.06
C LEU O 41 -89.41 -33.96 -24.57
N GLN O 42 -88.44 -33.34 -25.24
CA GLN O 42 -88.44 -33.26 -26.70
C GLN O 42 -87.89 -34.52 -27.36
N PHE O 43 -86.98 -35.22 -26.68
CA PHE O 43 -86.41 -36.45 -27.23
C PHE O 43 -87.46 -37.56 -27.26
N PRO O 44 -87.45 -38.38 -28.32
CA PRO O 44 -88.46 -39.44 -28.46
C PRO O 44 -88.24 -40.56 -27.44
N VAL O 45 -89.15 -40.65 -26.48
CA VAL O 45 -89.12 -41.74 -25.50
C VAL O 45 -89.35 -43.08 -26.19
N GLY O 46 -90.27 -43.13 -27.15
CA GLY O 46 -90.55 -44.37 -27.84
C GLY O 46 -89.38 -44.87 -28.68
N ARG O 47 -88.72 -43.95 -29.39
CA ARG O 47 -87.59 -44.34 -30.24
C ARG O 47 -86.41 -44.82 -29.41
N VAL O 48 -86.11 -44.14 -28.30
CA VAL O 48 -85.03 -44.57 -27.42
C VAL O 48 -85.38 -45.90 -26.77
N HIS O 49 -86.66 -46.09 -26.42
CA HIS O 49 -87.10 -47.34 -25.82
C HIS O 49 -86.94 -48.51 -26.78
N ARG O 50 -87.34 -48.32 -28.04
CA ARG O 50 -87.21 -49.40 -29.03
C ARG O 50 -85.74 -49.64 -29.41
N LEU O 51 -84.90 -48.60 -29.40
CA LEU O 51 -83.49 -48.82 -29.69
C LEU O 51 -82.77 -49.48 -28.52
N LEU O 52 -83.29 -49.30 -27.30
CA LEU O 52 -82.78 -50.06 -26.17
C LEU O 52 -83.22 -51.51 -26.24
N ARG O 53 -84.49 -51.75 -26.56
CA ARG O 53 -85.02 -53.12 -26.56
C ARG O 53 -84.45 -53.93 -27.73
N LYS O 54 -84.12 -53.27 -28.83
CA LYS O 54 -83.57 -53.95 -29.99
C LYS O 54 -82.06 -53.82 -30.09
N GLY O 55 -81.42 -53.16 -29.12
CA GLY O 55 -79.99 -53.02 -29.09
C GLY O 55 -79.23 -54.12 -28.39
N ASN O 56 -79.95 -55.16 -27.92
CA ASN O 56 -79.39 -56.31 -27.22
C ASN O 56 -78.66 -55.91 -25.94
N TYR O 57 -79.37 -55.26 -25.02
CA TYR O 57 -78.84 -54.92 -23.70
C TYR O 57 -79.60 -55.59 -22.57
N SER O 58 -80.92 -55.70 -22.68
CA SER O 58 -81.73 -56.60 -21.86
C SER O 58 -83.02 -56.87 -22.61
N GLU O 59 -83.56 -58.08 -22.42
CA GLU O 59 -84.83 -58.42 -23.06
C GLU O 59 -85.98 -57.67 -22.41
N ARG O 60 -85.88 -57.36 -21.13
CA ARG O 60 -86.90 -56.65 -20.39
C ARG O 60 -86.27 -55.37 -19.86
N VAL O 61 -86.98 -54.26 -19.96
CA VAL O 61 -86.44 -52.95 -19.61
C VAL O 61 -87.43 -52.25 -18.69
N GLY O 62 -86.94 -51.74 -17.56
CA GLY O 62 -87.80 -51.00 -16.66
C GLY O 62 -88.27 -49.70 -17.27
N ALA O 63 -89.43 -49.25 -16.80
CA ALA O 63 -90.14 -48.15 -17.45
C ALA O 63 -89.40 -46.83 -17.27
N GLY O 64 -88.79 -46.61 -16.11
CA GLY O 64 -88.09 -45.36 -15.90
C GLY O 64 -86.78 -45.23 -16.61
N ALA O 65 -86.23 -46.34 -17.10
CA ALA O 65 -84.92 -46.30 -17.76
C ALA O 65 -84.87 -45.45 -19.03
N PRO O 66 -85.75 -45.63 -20.04
CA PRO O 66 -85.57 -44.82 -21.24
C PRO O 66 -85.96 -43.37 -21.06
N VAL O 67 -86.95 -43.07 -20.20
CA VAL O 67 -87.27 -41.68 -19.93
C VAL O 67 -86.14 -41.02 -19.15
N TYR O 68 -85.50 -41.78 -18.26
CA TYR O 68 -84.36 -41.26 -17.52
C TYR O 68 -83.20 -40.95 -18.45
N LEU O 69 -82.88 -41.91 -19.33
CA LEU O 69 -81.80 -41.73 -20.28
C LEU O 69 -82.10 -40.61 -21.26
N ALA O 70 -83.35 -40.53 -21.72
CA ALA O 70 -83.71 -39.50 -22.68
C ALA O 70 -83.65 -38.13 -22.06
N ALA O 71 -84.04 -38.00 -20.79
CA ALA O 71 -83.90 -36.74 -20.09
C ALA O 71 -82.43 -36.36 -19.94
N VAL O 72 -81.58 -37.35 -19.62
CA VAL O 72 -80.15 -37.12 -19.53
C VAL O 72 -79.60 -36.63 -20.86
N LEU O 73 -79.95 -37.31 -21.95
CA LEU O 73 -79.46 -36.94 -23.27
C LEU O 73 -79.94 -35.56 -23.68
N GLU O 74 -81.22 -35.26 -23.43
CA GLU O 74 -81.76 -33.96 -23.81
C GLU O 74 -81.09 -32.85 -23.02
N TYR O 75 -80.78 -33.11 -21.75
CA TYR O 75 -80.11 -32.09 -20.95
C TYR O 75 -78.68 -31.88 -21.45
N LEU O 76 -77.99 -32.97 -21.80
CA LEU O 76 -76.62 -32.87 -22.30
C LEU O 76 -76.56 -32.12 -23.63
N THR O 77 -77.46 -32.46 -24.55
CA THR O 77 -77.53 -31.73 -25.81
C THR O 77 -77.99 -30.29 -25.59
N ALA O 78 -78.84 -30.06 -24.59
CA ALA O 78 -79.25 -28.69 -24.28
C ALA O 78 -78.06 -27.85 -23.83
N GLU O 79 -77.22 -28.43 -22.98
CA GLU O 79 -76.02 -27.74 -22.51
C GLU O 79 -75.06 -27.47 -23.65
N ILE O 80 -74.80 -28.49 -24.48
CA ILE O 80 -73.81 -28.29 -25.52
C ILE O 80 -74.35 -27.38 -26.61
N LEU O 81 -75.67 -27.39 -26.85
CA LEU O 81 -76.25 -26.48 -27.82
C LEU O 81 -76.24 -25.05 -27.29
N GLU O 82 -76.41 -24.88 -25.98
CA GLU O 82 -76.29 -23.56 -25.38
C GLU O 82 -74.86 -23.04 -25.53
N LEU O 83 -73.88 -23.91 -25.26
CA LEU O 83 -72.48 -23.51 -25.40
C LEU O 83 -72.14 -23.17 -26.84
N ALA O 84 -72.65 -23.97 -27.78
CA ALA O 84 -72.42 -23.70 -29.20
C ALA O 84 -73.09 -22.41 -29.64
N GLY O 85 -74.29 -22.13 -29.13
CA GLY O 85 -74.97 -20.89 -29.47
C GLY O 85 -74.25 -19.67 -28.95
N ASN O 86 -73.77 -19.72 -27.71
CA ASN O 86 -73.00 -18.59 -27.19
C ASN O 86 -71.68 -18.42 -27.93
N ALA O 87 -71.03 -19.53 -28.29
CA ALA O 87 -69.80 -19.46 -29.07
C ALA O 87 -70.06 -18.86 -30.45
N ALA O 88 -71.20 -19.19 -31.06
CA ALA O 88 -71.56 -18.63 -32.35
C ALA O 88 -71.84 -17.13 -32.24
N ARG O 89 -72.49 -16.71 -31.15
CA ARG O 89 -72.73 -15.29 -30.94
C ARG O 89 -71.44 -14.55 -30.64
N ASP O 90 -70.44 -15.25 -30.10
CA ASP O 90 -69.12 -14.66 -29.93
C ASP O 90 -68.44 -14.38 -31.26
N ASN O 91 -68.58 -15.30 -32.22
CA ASN O 91 -67.93 -15.14 -33.52
C ASN O 91 -68.80 -14.38 -34.51
N LYS O 92 -69.90 -13.76 -34.03
CA LYS O 92 -70.82 -12.96 -34.85
C LYS O 92 -71.46 -13.77 -35.95
N LYS O 93 -71.63 -15.07 -35.70
CA LYS O 93 -72.24 -15.97 -36.67
C LYS O 93 -73.57 -16.45 -36.11
N THR O 94 -74.60 -16.36 -36.94
CA THR O 94 -75.95 -16.74 -36.50
C THR O 94 -76.12 -18.24 -36.37
N ARG O 95 -75.34 -19.02 -37.11
CA ARG O 95 -75.54 -20.46 -37.20
C ARG O 95 -74.36 -21.20 -36.62
N ILE O 96 -74.62 -22.36 -36.03
CA ILE O 96 -73.57 -23.18 -35.46
C ILE O 96 -72.70 -23.74 -36.58
N ILE O 97 -71.42 -23.92 -36.29
CA ILE O 97 -70.48 -24.53 -37.23
C ILE O 97 -69.74 -25.56 -36.38
N PRO O 98 -69.17 -26.63 -36.95
CA PRO O 98 -68.36 -27.54 -36.12
C PRO O 98 -67.10 -26.93 -35.52
N ARG O 99 -66.62 -25.79 -36.01
CA ARG O 99 -65.60 -25.06 -35.26
C ARG O 99 -66.11 -24.62 -33.91
N HIS O 100 -67.37 -24.14 -33.86
CA HIS O 100 -68.01 -23.83 -32.58
C HIS O 100 -68.13 -25.07 -31.71
N LEU O 101 -68.43 -26.22 -32.32
CA LEU O 101 -68.53 -27.45 -31.55
C LEU O 101 -67.19 -27.84 -30.95
N GLN O 102 -66.11 -27.71 -31.72
CA GLN O 102 -64.79 -28.01 -31.20
C GLN O 102 -64.41 -27.09 -30.06
N LEU O 103 -64.72 -25.79 -30.21
CA LEU O 103 -64.45 -24.84 -29.14
C LEU O 103 -65.30 -25.14 -27.91
N ALA O 104 -66.54 -25.60 -28.12
CA ALA O 104 -67.42 -25.85 -26.99
C ALA O 104 -67.02 -27.12 -26.23
N ILE O 105 -66.68 -28.19 -26.95
CA ILE O 105 -66.28 -29.43 -26.29
C ILE O 105 -64.94 -29.25 -25.59
N ARG O 106 -63.95 -28.68 -26.28
CA ARG O 106 -62.60 -28.70 -25.73
C ARG O 106 -62.42 -27.68 -24.60
N ASN O 107 -63.30 -26.69 -24.48
CA ASN O 107 -63.19 -25.72 -23.41
C ASN O 107 -64.07 -26.03 -22.20
N ASP O 108 -64.69 -27.21 -22.15
CA ASP O 108 -65.40 -27.64 -20.95
C ASP O 108 -64.68 -28.86 -20.40
N GLU O 109 -64.38 -28.83 -19.11
CA GLU O 109 -63.55 -29.87 -18.50
C GLU O 109 -64.29 -31.20 -18.44
N GLU O 110 -65.53 -31.20 -17.95
CA GLU O 110 -66.26 -32.45 -17.83
C GLU O 110 -66.69 -32.99 -19.19
N LEU O 111 -66.96 -32.10 -20.15
CA LEU O 111 -67.23 -32.58 -21.50
C LEU O 111 -65.98 -33.11 -22.17
N ASN O 112 -64.81 -32.54 -21.85
CA ASN O 112 -63.55 -33.09 -22.35
C ASN O 112 -63.33 -34.47 -21.77
N LYS O 113 -63.67 -34.65 -20.49
CA LYS O 113 -63.62 -35.97 -19.87
C LYS O 113 -64.58 -36.92 -20.55
N LEU O 114 -65.74 -36.41 -20.99
CA LEU O 114 -66.67 -37.24 -21.75
C LEU O 114 -66.10 -37.58 -23.13
N LEU O 115 -65.43 -36.64 -23.78
CA LEU O 115 -65.02 -36.78 -25.17
C LEU O 115 -63.52 -36.56 -25.37
N GLY O 116 -62.70 -37.20 -24.55
CA GLY O 116 -61.26 -37.11 -24.74
C GLY O 116 -60.78 -37.83 -25.98
N ARG O 117 -61.40 -38.97 -26.30
CA ARG O 117 -60.97 -39.84 -27.40
C ARG O 117 -61.86 -39.71 -28.63
N VAL O 118 -62.67 -38.67 -28.71
CA VAL O 118 -63.64 -38.52 -29.78
C VAL O 118 -63.11 -37.52 -30.80
N THR O 119 -63.12 -37.93 -32.07
CA THR O 119 -62.66 -37.09 -33.17
C THR O 119 -63.87 -36.41 -33.81
N ILE O 120 -63.71 -35.12 -34.13
CA ILE O 120 -64.80 -34.30 -34.65
C ILE O 120 -64.45 -33.90 -36.07
N ALA O 121 -65.37 -34.13 -37.00
CA ALA O 121 -65.13 -33.77 -38.39
C ALA O 121 -65.16 -32.26 -38.58
N GLN O 122 -64.14 -31.74 -39.28
CA GLN O 122 -64.01 -30.34 -39.66
C GLN O 122 -64.04 -29.39 -38.46
N GLY O 123 -63.51 -29.84 -37.32
CA GLY O 123 -63.58 -29.04 -36.11
C GLY O 123 -62.36 -28.19 -35.85
N GLY O 124 -61.20 -28.64 -36.32
CA GLY O 124 -59.99 -27.94 -35.94
C GLY O 124 -59.60 -28.30 -34.50
N VAL O 125 -58.80 -27.41 -33.90
CA VAL O 125 -58.35 -27.57 -32.53
C VAL O 125 -58.50 -26.26 -31.80
N LEU O 126 -58.17 -26.30 -30.51
CA LEU O 126 -58.12 -25.08 -29.72
C LEU O 126 -56.98 -24.18 -30.19
N PRO O 127 -57.16 -22.86 -30.15
CA PRO O 127 -56.00 -21.96 -30.25
C PRO O 127 -55.11 -22.15 -29.04
N ASN O 128 -53.96 -22.77 -29.25
CA ASN O 128 -53.10 -23.15 -28.14
C ASN O 128 -51.65 -23.06 -28.59
N ILE O 129 -50.94 -22.07 -28.06
CA ILE O 129 -49.52 -21.90 -28.31
C ILE O 129 -48.80 -22.06 -26.98
N GLN O 130 -47.75 -22.89 -26.97
CA GLN O 130 -46.99 -23.09 -25.75
C GLN O 130 -46.18 -21.85 -25.42
N ALA O 131 -45.84 -21.68 -24.15
CA ALA O 131 -45.22 -20.45 -23.68
C ALA O 131 -43.82 -20.26 -24.26
N VAL O 132 -43.07 -21.35 -24.46
CA VAL O 132 -41.76 -21.24 -25.08
C VAL O 132 -41.88 -20.92 -26.56
N LEU O 133 -42.99 -21.28 -27.20
CA LEU O 133 -43.18 -20.98 -28.62
C LEU O 133 -43.40 -19.50 -28.88
N LEU O 134 -43.93 -18.76 -27.90
CA LEU O 134 -44.14 -17.33 -28.08
C LEU O 134 -42.81 -16.58 -27.98
N PRO O 135 -42.65 -15.49 -28.72
CA PRO O 135 -41.43 -14.70 -28.63
C PRO O 135 -41.33 -13.98 -27.29
N LYS O 136 -40.08 -13.67 -26.92
CA LYS O 136 -39.73 -12.96 -25.68
C LYS O 136 -40.25 -13.65 -24.41
N LYS P 31 -88.69 -44.04 -55.98
CA LYS P 31 -89.01 -44.85 -54.80
C LYS P 31 -87.79 -44.97 -53.88
N ARG P 32 -87.94 -44.52 -52.64
CA ARG P 32 -86.85 -44.54 -51.67
C ARG P 32 -87.35 -45.05 -50.33
N SER P 33 -86.39 -45.31 -49.43
CA SER P 33 -86.69 -45.82 -48.10
C SER P 33 -86.29 -44.79 -47.05
N ARG P 34 -87.07 -44.71 -45.97
CA ARG P 34 -86.83 -43.73 -44.91
C ARG P 34 -85.54 -44.05 -44.15
N LYS P 35 -84.79 -43.00 -43.83
CA LYS P 35 -83.62 -43.09 -42.97
C LYS P 35 -83.85 -42.20 -41.75
N GLU P 36 -83.77 -42.78 -40.57
CA GLU P 36 -84.10 -42.08 -39.34
C GLU P 36 -82.89 -41.35 -38.77
N SER P 37 -83.15 -40.19 -38.18
CA SER P 37 -82.11 -39.41 -37.52
C SER P 37 -82.73 -38.68 -36.34
N TYR P 38 -81.88 -37.98 -35.58
CA TYR P 38 -82.33 -37.22 -34.43
C TYR P 38 -82.50 -35.75 -34.74
N SER P 39 -83.02 -35.43 -35.93
CA SER P 39 -82.95 -34.06 -36.46
C SER P 39 -83.86 -33.11 -35.69
N VAL P 40 -85.16 -33.37 -35.69
CA VAL P 40 -86.12 -32.38 -35.25
C VAL P 40 -86.04 -32.18 -33.74
N TYR P 41 -85.57 -33.19 -33.01
CA TYR P 41 -85.51 -33.07 -31.55
C TYR P 41 -84.41 -32.12 -31.14
N VAL P 42 -83.23 -32.26 -31.73
CA VAL P 42 -82.13 -31.33 -31.46
C VAL P 42 -82.48 -29.94 -31.97
N TYR P 43 -83.23 -29.88 -33.08
CA TYR P 43 -83.71 -28.59 -33.57
C TYR P 43 -84.63 -27.92 -32.54
N LYS P 44 -85.56 -28.69 -31.97
CA LYS P 44 -86.46 -28.18 -30.93
C LYS P 44 -85.69 -27.71 -29.71
N VAL P 45 -84.71 -28.50 -29.29
CA VAL P 45 -83.93 -28.16 -28.09
C VAL P 45 -83.09 -26.91 -28.31
N LEU P 46 -82.47 -26.79 -29.49
CA LEU P 46 -81.70 -25.60 -29.80
C LEU P 46 -82.59 -24.37 -29.87
N LYS P 47 -83.75 -24.47 -30.51
CA LYS P 47 -84.64 -23.33 -30.57
C LYS P 47 -85.27 -23.02 -29.22
N GLN P 48 -85.28 -23.98 -28.30
CA GLN P 48 -85.63 -23.68 -26.92
C GLN P 48 -84.53 -22.88 -26.23
N VAL P 49 -83.27 -23.28 -26.41
CA VAL P 49 -82.19 -22.59 -25.70
C VAL P 49 -81.72 -21.37 -26.47
N HIS P 50 -81.90 -21.36 -27.80
CA HIS P 50 -81.49 -20.25 -28.65
C HIS P 50 -82.48 -20.17 -29.81
N PRO P 51 -83.54 -19.37 -29.66
CA PRO P 51 -84.55 -19.29 -30.74
C PRO P 51 -84.03 -18.70 -32.05
N ASP P 52 -82.95 -17.94 -32.01
CA ASP P 52 -82.46 -17.23 -33.18
C ASP P 52 -81.17 -17.83 -33.76
N THR P 53 -80.74 -19.00 -33.30
CA THR P 53 -79.49 -19.59 -33.75
C THR P 53 -79.75 -20.66 -34.80
N GLY P 54 -78.98 -20.60 -35.89
CA GLY P 54 -79.13 -21.52 -37.00
C GLY P 54 -78.27 -22.76 -36.87
N ILE P 55 -78.44 -23.65 -37.85
CA ILE P 55 -77.87 -24.99 -37.79
C ILE P 55 -77.16 -25.28 -39.11
N SER P 56 -75.93 -25.75 -39.03
CA SER P 56 -75.28 -26.35 -40.19
C SER P 56 -75.45 -27.87 -40.16
N SER P 57 -75.51 -28.46 -41.35
CA SER P 57 -75.94 -29.85 -41.47
C SER P 57 -74.91 -30.82 -40.92
N LYS P 58 -73.63 -30.51 -41.06
CA LYS P 58 -72.61 -31.42 -40.56
C LYS P 58 -72.42 -31.28 -39.05
N ALA P 59 -72.74 -30.11 -38.51
CA ALA P 59 -72.91 -30.00 -37.07
C ALA P 59 -74.05 -30.89 -36.59
N MET P 60 -75.13 -30.98 -37.39
CA MET P 60 -76.22 -31.87 -37.04
C MET P 60 -75.82 -33.33 -37.16
N GLY P 61 -74.93 -33.64 -38.11
CA GLY P 61 -74.37 -34.99 -38.16
C GLY P 61 -73.57 -35.31 -36.91
N ILE P 62 -72.84 -34.32 -36.39
CA ILE P 62 -72.10 -34.51 -35.15
C ILE P 62 -73.06 -34.71 -33.98
N MET P 63 -74.20 -34.01 -33.97
CA MET P 63 -75.25 -34.28 -32.98
C MET P 63 -75.80 -35.70 -33.09
N ASN P 64 -76.12 -36.16 -34.30
CA ASN P 64 -76.69 -37.50 -34.44
C ASN P 64 -75.68 -38.56 -34.01
N SER P 65 -74.41 -38.38 -34.40
CA SER P 65 -73.38 -39.33 -34.02
C SER P 65 -73.10 -39.29 -32.52
N PHE P 66 -73.14 -38.09 -31.92
CA PHE P 66 -72.96 -37.95 -30.47
C PHE P 66 -74.08 -38.62 -29.70
N VAL P 67 -75.33 -38.41 -30.14
CA VAL P 67 -76.48 -39.06 -29.51
C VAL P 67 -76.34 -40.57 -29.60
N ASN P 68 -75.97 -41.09 -30.78
CA ASN P 68 -75.80 -42.53 -30.94
C ASN P 68 -74.67 -43.06 -30.09
N ASP P 69 -73.55 -42.33 -30.02
CA ASP P 69 -72.39 -42.76 -29.25
C ASP P 69 -72.70 -42.85 -27.76
N ILE P 70 -73.26 -41.78 -27.20
CA ILE P 70 -73.52 -41.74 -25.77
C ILE P 70 -74.63 -42.72 -25.40
N PHE P 71 -75.63 -42.85 -26.28
CA PHE P 71 -76.68 -43.85 -26.08
C PHE P 71 -76.11 -45.26 -26.03
N GLU P 72 -75.17 -45.57 -26.94
CA GLU P 72 -74.60 -46.90 -26.94
C GLU P 72 -73.72 -47.14 -25.71
N ARG P 73 -72.98 -46.11 -25.27
CA ARG P 73 -72.15 -46.24 -24.07
C ARG P 73 -73.01 -46.54 -22.86
N ILE P 74 -74.05 -45.74 -22.63
CA ILE P 74 -74.87 -45.90 -21.44
C ILE P 74 -75.68 -47.19 -21.52
N ALA P 75 -76.11 -47.58 -22.72
CA ALA P 75 -76.85 -48.82 -22.88
C ALA P 75 -75.96 -50.03 -22.62
N GLY P 76 -74.71 -50.00 -23.08
CA GLY P 76 -73.79 -51.08 -22.78
C GLY P 76 -73.46 -51.16 -21.31
N GLU P 77 -73.29 -50.01 -20.65
CA GLU P 77 -73.04 -50.01 -19.21
C GLU P 77 -74.24 -50.54 -18.44
N ALA P 78 -75.45 -50.20 -18.89
CA ALA P 78 -76.66 -50.72 -18.25
C ALA P 78 -76.78 -52.22 -18.43
N SER P 79 -76.41 -52.71 -19.63
CA SER P 79 -76.40 -54.15 -19.87
C SER P 79 -75.41 -54.86 -18.96
N ARG P 80 -74.22 -54.26 -18.78
CA ARG P 80 -73.21 -54.85 -17.92
C ARG P 80 -73.65 -54.86 -16.47
N LEU P 81 -74.24 -53.76 -15.99
CA LEU P 81 -74.76 -53.70 -14.63
C LEU P 81 -75.90 -54.68 -14.42
N ALA P 82 -76.75 -54.85 -15.44
CA ALA P 82 -77.81 -55.85 -15.37
C ALA P 82 -77.23 -57.25 -15.27
N HIS P 83 -76.13 -57.49 -15.97
CA HIS P 83 -75.45 -58.78 -15.86
C HIS P 83 -74.87 -58.98 -14.46
N TYR P 84 -74.28 -57.92 -13.89
CA TYR P 84 -73.50 -58.09 -12.68
C TYR P 84 -74.39 -58.21 -11.46
N ASN P 85 -75.56 -57.57 -11.50
CA ASN P 85 -76.57 -57.75 -10.47
C ASN P 85 -77.52 -58.89 -10.81
N LYS P 86 -77.28 -59.58 -11.93
CA LYS P 86 -78.10 -60.71 -12.40
C LYS P 86 -79.54 -60.31 -12.65
N ARG P 87 -79.76 -59.04 -12.94
CA ARG P 87 -81.08 -58.51 -13.21
C ARG P 87 -81.33 -58.58 -14.71
N SER P 88 -82.43 -59.20 -15.10
CA SER P 88 -82.76 -59.24 -16.52
C SER P 88 -83.56 -58.02 -16.96
N THR P 89 -83.83 -57.09 -16.05
CA THR P 89 -84.59 -55.89 -16.35
C THR P 89 -83.76 -54.66 -16.00
N ILE P 90 -83.61 -53.75 -16.96
CA ILE P 90 -82.87 -52.51 -16.74
C ILE P 90 -83.88 -51.41 -16.46
N THR P 91 -83.91 -50.94 -15.22
CA THR P 91 -84.78 -49.85 -14.81
C THR P 91 -83.96 -48.56 -14.71
N SER P 92 -84.63 -47.51 -14.22
CA SER P 92 -83.99 -46.20 -14.07
C SER P 92 -82.84 -46.22 -13.08
N ARG P 93 -82.83 -47.19 -12.16
CA ARG P 93 -81.73 -47.31 -11.21
C ARG P 93 -80.43 -47.68 -11.91
N GLU P 94 -80.52 -48.59 -12.88
CA GLU P 94 -79.34 -48.97 -13.67
C GLU P 94 -78.79 -47.78 -14.45
N ILE P 95 -79.69 -47.02 -15.08
CA ILE P 95 -79.25 -45.88 -15.88
C ILE P 95 -78.68 -44.80 -14.97
N GLN P 96 -79.25 -44.66 -13.77
CA GLN P 96 -78.75 -43.71 -12.79
C GLN P 96 -77.34 -44.07 -12.35
N THR P 97 -77.11 -45.37 -12.13
CA THR P 97 -75.76 -45.85 -11.84
C THR P 97 -74.83 -45.56 -13.00
N ALA P 98 -75.31 -45.75 -14.23
CA ALA P 98 -74.48 -45.51 -15.41
C ALA P 98 -74.12 -44.03 -15.54
N VAL P 99 -75.06 -43.15 -15.21
CA VAL P 99 -74.78 -41.72 -15.21
C VAL P 99 -73.76 -41.38 -14.13
N ARG P 100 -73.90 -41.99 -12.95
CA ARG P 100 -72.96 -41.76 -11.86
C ARG P 100 -71.57 -42.24 -12.24
N LEU P 101 -71.49 -43.30 -13.03
CA LEU P 101 -70.20 -43.81 -13.48
C LEU P 101 -69.60 -42.94 -14.58
N LEU P 102 -70.27 -42.88 -15.73
CA LEU P 102 -69.68 -42.24 -16.91
C LEU P 102 -69.65 -40.73 -16.79
N LEU P 103 -70.76 -40.11 -16.43
CA LEU P 103 -70.80 -38.67 -16.41
C LEU P 103 -70.05 -38.16 -15.19
N PRO P 104 -69.06 -37.29 -15.35
CA PRO P 104 -68.25 -36.89 -14.19
C PRO P 104 -68.91 -35.77 -13.39
N GLY P 105 -69.33 -36.11 -12.17
CA GLY P 105 -69.65 -35.14 -11.13
C GLY P 105 -70.81 -34.17 -11.36
N GLU P 106 -70.45 -32.93 -11.66
CA GLU P 106 -71.36 -31.80 -11.52
C GLU P 106 -72.53 -31.93 -12.50
N LEU P 107 -72.21 -32.26 -13.75
CA LEU P 107 -73.22 -32.56 -14.75
C LEU P 107 -74.03 -33.80 -14.38
N ALA P 108 -73.37 -34.81 -13.79
CA ALA P 108 -74.07 -36.02 -13.40
C ALA P 108 -75.07 -35.72 -12.29
N LYS P 109 -74.72 -34.80 -11.40
CA LYS P 109 -75.63 -34.37 -10.35
C LYS P 109 -76.84 -33.66 -10.93
N HIS P 110 -76.59 -32.76 -11.88
CA HIS P 110 -77.72 -32.12 -12.56
C HIS P 110 -78.54 -33.12 -13.35
N ALA P 111 -77.89 -34.13 -13.93
CA ALA P 111 -78.52 -35.17 -14.74
C ALA P 111 -79.46 -36.00 -13.90
N VAL P 112 -79.04 -36.32 -12.68
CA VAL P 112 -79.92 -36.97 -11.72
C VAL P 112 -81.08 -36.07 -11.35
N SER P 113 -80.83 -34.77 -11.28
CA SER P 113 -81.92 -33.85 -10.95
C SER P 113 -83.00 -33.88 -12.03
N GLU P 114 -82.66 -33.78 -13.32
CA GLU P 114 -83.80 -33.78 -14.25
C GLU P 114 -84.40 -35.16 -14.36
N GLY P 115 -83.59 -36.21 -14.14
CA GLY P 115 -84.12 -37.54 -14.20
C GLY P 115 -85.13 -37.82 -13.12
N THR P 116 -84.83 -37.37 -11.89
CA THR P 116 -85.78 -37.54 -10.79
C THR P 116 -87.05 -36.73 -11.02
N LYS P 117 -86.89 -35.48 -11.48
CA LYS P 117 -88.07 -34.66 -11.73
C LYS P 117 -88.90 -35.23 -12.87
N ALA P 118 -88.24 -35.82 -13.87
CA ALA P 118 -88.93 -36.36 -15.03
C ALA P 118 -89.69 -37.62 -14.67
N VAL P 119 -89.08 -38.51 -13.88
CA VAL P 119 -89.81 -39.71 -13.49
C VAL P 119 -90.96 -39.36 -12.55
N THR P 120 -90.76 -38.32 -11.73
CA THR P 120 -91.86 -37.88 -10.86
C THR P 120 -93.02 -37.36 -11.67
N LYS P 121 -92.74 -36.52 -12.67
CA LYS P 121 -93.82 -35.94 -13.45
C LYS P 121 -94.41 -36.97 -14.41
N TYR P 122 -93.63 -38.00 -14.77
CA TYR P 122 -94.16 -39.05 -15.62
C TYR P 122 -95.08 -39.98 -14.85
N THR P 123 -94.73 -40.30 -13.60
CA THR P 123 -95.63 -41.06 -12.75
C THR P 123 -96.86 -40.23 -12.39
N SER P 124 -96.72 -38.91 -12.29
CA SER P 124 -97.89 -38.08 -12.07
C SER P 124 -98.73 -37.90 -13.33
N ALA P 125 -98.21 -38.29 -14.48
CA ALA P 125 -98.95 -38.22 -15.73
C ALA P 125 -99.16 -39.61 -16.32
N SER Q 35 5.29 -40.81 -27.45
CA SER Q 35 5.63 -39.81 -26.45
C SER Q 35 5.29 -38.41 -26.96
N GLY Q 36 6.31 -37.69 -27.44
CA GLY Q 36 6.11 -36.38 -28.01
C GLY Q 36 5.99 -35.29 -26.97
N PRO Q 37 5.63 -34.09 -27.41
CA PRO Q 37 5.52 -32.96 -26.48
C PRO Q 37 4.25 -33.06 -25.64
N PRO Q 38 4.19 -32.36 -24.51
CA PRO Q 38 2.94 -32.33 -23.74
C PRO Q 38 1.84 -31.58 -24.47
N VAL Q 39 0.60 -31.85 -24.07
CA VAL Q 39 -0.56 -31.37 -24.81
C VAL Q 39 -0.84 -29.90 -24.53
N SER Q 40 -0.11 -29.29 -23.60
CA SER Q 40 -0.25 -27.86 -23.36
C SER Q 40 0.14 -27.05 -24.59
N GLU Q 41 1.26 -27.42 -25.24
CA GLU Q 41 1.68 -26.77 -26.47
C GLU Q 41 0.67 -26.99 -27.59
N LEU Q 42 0.10 -28.20 -27.65
CA LEU Q 42 -0.91 -28.52 -28.67
C LEU Q 42 -2.17 -27.68 -28.48
N ILE Q 43 -2.61 -27.52 -27.24
CA ILE Q 43 -3.85 -26.77 -26.96
C ILE Q 43 -3.62 -25.28 -27.21
N THR Q 44 -2.44 -24.77 -26.83
CA THR Q 44 -2.13 -23.36 -27.12
C THR Q 44 -2.04 -23.10 -28.62
N LYS Q 45 -1.49 -24.05 -29.38
CA LYS Q 45 -1.50 -23.92 -30.84
C LYS Q 45 -2.92 -23.95 -31.39
N ALA Q 46 -3.78 -24.81 -30.82
CA ALA Q 46 -5.16 -24.91 -31.26
C ALA Q 46 -5.92 -23.61 -31.01
N VAL Q 47 -5.67 -22.95 -29.87
CA VAL Q 47 -6.38 -21.71 -29.58
C VAL Q 47 -5.76 -20.54 -30.32
N ALA Q 48 -4.47 -20.60 -30.62
CA ALA Q 48 -3.82 -19.54 -31.37
C ALA Q 48 -4.02 -19.66 -32.87
N ALA Q 49 -4.58 -20.77 -33.35
CA ALA Q 49 -4.86 -20.92 -34.77
C ALA Q 49 -5.92 -19.93 -35.25
N SER Q 50 -6.92 -19.63 -34.43
CA SER Q 50 -8.08 -18.89 -34.92
C SER Q 50 -8.19 -17.48 -34.34
N LYS Q 51 -8.33 -17.39 -33.02
CA LYS Q 51 -8.55 -16.14 -32.28
C LYS Q 51 -9.75 -15.35 -32.83
N GLU Q 52 -10.91 -16.00 -32.74
CA GLU Q 52 -12.18 -15.34 -33.03
C GLU Q 52 -12.51 -14.35 -31.91
N ARG Q 53 -13.34 -13.36 -32.25
CA ARG Q 53 -13.78 -12.37 -31.26
C ARG Q 53 -14.58 -13.03 -30.14
N SER Q 54 -15.47 -13.95 -30.50
CA SER Q 54 -16.06 -14.86 -29.53
C SER Q 54 -15.27 -16.16 -29.51
N GLY Q 55 -14.80 -16.53 -28.32
CA GLY Q 55 -13.73 -17.49 -28.19
C GLY Q 55 -14.05 -18.92 -28.56
N VAL Q 56 -13.00 -19.74 -28.66
CA VAL Q 56 -13.14 -21.11 -29.12
C VAL Q 56 -13.86 -21.93 -28.06
N SER Q 57 -14.87 -22.70 -28.50
CA SER Q 57 -15.55 -23.61 -27.58
C SER Q 57 -14.65 -24.80 -27.29
N LEU Q 58 -15.01 -25.54 -26.24
CA LEU Q 58 -14.36 -26.82 -26.02
C LEU Q 58 -14.63 -27.76 -27.18
N ALA Q 59 -15.82 -27.67 -27.77
CA ALA Q 59 -16.12 -28.44 -28.98
C ALA Q 59 -15.18 -28.08 -30.12
N ALA Q 60 -15.03 -26.78 -30.41
CA ALA Q 60 -14.20 -26.35 -31.55
C ALA Q 60 -12.73 -26.67 -31.31
N LEU Q 61 -12.26 -26.50 -30.07
CA LEU Q 61 -10.86 -26.80 -29.79
C LEU Q 61 -10.60 -28.31 -29.77
N LYS Q 62 -11.53 -29.15 -29.31
CA LYS Q 62 -11.23 -30.58 -29.35
C LYS Q 62 -11.30 -31.10 -30.78
N LYS Q 63 -12.20 -30.55 -31.61
CA LYS Q 63 -12.21 -30.95 -33.02
C LYS Q 63 -10.95 -30.44 -33.72
N ALA Q 64 -10.43 -29.29 -33.28
CA ALA Q 64 -9.17 -28.80 -33.82
C ALA Q 64 -8.00 -29.70 -33.41
N LEU Q 65 -8.00 -30.18 -32.17
CA LEU Q 65 -6.95 -31.10 -31.73
C LEU Q 65 -7.08 -32.46 -32.39
N ALA Q 66 -8.32 -32.88 -32.69
CA ALA Q 66 -8.51 -34.11 -33.45
C ALA Q 66 -8.05 -33.93 -34.89
N ALA Q 67 -8.17 -32.71 -35.41
CA ALA Q 67 -7.63 -32.39 -36.73
C ALA Q 67 -6.12 -32.50 -36.75
N ALA Q 68 -5.47 -32.16 -35.64
CA ALA Q 68 -4.04 -32.40 -35.51
C ALA Q 68 -3.74 -33.89 -35.44
N GLY Q 69 -4.62 -34.65 -34.80
CA GLY Q 69 -4.45 -36.10 -34.67
C GLY Q 69 -4.33 -36.53 -33.23
N TYR Q 70 -4.37 -35.57 -32.31
CA TYR Q 70 -4.28 -35.89 -30.89
C TYR Q 70 -5.58 -36.51 -30.41
N ASP Q 71 -5.46 -37.56 -29.60
CA ASP Q 71 -6.62 -38.23 -29.03
C ASP Q 71 -7.38 -37.30 -28.10
N VAL Q 72 -8.70 -37.22 -28.29
CA VAL Q 72 -9.56 -36.38 -27.48
C VAL Q 72 -10.67 -37.19 -26.81
N GLU Q 73 -10.69 -38.50 -27.02
CA GLU Q 73 -11.78 -39.34 -26.50
C GLU Q 73 -11.42 -40.01 -25.18
N LYS Q 74 -10.24 -40.62 -25.08
CA LYS Q 74 -9.85 -41.20 -23.80
C LYS Q 74 -9.06 -40.20 -22.95
N ASN Q 75 -8.40 -39.24 -23.59
CA ASN Q 75 -7.67 -38.20 -22.88
C ASN Q 75 -8.55 -36.99 -22.57
N ASN Q 76 -9.87 -37.10 -22.70
CA ASN Q 76 -10.75 -35.99 -22.39
C ASN Q 76 -10.74 -35.64 -20.91
N SER Q 77 -10.33 -36.55 -20.03
CA SER Q 77 -10.08 -36.20 -18.65
C SER Q 77 -8.83 -35.34 -18.52
N ARG Q 78 -7.78 -35.67 -19.30
CA ARG Q 78 -6.58 -34.86 -19.32
C ARG Q 78 -6.85 -33.45 -19.86
N ILE Q 79 -7.61 -33.35 -20.95
CA ILE Q 79 -8.01 -32.04 -21.47
C ILE Q 79 -8.96 -31.35 -20.49
N LYS Q 80 -9.80 -32.13 -19.81
CA LYS Q 80 -10.76 -31.64 -18.82
C LYS Q 80 -10.05 -30.93 -17.68
N LEU Q 81 -8.99 -31.54 -17.16
CA LEU Q 81 -8.21 -30.89 -16.10
C LEU Q 81 -7.31 -29.79 -16.68
N GLY Q 82 -6.84 -29.96 -17.92
CA GLY Q 82 -5.95 -28.98 -18.51
C GLY Q 82 -6.61 -27.66 -18.81
N LEU Q 83 -7.87 -27.70 -19.24
CA LEU Q 83 -8.60 -26.50 -19.64
C LEU Q 83 -9.11 -25.70 -18.45
N LYS Q 84 -8.92 -26.18 -17.24
CA LYS Q 84 -9.05 -25.33 -16.05
C LYS Q 84 -7.71 -25.00 -15.44
N SER Q 85 -6.71 -25.86 -15.62
CA SER Q 85 -5.37 -25.54 -15.15
C SER Q 85 -4.77 -24.36 -15.90
N LEU Q 86 -5.05 -24.24 -17.20
CA LEU Q 86 -4.53 -23.10 -17.96
C LEU Q 86 -5.30 -21.80 -17.68
N VAL Q 87 -6.60 -21.89 -17.43
CA VAL Q 87 -7.36 -20.71 -17.02
C VAL Q 87 -6.90 -20.23 -15.66
N SER Q 88 -6.57 -21.16 -14.77
CA SER Q 88 -6.05 -20.78 -13.46
C SER Q 88 -4.63 -20.21 -13.55
N LYS Q 89 -3.84 -20.69 -14.52
CA LYS Q 89 -2.44 -20.29 -14.60
C LYS Q 89 -2.26 -18.93 -15.28
N GLY Q 90 -3.24 -18.48 -16.07
CA GLY Q 90 -3.27 -17.08 -16.44
C GLY Q 90 -2.73 -16.70 -17.80
N THR Q 91 -2.09 -17.63 -18.50
CA THR Q 91 -1.68 -17.38 -19.88
C THR Q 91 -2.90 -17.20 -20.77
N LEU Q 92 -3.94 -18.00 -20.57
CA LEU Q 92 -5.22 -17.82 -21.22
C LEU Q 92 -6.26 -17.40 -20.19
N VAL Q 93 -7.17 -16.54 -20.62
CA VAL Q 93 -8.28 -16.09 -19.79
C VAL Q 93 -9.59 -16.54 -20.45
N GLN Q 94 -10.57 -16.85 -19.62
CA GLN Q 94 -11.87 -17.33 -20.09
C GLN Q 94 -12.79 -16.15 -20.34
N THR Q 95 -13.38 -16.10 -21.53
CA THR Q 95 -14.15 -14.93 -21.93
C THR Q 95 -15.53 -14.93 -21.31
N LYS Q 96 -16.38 -15.88 -21.70
CA LYS Q 96 -17.78 -15.85 -21.32
C LYS Q 96 -18.19 -17.07 -20.51
N GLY Q 97 -17.58 -18.23 -20.78
CA GLY Q 97 -17.92 -19.44 -20.08
C GLY Q 97 -17.31 -19.50 -18.68
N THR Q 98 -17.54 -20.64 -18.03
CA THR Q 98 -17.01 -20.91 -16.70
C THR Q 98 -16.15 -22.17 -16.76
N GLY Q 99 -14.98 -22.11 -16.13
CA GLY Q 99 -14.11 -23.27 -16.06
C GLY Q 99 -13.55 -23.64 -17.41
N ALA Q 100 -14.02 -24.77 -17.95
CA ALA Q 100 -13.65 -25.17 -19.30
C ALA Q 100 -14.78 -24.99 -20.30
N SER Q 101 -15.91 -24.42 -19.89
CA SER Q 101 -17.04 -24.22 -20.79
C SER Q 101 -16.91 -22.88 -21.51
N GLY Q 102 -17.62 -22.76 -22.63
CA GLY Q 102 -17.79 -21.48 -23.28
C GLY Q 102 -16.63 -21.06 -24.14
N SER Q 103 -16.23 -19.80 -23.96
CA SER Q 103 -15.23 -19.14 -24.80
C SER Q 103 -13.92 -19.01 -24.06
N PHE Q 104 -12.84 -18.83 -24.83
CA PHE Q 104 -11.51 -18.57 -24.29
C PHE Q 104 -10.79 -17.60 -25.21
N LYS Q 105 -10.01 -16.69 -24.63
CA LYS Q 105 -9.18 -15.78 -25.41
C LYS Q 105 -7.81 -15.64 -24.76
N LEU Q 106 -6.86 -15.14 -25.54
CA LEU Q 106 -5.50 -14.97 -25.07
C LEU Q 106 -5.42 -13.80 -24.08
N ASN Q 107 -4.33 -13.78 -23.30
CA ASN Q 107 -4.10 -12.71 -22.33
C ASN Q 107 -3.83 -11.39 -23.05
N LYS Q 108 -3.83 -10.31 -22.27
CA LYS Q 108 -3.65 -8.97 -22.82
C LYS Q 108 -2.26 -8.79 -23.43
N LYS Q 109 -1.23 -9.26 -22.73
CA LYS Q 109 0.14 -9.13 -23.21
C LYS Q 109 0.79 -10.50 -23.42
N LYS R 38 112.69 -2.84 13.47
CA LYS R 38 112.95 -1.43 13.21
C LYS R 38 114.16 -0.99 14.04
N PRO R 39 115.10 -0.30 13.40
CA PRO R 39 116.36 0.04 14.08
C PRO R 39 116.18 1.12 15.12
N HIS R 40 117.16 1.22 16.01
CA HIS R 40 117.12 2.24 17.04
C HIS R 40 117.28 3.64 16.47
N ARG R 41 116.60 4.60 17.09
CA ARG R 41 116.78 6.01 16.76
C ARG R 41 116.40 6.86 17.95
N TYR R 42 117.31 7.71 18.40
CA TYR R 42 117.00 8.64 19.48
C TYR R 42 116.21 9.83 18.95
N ARG R 43 115.47 10.46 19.84
CA ARG R 43 114.82 11.72 19.51
C ARG R 43 115.86 12.84 19.44
N PRO R 44 115.60 13.90 18.67
CA PRO R 44 116.59 14.98 18.53
C PRO R 44 116.91 15.68 19.84
N GLY R 45 118.17 16.07 19.99
CA GLY R 45 118.64 16.74 21.16
C GLY R 45 119.28 15.83 22.18
N THR R 46 118.73 14.62 22.38
CA THR R 46 119.30 13.67 23.34
C THR R 46 120.69 13.26 22.91
N VAL R 47 120.86 12.90 21.64
CA VAL R 47 122.18 12.71 21.08
C VAL R 47 122.99 13.99 21.18
N ALA R 48 122.38 15.13 20.89
CA ALA R 48 123.09 16.41 20.92
C ALA R 48 123.62 16.72 22.32
N LEU R 49 122.80 16.50 23.34
CA LEU R 49 123.26 16.61 24.72
C LEU R 49 124.36 15.59 25.01
N ARG R 50 124.33 14.44 24.34
CA ARG R 50 125.41 13.50 24.55
C ARG R 50 126.73 14.01 23.99
N GLU R 51 126.72 14.68 22.82
CA GLU R 51 128.01 15.27 22.40
C GLU R 51 128.37 16.45 23.29
N ILE R 52 127.38 17.14 23.86
CA ILE R 52 127.71 18.22 24.79
C ILE R 52 128.47 17.68 25.99
N ARG R 53 127.97 16.60 26.59
CA ARG R 53 128.65 16.00 27.72
C ARG R 53 130.01 15.43 27.32
N ARG R 54 130.07 14.76 26.17
CA ARG R 54 131.31 14.13 25.73
C ARG R 54 132.39 15.16 25.45
N TYR R 55 132.09 16.15 24.60
CA TYR R 55 133.09 17.12 24.22
C TYR R 55 133.39 18.13 25.31
N GLN R 56 132.41 18.54 26.10
CA GLN R 56 132.67 19.48 27.18
C GLN R 56 133.41 18.82 28.32
N LYS R 57 133.23 17.51 28.51
CA LYS R 57 134.12 16.78 29.39
C LYS R 57 135.52 16.68 28.80
N SER R 58 135.62 16.47 27.49
CA SER R 58 136.89 16.15 26.87
C SER R 58 137.72 17.41 26.63
N THR R 59 139.02 17.19 26.43
CA THR R 59 139.99 18.27 26.41
C THR R 59 140.80 18.36 25.12
N GLU R 60 140.57 17.50 24.14
CA GLU R 60 141.43 17.43 22.97
C GLU R 60 141.17 18.59 22.02
N LEU R 61 142.14 18.82 21.13
CA LEU R 61 141.91 19.72 20.01
C LEU R 61 140.77 19.21 19.15
N LEU R 62 139.86 20.12 18.83
CA LEU R 62 138.53 19.71 18.41
C LEU R 62 138.33 19.80 16.91
N ILE R 63 139.08 20.64 16.23
CA ILE R 63 139.04 20.72 14.78
C ILE R 63 140.19 19.89 14.22
N ARG R 64 140.10 19.57 12.93
CA ARG R 64 141.17 18.84 12.26
C ARG R 64 142.47 19.64 12.25
N LYS R 65 143.59 18.93 12.37
CA LYS R 65 144.89 19.59 12.45
C LYS R 65 145.32 20.13 11.10
N LEU R 66 145.35 19.27 10.07
CA LEU R 66 145.98 19.62 8.79
C LEU R 66 145.30 20.76 8.06
N PRO R 67 143.97 20.81 7.87
CA PRO R 67 143.40 21.97 7.19
C PRO R 67 143.51 23.25 8.00
N PHE R 68 143.54 23.15 9.33
CA PHE R 68 143.80 24.34 10.12
C PHE R 68 145.20 24.86 9.87
N GLN R 69 146.17 23.95 9.80
CA GLN R 69 147.53 24.33 9.43
C GLN R 69 147.56 25.00 8.06
N ARG R 70 146.81 24.42 7.12
CA ARG R 70 146.74 24.96 5.77
C ARG R 70 146.11 26.36 5.77
N LEU R 71 145.07 26.56 6.57
CA LEU R 71 144.39 27.86 6.61
C LEU R 71 145.28 28.92 7.25
N VAL R 72 146.03 28.54 8.28
CA VAL R 72 147.00 29.47 8.89
C VAL R 72 148.05 29.86 7.86
N ARG R 73 148.54 28.88 7.10
CA ARG R 73 149.50 29.19 6.03
C ARG R 73 148.89 30.11 4.98
N GLU R 74 147.64 29.85 4.61
CA GLU R 74 146.97 30.62 3.56
C GLU R 74 146.77 32.07 4.00
N ILE R 75 146.38 32.27 5.25
CA ILE R 75 146.17 33.64 5.74
C ILE R 75 147.51 34.35 5.90
N ALA R 76 148.52 33.64 6.40
CA ALA R 76 149.82 34.26 6.63
C ALA R 76 150.53 34.61 5.34
N GLN R 77 150.20 33.90 4.26
CA GLN R 77 150.79 34.20 2.96
C GLN R 77 150.41 35.60 2.48
N ASP R 78 149.22 36.07 2.86
CA ASP R 78 148.73 37.37 2.43
C ASP R 78 149.55 38.52 3.01
N PHE R 79 150.12 38.35 4.20
CA PHE R 79 150.78 39.45 4.89
C PHE R 79 152.29 39.44 4.67
N LYS R 80 152.87 38.26 4.53
CA LYS R 80 154.30 38.13 4.30
C LYS R 80 154.53 36.86 3.49
N THR R 81 155.47 36.90 2.56
CA THR R 81 155.67 35.75 1.69
C THR R 81 156.67 34.76 2.29
N ASP R 82 156.44 33.49 1.96
CA ASP R 82 157.28 32.33 2.30
C ASP R 82 157.48 32.22 3.80
N LEU R 83 156.40 32.25 4.56
CA LEU R 83 156.50 32.07 6.00
C LEU R 83 156.56 30.59 6.36
N ARG R 84 157.44 30.26 7.30
CA ARG R 84 157.45 28.93 7.91
C ARG R 84 156.88 29.05 9.31
N PHE R 85 156.26 27.98 9.76
CA PHE R 85 155.59 27.95 11.05
C PHE R 85 156.17 26.85 11.92
N GLN R 86 156.47 27.19 13.16
CA GLN R 86 156.69 26.15 14.15
C GLN R 86 155.40 25.36 14.32
N SER R 87 155.52 24.03 14.46
CA SER R 87 154.34 23.21 14.66
C SER R 87 153.64 23.58 15.97
N SER R 88 154.43 23.86 17.00
CA SER R 88 153.88 24.31 18.27
C SER R 88 153.15 25.64 18.13
N ALA R 89 153.61 26.51 17.24
CA ALA R 89 152.91 27.77 17.01
C ALA R 89 151.53 27.55 16.42
N VAL R 90 151.42 26.65 15.45
CA VAL R 90 150.11 26.37 14.86
C VAL R 90 149.22 25.68 15.87
N MET R 91 149.81 24.85 16.73
CA MET R 91 149.05 24.29 17.84
C MET R 91 148.54 25.40 18.76
N ALA R 92 149.38 26.38 19.07
CA ALA R 92 148.97 27.47 19.94
C ALA R 92 147.84 28.27 19.32
N LEU R 93 147.91 28.48 18.00
CA LEU R 93 146.78 29.03 17.28
C LEU R 93 145.55 28.15 17.43
N GLN R 94 145.72 26.83 17.47
CA GLN R 94 144.56 25.95 17.57
C GLN R 94 143.86 26.12 18.92
N GLU R 95 144.59 26.05 20.04
CA GLU R 95 143.91 26.31 21.31
C GLU R 95 143.41 27.74 21.45
N ALA R 96 144.15 28.73 20.92
CA ALA R 96 143.68 30.11 21.01
C ALA R 96 142.38 30.31 20.25
N SER R 97 142.31 29.77 19.03
CA SER R 97 141.12 29.90 18.21
C SER R 97 139.95 29.16 18.83
N GLU R 98 140.18 27.96 19.36
CA GLU R 98 139.05 27.25 19.94
C GLU R 98 138.57 27.91 21.22
N ALA R 99 139.50 28.48 22.00
CA ALA R 99 139.08 29.16 23.23
C ALA R 99 138.25 30.40 22.91
N TYR R 100 138.68 31.16 21.91
CA TYR R 100 137.94 32.34 21.48
C TYR R 100 136.57 31.95 20.95
N LEU R 101 136.50 30.88 20.15
CA LEU R 101 135.24 30.45 19.56
C LEU R 101 134.29 29.92 20.62
N VAL R 102 134.80 29.13 21.56
CA VAL R 102 133.94 28.58 22.62
C VAL R 102 133.40 29.69 23.50
N GLY R 103 134.24 30.68 23.82
CA GLY R 103 133.75 31.82 24.59
C GLY R 103 132.64 32.57 23.88
N LEU R 104 132.80 32.79 22.57
CA LEU R 104 131.73 33.41 21.80
C LEU R 104 130.50 32.53 21.76
N PHE R 105 130.66 31.21 21.80
CA PHE R 105 129.49 30.33 21.70
C PHE R 105 128.69 30.26 23.00
N GLU R 106 129.34 30.28 24.17
CA GLU R 106 128.54 30.42 25.39
C GLU R 106 127.91 31.81 25.47
N ASP R 107 128.59 32.85 24.96
CA ASP R 107 127.95 34.15 24.88
C ASP R 107 126.72 34.11 23.96
N THR R 108 126.84 33.38 22.86
CA THR R 108 125.75 33.19 21.92
C THR R 108 124.60 32.42 22.57
N ASN R 109 124.92 31.41 23.38
CA ASN R 109 123.90 30.67 24.10
C ASN R 109 123.14 31.55 25.07
N LEU R 110 123.87 32.42 25.78
CA LEU R 110 123.21 33.38 26.67
C LEU R 110 122.28 34.28 25.88
N ALA R 111 122.71 34.75 24.71
CA ALA R 111 121.86 35.58 23.87
C ALA R 111 120.63 34.83 23.41
N ALA R 112 120.79 33.57 23.02
CA ALA R 112 119.69 32.81 22.45
C ALA R 112 118.66 32.45 23.51
N ILE R 113 119.11 32.05 24.70
CA ILE R 113 118.15 31.76 25.76
C ILE R 113 117.52 33.04 26.25
N HIS R 114 118.22 34.17 26.08
CA HIS R 114 117.63 35.45 26.45
C HIS R 114 116.51 35.81 25.49
N ALA R 115 116.65 35.43 24.22
CA ALA R 115 115.61 35.66 23.23
C ALA R 115 114.58 34.53 23.18
N LYS R 116 114.48 33.75 24.25
CA LYS R 116 113.52 32.63 24.39
C LYS R 116 113.69 31.58 23.30
N ARG R 117 114.87 31.45 22.72
CA ARG R 117 115.12 30.43 21.72
C ARG R 117 116.11 29.40 22.23
N VAL R 118 115.99 28.19 21.70
CA VAL R 118 116.99 27.16 21.89
C VAL R 118 117.84 26.95 20.66
N THR R 119 117.58 27.70 19.59
CA THR R 119 118.35 27.64 18.37
C THR R 119 119.02 28.99 18.15
N ILE R 120 120.32 28.99 17.89
CA ILE R 120 121.02 30.24 17.68
C ILE R 120 120.94 30.65 16.21
N MET R 121 121.10 31.94 15.96
CA MET R 121 121.12 32.54 14.65
C MET R 121 122.38 33.42 14.57
N PRO R 122 122.86 33.73 13.35
CA PRO R 122 124.09 34.55 13.26
C PRO R 122 123.95 35.93 13.88
N LYS R 123 122.72 36.44 13.94
CA LYS R 123 122.46 37.72 14.59
C LYS R 123 122.81 37.67 16.08
N ASP R 124 122.69 36.47 16.70
CA ASP R 124 123.17 36.30 18.07
C ASP R 124 124.66 36.55 18.17
N ILE R 125 125.43 36.02 17.21
CA ILE R 125 126.88 36.17 17.22
C ILE R 125 127.25 37.62 16.98
N GLN R 126 126.54 38.28 16.07
CA GLN R 126 126.76 39.71 15.84
C GLN R 126 126.48 40.51 17.09
N LEU R 127 125.41 40.16 17.81
CA LEU R 127 125.10 40.79 19.08
C LEU R 127 126.21 40.61 20.08
N ALA R 128 126.71 39.38 20.22
CA ALA R 128 127.73 39.10 21.22
C ALA R 128 129.03 39.83 20.90
N ARG R 129 129.39 39.87 19.62
CA ARG R 129 130.58 40.59 19.21
C ARG R 129 130.45 42.07 19.46
N ARG R 130 129.28 42.65 19.17
CA ARG R 130 129.15 44.09 19.29
C ARG R 130 129.00 44.52 20.75
N ILE R 131 128.44 43.66 21.60
CA ILE R 131 128.48 43.94 23.04
C ILE R 131 129.90 43.82 23.57
N ARG R 132 130.66 42.85 23.05
CA ARG R 132 132.05 42.74 23.45
C ARG R 132 132.90 43.90 22.95
N GLY R 133 132.39 44.72 22.04
CA GLY R 133 133.17 45.82 21.52
C GLY R 133 134.04 45.47 20.34
N GLU R 134 133.61 44.53 19.51
CA GLU R 134 134.44 44.04 18.43
C GLU R 134 133.77 44.25 17.07
N LYS S 21 151.92 24.93 -4.23
CA LYS S 21 152.40 25.84 -3.20
C LYS S 21 151.35 26.93 -2.96
N VAL S 22 150.56 27.20 -3.99
CA VAL S 22 149.55 28.25 -3.91
C VAL S 22 148.33 27.71 -3.17
N LEU S 23 147.78 28.54 -2.28
CA LEU S 23 146.63 28.18 -1.46
C LEU S 23 145.48 29.11 -1.81
N ARG S 24 144.29 28.53 -1.99
CA ARG S 24 143.19 29.22 -2.63
C ARG S 24 142.01 29.56 -1.72
N ASP S 25 141.31 28.60 -1.13
CA ASP S 25 140.16 28.95 -0.31
C ASP S 25 140.03 28.02 0.89
N ASN S 26 141.09 27.87 1.65
CA ASN S 26 141.13 26.91 2.75
C ASN S 26 140.26 27.28 3.95
N ILE S 27 139.41 28.31 3.83
CA ILE S 27 138.48 28.65 4.90
C ILE S 27 137.43 27.57 5.10
N GLN S 28 137.00 26.88 4.04
CA GLN S 28 136.08 25.77 4.25
C GLN S 28 136.75 24.55 4.85
N GLY S 29 138.09 24.56 4.97
CA GLY S 29 138.79 23.52 5.70
C GLY S 29 138.41 23.42 7.16
N ILE S 30 137.88 24.49 7.75
CA ILE S 30 137.22 24.42 9.04
C ILE S 30 135.84 23.85 8.75
N THR S 31 135.72 22.54 8.86
CA THR S 31 134.55 21.82 8.37
C THR S 31 133.33 22.11 9.23
N LYS S 32 132.17 21.85 8.64
CA LYS S 32 130.90 22.01 9.36
C LYS S 32 130.79 21.13 10.60
N PRO S 33 131.10 19.81 10.58
CA PRO S 33 131.05 19.06 11.84
C PRO S 33 132.02 19.55 12.89
N ALA S 34 133.14 20.14 12.48
CA ALA S 34 134.04 20.76 13.46
C ALA S 34 133.37 21.93 14.17
N ILE S 35 132.60 22.72 13.41
CA ILE S 35 131.83 23.81 14.01
C ILE S 35 130.77 23.25 14.94
N ARG S 36 130.14 22.14 14.55
CA ARG S 36 129.15 21.52 15.42
C ARG S 36 129.79 21.02 16.70
N ARG S 37 131.00 20.45 16.61
CA ARG S 37 131.70 19.99 17.80
C ARG S 37 132.07 21.16 18.72
N LEU S 38 132.51 22.26 18.13
CA LEU S 38 132.80 23.45 18.93
C LEU S 38 131.56 23.97 19.62
N ALA S 39 130.43 23.94 18.92
CA ALA S 39 129.17 24.38 19.52
C ALA S 39 128.72 23.44 20.62
N ARG S 40 129.02 22.15 20.48
CA ARG S 40 128.76 21.22 21.57
C ARG S 40 129.64 21.55 22.77
N ARG S 41 130.91 21.89 22.53
CA ARG S 41 131.72 22.43 23.60
C ARG S 41 131.23 23.78 24.05
N GLY S 42 130.66 24.55 23.13
CA GLY S 42 130.06 25.81 23.48
C GLY S 42 128.70 25.69 24.13
N GLY S 43 128.17 24.49 24.27
CA GLY S 43 126.89 24.33 24.94
C GLY S 43 125.70 24.66 24.07
N VAL S 44 125.84 24.65 22.76
CA VAL S 44 124.74 24.95 21.87
C VAL S 44 123.92 23.69 21.68
N LYS S 45 122.64 23.75 22.03
CA LYS S 45 121.78 22.59 21.84
C LYS S 45 121.40 22.41 20.37
N ARG S 46 121.10 23.50 19.67
CA ARG S 46 120.66 23.42 18.28
C ARG S 46 121.26 24.58 17.50
N ILE S 47 121.76 24.27 16.31
CA ILE S 47 122.52 25.21 15.50
C ILE S 47 121.75 25.45 14.22
N SER S 48 121.61 26.69 13.81
CA SER S 48 121.08 26.95 12.48
C SER S 48 122.11 26.56 11.44
N GLY S 49 121.61 26.23 10.24
CA GLY S 49 122.50 25.98 9.13
C GLY S 49 123.11 27.24 8.56
N LEU S 50 122.53 28.39 8.88
CA LEU S 50 123.05 29.67 8.45
C LEU S 50 124.25 30.11 9.27
N ILE S 51 124.56 29.40 10.36
CA ILE S 51 125.58 29.82 11.33
C ILE S 51 126.99 29.77 10.74
N TYR S 52 127.26 28.78 9.90
CA TYR S 52 128.62 28.32 9.65
C TYR S 52 129.47 29.36 8.92
N GLU S 53 128.89 30.08 7.96
CA GLU S 53 129.70 30.99 7.16
C GLU S 53 130.10 32.23 7.96
N GLU S 54 129.23 32.71 8.85
CA GLU S 54 129.62 33.83 9.69
C GLU S 54 130.57 33.36 10.79
N THR S 55 130.46 32.13 11.24
CA THR S 55 131.49 31.64 12.16
C THR S 55 132.84 31.56 11.47
N ARG S 56 132.86 31.10 10.22
CA ARG S 56 134.09 31.16 9.43
C ARG S 56 134.60 32.58 9.29
N GLY S 57 133.71 33.53 9.03
CA GLY S 57 134.13 34.92 8.90
C GLY S 57 134.69 35.47 10.19
N VAL S 58 134.04 35.17 11.31
CA VAL S 58 134.47 35.67 12.61
C VAL S 58 135.82 35.10 12.99
N LEU S 59 135.99 33.78 12.85
CA LEU S 59 137.28 33.18 13.15
C LEU S 59 138.34 33.67 12.17
N LYS S 60 137.95 33.89 10.91
CA LYS S 60 138.88 34.45 9.94
C LYS S 60 139.41 35.80 10.40
N VAL S 61 138.49 36.71 10.72
CA VAL S 61 138.84 38.07 11.13
C VAL S 61 139.76 38.04 12.34
N PHE S 62 139.44 37.14 13.28
CA PHE S 62 140.32 36.89 14.42
C PHE S 62 141.71 36.44 13.98
N LEU S 63 141.76 35.56 12.97
CA LEU S 63 143.05 35.11 12.47
C LEU S 63 143.85 36.21 11.78
N GLU S 64 143.23 37.08 10.96
CA GLU S 64 144.07 38.17 10.43
C GLU S 64 144.57 39.06 11.54
N ASN S 65 143.76 39.26 12.60
CA ASN S 65 144.23 40.02 13.74
C ASN S 65 145.48 39.39 14.37
N VAL S 66 145.39 38.11 14.72
CA VAL S 66 146.47 37.48 15.47
C VAL S 66 147.68 37.21 14.59
N ILE S 67 147.46 36.85 13.32
CA ILE S 67 148.57 36.54 12.43
C ILE S 67 149.28 37.82 12.01
N ARG S 68 148.54 38.91 11.77
CA ARG S 68 149.15 40.19 11.50
C ARG S 68 150.00 40.64 12.67
N ASP S 69 149.49 40.48 13.89
CA ASP S 69 150.27 40.79 15.07
C ASP S 69 151.52 39.92 15.14
N ALA S 70 151.35 38.62 14.90
CA ALA S 70 152.46 37.69 15.02
C ALA S 70 153.53 37.97 13.98
N VAL S 71 153.14 38.27 12.75
CA VAL S 71 154.14 38.54 11.73
C VAL S 71 154.78 39.90 11.99
N THR S 72 154.04 40.83 12.60
CA THR S 72 154.64 42.11 12.94
C THR S 72 155.76 41.90 13.95
N TYR S 73 155.53 41.01 14.92
CA TYR S 73 156.62 40.52 15.77
C TYR S 73 157.69 39.78 14.95
N THR S 74 157.27 39.05 13.92
CA THR S 74 158.18 38.09 13.30
C THR S 74 159.22 38.78 12.45
N GLU S 75 158.82 39.54 11.43
CA GLU S 75 159.83 40.37 10.77
C GLU S 75 160.12 41.64 11.54
N HIS S 76 159.57 41.80 12.75
CA HIS S 76 160.34 42.60 13.69
C HIS S 76 161.60 41.88 14.13
N ALA S 77 161.51 40.56 14.32
CA ALA S 77 162.71 39.82 14.72
C ALA S 77 163.58 39.45 13.55
N LYS S 78 163.20 39.86 12.33
CA LYS S 78 163.91 39.55 11.08
C LYS S 78 164.00 38.05 10.86
N ARG S 79 163.00 37.31 11.32
CA ARG S 79 162.93 35.87 11.12
C ARG S 79 161.90 35.54 10.06
N LYS S 80 162.20 34.50 9.28
CA LYS S 80 161.27 33.98 8.31
C LYS S 80 160.40 32.88 8.89
N THR S 81 160.66 32.48 10.12
CA THR S 81 159.94 31.38 10.77
C THR S 81 159.11 31.94 11.90
N VAL S 82 157.82 31.64 11.90
CA VAL S 82 156.94 32.09 12.97
C VAL S 82 157.07 31.15 14.16
N THR S 83 157.29 31.73 15.35
CA THR S 83 157.45 30.96 16.56
C THR S 83 156.20 31.06 17.42
N ALA S 84 156.08 30.09 18.34
CA ALA S 84 154.95 30.08 19.27
C ALA S 84 155.05 31.20 20.28
N MET S 85 156.28 31.62 20.61
CA MET S 85 156.47 32.64 21.63
C MET S 85 155.91 33.98 21.14
N ASP S 86 156.09 34.27 19.85
CA ASP S 86 155.51 35.46 19.25
C ASP S 86 153.98 35.37 19.23
N VAL S 87 153.45 34.18 19.06
CA VAL S 87 152.00 33.99 19.15
C VAL S 87 151.52 34.27 20.56
N VAL S 88 152.30 33.88 21.56
CA VAL S 88 151.97 34.17 22.95
C VAL S 88 151.93 35.67 23.18
N TYR S 89 152.91 36.39 22.63
CA TYR S 89 152.88 37.85 22.68
C TYR S 89 151.66 38.42 21.97
N ALA S 90 151.29 37.86 20.84
CA ALA S 90 150.16 38.37 20.08
C ALA S 90 148.86 38.18 20.84
N LEU S 91 148.72 37.04 21.51
CA LEU S 91 147.49 36.79 22.26
C LEU S 91 147.46 37.61 23.54
N LYS S 92 148.61 37.81 24.17
CA LYS S 92 148.66 38.65 25.36
C LYS S 92 148.34 40.09 25.03
N ARG S 93 148.88 40.58 23.91
CA ARG S 93 148.62 41.94 23.48
C ARG S 93 147.16 42.13 23.06
N GLN S 94 146.49 41.06 22.68
CA GLN S 94 145.07 41.10 22.37
C GLN S 94 144.22 41.00 23.63
N GLY S 95 144.83 40.73 24.77
CA GLY S 95 144.05 40.52 25.98
C GLY S 95 143.33 39.20 26.00
N ARG S 96 143.91 38.17 25.39
CA ARG S 96 143.30 36.85 25.25
C ARG S 96 144.31 35.78 25.63
N THR S 97 144.91 35.95 26.81
CA THR S 97 146.18 35.30 27.14
C THR S 97 146.04 33.78 27.21
N LEU S 98 147.03 33.10 26.63
CA LEU S 98 147.08 31.66 26.50
C LEU S 98 148.22 31.12 27.35
N TYR S 99 147.99 30.01 28.03
CA TYR S 99 149.02 29.38 28.82
C TYR S 99 149.48 28.07 28.20
N GLY S 100 150.76 27.77 28.37
CA GLY S 100 151.32 26.49 28.01
C GLY S 100 152.26 26.49 26.83
N PHE S 101 152.73 27.66 26.39
CA PHE S 101 153.56 27.73 25.20
C PHE S 101 154.78 28.60 25.45
N GLY S 102 155.45 28.35 26.58
CA GLY S 102 156.71 29.01 26.87
C GLY S 102 156.59 30.41 27.43
N GLY S 103 155.37 30.92 27.58
CA GLY S 103 155.17 32.24 28.13
C GLY S 103 155.22 32.25 29.64
N ALA T 28 182.67 79.48 21.70
CA ALA T 28 182.57 79.46 20.25
C ALA T 28 181.53 78.44 19.80
N ARG T 29 180.50 78.27 20.61
CA ARG T 29 179.44 77.31 20.29
C ARG T 29 178.59 77.83 19.14
N ALA T 30 178.10 76.90 18.32
CA ALA T 30 177.11 77.23 17.30
C ALA T 30 175.78 77.63 17.94
N LYS T 31 174.87 78.11 17.09
CA LYS T 31 173.57 78.57 17.56
C LYS T 31 172.76 77.42 18.12
N ALA T 32 172.04 77.69 19.20
CA ALA T 32 171.19 76.69 19.83
C ALA T 32 169.97 76.45 18.94
N LYS T 33 169.98 75.36 18.19
CA LYS T 33 168.87 75.00 17.33
C LYS T 33 168.09 73.86 18.00
N THR T 34 166.92 73.54 17.48
CA THR T 34 166.03 72.59 18.15
C THR T 34 165.76 71.39 17.25
N ARG T 35 165.61 70.23 17.88
CA ARG T 35 165.40 69.00 17.13
C ARG T 35 164.02 68.95 16.52
N SER T 36 163.04 69.63 17.12
CA SER T 36 161.73 69.73 16.50
C SER T 36 161.81 70.50 15.19
N SER T 37 162.64 71.53 15.15
CA SER T 37 162.90 72.22 13.89
C SER T 37 163.76 71.36 12.96
N ARG T 38 164.60 70.50 13.53
CA ARG T 38 165.40 69.59 12.71
C ARG T 38 164.51 68.61 11.96
N ALA T 39 163.49 68.09 12.62
CA ALA T 39 162.54 67.22 11.96
C ALA T 39 161.36 67.98 11.37
N GLY T 40 161.30 69.29 11.54
CA GLY T 40 160.17 70.06 11.07
C GLY T 40 158.89 69.75 11.80
N LEU T 41 158.97 69.30 13.04
CA LEU T 41 157.81 68.86 13.78
C LEU T 41 157.47 69.84 14.89
N GLN T 42 156.24 69.73 15.40
CA GLN T 42 155.75 70.63 16.42
C GLN T 42 155.88 70.06 17.82
N PHE T 43 155.64 68.77 18.01
CA PHE T 43 155.83 68.15 19.29
C PHE T 43 157.31 68.06 19.65
N PRO T 44 157.67 68.27 20.92
CA PRO T 44 159.07 68.37 21.31
C PRO T 44 159.79 67.03 21.25
N VAL T 45 160.86 66.98 20.47
CA VAL T 45 161.73 65.81 20.49
C VAL T 45 162.42 65.70 21.84
N GLY T 46 162.84 66.84 22.40
CA GLY T 46 163.57 66.82 23.65
C GLY T 46 162.74 66.35 24.82
N ARG T 47 161.52 66.86 24.95
CA ARG T 47 160.68 66.47 26.09
C ARG T 47 160.24 65.02 25.98
N VAL T 48 159.90 64.57 24.77
CA VAL T 48 159.48 63.18 24.59
C VAL T 48 160.65 62.24 24.83
N HIS T 49 161.84 62.62 24.37
CA HIS T 49 163.04 61.85 24.65
C HIS T 49 163.32 61.76 26.15
N ARG T 50 163.14 62.88 26.86
CA ARG T 50 163.32 62.89 28.30
C ARG T 50 162.30 61.99 28.99
N LEU T 51 161.06 62.02 28.51
CA LEU T 51 160.02 61.19 29.12
C LEU T 51 160.27 59.71 28.87
N LEU T 52 160.78 59.36 27.69
CA LEU T 52 161.13 57.97 27.44
C LEU T 52 162.32 57.53 28.28
N ARG T 53 163.27 58.43 28.51
CA ARG T 53 164.40 58.08 29.37
C ARG T 53 163.94 57.85 30.81
N LYS T 54 163.07 58.72 31.32
CA LYS T 54 162.62 58.57 32.69
C LYS T 54 161.26 57.90 32.82
N GLY T 55 160.70 57.40 31.72
CA GLY T 55 159.52 56.56 31.84
C GLY T 55 159.82 55.12 32.10
N ASN T 56 161.11 54.76 32.20
CA ASN T 56 161.58 53.43 32.54
C ASN T 56 161.07 52.38 31.55
N TYR T 57 161.52 52.51 30.30
CA TYR T 57 161.18 51.56 29.25
C TYR T 57 162.40 50.85 28.69
N SER T 58 163.53 51.54 28.63
CA SER T 58 164.83 50.92 28.45
C SER T 58 165.87 51.86 29.01
N GLU T 59 167.04 51.31 29.33
CA GLU T 59 168.12 52.16 29.79
C GLU T 59 168.69 53.01 28.66
N ARG T 60 168.67 52.49 27.43
CA ARG T 60 169.16 53.24 26.29
C ARG T 60 168.02 53.39 25.29
N VAL T 61 167.97 54.55 24.65
CA VAL T 61 166.95 54.86 23.65
C VAL T 61 167.63 55.46 22.43
N GLY T 62 167.38 54.87 21.26
CA GLY T 62 167.97 55.39 20.05
C GLY T 62 167.40 56.72 19.64
N ALA T 63 168.21 57.46 18.88
CA ALA T 63 167.91 58.88 18.63
C ALA T 63 166.70 59.06 17.72
N GLY T 64 166.49 58.12 16.81
CA GLY T 64 165.35 58.27 15.91
C GLY T 64 164.01 58.00 16.53
N ALA T 65 164.00 57.32 17.67
CA ALA T 65 162.74 56.98 18.32
C ALA T 65 161.92 58.18 18.78
N PRO T 66 162.47 59.19 19.49
CA PRO T 66 161.61 60.34 19.83
C PRO T 66 161.15 61.11 18.61
N VAL T 67 161.95 61.16 17.54
CA VAL T 67 161.54 61.84 16.33
C VAL T 67 160.34 61.12 15.70
N TYR T 68 160.45 59.80 15.59
CA TYR T 68 159.38 59.00 15.01
C TYR T 68 158.12 59.10 15.85
N LEU T 69 158.28 59.05 17.16
CA LEU T 69 157.16 59.11 18.08
C LEU T 69 156.47 60.46 18.03
N ALA T 70 157.24 61.54 17.98
CA ALA T 70 156.66 62.87 17.90
C ALA T 70 155.92 63.05 16.60
N ALA T 71 156.45 62.49 15.51
CA ALA T 71 155.75 62.54 14.24
C ALA T 71 154.43 61.80 14.31
N VAL T 72 154.41 60.65 14.97
CA VAL T 72 153.17 59.86 15.09
C VAL T 72 152.12 60.64 15.89
N LEU T 73 152.55 61.23 17.01
CA LEU T 73 151.64 62.01 17.83
C LEU T 73 151.11 63.22 17.08
N GLU T 74 151.98 63.88 16.29
CA GLU T 74 151.53 65.04 15.54
C GLU T 74 150.54 64.64 14.45
N TYR T 75 150.77 63.49 13.82
CA TYR T 75 149.84 63.00 12.80
C TYR T 75 148.47 62.69 13.38
N LEU T 76 148.45 62.03 14.53
CA LEU T 76 147.19 61.68 15.19
C LEU T 76 146.45 62.94 15.63
N THR T 77 147.17 63.88 16.25
CA THR T 77 146.55 65.14 16.60
C THR T 77 146.09 65.89 15.37
N ALA T 78 146.78 65.70 14.24
CA ALA T 78 146.39 66.38 13.01
C ALA T 78 144.99 65.99 12.59
N GLU T 79 144.71 64.69 12.45
CA GLU T 79 143.32 64.37 12.09
C GLU T 79 142.32 64.68 13.19
N ILE T 80 142.64 64.39 14.45
CA ILE T 80 141.57 64.56 15.44
C ILE T 80 141.25 66.03 15.63
N LEU T 81 142.25 66.91 15.52
CA LEU T 81 142.01 68.33 15.60
C LEU T 81 141.27 68.86 14.39
N GLU T 82 141.63 68.40 13.18
CA GLU T 82 140.92 68.94 12.01
C GLU T 82 139.48 68.43 11.98
N LEU T 83 139.24 67.19 12.39
CA LEU T 83 137.88 66.68 12.47
C LEU T 83 137.07 67.42 13.52
N ALA T 84 137.68 67.75 14.66
CA ALA T 84 136.98 68.55 15.66
C ALA T 84 136.62 69.92 15.12
N GLY T 85 137.54 70.54 14.39
CA GLY T 85 137.26 71.84 13.79
C GLY T 85 136.16 71.77 12.75
N ASN T 86 136.15 70.70 11.95
CA ASN T 86 135.10 70.52 10.96
C ASN T 86 133.74 70.33 11.60
N ALA T 87 133.68 69.54 12.68
CA ALA T 87 132.41 69.32 13.37
C ALA T 87 131.95 70.61 14.05
N ALA T 88 132.89 71.41 14.55
CA ALA T 88 132.55 72.71 15.12
C ALA T 88 132.00 73.65 14.06
N ARG T 89 132.59 73.62 12.88
CA ARG T 89 132.11 74.44 11.77
C ARG T 89 130.73 73.97 11.31
N ASP T 90 130.47 72.67 11.41
CA ASP T 90 129.13 72.17 11.19
C ASP T 90 128.18 72.69 12.26
N ASN T 91 128.65 72.82 13.49
CA ASN T 91 127.86 73.40 14.57
C ASN T 91 128.02 74.91 14.66
N LYS T 92 128.70 75.51 13.67
CA LYS T 92 128.86 76.96 13.53
C LYS T 92 129.58 77.57 14.74
N LYS T 93 130.47 76.80 15.34
CA LYS T 93 131.30 77.28 16.44
C LYS T 93 132.73 77.41 15.97
N THR T 94 133.36 78.53 16.26
CA THR T 94 134.78 78.66 16.00
C THR T 94 135.63 78.19 17.17
N ARG T 95 135.01 77.79 18.27
CA ARG T 95 135.73 77.25 19.41
C ARG T 95 135.24 75.83 19.65
N ILE T 96 136.18 74.87 19.58
CA ILE T 96 135.79 73.48 19.70
C ILE T 96 135.50 73.14 21.15
N ILE T 97 134.59 72.20 21.35
CA ILE T 97 134.04 71.91 22.67
C ILE T 97 134.28 70.41 22.81
N PRO T 98 134.30 69.84 24.02
CA PRO T 98 134.40 68.38 24.14
C PRO T 98 133.32 67.60 23.42
N ARG T 99 132.13 68.18 23.22
CA ARG T 99 131.13 67.53 22.38
C ARG T 99 131.63 67.36 20.97
N HIS T 100 132.32 68.37 20.43
CA HIS T 100 132.91 68.25 19.11
C HIS T 100 133.95 67.14 19.07
N LEU T 101 134.72 67.00 20.15
CA LEU T 101 135.73 65.94 20.19
C LEU T 101 135.10 64.57 20.17
N GLN T 102 134.03 64.40 20.96
CA GLN T 102 133.36 63.09 20.99
C GLN T 102 132.72 62.79 19.63
N LEU T 103 132.11 63.80 19.02
CA LEU T 103 131.50 63.61 17.70
C LEU T 103 132.54 63.26 16.65
N ALA T 104 133.71 63.89 16.73
CA ALA T 104 134.78 63.59 15.79
C ALA T 104 135.34 62.19 16.02
N ILE T 105 135.55 61.81 17.28
CA ILE T 105 136.28 60.58 17.57
C ILE T 105 135.38 59.38 17.32
N ARG T 106 134.06 59.53 17.47
CA ARG T 106 133.19 58.40 17.22
C ARG T 106 132.81 58.27 15.75
N ASN T 107 133.05 59.30 14.95
CA ASN T 107 132.71 59.23 13.55
C ASN T 107 133.83 58.66 12.68
N ASP T 108 135.03 58.46 13.21
CA ASP T 108 136.09 57.78 12.48
C ASP T 108 136.27 56.39 13.05
N GLU T 109 136.03 55.38 12.20
CA GLU T 109 135.91 54.00 12.68
C GLU T 109 137.24 53.47 13.21
N GLU T 110 138.35 53.82 12.56
CA GLU T 110 139.65 53.37 13.05
C GLU T 110 140.04 54.08 14.34
N LEU T 111 139.77 55.37 14.44
CA LEU T 111 140.01 56.07 15.69
C LEU T 111 139.06 55.60 16.78
N ASN T 112 137.84 55.22 16.39
CA ASN T 112 136.90 54.70 17.37
C ASN T 112 137.38 53.34 17.90
N LYS T 113 137.95 52.53 17.01
CA LYS T 113 138.61 51.30 17.45
C LYS T 113 139.81 51.60 18.33
N LEU T 114 140.50 52.71 18.04
CA LEU T 114 141.64 53.11 18.84
C LEU T 114 141.21 53.52 20.25
N LEU T 115 140.06 54.16 20.37
CA LEU T 115 139.55 54.62 21.66
C LEU T 115 138.20 53.99 22.00
N GLY T 116 138.10 52.66 21.85
CA GLY T 116 136.84 51.99 22.16
C GLY T 116 136.54 51.99 23.65
N ARG T 117 137.58 52.03 24.48
CA ARG T 117 137.42 51.92 25.92
C ARG T 117 137.52 53.26 26.62
N VAL T 118 137.56 54.36 25.87
CA VAL T 118 137.97 55.65 26.41
C VAL T 118 136.75 56.53 26.64
N THR T 119 136.69 57.16 27.80
CA THR T 119 135.60 58.04 28.18
C THR T 119 136.00 59.49 27.97
N ILE T 120 135.19 60.22 27.21
CA ILE T 120 135.38 61.65 27.01
C ILE T 120 134.50 62.40 28.00
N ALA T 121 135.10 63.29 28.79
CA ALA T 121 134.33 64.06 29.75
C ALA T 121 133.43 65.05 29.03
N GLN T 122 132.15 65.07 29.45
CA GLN T 122 131.10 65.90 28.89
C GLN T 122 130.89 65.66 27.40
N GLY T 123 131.24 64.47 26.91
CA GLY T 123 131.19 64.23 25.48
C GLY T 123 129.85 63.73 24.99
N GLY T 124 129.08 63.08 25.85
CA GLY T 124 127.82 62.52 25.41
C GLY T 124 128.05 61.37 24.44
N VAL T 125 127.02 61.08 23.66
CA VAL T 125 127.08 60.02 22.66
C VAL T 125 126.62 60.57 21.32
N LEU T 126 126.80 59.75 20.29
CA LEU T 126 126.35 60.12 18.96
C LEU T 126 124.83 60.20 18.93
N PRO T 127 124.25 61.01 18.06
CA PRO T 127 122.81 60.86 17.77
C PRO T 127 122.60 59.62 16.90
N ASN T 128 122.17 58.53 17.52
CA ASN T 128 121.95 57.28 16.82
C ASN T 128 120.91 56.47 17.58
N ILE T 129 119.74 56.28 16.98
CA ILE T 129 118.66 55.54 17.59
C ILE T 129 118.29 54.38 16.69
N GLN T 130 117.81 53.30 17.29
CA GLN T 130 117.47 52.11 16.52
C GLN T 130 116.21 52.36 15.70
N ALA T 131 116.08 51.62 14.60
CA ALA T 131 115.02 51.88 13.65
C ALA T 131 113.64 51.58 14.23
N VAL T 132 113.53 50.55 15.07
CA VAL T 132 112.25 50.20 15.65
C VAL T 132 111.81 51.24 16.69
N LEU T 133 112.75 52.03 17.22
CA LEU T 133 112.40 53.08 18.17
C LEU T 133 111.61 54.21 17.55
N LEU T 134 111.76 54.43 16.24
CA LEU T 134 110.97 55.44 15.58
C LEU T 134 109.56 54.93 15.33
N PRO T 135 108.57 55.81 15.31
CA PRO T 135 107.19 55.39 14.99
C PRO T 135 107.04 55.08 13.51
N LYS T 136 105.85 54.62 13.16
CA LYS T 136 105.51 54.30 11.78
C LYS T 136 105.48 55.56 10.91
N LYS U 31 156.76 81.77 44.24
CA LYS U 31 155.73 81.39 43.27
C LYS U 31 155.40 79.91 43.36
N ARG U 32 155.28 79.27 42.20
CA ARG U 32 154.93 77.86 42.10
C ARG U 32 155.93 77.16 41.19
N SER U 33 156.14 75.87 41.46
CA SER U 33 156.95 75.04 40.58
C SER U 33 156.23 74.81 39.26
N ARG U 34 156.99 74.71 38.19
CA ARG U 34 156.40 74.58 36.86
C ARG U 34 155.72 73.23 36.69
N LYS U 35 154.51 73.27 36.14
CA LYS U 35 153.75 72.06 35.81
C LYS U 35 153.80 71.91 34.30
N GLU U 36 154.55 70.92 33.83
CA GLU U 36 154.72 70.73 32.39
C GLU U 36 153.43 70.24 31.76
N SER U 37 153.18 70.68 30.53
CA SER U 37 151.91 70.47 29.87
C SER U 37 152.12 70.44 28.37
N TYR U 38 151.07 70.10 27.66
CA TYR U 38 151.08 70.07 26.20
C TYR U 38 150.23 71.16 25.59
N SER U 39 150.35 72.39 26.10
CA SER U 39 149.56 73.49 25.57
C SER U 39 150.09 73.94 24.21
N VAL U 40 151.36 74.32 24.16
CA VAL U 40 151.89 75.05 23.02
C VAL U 40 151.90 74.19 21.76
N TYR U 41 152.24 72.91 21.90
CA TYR U 41 152.41 72.07 20.72
C TYR U 41 151.07 71.76 20.07
N VAL U 42 150.08 71.39 20.86
CA VAL U 42 148.75 71.10 20.32
C VAL U 42 148.13 72.37 19.75
N TYR U 43 148.39 73.51 20.40
CA TYR U 43 147.86 74.76 19.87
C TYR U 43 148.49 75.11 18.52
N LYS U 44 149.80 74.91 18.38
CA LYS U 44 150.43 75.18 17.09
C LYS U 44 149.96 74.19 16.02
N VAL U 45 149.71 72.93 16.39
CA VAL U 45 149.17 71.97 15.44
C VAL U 45 147.79 72.42 14.97
N LEU U 46 146.96 72.91 15.90
CA LEU U 46 145.66 73.46 15.52
C LEU U 46 145.82 74.63 14.56
N LYS U 47 146.74 75.55 14.86
CA LYS U 47 146.94 76.71 14.01
C LYS U 47 147.45 76.34 12.63
N GLN U 48 148.20 75.24 12.50
CA GLN U 48 148.55 74.77 11.16
C GLN U 48 147.36 74.15 10.45
N VAL U 49 146.57 73.31 11.14
CA VAL U 49 145.50 72.63 10.42
C VAL U 49 144.28 73.53 10.26
N HIS U 50 144.09 74.47 11.18
CA HIS U 50 142.96 75.40 11.12
C HIS U 50 143.40 76.68 11.81
N PRO U 51 143.89 77.66 11.05
CA PRO U 51 144.37 78.91 11.68
C PRO U 51 143.29 79.70 12.38
N ASP U 52 142.03 79.56 11.96
CA ASP U 52 140.99 80.48 12.36
C ASP U 52 140.23 80.07 13.63
N THR U 53 140.24 78.80 14.00
CA THR U 53 139.35 78.34 15.05
C THR U 53 140.05 78.30 16.41
N GLY U 54 139.26 78.10 17.46
CA GLY U 54 139.75 78.07 18.82
C GLY U 54 139.40 76.79 19.55
N ILE U 55 139.83 76.73 20.80
CA ILE U 55 139.64 75.56 21.64
C ILE U 55 139.07 76.00 22.97
N SER U 56 138.38 75.08 23.64
CA SER U 56 138.14 75.23 25.05
C SER U 56 139.30 74.64 25.83
N SER U 57 139.49 75.13 27.05
CA SER U 57 140.55 74.57 27.90
C SER U 57 140.21 73.15 28.31
N LYS U 58 138.92 72.82 28.40
CA LYS U 58 138.50 71.46 28.70
C LYS U 58 138.81 70.50 27.56
N ALA U 59 138.51 70.92 26.33
CA ALA U 59 138.93 70.18 25.15
C ALA U 59 140.44 70.06 25.10
N MET U 60 141.13 71.09 25.57
CA MET U 60 142.59 71.08 25.53
C MET U 60 143.14 70.08 26.53
N GLY U 61 142.45 69.93 27.66
CA GLY U 61 142.80 68.87 28.60
C GLY U 61 142.57 67.49 28.03
N ILE U 62 141.51 67.32 27.24
CA ILE U 62 141.32 66.03 26.55
C ILE U 62 142.45 65.77 25.55
N MET U 63 142.95 66.80 24.88
CA MET U 63 144.15 66.60 24.06
C MET U 63 145.37 66.22 24.89
N ASN U 64 145.52 66.81 26.08
CA ASN U 64 146.61 66.39 26.95
C ASN U 64 146.48 64.92 27.35
N SER U 65 145.26 64.50 27.69
CA SER U 65 145.02 63.12 28.08
C SER U 65 145.23 62.15 26.91
N PHE U 66 144.78 62.55 25.72
CA PHE U 66 144.99 61.76 24.52
C PHE U 66 146.47 61.55 24.22
N VAL U 67 147.25 62.62 24.25
CA VAL U 67 148.66 62.48 23.92
C VAL U 67 149.37 61.65 24.97
N ASN U 68 149.00 61.85 26.24
CA ASN U 68 149.60 61.05 27.32
C ASN U 68 149.26 59.58 27.18
N ASP U 69 148.00 59.26 26.83
CA ASP U 69 147.58 57.87 26.75
C ASP U 69 148.24 57.17 25.57
N ILE U 70 148.28 57.81 24.41
CA ILE U 70 148.91 57.19 23.25
C ILE U 70 150.41 57.05 23.48
N PHE U 71 151.03 58.04 24.14
CA PHE U 71 152.43 57.95 24.48
C PHE U 71 152.69 56.78 25.41
N GLU U 72 151.81 56.56 26.39
CA GLU U 72 151.96 55.42 27.29
C GLU U 72 151.79 54.10 26.56
N ARG U 73 150.82 54.00 25.66
CA ARG U 73 150.61 52.75 24.92
C ARG U 73 151.83 52.42 24.06
N ILE U 74 152.31 53.39 23.29
CA ILE U 74 153.43 53.16 22.40
C ILE U 74 154.71 52.88 23.19
N ALA U 75 154.91 53.61 24.28
CA ALA U 75 156.12 53.40 25.08
C ALA U 75 156.12 52.05 25.76
N GLY U 76 154.96 51.61 26.25
CA GLY U 76 154.88 50.28 26.84
C GLY U 76 155.11 49.18 25.83
N GLU U 77 154.58 49.35 24.61
CA GLU U 77 154.80 48.34 23.59
C GLU U 77 156.25 48.32 23.14
N ALA U 78 156.89 49.49 23.06
CA ALA U 78 158.29 49.54 22.73
C ALA U 78 159.13 48.87 23.79
N SER U 79 158.79 49.08 25.06
CA SER U 79 159.50 48.41 26.14
C SER U 79 159.32 46.90 26.06
N ARG U 80 158.12 46.44 25.72
CA ARG U 80 157.92 44.99 25.56
C ARG U 80 158.75 44.43 24.42
N LEU U 81 158.78 45.12 23.28
CA LEU U 81 159.58 44.61 22.15
C LEU U 81 161.07 44.64 22.43
N ALA U 82 161.55 45.65 23.17
CA ALA U 82 162.95 45.63 23.57
C ALA U 82 163.21 44.49 24.55
N HIS U 83 162.23 44.19 25.40
CA HIS U 83 162.33 43.06 26.31
C HIS U 83 162.39 41.74 25.57
N TYR U 84 161.53 41.56 24.57
CA TYR U 84 161.27 40.23 24.03
C TYR U 84 162.42 39.77 23.17
N ASN U 85 162.98 40.68 22.38
CA ASN U 85 164.13 40.40 21.54
C ASN U 85 165.44 40.67 22.26
N LYS U 86 165.39 40.84 23.59
CA LYS U 86 166.57 41.01 24.44
C LYS U 86 167.40 42.21 24.01
N ARG U 87 166.71 43.29 23.67
CA ARG U 87 167.33 44.50 23.16
C ARG U 87 167.38 45.56 24.24
N SER U 88 168.54 46.17 24.41
CA SER U 88 168.76 47.18 25.42
C SER U 88 168.27 48.55 25.01
N THR U 89 167.79 48.68 23.78
CA THR U 89 167.58 49.98 23.15
C THR U 89 166.11 50.14 22.74
N ILE U 90 165.67 51.39 22.68
CA ILE U 90 164.45 51.76 21.97
C ILE U 90 164.84 52.53 20.72
N THR U 91 164.65 51.90 19.56
CA THR U 91 164.94 52.49 18.26
C THR U 91 163.65 52.76 17.52
N SER U 92 163.77 53.41 16.36
CA SER U 92 162.60 53.73 15.56
C SER U 92 161.94 52.49 14.99
N ARG U 93 162.72 51.41 14.81
CA ARG U 93 162.19 50.18 14.25
C ARG U 93 161.10 49.57 15.13
N GLU U 94 161.33 49.52 16.44
CA GLU U 94 160.38 48.81 17.29
C GLU U 94 159.16 49.66 17.62
N ILE U 95 159.30 50.98 17.68
CA ILE U 95 158.10 51.79 17.82
C ILE U 95 157.33 51.81 16.51
N GLN U 96 158.04 51.65 15.38
CA GLN U 96 157.39 51.43 14.09
C GLN U 96 156.58 50.14 14.10
N THR U 97 157.18 49.09 14.67
CA THR U 97 156.48 47.83 14.88
C THR U 97 155.23 48.04 15.74
N ALA U 98 155.38 48.80 16.82
CA ALA U 98 154.27 49.03 17.73
C ALA U 98 153.16 49.82 17.06
N VAL U 99 153.50 50.86 16.31
CA VAL U 99 152.46 51.68 15.71
C VAL U 99 151.78 50.92 14.59
N ARG U 100 152.48 49.96 13.97
CA ARG U 100 151.82 49.06 13.05
C ARG U 100 150.88 48.10 13.80
N LEU U 101 151.24 47.72 15.03
CA LEU U 101 150.35 46.88 15.82
C LEU U 101 149.08 47.61 16.24
N LEU U 102 149.22 48.82 16.78
CA LEU U 102 148.10 49.43 17.49
C LEU U 102 147.16 50.16 16.55
N LEU U 103 147.68 51.05 15.79
CA LEU U 103 146.86 51.92 14.97
C LEU U 103 146.34 51.14 13.76
N PRO U 104 145.04 51.20 13.49
CA PRO U 104 144.48 50.41 12.39
C PRO U 104 144.74 51.04 11.03
N GLY U 105 145.15 50.17 10.10
CA GLY U 105 145.18 50.46 8.68
C GLY U 105 145.96 51.65 8.16
N GLU U 106 145.28 52.52 7.42
CA GLU U 106 145.96 53.65 6.79
C GLU U 106 146.44 54.66 7.80
N LEU U 107 145.86 54.68 9.01
CA LEU U 107 146.48 55.43 10.09
C LEU U 107 147.88 54.90 10.35
N ALA U 108 148.03 53.59 10.42
CA ALA U 108 149.35 53.00 10.62
C ALA U 108 150.27 53.29 9.45
N LYS U 109 149.77 53.12 8.22
CA LYS U 109 150.63 53.33 7.04
C LYS U 109 151.04 54.79 6.89
N HIS U 110 150.12 55.72 7.10
CA HIS U 110 150.48 57.12 7.03
C HIS U 110 151.43 57.51 8.14
N ALA U 111 151.12 57.14 9.39
CA ALA U 111 152.00 57.46 10.51
C ALA U 111 153.39 56.91 10.30
N VAL U 112 153.49 55.73 9.68
CA VAL U 112 154.76 55.24 9.15
C VAL U 112 155.35 56.25 8.17
N SER U 113 154.53 56.80 7.26
CA SER U 113 155.08 57.69 6.24
C SER U 113 155.63 58.98 6.84
N GLU U 114 154.87 59.65 7.71
CA GLU U 114 155.41 60.85 8.34
C GLU U 114 156.59 60.53 9.26
N GLY U 115 156.57 59.38 9.92
CA GLY U 115 157.70 59.02 10.75
C GLY U 115 158.97 58.81 9.95
N THR U 116 158.85 58.14 8.81
CA THR U 116 160.02 57.93 7.96
C THR U 116 160.52 59.24 7.35
N LYS U 117 159.62 60.09 6.87
CA LYS U 117 160.10 61.34 6.28
C LYS U 117 160.69 62.24 7.37
N ALA U 118 160.14 62.19 8.58
CA ALA U 118 160.69 62.95 9.68
C ALA U 118 162.07 62.47 10.08
N VAL U 119 162.26 61.15 10.14
CA VAL U 119 163.56 60.65 10.57
C VAL U 119 164.60 60.88 9.47
N THR U 120 164.19 60.83 8.20
CA THR U 120 165.13 61.16 7.14
C THR U 120 165.49 62.63 7.14
N LYS U 121 164.53 63.50 7.47
CA LYS U 121 164.85 64.91 7.65
C LYS U 121 165.79 65.12 8.82
N TYR U 122 165.63 64.32 9.88
CA TYR U 122 166.49 64.45 11.04
C TYR U 122 167.91 63.96 10.74
N THR U 123 168.04 62.93 9.91
CA THR U 123 169.36 62.50 9.47
C THR U 123 169.99 63.53 8.55
N SER U 124 169.18 64.35 7.90
CA SER U 124 169.70 65.50 7.17
C SER U 124 169.93 66.70 8.07
N ALA U 125 169.67 66.55 9.37
CA ALA U 125 169.88 67.58 10.40
C ALA U 125 169.19 68.90 10.08
N LYS V 38 89.85 70.86 25.22
CA LYS V 38 90.54 69.82 25.95
C LYS V 38 92.01 70.19 26.20
N PRO V 39 92.56 69.77 27.33
CA PRO V 39 94.01 69.90 27.51
C PRO V 39 94.75 68.98 26.57
N HIS V 40 95.84 69.49 26.01
CA HIS V 40 96.55 68.71 25.01
C HIS V 40 97.50 67.71 25.66
N ARG V 41 97.69 66.59 24.96
CA ARG V 41 98.49 65.48 25.48
C ARG V 41 99.12 64.75 24.31
N TYR V 42 100.43 64.56 24.33
CA TYR V 42 101.08 63.75 23.32
C TYR V 42 101.00 62.28 23.70
N ARG V 43 100.97 61.41 22.69
CA ARG V 43 100.87 59.97 22.90
C ARG V 43 102.15 59.45 23.56
N PRO V 44 102.08 58.34 24.29
CA PRO V 44 103.27 57.80 24.97
C PRO V 44 104.39 57.45 24.00
N GLY V 45 105.61 57.73 24.41
CA GLY V 45 106.79 57.37 23.68
C GLY V 45 107.40 58.47 22.85
N THR V 46 106.58 59.22 22.10
CA THR V 46 107.15 60.29 21.28
C THR V 46 107.70 61.42 22.15
N VAL V 47 107.07 61.67 23.31
CA VAL V 47 107.71 62.51 24.31
C VAL V 47 109.02 61.89 24.72
N ALA V 48 109.02 60.59 25.01
CA ALA V 48 110.21 59.89 25.48
C ALA V 48 111.33 59.96 24.45
N LEU V 49 110.99 59.79 23.17
CA LEU V 49 111.98 60.00 22.11
C LEU V 49 112.46 61.43 22.07
N ARG V 50 111.59 62.39 22.42
CA ARG V 50 112.05 63.77 22.45
C ARG V 50 113.07 64.00 23.56
N GLU V 51 112.89 63.39 24.75
CA GLU V 51 113.99 63.49 25.72
C GLU V 51 115.22 62.71 25.27
N ILE V 52 115.04 61.62 24.52
CA ILE V 52 116.20 60.90 23.98
C ILE V 52 117.04 61.81 23.13
N ARG V 53 116.41 62.52 22.19
CA ARG V 53 117.12 63.47 21.36
C ARG V 53 117.71 64.61 22.19
N ARG V 54 116.93 65.11 23.16
CA ARG V 54 117.32 66.29 23.91
C ARG V 54 118.56 66.03 24.75
N TYR V 55 118.55 64.96 25.54
CA TYR V 55 119.77 64.68 26.29
C TYR V 55 120.85 64.02 25.44
N GLN V 56 120.52 63.49 24.28
CA GLN V 56 121.56 62.81 23.52
C GLN V 56 122.43 63.79 22.74
N LYS V 57 121.85 64.91 22.27
CA LYS V 57 122.71 65.93 21.68
C LYS V 57 123.42 66.74 22.74
N SER V 58 122.95 66.68 23.98
CA SER V 58 123.43 67.55 25.03
C SER V 58 124.70 66.98 25.67
N THR V 59 125.30 67.78 26.55
CA THR V 59 126.59 67.46 27.15
C THR V 59 126.57 67.45 28.68
N GLU V 60 125.53 67.96 29.32
CA GLU V 60 125.61 68.28 30.73
C GLU V 60 125.49 67.03 31.60
N LEU V 61 125.62 67.25 32.90
CA LEU V 61 125.43 66.19 33.89
C LEU V 61 123.97 65.81 33.95
N LEU V 62 123.71 64.53 34.24
CA LEU V 62 122.35 64.03 34.26
C LEU V 62 121.82 63.76 35.66
N ILE V 63 122.69 63.58 36.63
CA ILE V 63 122.31 63.34 38.01
C ILE V 63 122.64 64.55 38.85
N ARG V 64 122.02 64.63 40.02
CA ARG V 64 122.27 65.73 40.95
C ARG V 64 123.68 65.63 41.51
N LYS V 65 124.33 66.77 41.70
CA LYS V 65 125.74 66.76 42.08
C LYS V 65 125.93 66.43 43.55
N LEU V 66 125.26 67.15 44.42
CA LEU V 66 125.55 67.03 45.84
C LEU V 66 125.01 65.73 46.46
N PRO V 67 123.83 65.19 46.07
CA PRO V 67 123.53 63.82 46.49
C PRO V 67 124.53 62.79 45.99
N PHE V 68 125.09 62.97 44.80
CA PHE V 68 126.16 62.10 44.36
C PHE V 68 127.38 62.22 45.27
N GLN V 69 127.70 63.44 45.68
CA GLN V 69 128.82 63.62 46.60
C GLN V 69 128.55 62.96 47.94
N ARG V 70 127.31 63.05 48.42
CA ARG V 70 126.92 62.38 49.66
C ARG V 70 127.07 60.88 49.54
N LEU V 71 126.61 60.32 48.42
CA LEU V 71 126.70 58.88 48.19
C LEU V 71 128.15 58.43 48.12
N VAL V 72 128.99 59.21 47.43
CA VAL V 72 130.40 58.86 47.29
C VAL V 72 131.09 58.89 48.64
N ARG V 73 130.81 59.91 49.45
CA ARG V 73 131.44 59.98 50.77
C ARG V 73 130.97 58.85 51.68
N GLU V 74 129.67 58.52 51.64
CA GLU V 74 129.18 57.51 52.58
C GLU V 74 129.68 56.12 52.18
N ILE V 75 129.83 55.87 50.89
CA ILE V 75 130.35 54.57 50.48
C ILE V 75 131.87 54.54 50.63
N ALA V 76 132.51 55.72 50.61
CA ALA V 76 133.96 55.77 50.76
C ALA V 76 134.38 55.57 52.21
N GLN V 77 133.58 56.09 53.14
CA GLN V 77 133.96 56.02 54.55
C GLN V 77 133.89 54.61 55.11
N ASP V 78 133.33 53.66 54.36
CA ASP V 78 133.35 52.26 54.74
C ASP V 78 134.73 51.63 54.61
N PHE V 79 135.66 52.29 53.96
CA PHE V 79 137.03 51.79 53.84
C PHE V 79 138.01 52.54 54.71
N LYS V 80 138.03 53.86 54.61
CA LYS V 80 138.89 54.67 55.44
C LYS V 80 138.06 55.83 55.96
N THR V 81 138.16 56.09 57.25
CA THR V 81 137.29 57.09 57.84
C THR V 81 137.81 58.49 57.55
N ASP V 82 136.86 59.44 57.53
CA ASP V 82 137.12 60.88 57.36
C ASP V 82 137.88 61.14 56.05
N LEU V 83 137.47 60.48 54.97
CA LEU V 83 138.07 60.76 53.69
C LEU V 83 137.58 62.09 53.14
N ARG V 84 138.50 62.86 52.58
CA ARG V 84 138.18 64.16 52.03
C ARG V 84 138.36 64.10 50.51
N PHE V 85 137.49 64.82 49.82
CA PHE V 85 137.41 64.69 48.37
C PHE V 85 137.61 66.06 47.73
N GLN V 86 138.46 66.10 46.72
CA GLN V 86 138.50 67.25 45.83
C GLN V 86 137.17 67.33 45.09
N SER V 87 136.72 68.55 44.82
CA SER V 87 135.51 68.74 44.03
C SER V 87 135.70 68.20 42.63
N SER V 88 136.89 68.38 42.07
CA SER V 88 137.22 67.79 40.78
C SER V 88 137.21 66.28 40.83
N ALA V 89 137.58 65.68 41.98
CA ALA V 89 137.57 64.23 42.09
C ALA V 89 136.16 63.68 42.08
N VAL V 90 135.25 64.31 42.83
CA VAL V 90 133.85 63.92 42.78
C VAL V 90 133.29 64.13 41.39
N MET V 91 133.74 65.20 40.71
CA MET V 91 133.35 65.43 39.33
C MET V 91 133.77 64.28 38.43
N ALA V 92 135.06 63.91 38.49
CA ALA V 92 135.59 62.84 37.65
C ALA V 92 134.88 61.54 37.88
N LEU V 93 134.67 61.20 39.16
CA LEU V 93 133.99 59.98 39.49
C LEU V 93 132.56 60.02 39.00
N GLN V 94 131.98 61.22 38.95
CA GLN V 94 130.65 61.36 38.35
C GLN V 94 130.69 60.97 36.89
N GLU V 95 131.50 61.64 36.03
CA GLU V 95 131.30 61.36 34.59
C GLU V 95 131.77 59.95 34.25
N ALA V 96 132.72 59.42 35.03
CA ALA V 96 133.06 58.00 34.90
C ALA V 96 131.85 57.12 35.21
N SER V 97 131.08 57.50 36.24
CA SER V 97 129.91 56.72 36.60
C SER V 97 128.86 56.74 35.50
N GLU V 98 128.48 57.93 35.02
CA GLU V 98 127.43 57.85 33.99
C GLU V 98 127.99 57.34 32.68
N ALA V 99 129.31 57.38 32.48
CA ALA V 99 129.88 56.74 31.31
C ALA V 99 129.67 55.23 31.35
N TYR V 100 129.99 54.61 32.48
CA TYR V 100 129.80 53.16 32.57
C TYR V 100 128.32 52.81 32.52
N LEU V 101 127.47 53.60 33.21
CA LEU V 101 126.04 53.36 33.14
C LEU V 101 125.49 53.52 31.73
N VAL V 102 125.91 54.55 30.99
CA VAL V 102 125.28 54.81 29.70
C VAL V 102 125.69 53.75 28.70
N GLY V 103 126.95 53.27 28.79
CA GLY V 103 127.39 52.18 27.96
C GLY V 103 126.62 50.92 28.24
N LEU V 104 126.35 50.67 29.53
CA LEU V 104 125.48 49.57 29.91
C LEU V 104 124.09 49.75 29.31
N PHE V 105 123.60 50.99 29.18
CA PHE V 105 122.25 51.06 28.62
C PHE V 105 122.21 50.88 27.10
N GLU V 106 123.21 51.28 26.32
CA GLU V 106 123.04 50.88 24.90
C GLU V 106 123.23 49.38 24.75
N ASP V 107 124.06 48.78 25.61
CA ASP V 107 124.18 47.32 25.57
C ASP V 107 122.85 46.65 25.90
N THR V 108 122.15 47.13 26.92
CA THR V 108 120.86 46.56 27.25
C THR V 108 119.80 46.96 26.23
N ASN V 109 119.99 48.08 25.55
CA ASN V 109 119.09 48.43 24.45
C ASN V 109 119.18 47.41 23.33
N LEU V 110 120.41 47.02 22.98
CA LEU V 110 120.60 45.97 22.00
C LEU V 110 120.01 44.66 22.49
N ALA V 111 120.14 44.40 23.79
CA ALA V 111 119.48 43.23 24.37
C ALA V 111 117.97 43.31 24.24
N ALA V 112 117.40 44.49 24.43
CA ALA V 112 115.95 44.64 24.42
C ALA V 112 115.38 44.46 23.03
N ILE V 113 116.00 45.08 22.02
CA ILE V 113 115.50 44.92 20.66
C ILE V 113 115.79 43.50 20.20
N HIS V 114 116.84 42.90 20.75
CA HIS V 114 117.18 41.53 20.42
C HIS V 114 116.10 40.56 20.86
N ALA V 115 115.47 40.84 21.99
CA ALA V 115 114.33 40.06 22.45
C ALA V 115 113.02 40.57 21.88
N LYS V 116 113.06 41.34 20.78
CA LYS V 116 111.90 41.92 20.11
C LYS V 116 111.07 42.79 21.03
N ARG V 117 111.71 43.42 22.00
CA ARG V 117 111.04 44.28 22.96
C ARG V 117 111.60 45.69 22.86
N VAL V 118 110.86 46.64 23.44
CA VAL V 118 111.33 48.02 23.50
C VAL V 118 111.54 48.50 24.93
N THR V 119 110.99 47.83 25.92
CA THR V 119 111.25 48.15 27.31
C THR V 119 112.38 47.28 27.81
N ILE V 120 113.38 47.89 28.43
CA ILE V 120 114.46 47.12 29.02
C ILE V 120 113.93 46.45 30.28
N MET V 121 114.53 45.33 30.63
CA MET V 121 114.15 44.53 31.78
C MET V 121 115.43 44.20 32.56
N PRO V 122 115.29 43.81 33.84
CA PRO V 122 116.50 43.42 34.59
C PRO V 122 117.28 42.27 33.99
N LYS V 123 116.59 41.30 33.38
CA LYS V 123 117.30 40.18 32.76
C LYS V 123 118.19 40.65 31.61
N ASP V 124 117.80 41.73 30.93
CA ASP V 124 118.70 42.38 29.98
C ASP V 124 119.96 42.87 30.66
N ILE V 125 119.83 43.34 31.90
CA ILE V 125 121.00 43.86 32.61
C ILE V 125 121.94 42.72 32.96
N GLN V 126 121.44 41.60 33.52
CA GLN V 126 122.37 40.50 33.79
C GLN V 126 122.94 39.92 32.51
N LEU V 127 122.17 39.94 31.41
CA LEU V 127 122.70 39.52 30.13
C LEU V 127 123.89 40.37 29.72
N ALA V 128 123.73 41.69 29.75
CA ALA V 128 124.80 42.59 29.34
C ALA V 128 126.02 42.47 30.25
N ARG V 129 125.77 42.35 31.55
CA ARG V 129 126.85 42.20 32.51
C ARG V 129 127.60 40.89 32.30
N ARG V 130 126.89 39.82 31.96
CA ARG V 130 127.57 38.54 31.80
C ARG V 130 128.31 38.46 30.47
N ILE V 131 127.76 39.08 29.42
CA ILE V 131 128.47 39.11 28.14
C ILE V 131 129.73 39.96 28.28
N ARG V 132 129.67 41.05 29.04
CA ARG V 132 130.89 41.80 29.32
C ARG V 132 131.84 41.04 30.22
N GLY V 133 131.36 40.01 30.91
CA GLY V 133 132.22 39.23 31.77
C GLY V 133 132.46 39.83 33.13
N GLU V 134 131.51 40.62 33.65
CA GLU V 134 131.69 41.29 34.92
C GLU V 134 131.60 40.29 36.08
N LYS W 21 127.12 62.90 60.84
CA LYS W 21 128.40 62.28 60.53
C LYS W 21 128.20 60.99 59.73
N VAL W 22 127.47 60.04 60.31
CA VAL W 22 127.23 58.77 59.63
C VAL W 22 126.02 58.92 58.70
N LEU W 23 126.11 58.23 57.56
CA LEU W 23 125.02 58.17 56.59
C LEU W 23 124.68 56.70 56.34
N ARG W 24 123.41 56.43 56.16
CA ARG W 24 122.88 55.08 56.05
C ARG W 24 122.24 54.75 54.71
N ASP W 25 121.64 55.72 54.03
CA ASP W 25 121.07 55.47 52.70
C ASP W 25 121.15 56.76 51.89
N ASN W 26 122.09 56.80 50.95
CA ASN W 26 122.12 57.84 49.94
C ASN W 26 122.00 57.30 48.52
N ILE W 27 121.89 55.97 48.36
CA ILE W 27 121.78 55.41 47.02
C ILE W 27 120.40 55.69 46.45
N GLN W 28 119.41 55.92 47.30
CA GLN W 28 118.14 56.45 46.83
C GLN W 28 118.23 57.92 46.45
N GLY W 29 119.33 58.59 46.80
CA GLY W 29 119.59 59.92 46.29
C GLY W 29 119.82 59.99 44.80
N ILE W 30 120.19 58.87 44.17
CA ILE W 30 120.20 58.77 42.72
C ILE W 30 118.75 58.52 42.34
N THR W 31 118.06 59.59 41.97
CA THR W 31 116.62 59.55 41.86
C THR W 31 116.18 58.79 40.61
N LYS W 32 114.93 58.31 40.67
CA LYS W 32 114.30 57.68 39.52
C LYS W 32 114.25 58.56 38.28
N PRO W 33 113.92 59.87 38.34
CA PRO W 33 114.07 60.70 37.14
C PRO W 33 115.50 60.80 36.63
N ALA W 34 116.50 60.78 37.53
CA ALA W 34 117.89 60.80 37.07
C ALA W 34 118.23 59.54 36.29
N ILE W 35 117.78 58.39 36.79
CA ILE W 35 117.97 57.13 36.06
C ILE W 35 117.22 57.17 34.74
N ARG W 36 116.04 57.78 34.73
CA ARG W 36 115.29 57.91 33.48
C ARG W 36 116.05 58.76 32.48
N ARG W 37 116.65 59.87 32.94
CA ARG W 37 117.45 60.72 32.06
C ARG W 37 118.66 59.96 31.52
N LEU W 38 119.29 59.16 32.37
CA LEU W 38 120.43 58.36 31.93
C LEU W 38 120.04 57.38 30.85
N ALA W 39 118.89 56.74 31.01
CA ALA W 39 118.40 55.81 29.99
C ALA W 39 118.01 56.55 28.71
N ARG W 40 117.48 57.77 28.84
CA ARG W 40 117.16 58.57 27.67
C ARG W 40 118.42 58.95 26.90
N ARG W 41 119.53 59.16 27.62
CA ARG W 41 120.80 59.29 26.92
C ARG W 41 121.20 57.98 26.26
N GLY W 42 120.88 56.86 26.89
CA GLY W 42 121.20 55.58 26.31
C GLY W 42 120.32 55.15 25.16
N GLY W 43 119.34 55.94 24.77
CA GLY W 43 118.45 55.56 23.71
C GLY W 43 117.29 54.68 24.12
N VAL W 44 117.04 54.57 25.42
CA VAL W 44 115.97 53.72 25.92
C VAL W 44 114.65 54.42 25.75
N LYS W 45 113.71 53.74 25.08
CA LYS W 45 112.36 54.29 24.95
C LYS W 45 111.53 54.08 26.21
N ARG W 46 111.58 52.90 26.80
CA ARG W 46 110.69 52.55 27.90
C ARG W 46 111.47 51.83 28.98
N ILE W 47 111.19 52.16 30.23
CA ILE W 47 111.92 51.64 31.38
C ILE W 47 110.95 50.89 32.28
N SER W 48 111.27 49.64 32.59
CA SER W 48 110.44 48.89 33.51
C SER W 48 110.59 49.45 34.93
N GLY W 49 109.60 49.14 35.77
CA GLY W 49 109.67 49.58 37.15
C GLY W 49 110.74 48.89 37.97
N LEU W 50 111.14 47.68 37.57
CA LEU W 50 112.14 46.91 38.29
C LEU W 50 113.56 47.33 37.95
N ILE W 51 113.72 48.28 37.03
CA ILE W 51 115.05 48.65 36.56
C ILE W 51 115.83 49.40 37.61
N TYR W 52 115.18 50.30 38.34
CA TYR W 52 115.87 51.35 39.09
C TYR W 52 116.73 50.79 40.21
N GLU W 53 116.20 49.82 40.95
CA GLU W 53 116.94 49.29 42.10
C GLU W 53 118.15 48.47 41.65
N GLU W 54 118.04 47.75 40.54
CA GLU W 54 119.18 46.96 40.11
C GLU W 54 120.21 47.86 39.43
N THR W 55 119.77 48.96 38.81
CA THR W 55 120.73 49.97 38.39
C THR W 55 121.46 50.58 39.57
N ARG W 56 120.74 50.77 40.68
CA ARG W 56 121.41 51.18 41.91
C ARG W 56 122.42 50.15 42.36
N GLY W 57 122.07 48.87 42.23
CA GLY W 57 123.01 47.81 42.60
C GLY W 57 124.25 47.79 41.73
N VAL W 58 124.09 47.92 40.42
CA VAL W 58 125.24 47.86 39.54
C VAL W 58 126.10 49.10 39.71
N LEU W 59 125.48 50.25 40.01
CA LEU W 59 126.28 51.45 40.21
C LEU W 59 127.02 51.38 41.53
N LYS W 60 126.41 50.81 42.57
CA LYS W 60 127.14 50.71 43.82
C LYS W 60 128.27 49.68 43.72
N VAL W 61 128.09 48.67 42.86
CA VAL W 61 129.18 47.73 42.58
C VAL W 61 130.33 48.45 41.86
N PHE W 62 130.00 49.23 40.83
CA PHE W 62 131.02 49.94 40.08
C PHE W 62 131.76 50.95 40.96
N LEU W 63 131.00 51.73 41.72
CA LEU W 63 131.60 52.69 42.64
C LEU W 63 132.43 52.01 43.70
N GLU W 64 131.95 50.87 44.23
CA GLU W 64 132.71 50.04 45.13
C GLU W 64 134.07 49.67 44.56
N ASN W 65 134.06 49.14 43.33
CA ASN W 65 135.30 48.70 42.71
C ASN W 65 136.25 49.85 42.46
N VAL W 66 135.74 51.00 42.05
CA VAL W 66 136.64 52.08 41.72
C VAL W 66 137.16 52.78 42.97
N ILE W 67 136.35 52.86 44.03
CA ILE W 67 136.85 53.61 45.17
C ILE W 67 137.77 52.74 46.00
N ARG W 68 137.59 51.42 45.99
CA ARG W 68 138.55 50.55 46.66
C ARG W 68 139.93 50.73 46.06
N ASP W 69 139.98 50.78 44.73
CA ASP W 69 141.20 51.07 44.02
C ASP W 69 141.74 52.44 44.38
N ALA W 70 140.91 53.47 44.24
CA ALA W 70 141.37 54.85 44.37
C ALA W 70 141.83 55.14 45.79
N VAL W 71 141.11 54.63 46.78
CA VAL W 71 141.54 54.71 48.17
C VAL W 71 142.84 53.95 48.37
N THR W 72 143.01 52.81 47.70
CA THR W 72 144.25 52.07 47.86
C THR W 72 145.44 52.90 47.39
N TYR W 73 145.27 53.63 46.28
CA TYR W 73 146.26 54.64 45.92
C TYR W 73 146.34 55.75 46.96
N THR W 74 145.21 56.08 47.60
CA THR W 74 145.16 57.31 48.39
C THR W 74 145.96 57.19 49.67
N GLU W 75 145.72 56.15 50.48
CA GLU W 75 146.69 55.92 51.56
C GLU W 75 147.95 55.22 51.06
N HIS W 76 148.02 54.82 49.79
CA HIS W 76 149.34 54.52 49.27
C HIS W 76 150.19 55.79 49.16
N ALA W 77 149.56 56.93 48.94
CA ALA W 77 150.30 58.18 48.86
C ALA W 77 150.51 58.83 50.21
N LYS W 78 150.11 58.17 51.31
CA LYS W 78 150.13 58.71 52.67
C LYS W 78 149.32 59.99 52.80
N ARG W 79 148.26 60.10 52.00
CA ARG W 79 147.43 61.30 51.93
C ARG W 79 145.99 60.92 52.25
N LYS W 80 145.31 61.79 52.99
CA LYS W 80 143.94 61.52 53.42
C LYS W 80 142.91 62.16 52.51
N THR W 81 143.35 62.92 51.51
CA THR W 81 142.45 63.59 50.59
C THR W 81 142.38 62.82 49.28
N VAL W 82 141.18 62.45 48.86
CA VAL W 82 141.02 61.78 47.58
C VAL W 82 141.16 62.81 46.47
N THR W 83 142.08 62.56 45.54
CA THR W 83 142.32 63.47 44.43
C THR W 83 141.75 62.89 43.14
N ALA W 84 141.61 63.77 42.15
CA ALA W 84 141.01 63.37 40.88
C ALA W 84 141.91 62.41 40.11
N MET W 85 143.22 62.61 40.22
CA MET W 85 144.17 61.73 39.53
C MET W 85 144.06 60.30 40.02
N ASP W 86 143.68 60.14 41.29
CA ASP W 86 143.45 58.80 41.84
C ASP W 86 142.26 58.13 41.17
N VAL W 87 141.19 58.87 40.92
CA VAL W 87 140.05 58.32 40.19
C VAL W 87 140.45 57.99 38.76
N VAL W 88 141.28 58.85 38.16
CA VAL W 88 141.77 58.61 36.81
C VAL W 88 142.56 57.32 36.75
N TYR W 89 143.45 57.10 37.72
CA TYR W 89 144.25 55.89 37.73
C TYR W 89 143.40 54.66 38.03
N ALA W 90 142.39 54.83 38.89
CA ALA W 90 141.50 53.71 39.21
C ALA W 90 140.71 53.27 37.99
N LEU W 91 140.26 54.21 37.18
CA LEU W 91 139.60 53.82 35.93
C LEU W 91 140.60 53.30 34.91
N LYS W 92 141.85 53.80 34.95
CA LYS W 92 142.84 53.37 33.98
C LYS W 92 143.26 51.92 34.21
N ARG W 93 143.37 51.52 35.48
CA ARG W 93 143.52 50.11 35.78
C ARG W 93 142.31 49.33 35.29
N GLN W 94 141.11 49.84 35.57
CA GLN W 94 139.91 49.04 35.42
C GLN W 94 139.40 49.02 33.98
N GLY W 95 140.20 49.52 33.03
CA GLY W 95 139.88 49.39 31.62
C GLY W 95 138.87 50.36 31.09
N ARG W 96 138.60 51.44 31.82
CA ARG W 96 137.54 52.38 31.50
C ARG W 96 138.08 53.79 31.60
N THR W 97 139.21 54.01 30.91
CA THR W 97 139.98 55.24 30.97
C THR W 97 139.15 56.46 30.62
N LEU W 98 139.39 57.54 31.37
CA LEU W 98 138.63 58.77 31.27
C LEU W 98 139.53 59.87 30.75
N TYR W 99 139.03 60.61 29.77
CA TYR W 99 139.75 61.76 29.26
C TYR W 99 139.20 63.04 29.86
N GLY W 100 140.09 64.01 30.03
CA GLY W 100 139.75 65.34 30.50
C GLY W 100 140.52 65.79 31.72
N PHE W 101 140.83 64.90 32.65
CA PHE W 101 141.60 65.25 33.84
C PHE W 101 142.94 64.55 33.92
N GLY W 102 143.47 64.06 32.81
CA GLY W 102 144.81 63.53 32.83
C GLY W 102 145.83 64.62 33.11
N GLY W 103 146.32 64.61 34.34
CA GLY W 103 147.15 65.68 34.83
C GLY W 103 146.35 66.64 35.70
N ALA X 28 187.41 33.25 57.21
CA ALA X 28 187.76 34.13 56.09
C ALA X 28 186.50 34.60 55.38
N ARG X 29 185.55 33.69 55.20
CA ARG X 29 184.29 34.01 54.54
C ARG X 29 183.18 33.19 55.17
N ALA X 30 182.03 33.83 55.37
CA ALA X 30 180.87 33.14 55.92
C ALA X 30 180.32 32.16 54.89
N LYS X 31 179.73 31.07 55.41
CA LYS X 31 179.11 30.09 54.53
C LYS X 31 177.86 30.68 53.90
N ALA X 32 177.62 30.34 52.64
CA ALA X 32 176.54 30.97 51.88
C ALA X 32 175.17 30.51 52.36
N LYS X 33 174.29 31.47 52.59
CA LYS X 33 172.92 31.21 53.02
C LYS X 33 171.97 31.85 52.03
N THR X 34 171.04 31.07 51.52
CA THR X 34 170.11 31.59 50.53
C THR X 34 169.02 32.42 51.21
N ARG X 35 168.59 33.47 50.50
CA ARG X 35 167.62 34.40 51.06
C ARG X 35 166.23 33.78 51.16
N SER X 36 165.90 32.85 50.25
CA SER X 36 164.61 32.17 50.34
C SER X 36 164.53 31.29 51.58
N SER X 37 165.63 30.65 51.94
CA SER X 37 165.66 29.88 53.18
C SER X 37 165.64 30.80 54.39
N ARG X 38 166.22 32.00 54.26
CA ARG X 38 166.10 32.99 55.33
C ARG X 38 164.65 33.38 55.54
N ALA X 39 163.91 33.57 54.45
CA ALA X 39 162.48 33.85 54.54
C ALA X 39 161.67 32.61 54.83
N GLY X 40 162.29 31.43 54.82
CA GLY X 40 161.56 30.19 54.95
C GLY X 40 160.64 29.91 53.78
N LEU X 41 161.05 30.31 52.58
CA LEU X 41 160.22 30.17 51.40
C LEU X 41 160.94 29.31 50.37
N GLN X 42 160.15 28.66 49.52
CA GLN X 42 160.71 27.90 48.42
C GLN X 42 161.05 28.78 47.23
N PHE X 43 160.23 29.80 46.97
CA PHE X 43 160.36 30.59 45.76
C PHE X 43 161.63 31.44 45.78
N PRO X 44 162.26 31.62 44.62
CA PRO X 44 163.62 32.20 44.60
C PRO X 44 163.57 33.70 44.84
N VAL X 45 164.12 34.12 45.97
CA VAL X 45 164.28 35.55 46.23
C VAL X 45 165.27 36.14 45.24
N GLY X 46 166.38 35.45 45.01
CA GLY X 46 167.41 35.97 44.12
C GLY X 46 166.96 36.09 42.69
N ARG X 47 166.25 35.08 42.18
CA ARG X 47 165.83 35.11 40.79
C ARG X 47 164.76 36.16 40.55
N VAL X 48 163.80 36.27 41.47
CA VAL X 48 162.75 37.29 41.33
C VAL X 48 163.35 38.68 41.43
N HIS X 49 164.28 38.87 42.36
CA HIS X 49 165.00 40.15 42.47
C HIS X 49 165.73 40.48 41.17
N ARG X 50 166.45 39.50 40.61
CA ARG X 50 167.21 39.71 39.39
C ARG X 50 166.29 40.02 38.21
N LEU X 51 165.14 39.35 38.15
CA LEU X 51 164.15 39.66 37.12
C LEU X 51 163.64 41.07 37.25
N LEU X 52 163.42 41.53 38.48
CA LEU X 52 163.00 42.92 38.67
C LEU X 52 164.10 43.89 38.27
N ARG X 53 165.37 43.50 38.41
CA ARG X 53 166.42 44.38 37.89
C ARG X 53 166.38 44.44 36.37
N LYS X 54 166.15 43.30 35.71
CA LYS X 54 166.09 43.29 34.26
C LYS X 54 164.68 43.21 33.69
N GLY X 55 163.66 43.45 34.51
CA GLY X 55 162.34 43.69 33.97
C GLY X 55 162.02 45.14 33.70
N ASN X 56 162.98 46.04 33.98
CA ASN X 56 162.89 47.47 33.66
C ASN X 56 161.71 48.14 34.37
N TYR X 57 161.60 47.95 35.67
CA TYR X 57 160.48 48.51 36.42
C TYR X 57 160.86 49.67 37.30
N SER X 58 162.06 49.66 37.88
CA SER X 58 162.50 50.78 38.70
C SER X 58 164.01 50.84 38.65
N GLU X 59 164.55 52.01 39.02
CA GLU X 59 165.98 52.13 39.19
C GLU X 59 166.47 51.40 40.42
N ARG X 60 165.74 51.49 41.52
CA ARG X 60 166.10 50.86 42.76
C ARG X 60 164.96 49.98 43.24
N VAL X 61 165.33 48.89 43.90
CA VAL X 61 164.36 47.96 44.47
C VAL X 61 164.69 47.77 45.94
N GLY X 62 163.70 47.97 46.81
CA GLY X 62 163.90 47.76 48.22
C GLY X 62 164.09 46.29 48.55
N ALA X 63 164.65 46.04 49.72
CA ALA X 63 165.07 44.68 50.08
C ALA X 63 163.86 43.78 50.32
N GLY X 64 162.84 44.29 50.98
CA GLY X 64 161.68 43.46 51.27
C GLY X 64 160.77 43.21 50.10
N ALA X 65 160.91 43.98 49.03
CA ALA X 65 160.01 43.84 47.88
C ALA X 65 160.10 42.49 47.19
N PRO X 66 161.28 41.97 46.81
CA PRO X 66 161.27 40.65 46.17
C PRO X 66 160.88 39.53 47.11
N VAL X 67 161.21 39.66 48.39
CA VAL X 67 160.81 38.66 49.37
C VAL X 67 159.29 38.61 49.48
N TYR X 68 158.66 39.79 49.52
CA TYR X 68 157.21 39.87 49.61
C TYR X 68 156.57 39.32 48.34
N LEU X 69 157.13 39.65 47.18
CA LEU X 69 156.60 39.13 45.93
C LEU X 69 156.73 37.61 45.84
N ALA X 70 157.87 37.09 46.30
CA ALA X 70 158.08 35.66 46.32
C ALA X 70 157.09 34.97 47.24
N ALA X 71 156.81 35.59 48.39
CA ALA X 71 155.81 35.03 49.30
C ALA X 71 154.43 35.02 48.68
N VAL X 72 154.06 36.09 48.00
CA VAL X 72 152.74 36.15 47.35
C VAL X 72 152.64 35.09 46.27
N LEU X 73 153.66 34.98 45.43
CA LEU X 73 153.65 33.99 44.36
C LEU X 73 153.62 32.58 44.92
N GLU X 74 154.38 32.34 45.99
CA GLU X 74 154.42 31.02 46.59
C GLU X 74 153.06 30.66 47.19
N TYR X 75 152.38 31.61 47.82
CA TYR X 75 151.05 31.34 48.35
C TYR X 75 150.06 31.05 47.25
N LEU X 76 150.08 31.86 46.18
CA LEU X 76 149.13 31.67 45.09
C LEU X 76 149.34 30.34 44.39
N THR X 77 150.60 29.99 44.11
CA THR X 77 150.90 28.71 43.49
C THR X 77 150.54 27.57 44.42
N ALA X 78 150.76 27.74 45.73
CA ALA X 78 150.39 26.69 46.69
C ALA X 78 148.89 26.46 46.70
N GLU X 79 148.11 27.54 46.63
CA GLU X 79 146.67 27.41 46.69
C GLU X 79 146.12 26.75 45.43
N ILE X 80 146.63 27.18 44.26
CA ILE X 80 146.14 26.58 43.02
C ILE X 80 146.62 25.13 42.88
N LEU X 81 147.82 24.83 43.39
CA LEU X 81 148.28 23.45 43.36
C LEU X 81 147.49 22.57 44.32
N GLU X 82 147.08 23.12 45.45
CA GLU X 82 146.23 22.40 46.38
C GLU X 82 144.90 22.07 45.73
N LEU X 83 144.30 23.05 45.05
CA LEU X 83 143.05 22.80 44.35
C LEU X 83 143.22 21.77 43.24
N ALA X 84 144.32 21.86 42.50
CA ALA X 84 144.58 20.93 41.42
C ALA X 84 144.78 19.51 41.94
N GLY X 85 145.52 19.35 43.04
CA GLY X 85 145.73 18.03 43.60
C GLY X 85 144.44 17.45 44.15
N ASN X 86 143.60 18.29 44.76
CA ASN X 86 142.31 17.83 45.23
C ASN X 86 141.42 17.39 44.07
N ALA X 87 141.46 18.14 42.97
CA ALA X 87 140.64 17.79 41.81
C ALA X 87 141.14 16.51 41.14
N ALA X 88 142.45 16.33 41.07
CA ALA X 88 143.01 15.10 40.52
C ALA X 88 142.70 13.91 41.40
N ARG X 89 142.70 14.12 42.72
CA ARG X 89 142.29 13.08 43.65
C ARG X 89 140.82 12.74 43.47
N ASP X 90 140.00 13.75 43.15
CA ASP X 90 138.60 13.50 42.81
C ASP X 90 138.50 12.74 41.50
N ASN X 91 139.45 12.93 40.60
CA ASN X 91 139.50 12.17 39.36
C ASN X 91 140.37 10.93 39.57
N LYS X 92 140.75 10.67 40.83
CA LYS X 92 141.61 9.56 41.29
C LYS X 92 142.87 9.40 40.45
N LYS X 93 143.45 10.51 40.02
CA LYS X 93 144.68 10.51 39.25
C LYS X 93 145.82 11.01 40.11
N THR X 94 146.95 10.32 40.04
CA THR X 94 148.12 10.66 40.84
C THR X 94 148.73 11.98 40.41
N ARG X 95 148.74 12.28 39.12
CA ARG X 95 149.41 13.44 38.57
C ARG X 95 148.39 14.40 37.99
N ILE X 96 148.67 15.71 38.08
CA ILE X 96 147.73 16.69 37.59
C ILE X 96 147.92 16.91 36.10
N ILE X 97 146.84 17.25 35.41
CA ILE X 97 146.83 17.54 33.99
C ILE X 97 146.18 18.92 33.84
N PRO X 98 146.35 19.63 32.72
CA PRO X 98 145.74 20.96 32.60
C PRO X 98 144.23 20.99 32.69
N ARG X 99 143.55 19.87 32.46
CA ARG X 99 142.11 19.83 32.72
C ARG X 99 141.82 20.08 34.19
N HIS X 100 142.64 19.51 35.07
CA HIS X 100 142.48 19.76 36.50
C HIS X 100 142.73 21.22 36.82
N LEU X 101 143.69 21.86 36.16
CA LEU X 101 143.94 23.27 36.38
C LEU X 101 142.78 24.12 35.93
N GLN X 102 142.17 23.77 34.79
CA GLN X 102 140.98 24.47 34.33
C GLN X 102 139.84 24.32 35.31
N LEU X 103 139.62 23.10 35.81
CA LEU X 103 138.53 22.84 36.75
C LEU X 103 138.75 23.61 38.04
N ALA X 104 140.00 23.67 38.50
CA ALA X 104 140.30 24.40 39.71
C ALA X 104 140.16 25.90 39.53
N ILE X 105 140.54 26.41 38.36
CA ILE X 105 140.62 27.85 38.19
C ILE X 105 139.24 28.42 37.87
N ARG X 106 138.32 27.58 37.42
CA ARG X 106 137.01 28.13 37.08
C ARG X 106 136.02 28.05 38.22
N ASN X 107 136.17 27.09 39.13
CA ASN X 107 135.17 26.98 40.19
C ASN X 107 135.50 27.79 41.44
N ASP X 108 136.60 28.54 41.45
CA ASP X 108 136.89 29.49 42.52
C ASP X 108 136.66 30.89 42.01
N GLU X 109 135.77 31.63 42.67
CA GLU X 109 135.34 32.92 42.17
C GLU X 109 136.47 33.93 42.22
N GLU X 110 137.25 33.93 43.30
CA GLU X 110 138.37 34.84 43.39
C GLU X 110 139.45 34.51 42.37
N LEU X 111 139.70 33.23 42.13
CA LEU X 111 140.62 32.85 41.07
C LEU X 111 140.03 33.11 39.70
N ASN X 112 138.70 32.95 39.56
CA ASN X 112 138.05 33.28 38.29
C ASN X 112 138.21 34.75 37.96
N LYS X 113 138.03 35.61 38.96
CA LYS X 113 138.20 37.04 38.74
C LYS X 113 139.66 37.39 38.57
N LEU X 114 140.56 36.56 39.11
CA LEU X 114 141.97 36.74 38.82
C LEU X 114 142.28 36.42 37.35
N LEU X 115 141.71 35.34 36.83
CA LEU X 115 142.04 34.83 35.50
C LEU X 115 140.81 34.67 34.60
N GLY X 116 139.98 35.71 34.52
CA GLY X 116 138.86 35.66 33.61
C GLY X 116 139.26 35.65 32.14
N ARG X 117 140.34 36.36 31.82
CA ARG X 117 140.74 36.57 30.43
C ARG X 117 141.85 35.62 30.00
N VAL X 118 142.12 34.57 30.77
CA VAL X 118 143.23 33.66 30.52
C VAL X 118 142.68 32.34 30.02
N THR X 119 143.29 31.84 28.96
CA THR X 119 142.89 30.58 28.36
C THR X 119 143.98 29.53 28.57
N ILE X 120 143.56 28.34 28.98
CA ILE X 120 144.48 27.25 29.29
C ILE X 120 144.43 26.26 28.13
N ALA X 121 145.59 25.92 27.60
CA ALA X 121 145.66 24.95 26.51
C ALA X 121 145.22 23.57 26.99
N GLN X 122 144.42 22.91 26.15
CA GLN X 122 143.85 21.58 26.41
C GLN X 122 143.03 21.57 27.69
N GLY X 123 142.35 22.67 27.99
CA GLY X 123 141.69 22.80 29.27
C GLY X 123 140.21 22.50 29.25
N GLY X 124 139.54 22.82 28.15
CA GLY X 124 138.11 22.64 28.14
C GLY X 124 137.43 23.68 29.03
N VAL X 125 136.18 23.40 29.39
CA VAL X 125 135.41 24.24 30.28
C VAL X 125 134.70 23.38 31.30
N LEU X 126 133.99 24.05 32.22
CA LEU X 126 133.28 23.35 33.27
C LEU X 126 132.14 22.53 32.69
N PRO X 127 131.77 21.42 33.32
CA PRO X 127 130.51 20.76 32.97
C PRO X 127 129.36 21.69 33.35
N ASN X 128 128.65 22.17 32.33
CA ASN X 128 127.78 23.31 32.51
C ASN X 128 126.72 23.28 31.42
N ILE X 129 125.49 23.05 31.80
CA ILE X 129 124.37 23.03 30.87
C ILE X 129 123.38 24.09 31.34
N GLN X 130 122.69 24.71 30.39
CA GLN X 130 121.67 25.67 30.77
C GLN X 130 120.36 24.95 31.09
N ALA X 131 119.53 25.60 31.89
CA ALA X 131 118.33 24.96 32.42
C ALA X 131 117.33 24.62 31.34
N VAL X 132 117.14 25.51 30.35
CA VAL X 132 116.18 25.25 29.29
C VAL X 132 116.68 24.18 28.33
N LEU X 133 117.99 23.92 28.32
CA LEU X 133 118.52 22.90 27.42
C LEU X 133 118.19 21.50 27.86
N LEU X 134 117.88 21.30 29.13
CA LEU X 134 117.58 19.97 29.63
C LEU X 134 116.18 19.54 29.19
N PRO X 135 115.96 18.24 29.05
CA PRO X 135 114.61 17.75 28.73
C PRO X 135 113.65 17.97 29.89
N LYS X 136 112.36 17.87 29.56
CA LYS X 136 111.23 18.13 30.46
C LYS X 136 111.27 19.54 31.06
N LYS Y 31 176.19 20.54 23.18
CA LYS Y 31 176.26 21.88 23.76
C LYS Y 31 174.91 22.58 23.71
N ARG Y 32 174.36 22.91 24.88
CA ARG Y 32 173.08 23.58 24.97
C ARG Y 32 173.20 24.83 25.86
N SER Y 33 172.26 25.75 25.66
CA SER Y 33 172.18 26.97 26.45
C SER Y 33 170.97 26.87 27.37
N ARG Y 34 171.18 27.18 28.65
CA ARG Y 34 170.14 26.97 29.65
C ARG Y 34 169.00 27.98 29.51
N LYS Y 35 167.78 27.51 29.76
CA LYS Y 35 166.60 28.35 29.81
C LYS Y 35 165.99 28.22 31.20
N GLU Y 36 165.77 29.35 31.86
CA GLU Y 36 165.35 29.33 33.26
C GLU Y 36 163.86 29.14 33.40
N SER Y 37 163.47 28.38 34.42
CA SER Y 37 162.08 28.05 34.65
C SER Y 37 161.88 27.81 36.14
N TYR Y 38 160.66 27.45 36.51
CA TYR Y 38 160.32 27.22 37.90
C TYR Y 38 159.96 25.76 38.18
N SER Y 39 160.62 24.82 37.52
CA SER Y 39 160.23 23.40 37.62
C SER Y 39 160.42 22.87 39.03
N VAL Y 40 161.62 23.04 39.59
CA VAL Y 40 161.89 22.53 40.92
C VAL Y 40 161.10 23.30 41.96
N TYR Y 41 160.83 24.59 41.72
CA TYR Y 41 160.16 25.40 42.72
C TYR Y 41 158.70 25.01 42.87
N VAL Y 42 158.00 24.90 41.75
CA VAL Y 42 156.61 24.46 41.75
C VAL Y 42 156.52 23.03 42.25
N TYR Y 43 157.50 22.20 41.87
CA TYR Y 43 157.50 20.81 42.33
C TYR Y 43 157.69 20.72 43.83
N LYS Y 44 158.58 21.55 44.39
CA LYS Y 44 158.79 21.57 45.84
C LYS Y 44 157.55 22.05 46.57
N VAL Y 45 156.90 23.09 46.05
CA VAL Y 45 155.70 23.60 46.70
C VAL Y 45 154.57 22.60 46.63
N LEU Y 46 154.48 21.87 45.51
CA LEU Y 46 153.50 20.82 45.39
C LEU Y 46 153.75 19.70 46.39
N LYS Y 47 155.00 19.25 46.50
CA LYS Y 47 155.33 18.19 47.46
C LYS Y 47 155.16 18.65 48.89
N GLN Y 48 155.25 19.96 49.14
CA GLN Y 48 154.85 20.47 50.44
C GLN Y 48 153.35 20.34 50.65
N VAL Y 49 152.55 20.71 49.66
CA VAL Y 49 151.10 20.68 49.89
C VAL Y 49 150.53 19.31 49.58
N HIS Y 50 151.22 18.53 48.76
CA HIS Y 50 150.78 17.17 48.42
C HIS Y 50 152.02 16.33 48.15
N PRO Y 51 152.53 15.61 49.16
CA PRO Y 51 153.66 14.71 48.91
C PRO Y 51 153.34 13.58 47.94
N ASP Y 52 152.08 13.22 47.81
CA ASP Y 52 151.67 12.06 47.03
C ASP Y 52 151.20 12.38 45.61
N THR Y 53 151.21 13.64 45.22
CA THR Y 53 150.61 14.05 43.95
C THR Y 53 151.69 14.51 42.98
N GLY Y 54 151.62 14.01 41.74
CA GLY Y 54 152.56 14.37 40.70
C GLY Y 54 152.01 15.43 39.75
N ILE Y 55 152.75 15.64 38.67
CA ILE Y 55 152.39 16.63 37.67
C ILE Y 55 152.60 16.01 36.30
N SER Y 56 151.99 16.61 35.30
CA SER Y 56 152.41 16.41 33.92
C SER Y 56 153.43 17.49 33.55
N SER Y 57 154.06 17.33 32.39
CA SER Y 57 154.91 18.40 31.89
C SER Y 57 154.07 19.55 31.37
N LYS Y 58 152.89 19.24 30.84
CA LYS Y 58 151.99 20.26 30.33
C LYS Y 58 151.50 21.18 31.45
N ALA Y 59 151.12 20.59 32.59
CA ALA Y 59 150.73 21.39 33.74
C ALA Y 59 151.89 22.22 34.25
N MET Y 60 153.12 21.72 34.12
CA MET Y 60 154.26 22.53 34.54
C MET Y 60 154.48 23.70 33.60
N GLY Y 61 154.24 23.51 32.30
CA GLY Y 61 154.25 24.63 31.38
C GLY Y 61 153.20 25.66 31.72
N ILE Y 62 152.02 25.19 32.13
CA ILE Y 62 150.96 26.09 32.59
C ILE Y 62 151.42 26.88 33.81
N MET Y 63 152.08 26.21 34.76
CA MET Y 63 152.58 26.90 35.95
C MET Y 63 153.68 27.90 35.62
N ASN Y 64 154.57 27.58 34.69
CA ASN Y 64 155.58 28.55 34.29
C ASN Y 64 154.96 29.77 33.66
N SER Y 65 153.98 29.57 32.78
CA SER Y 65 153.27 30.70 32.19
C SER Y 65 152.54 31.50 33.25
N PHE Y 66 151.95 30.80 34.22
CA PHE Y 66 151.20 31.46 35.30
C PHE Y 66 152.10 32.32 36.17
N VAL Y 67 153.24 31.76 36.59
CA VAL Y 67 154.15 32.50 37.47
C VAL Y 67 154.72 33.70 36.73
N ASN Y 68 155.09 33.52 35.46
CA ASN Y 68 155.58 34.65 34.68
C ASN Y 68 154.50 35.72 34.51
N ASP Y 69 153.25 35.29 34.28
CA ASP Y 69 152.17 36.24 34.05
C ASP Y 69 151.85 37.04 35.31
N ILE Y 70 151.73 36.36 36.44
CA ILE Y 70 151.36 37.06 37.68
C ILE Y 70 152.51 37.94 38.15
N PHE Y 71 153.75 37.45 38.02
CA PHE Y 71 154.92 38.28 38.29
C PHE Y 71 154.92 39.51 37.41
N GLU Y 72 154.55 39.34 36.14
CA GLU Y 72 154.50 40.46 35.22
C GLU Y 72 153.45 41.48 35.64
N ARG Y 73 152.26 41.01 36.04
CA ARG Y 73 151.19 41.92 36.46
C ARG Y 73 151.59 42.72 37.69
N ILE Y 74 152.08 42.02 38.72
CA ILE Y 74 152.44 42.70 39.97
C ILE Y 74 153.60 43.66 39.73
N ALA Y 75 154.60 43.25 38.97
CA ALA Y 75 155.76 44.11 38.75
C ALA Y 75 155.39 45.33 37.91
N GLY Y 76 154.53 45.15 36.92
CA GLY Y 76 154.08 46.28 36.13
C GLY Y 76 153.27 47.28 36.94
N GLU Y 77 152.35 46.79 37.78
CA GLU Y 77 151.57 47.71 38.59
C GLU Y 77 152.42 48.37 39.67
N ALA Y 78 153.42 47.66 40.19
CA ALA Y 78 154.34 48.29 41.13
C ALA Y 78 155.13 49.40 40.46
N SER Y 79 155.60 49.16 39.24
CA SER Y 79 156.32 50.19 38.50
C SER Y 79 155.43 51.38 38.20
N ARG Y 80 154.17 51.12 37.86
CA ARG Y 80 153.25 52.20 37.56
C ARG Y 80 152.91 53.01 38.81
N LEU Y 81 152.81 52.34 39.96
CA LEU Y 81 152.62 53.06 41.22
C LEU Y 81 153.83 53.92 41.56
N ALA Y 82 155.03 53.38 41.34
CA ALA Y 82 156.24 54.15 41.60
C ALA Y 82 156.32 55.35 40.65
N HIS Y 83 155.81 55.18 39.44
CA HIS Y 83 155.62 56.30 38.53
C HIS Y 83 154.65 57.33 39.11
N TYR Y 84 153.57 56.87 39.74
CA TYR Y 84 152.54 57.80 40.19
C TYR Y 84 153.01 58.67 41.34
N ASN Y 85 153.73 58.09 42.30
CA ASN Y 85 154.22 58.84 43.43
C ASN Y 85 155.57 59.48 43.18
N LYS Y 86 156.04 59.44 41.93
CA LYS Y 86 157.36 59.96 41.54
C LYS Y 86 158.49 59.30 42.33
N ARG Y 87 158.34 58.03 42.61
CA ARG Y 87 159.29 57.29 43.43
C ARG Y 87 160.13 56.38 42.55
N SER Y 88 161.44 56.37 42.80
CA SER Y 88 162.32 55.51 42.03
C SER Y 88 162.63 54.19 42.73
N THR Y 89 162.01 53.93 43.88
CA THR Y 89 162.27 52.73 44.65
C THR Y 89 161.02 51.88 44.72
N ILE Y 90 161.19 50.56 44.57
CA ILE Y 90 160.13 49.61 44.81
C ILE Y 90 160.41 48.89 46.11
N THR Y 91 159.57 49.11 47.12
CA THR Y 91 159.64 48.35 48.35
C THR Y 91 158.34 47.56 48.51
N SER Y 92 158.29 46.78 49.59
CA SER Y 92 157.17 45.88 49.83
C SER Y 92 155.86 46.61 50.03
N ARG Y 93 155.91 47.89 50.41
CA ARG Y 93 154.68 48.67 50.52
C ARG Y 93 153.97 48.80 49.18
N GLU Y 94 154.73 49.11 48.11
CA GLU Y 94 154.12 49.27 46.80
C GLU Y 94 153.62 47.94 46.25
N ILE Y 95 154.38 46.87 46.48
CA ILE Y 95 153.93 45.58 45.98
C ILE Y 95 152.69 45.13 46.74
N GLN Y 96 152.64 45.39 48.05
CA GLN Y 96 151.46 45.08 48.84
C GLN Y 96 150.26 45.91 48.42
N THR Y 97 150.52 47.16 48.03
CA THR Y 97 149.49 48.00 47.44
C THR Y 97 148.95 47.39 46.16
N ALA Y 98 149.86 46.90 45.31
CA ALA Y 98 149.43 46.24 44.09
C ALA Y 98 148.67 44.96 44.38
N VAL Y 99 149.05 44.26 45.45
CA VAL Y 99 148.35 43.03 45.82
C VAL Y 99 146.92 43.32 46.22
N ARG Y 100 146.71 44.34 47.05
CA ARG Y 100 145.34 44.73 47.37
C ARG Y 100 144.62 45.26 46.14
N LEU Y 101 145.38 45.86 45.22
CA LEU Y 101 144.79 46.50 44.06
C LEU Y 101 144.24 45.46 43.08
N LEU Y 102 145.04 44.43 42.77
CA LEU Y 102 144.64 43.49 41.73
C LEU Y 102 143.91 42.28 42.28
N LEU Y 103 144.36 41.75 43.39
CA LEU Y 103 143.83 40.47 43.86
C LEU Y 103 142.44 40.67 44.47
N PRO Y 104 141.43 39.95 44.01
CA PRO Y 104 140.07 40.18 44.49
C PRO Y 104 139.77 39.43 45.79
N GLY Y 105 139.08 40.09 46.70
CA GLY Y 105 138.53 39.47 47.89
C GLY Y 105 139.49 39.02 48.97
N GLU Y 106 139.30 37.78 49.42
CA GLU Y 106 139.97 37.31 50.62
C GLU Y 106 141.42 36.93 50.34
N LEU Y 107 141.73 36.64 49.07
CA LEU Y 107 143.09 36.34 48.66
C LEU Y 107 144.03 37.51 48.93
N ALA Y 108 143.50 38.73 48.91
CA ALA Y 108 144.30 39.89 49.28
C ALA Y 108 144.79 39.79 50.72
N LYS Y 109 143.86 39.54 51.65
CA LYS Y 109 144.22 39.45 53.06
C LYS Y 109 145.16 38.28 53.31
N HIS Y 110 144.91 37.16 52.60
CA HIS Y 110 145.82 36.03 52.71
C HIS Y 110 147.23 36.35 52.23
N ALA Y 111 147.36 36.88 51.00
CA ALA Y 111 148.69 37.14 50.45
C ALA Y 111 149.45 38.17 51.29
N VAL Y 112 148.73 39.16 51.82
CA VAL Y 112 149.32 40.06 52.81
C VAL Y 112 149.79 39.28 54.04
N SER Y 113 149.02 38.27 54.47
CA SER Y 113 149.41 37.53 55.66
C SER Y 113 150.72 36.77 55.45
N GLU Y 114 150.81 35.96 54.38
CA GLU Y 114 152.07 35.23 54.19
C GLU Y 114 153.22 36.16 53.84
N GLY Y 115 152.97 37.23 53.09
CA GLY Y 115 154.05 38.15 52.78
C GLY Y 115 154.56 38.88 54.01
N THR Y 116 153.66 39.22 54.93
CA THR Y 116 154.04 39.88 56.16
C THR Y 116 154.83 38.95 57.05
N LYS Y 117 154.39 37.69 57.16
CA LYS Y 117 155.15 36.71 57.94
C LYS Y 117 156.52 36.48 57.31
N ALA Y 118 156.58 36.42 55.99
CA ALA Y 118 157.84 36.16 55.30
C ALA Y 118 158.82 37.31 55.48
N VAL Y 119 158.34 38.55 55.36
CA VAL Y 119 159.25 39.68 55.56
C VAL Y 119 159.59 39.80 57.04
N THR Y 120 158.74 39.27 57.92
CA THR Y 120 159.08 39.23 59.33
C THR Y 120 160.27 38.30 59.60
N LYS Y 121 160.24 37.09 59.03
CA LYS Y 121 161.43 36.24 59.17
C LYS Y 121 162.63 36.82 58.43
N TYR Y 122 162.41 37.44 57.28
CA TYR Y 122 163.52 37.98 56.50
C TYR Y 122 164.18 39.14 57.24
N THR Y 123 163.40 39.94 57.95
CA THR Y 123 163.95 41.01 58.76
C THR Y 123 164.65 40.45 59.99
N SER Y 124 164.07 39.43 60.61
CA SER Y 124 164.69 38.82 61.78
C SER Y 124 165.91 37.99 61.45
N ALA Y 125 166.11 37.63 60.18
CA ALA Y 125 167.30 36.91 59.77
C ALA Y 125 168.41 37.88 59.38
N SER Z 35 84.17 43.10 -5.34
CA SER Z 35 83.09 43.00 -4.37
C SER Z 35 82.89 41.55 -3.94
N GLY Z 36 81.90 40.89 -4.55
CA GLY Z 36 81.62 39.51 -4.29
C GLY Z 36 80.86 39.29 -2.99
N PRO Z 37 80.64 38.03 -2.65
CA PRO Z 37 79.88 37.70 -1.43
C PRO Z 37 80.73 37.98 -0.19
N PRO Z 38 80.09 38.15 0.97
CA PRO Z 38 80.85 38.32 2.21
C PRO Z 38 81.62 37.06 2.60
N VAL Z 39 82.49 37.22 3.61
CA VAL Z 39 83.53 36.24 3.89
C VAL Z 39 82.96 35.03 4.63
N SER Z 40 81.85 35.20 5.34
CA SER Z 40 81.39 34.22 6.33
C SER Z 40 81.03 32.88 5.69
N GLU Z 41 80.32 32.90 4.56
CA GLU Z 41 79.98 31.65 3.88
C GLU Z 41 81.23 30.99 3.31
N LEU Z 42 82.20 31.78 2.87
CA LEU Z 42 83.48 31.22 2.45
C LEU Z 42 84.21 30.56 3.61
N ILE Z 43 84.02 31.07 4.83
CA ILE Z 43 84.57 30.41 6.00
C ILE Z 43 83.82 29.11 6.27
N THR Z 44 82.52 29.08 5.98
CA THR Z 44 81.78 27.81 6.08
C THR Z 44 82.31 26.77 5.09
N LYS Z 45 82.61 27.20 3.85
CA LYS Z 45 83.25 26.27 2.92
C LYS Z 45 84.65 25.89 3.39
N ALA Z 46 85.36 26.81 4.05
CA ALA Z 46 86.68 26.50 4.58
C ALA Z 46 86.62 25.43 5.67
N VAL Z 47 85.64 25.51 6.56
CA VAL Z 47 85.54 24.53 7.63
C VAL Z 47 84.98 23.21 7.09
N ALA Z 48 84.16 23.27 6.04
CA ALA Z 48 83.64 22.05 5.45
C ALA Z 48 84.57 21.44 4.41
N ALA Z 49 85.69 22.09 4.09
CA ALA Z 49 86.62 21.57 3.10
C ALA Z 49 87.27 20.27 3.54
N SER Z 50 87.69 20.18 4.81
CA SER Z 50 88.42 18.99 5.24
C SER Z 50 87.68 18.22 6.32
N LYS Z 51 87.25 18.93 7.37
CA LYS Z 51 86.57 18.37 8.55
C LYS Z 51 87.36 17.22 9.16
N GLU Z 52 88.58 17.54 9.58
CA GLU Z 52 89.41 16.56 10.26
C GLU Z 52 88.99 16.42 11.72
N ARG Z 53 89.82 15.69 12.50
CA ARG Z 53 89.43 15.28 13.84
C ARG Z 53 89.26 16.49 14.77
N SER Z 54 90.16 17.45 14.69
CA SER Z 54 90.03 18.71 15.41
C SER Z 54 89.47 19.76 14.48
N GLY Z 55 89.24 20.96 15.02
CA GLY Z 55 88.71 22.05 14.23
C GLY Z 55 89.69 22.65 13.25
N VAL Z 56 89.21 23.44 12.31
CA VAL Z 56 90.11 24.15 11.40
C VAL Z 56 90.66 25.38 12.10
N SER Z 57 91.94 25.66 11.87
CA SER Z 57 92.60 26.69 12.66
C SER Z 57 92.62 28.02 11.93
N LEU Z 58 93.09 29.04 12.65
CA LEU Z 58 93.15 30.40 12.12
C LEU Z 58 94.10 30.50 10.94
N ALA Z 59 95.31 29.97 11.08
CA ALA Z 59 96.26 30.00 9.97
C ALA Z 59 95.79 29.13 8.82
N ALA Z 60 95.14 28.00 9.13
CA ALA Z 60 94.60 27.14 8.09
C ALA Z 60 93.48 27.83 7.31
N LEU Z 61 92.60 28.56 8.01
CA LEU Z 61 91.53 29.24 7.29
C LEU Z 61 92.05 30.44 6.51
N LYS Z 62 93.09 31.11 7.01
CA LYS Z 62 93.74 32.16 6.24
C LYS Z 62 94.37 31.61 4.97
N LYS Z 63 95.04 30.45 5.08
CA LYS Z 63 95.59 29.79 3.90
C LYS Z 63 94.49 29.35 2.94
N ALA Z 64 93.35 28.90 3.47
CA ALA Z 64 92.24 28.47 2.63
C ALA Z 64 91.65 29.65 1.86
N LEU Z 65 91.51 30.81 2.52
CA LEU Z 65 91.02 32.00 1.83
C LEU Z 65 92.03 32.51 0.82
N ALA Z 66 93.32 32.40 1.13
CA ALA Z 66 94.35 32.80 0.18
C ALA Z 66 94.36 31.89 -1.05
N ALA Z 67 94.18 30.59 -0.84
CA ALA Z 67 94.18 29.64 -1.95
C ALA Z 67 92.92 29.77 -2.79
N ALA Z 68 91.77 29.97 -2.15
CA ALA Z 68 90.54 30.21 -2.90
C ALA Z 68 90.58 31.58 -3.59
N GLY Z 69 91.34 32.52 -3.04
CA GLY Z 69 91.49 33.83 -3.62
C GLY Z 69 90.80 34.90 -2.81
N TYR Z 70 91.58 35.59 -1.98
CA TYR Z 70 91.07 36.66 -1.12
C TYR Z 70 92.25 37.46 -0.60
N ASP Z 71 92.02 38.77 -0.41
CA ASP Z 71 93.02 39.65 0.18
C ASP Z 71 92.90 39.53 1.70
N VAL Z 72 93.56 38.50 2.23
CA VAL Z 72 93.59 38.30 3.68
C VAL Z 72 94.54 39.29 4.35
N GLU Z 73 95.38 39.96 3.56
CA GLU Z 73 96.37 40.87 4.12
C GLU Z 73 95.71 42.10 4.75
N LYS Z 74 94.73 42.69 4.06
CA LYS Z 74 94.09 43.90 4.55
C LYS Z 74 92.80 43.60 5.32
N ASN Z 75 92.49 42.32 5.57
CA ASN Z 75 91.23 41.96 6.21
C ASN Z 75 91.47 41.15 7.48
N ASN Z 76 92.55 41.44 8.20
CA ASN Z 76 92.83 40.72 9.45
C ASN Z 76 91.81 41.07 10.52
N SER Z 77 91.47 42.35 10.66
CA SER Z 77 90.40 42.74 11.58
C SER Z 77 89.07 42.21 11.09
N ARG Z 78 88.86 42.19 9.76
CA ARG Z 78 87.63 41.66 9.19
C ARG Z 78 87.48 40.17 9.51
N ILE Z 79 88.57 39.41 9.40
CA ILE Z 79 88.46 37.98 9.66
C ILE Z 79 88.37 37.71 11.17
N LYS Z 80 88.98 38.56 11.99
CA LYS Z 80 88.82 38.42 13.44
C LYS Z 80 87.38 38.66 13.86
N LEU Z 81 86.75 39.72 13.34
CA LEU Z 81 85.35 39.98 13.66
C LEU Z 81 84.44 38.92 13.06
N GLY Z 82 84.81 38.38 11.90
CA GLY Z 82 84.03 37.29 11.32
C GLY Z 82 84.08 36.02 12.16
N LEU Z 83 85.26 35.68 12.67
CA LEU Z 83 85.39 34.53 13.56
C LEU Z 83 84.61 34.72 14.85
N LYS Z 84 84.69 35.93 15.42
CA LYS Z 84 83.94 36.21 16.64
C LYS Z 84 82.44 36.17 16.39
N SER Z 85 82.01 36.66 15.22
CA SER Z 85 80.60 36.62 14.85
C SER Z 85 80.12 35.19 14.70
N LEU Z 86 80.90 34.34 14.04
CA LEU Z 86 80.45 32.97 13.80
C LEU Z 86 80.49 32.13 15.07
N VAL Z 87 81.44 32.38 15.98
CA VAL Z 87 81.41 31.64 17.23
C VAL Z 87 80.28 32.14 18.13
N SER Z 88 79.89 33.43 17.99
CA SER Z 88 78.80 33.94 18.81
C SER Z 88 77.46 33.36 18.37
N LYS Z 89 77.24 33.21 17.07
CA LYS Z 89 75.98 32.65 16.58
C LYS Z 89 75.90 31.13 16.73
N GLY Z 90 77.02 30.46 17.00
CA GLY Z 90 76.99 29.03 17.20
C GLY Z 90 76.95 28.20 15.93
N THR Z 91 77.11 28.83 14.76
CA THR Z 91 77.19 28.07 13.51
C THR Z 91 78.43 27.18 13.50
N LEU Z 92 79.55 27.70 13.98
CA LEU Z 92 80.75 26.92 14.24
C LEU Z 92 81.09 27.02 15.72
N VAL Z 93 81.80 26.01 16.20
CA VAL Z 93 82.26 25.97 17.58
C VAL Z 93 83.78 25.85 17.59
N GLN Z 94 84.40 26.41 18.63
CA GLN Z 94 85.85 26.48 18.73
C GLN Z 94 86.36 25.27 19.50
N THR Z 95 87.43 24.66 19.00
CA THR Z 95 87.92 23.42 19.58
C THR Z 95 88.79 23.68 20.80
N LYS Z 96 89.91 24.39 20.62
CA LYS Z 96 90.88 24.58 21.70
C LYS Z 96 91.08 26.05 22.06
N GLY Z 97 91.27 26.92 21.07
CA GLY Z 97 91.74 28.26 21.33
C GLY Z 97 90.68 29.18 21.90
N THR Z 98 91.05 30.45 22.01
CA THR Z 98 90.18 31.49 22.55
C THR Z 98 90.06 32.63 21.55
N GLY Z 99 88.84 33.07 21.31
CA GLY Z 99 88.61 34.14 20.36
C GLY Z 99 88.86 33.66 18.95
N ALA Z 100 89.68 34.40 18.21
CA ALA Z 100 89.99 34.07 16.82
C ALA Z 100 91.14 33.07 16.70
N SER Z 101 91.85 32.77 17.78
CA SER Z 101 92.94 31.82 17.72
C SER Z 101 92.43 30.40 17.88
N GLY Z 102 93.34 29.44 17.73
CA GLY Z 102 92.99 28.05 17.90
C GLY Z 102 92.21 27.49 16.73
N SER Z 103 91.44 26.44 17.02
CA SER Z 103 90.77 25.65 16.00
C SER Z 103 89.26 25.80 16.10
N PHE Z 104 88.61 25.87 14.95
CA PHE Z 104 87.17 26.07 14.85
C PHE Z 104 86.56 24.92 14.07
N LYS Z 105 85.48 24.35 14.59
CA LYS Z 105 84.81 23.25 13.92
C LYS Z 105 83.31 23.52 13.82
N LEU Z 106 82.68 22.81 12.89
CA LEU Z 106 81.26 23.02 12.62
C LEU Z 106 80.42 22.51 13.78
N ASN Z 107 79.18 23.01 13.84
CA ASN Z 107 78.25 22.66 14.91
C ASN Z 107 77.82 21.19 14.80
N LYS Z 108 77.01 20.76 15.77
CA LYS Z 108 76.58 19.36 15.85
C LYS Z 108 75.72 18.96 14.66
N LYS Z 109 74.81 19.84 14.26
CA LYS Z 109 73.98 19.56 13.09
C LYS Z 109 73.86 20.79 12.20
#